data_5JTW
#
_entry.id   5JTW
#
_cell.length_a   121.500
_cell.length_b   161.080
_cell.length_c   131.600
_cell.angle_alpha   90.000
_cell.angle_beta   107.260
_cell.angle_gamma   90.000
#
_symmetry.space_group_name_H-M   'P 1 21 1'
#
loop_
_entity.id
_entity.type
_entity.pdbx_description
1 polymer 'Complement C4-A'
2 polymer 'Complement C4-A'
3 polymer 'Complement C4-A'
4 non-polymer 2-acetamido-2-deoxy-beta-D-glucopyranose
#
loop_
_entity_poly.entity_id
_entity_poly.type
_entity_poly.pdbx_seq_one_letter_code
_entity_poly.pdbx_strand_id
1 'polypeptide(L)'
;KPRLLLFSPSVVHLGVPLSVGVQLQDVPRGQVVKGSVFLRNPSRNNVPCSPKVDFTLSSERDFALLSLQVPLKDAKSCGL
HQLLRGPEVQLVAHSPWLKDSLSRTTNIQGINLLFSSRRGHLFLQTDQPIYNPGQRVRYRVFALDQKMRPSTDTITVMVE
NSHGLRVRKKEVYMPSSIFQDDFVIPDISEPGTWKISARFSDGLESNSSTQFEVKKYVLPNFEVKITPGKPYILTVPGHL
DEMQLDIQARYIYGKPVQGVAYVRFGLLDEDGKKTFFRGLESQTKLVNGQSHISLSKAEFQDALEKLNMGITDLQGLRLY
VAAAIIESPGGEMEEAELTSWYFVSSPFSLDLSKTKRHLVPGAPFLLQALVREMSGSPASGIPVKVSATVSSPGSVPEVQ
DIQQNTDGSGQVSIPIIIPQTISELQLSVSAGSPHPAIARLTVAAPPSGGPGFLSIERPDSRPPRVGDTLNLNLRAVGSG
ATFSHYYYMILSRGQIVFMNREPKRTLTSVSVFVDHHLAPSFYFVAFYYHGDHPVANSLRVDVQAGACEGKLELSVDGAK
QYRNGESVKLHLETDSLALVALGALDTALYAAGSKSHKPLNMGKVFEAMNSYDLGCGPGGGDSALQVFQAAGLAFSDGDQ
WTLSRKRLSCPKEKTT
;
A,D
2 'polypeptide(L)'
;ALEILQEEDLIDEDDIPVRSFFPENWLWRVETVDRFQILTLWLPDSLTTWEIHGLSLSKTKGLCVATPVQLRVFREFHLH
LRLPMSVRRFEQLELRPVLYNYLDKNLTVSVHVSPVEGLCLAGGGGLAQQVLVPAGSARPVAFSVVPTAAAAVSLKVVAR
GSFEFPVGDAVSKVLQIEKEGAIHREELVYELNPLDHRGRTLEIPGNSDPNMIPDGDFNSYVRVTASDPLDTLGSEGALS
PGGVASLLRLPRGCGEQTMIYLAPTLAASRYLDKTEQWSTLPPETKDHAVDLIQKGYMRIQQFRKADGSYAAWLSRDSST
WLTAFVLKVLSLAQEQVGGSPEKLQETSNWLLSQQQADGSFQDPCPVLDRSMQGGLVGNDETVALTAFVTIALHHGLAVF
QDEGAEPLKQRVEASISKANSFLGEKASAGLLGAHAAAITAYALSLTKAPVDLLGVAHNNLMAMAQETGDNLYWGSVTGS
QSNAVSPTPAPRNPSDPMPQAPALWIETTAYALLHLLLHEGKAEMADQASAWLTRQGSFQGGFRSTQDTVIALDALSAYW
IASHTTEERGLNVTLSSTGRNGFKSHALQLNNRQIRGLEEELQFSLGSKINVKVGGNSKGTLKVLRTYNVLDMKNTTCQD
LQIEVTVKGHVEYTMEANEDYEDYEYDELPAKDDPDAPLQPVTPLQLFEG
;
B,E
3 'polypeptide(L)'
;EAPKVVEEQESRVHYTVCIWRNGKVGLSGMAIADVTLLSGFHALRADLEKLTSLSDRYVSHFETEGPHVLLYFDSVPTSR
ECVGFEAVQEVPVGLVQPASATLYDYYNPERRCSVFYGAPSKSRLLATLCSAEVCQCAEGKCPRQRRALERGLQDEDGYR
MKFACYYPRVEYGFQVKVLREDSRAAFRLFETKITQVLHFTKDVKAAANQMRNFLVRASCRLRLEPGKEYLIMGLDGATY
DLEGHPQYLLDSNSWIEEMPSERLCRSTRQRAACAQLNDFLQEYGTQGCQV
;
C,F
#
loop_
_chem_comp.id
_chem_comp.type
_chem_comp.name
_chem_comp.formula
NAG D-saccharide, beta linking 2-acetamido-2-deoxy-beta-D-glucopyranose 'C8 H15 N O6'
#
# COMPACT_ATOMS: atom_id res chain seq x y z
N LYS A 1 14.84 18.59 -39.22
CA LYS A 1 14.71 19.69 -38.28
C LYS A 1 14.14 19.22 -36.93
N PRO A 2 12.86 18.86 -36.82
CA PRO A 2 12.33 18.47 -35.51
C PRO A 2 12.59 16.99 -35.23
N ARG A 3 12.59 16.66 -33.94
CA ARG A 3 12.95 15.32 -33.50
C ARG A 3 12.10 14.87 -32.32
N LEU A 4 11.85 13.56 -32.28
CA LEU A 4 11.34 12.87 -31.12
C LEU A 4 12.47 12.00 -30.57
N LEU A 5 12.79 12.19 -29.29
CA LEU A 5 13.84 11.42 -28.64
C LEU A 5 13.21 10.43 -27.66
N LEU A 6 13.61 9.17 -27.78
CA LEU A 6 13.18 8.12 -26.85
C LEU A 6 14.39 7.52 -26.17
N PHE A 7 14.40 7.57 -24.83
CA PHE A 7 15.47 7.04 -24.01
C PHE A 7 14.92 5.97 -23.07
N SER A 8 15.65 4.88 -22.91
CA SER A 8 15.28 3.88 -21.91
C SER A 8 16.50 3.04 -21.58
N PRO A 9 16.52 2.40 -20.41
CA PRO A 9 17.52 1.36 -20.13
C PRO A 9 17.55 0.30 -21.21
N SER A 10 18.75 -0.18 -21.52
CA SER A 10 18.91 -1.15 -22.60
C SER A 10 18.38 -2.54 -22.22
N VAL A 11 18.14 -2.79 -20.94
CA VAL A 11 17.65 -4.08 -20.47
C VAL A 11 16.39 -3.85 -19.64
N VAL A 12 15.31 -4.54 -20.00
CA VAL A 12 14.04 -4.44 -19.29
C VAL A 12 13.95 -5.55 -18.26
N HIS A 13 13.64 -5.19 -17.03
CA HIS A 13 13.44 -6.18 -15.98
C HIS A 13 11.94 -6.41 -15.78
N LEU A 14 11.50 -7.63 -16.05
CA LEU A 14 10.10 -8.01 -15.90
C LEU A 14 9.66 -7.97 -14.45
N GLY A 15 8.54 -7.27 -14.20
CA GLY A 15 8.09 -7.00 -12.86
C GLY A 15 8.70 -5.77 -12.24
N VAL A 16 9.41 -4.95 -13.02
CA VAL A 16 10.07 -3.76 -12.51
C VAL A 16 9.60 -2.57 -13.33
N PRO A 17 9.12 -1.50 -12.70
CA PRO A 17 8.82 -0.27 -13.44
C PRO A 17 10.03 0.22 -14.22
N LEU A 18 9.82 0.43 -15.53
CA LEU A 18 10.89 0.82 -16.44
C LEU A 18 10.82 2.33 -16.64
N SER A 19 11.90 3.03 -16.31
CA SER A 19 11.95 4.48 -16.49
C SER A 19 12.25 4.81 -17.94
N VAL A 20 11.36 5.57 -18.58
CA VAL A 20 11.44 5.88 -20.01
C VAL A 20 11.48 7.39 -20.18
N GLY A 21 12.42 7.88 -20.97
CA GLY A 21 12.55 9.30 -21.25
C GLY A 21 12.08 9.64 -22.65
N VAL A 22 11.39 10.77 -22.77
CA VAL A 22 10.84 11.23 -24.04
C VAL A 22 11.00 12.75 -24.12
N GLN A 23 11.36 13.26 -25.31
CA GLN A 23 11.82 14.63 -25.41
C GLN A 23 11.67 15.13 -26.85
N LEU A 24 11.53 16.44 -27.00
CA LEU A 24 11.35 17.11 -28.29
C LEU A 24 12.51 18.06 -28.60
N GLN A 25 13.01 17.99 -29.83
CA GLN A 25 14.04 18.91 -30.32
C GLN A 25 13.50 19.79 -31.44
N ASP A 26 13.82 21.08 -31.38
CA ASP A 26 13.50 22.09 -32.39
C ASP A 26 12.04 22.02 -32.83
N VAL A 27 11.15 22.18 -31.86
CA VAL A 27 9.70 22.11 -32.07
C VAL A 27 9.12 23.51 -31.89
N PRO A 28 8.39 24.05 -32.90
CA PRO A 28 7.84 25.41 -32.80
C PRO A 28 7.23 25.82 -31.46
N ARG A 29 7.38 27.11 -31.13
CA ARG A 29 7.07 27.63 -29.80
C ARG A 29 5.71 27.20 -29.28
N GLY A 30 4.71 27.13 -30.15
CA GLY A 30 3.39 26.73 -29.70
C GLY A 30 3.03 25.27 -29.92
N GLN A 31 3.86 24.55 -30.65
CA GLN A 31 3.52 23.20 -31.08
C GLN A 31 3.45 22.23 -29.91
N VAL A 32 2.51 21.30 -29.99
CA VAL A 32 2.22 20.34 -28.93
C VAL A 32 2.12 18.95 -29.56
N VAL A 33 2.80 17.97 -28.96
CA VAL A 33 2.69 16.58 -29.38
C VAL A 33 2.23 15.74 -28.19
N LYS A 34 1.31 14.82 -28.46
CA LYS A 34 0.80 13.89 -27.46
C LYS A 34 0.88 12.47 -28.01
N GLY A 35 1.10 11.51 -27.13
CA GLY A 35 1.21 10.14 -27.57
C GLY A 35 1.22 9.17 -26.41
N SER A 36 1.59 7.93 -26.72
CA SER A 36 1.66 6.85 -25.74
C SER A 36 2.91 6.02 -26.00
N VAL A 37 3.58 5.60 -24.93
CA VAL A 37 4.72 4.70 -25.01
C VAL A 37 4.39 3.41 -24.26
N PHE A 38 4.81 2.29 -24.82
CA PHE A 38 4.46 0.98 -24.29
C PHE A 38 5.47 -0.03 -24.81
N LEU A 39 5.54 -1.17 -24.12
CA LEU A 39 6.48 -2.25 -24.45
C LEU A 39 5.76 -3.30 -25.29
N ARG A 40 6.46 -3.86 -26.27
CA ARG A 40 5.78 -4.57 -27.35
C ARG A 40 6.70 -5.60 -28.00
N ASN A 41 6.05 -6.57 -28.67
CA ASN A 41 6.54 -7.33 -29.81
C ASN A 41 7.38 -8.56 -29.52
N PRO A 42 6.84 -9.58 -28.86
CA PRO A 42 7.16 -10.95 -29.29
C PRO A 42 6.58 -11.17 -30.68
N SER A 43 7.14 -12.13 -31.41
CA SER A 43 6.58 -12.45 -32.72
C SER A 43 5.29 -13.27 -32.59
N ARG A 44 4.36 -12.69 -31.85
CA ARG A 44 2.99 -13.19 -31.69
C ARG A 44 2.12 -12.00 -32.06
N ASN A 45 1.53 -12.02 -33.26
CA ASN A 45 0.97 -10.80 -33.83
C ASN A 45 1.93 -9.63 -33.62
N ASN A 46 1.48 -8.62 -32.89
CA ASN A 46 2.35 -7.55 -32.40
C ASN A 46 1.89 -7.10 -31.00
N VAL A 47 1.52 -8.07 -30.17
CA VAL A 47 0.84 -7.83 -28.89
C VAL A 47 1.67 -6.92 -27.98
N PRO A 48 1.05 -5.91 -27.35
CA PRO A 48 1.70 -5.15 -26.27
C PRO A 48 2.03 -6.03 -25.07
N CYS A 49 3.22 -5.83 -24.50
CA CYS A 49 3.67 -6.56 -23.31
C CYS A 49 3.63 -5.70 -22.05
N SER A 50 2.91 -4.58 -22.08
CA SER A 50 2.82 -3.68 -20.94
C SER A 50 1.54 -2.86 -21.10
N PRO A 51 1.03 -2.28 -20.01
CA PRO A 51 0.13 -1.13 -20.14
C PRO A 51 0.81 0.03 -20.86
N LYS A 52 -0.02 0.99 -21.28
CA LYS A 52 0.47 2.19 -21.95
C LYS A 52 0.50 3.35 -20.96
N VAL A 53 1.53 4.20 -21.08
CA VAL A 53 1.59 5.45 -20.34
C VAL A 53 1.67 6.61 -21.33
N ASP A 54 0.83 7.62 -21.12
CA ASP A 54 0.67 8.70 -22.09
C ASP A 54 1.58 9.87 -21.73
N PHE A 55 2.18 10.47 -22.75
CA PHE A 55 3.01 11.66 -22.58
C PHE A 55 2.41 12.83 -23.35
N THR A 56 2.53 14.02 -22.78
CA THR A 56 2.12 15.27 -23.42
C THR A 56 3.29 16.24 -23.35
N LEU A 57 3.75 16.71 -24.50
CA LEU A 57 4.95 17.53 -24.57
C LEU A 57 4.70 18.81 -25.34
N SER A 58 5.30 19.90 -24.87
CA SER A 58 5.16 21.23 -25.42
C SER A 58 6.54 21.79 -25.71
N SER A 59 6.59 22.88 -26.49
CA SER A 59 7.85 23.58 -26.69
C SER A 59 8.43 24.10 -25.39
N GLU A 60 7.57 24.53 -24.46
CA GLU A 60 8.01 24.99 -23.14
C GLU A 60 7.94 23.92 -22.07
N ARG A 61 7.60 22.67 -22.44
CA ARG A 61 7.69 21.47 -21.59
C ARG A 61 8.08 20.30 -22.49
N ASP A 62 9.34 20.32 -22.93
CA ASP A 62 9.82 19.53 -24.06
C ASP A 62 10.50 18.23 -23.66
N PHE A 63 10.43 17.83 -22.39
CA PHE A 63 10.97 16.55 -21.98
C PHE A 63 10.15 16.02 -20.82
N ALA A 64 10.05 14.69 -20.74
CA ALA A 64 9.29 14.03 -19.68
C ALA A 64 9.95 12.72 -19.32
N LEU A 65 9.96 12.40 -18.03
CA LEU A 65 10.48 11.14 -17.51
C LEU A 65 9.30 10.30 -17.02
N LEU A 66 9.11 9.15 -17.65
CA LEU A 66 7.90 8.35 -17.51
C LEU A 66 8.21 7.03 -16.84
N SER A 67 7.30 6.58 -15.97
CA SER A 67 7.39 5.26 -15.35
C SER A 67 6.45 4.32 -16.11
N LEU A 68 7.04 3.36 -16.83
CA LEU A 68 6.29 2.34 -17.56
C LEU A 68 6.38 1.03 -16.79
N GLN A 69 5.28 0.61 -16.19
CA GLN A 69 5.24 -0.70 -15.56
C GLN A 69 5.42 -1.79 -16.62
N VAL A 70 6.12 -2.85 -16.24
CA VAL A 70 6.30 -4.01 -17.10
C VAL A 70 5.94 -5.24 -16.29
N PRO A 71 4.66 -5.61 -16.21
CA PRO A 71 4.23 -6.62 -15.24
C PRO A 71 4.34 -8.05 -15.78
N LEU A 72 4.45 -8.97 -14.83
CA LEU A 72 4.69 -10.38 -15.17
C LEU A 72 3.54 -10.96 -16.00
N LYS A 73 2.30 -10.62 -15.64
CA LYS A 73 1.13 -11.12 -16.35
C LYS A 73 1.12 -10.73 -17.83
N ASP A 74 1.33 -9.44 -18.12
CA ASP A 74 1.34 -9.01 -19.52
C ASP A 74 2.54 -9.54 -20.30
N ALA A 75 3.72 -9.57 -19.68
CA ALA A 75 4.87 -10.19 -20.32
C ALA A 75 4.65 -11.66 -20.62
N LYS A 76 4.08 -12.40 -19.67
CA LYS A 76 3.67 -13.78 -19.91
C LYS A 76 2.62 -13.91 -21.00
N SER A 77 1.55 -13.11 -20.94
CA SER A 77 0.46 -13.25 -21.90
C SER A 77 0.88 -12.86 -23.32
N CYS A 78 1.67 -11.80 -23.49
CA CYS A 78 2.10 -11.43 -24.84
C CYS A 78 2.93 -12.53 -25.50
N GLY A 79 3.83 -13.18 -24.76
CA GLY A 79 4.52 -14.32 -25.34
C GLY A 79 6.03 -14.31 -25.20
N LEU A 80 6.55 -13.39 -24.39
CA LEU A 80 7.99 -13.34 -24.12
C LEU A 80 8.49 -14.64 -23.50
N HIS A 81 7.66 -15.30 -22.70
CA HIS A 81 8.02 -16.62 -22.17
C HIS A 81 8.02 -17.70 -23.24
N GLN A 82 7.37 -17.49 -24.38
CA GLN A 82 7.41 -18.45 -25.48
C GLN A 82 8.43 -18.05 -26.54
N LEU A 83 9.13 -16.94 -26.32
CA LEU A 83 10.09 -16.41 -27.29
C LEU A 83 11.24 -17.39 -27.53
N LEU A 84 11.70 -17.45 -28.77
CA LEU A 84 12.89 -18.22 -29.13
C LEU A 84 14.13 -17.33 -29.20
N ARG A 85 15.29 -17.98 -29.09
CA ARG A 85 16.63 -17.40 -29.04
C ARG A 85 16.70 -16.40 -27.87
N GLY A 86 17.36 -15.26 -28.07
CA GLY A 86 17.63 -14.31 -27.01
C GLY A 86 16.39 -13.67 -26.41
N PRO A 87 16.52 -13.12 -25.21
CA PRO A 87 15.40 -12.41 -24.60
C PRO A 87 15.39 -10.94 -24.99
N GLU A 88 14.78 -10.64 -26.14
CA GLU A 88 14.76 -9.29 -26.69
C GLU A 88 13.32 -8.82 -26.88
N VAL A 89 13.08 -7.54 -26.58
CA VAL A 89 11.76 -6.94 -26.60
C VAL A 89 11.90 -5.52 -27.10
N GLN A 90 10.80 -4.95 -27.58
CA GLN A 90 10.79 -3.59 -28.12
C GLN A 90 10.06 -2.63 -27.20
N LEU A 91 10.63 -1.44 -27.06
CA LEU A 91 9.94 -0.29 -26.51
C LEU A 91 9.47 0.56 -27.68
N VAL A 92 8.21 0.99 -27.63
CA VAL A 92 7.58 1.68 -28.75
C VAL A 92 6.85 2.90 -28.23
N ALA A 93 7.06 4.05 -28.86
CA ALA A 93 6.32 5.26 -28.60
C ALA A 93 5.39 5.55 -29.78
N HIS A 94 4.14 5.87 -29.49
CA HIS A 94 3.09 6.01 -30.49
C HIS A 94 2.53 7.42 -30.42
N SER A 95 2.71 8.19 -31.51
CA SER A 95 2.18 9.55 -31.62
C SER A 95 1.89 9.89 -33.07
N PRO A 96 0.81 10.61 -33.36
CA PRO A 96 0.52 11.01 -34.75
C PRO A 96 1.41 12.14 -35.24
N TRP A 97 2.23 12.70 -34.35
CA TRP A 97 3.21 13.71 -34.73
C TRP A 97 4.15 13.22 -35.82
N LEU A 98 4.57 11.96 -35.75
CA LEU A 98 5.39 11.37 -36.79
C LEU A 98 4.71 11.37 -38.16
N LYS A 99 3.41 11.09 -38.20
CA LYS A 99 2.64 11.27 -39.43
C LYS A 99 2.48 12.73 -39.80
N ASP A 100 1.94 13.53 -38.88
CA ASP A 100 1.58 14.92 -39.18
C ASP A 100 2.80 15.76 -39.58
N SER A 101 3.92 15.60 -38.88
CA SER A 101 5.07 16.48 -39.07
C SER A 101 6.18 15.86 -39.91
N LEU A 102 6.72 14.72 -39.48
CA LEU A 102 7.87 14.15 -40.18
C LEU A 102 7.49 13.39 -41.44
N SER A 103 6.22 13.02 -41.59
CA SER A 103 5.72 12.33 -42.79
C SER A 103 6.36 10.96 -42.98
N ARG A 104 6.48 10.21 -41.89
CA ARG A 104 6.95 8.84 -41.96
C ARG A 104 5.85 7.94 -42.50
N THR A 105 6.19 6.67 -42.71
CA THR A 105 5.18 5.70 -43.12
C THR A 105 4.57 5.02 -41.91
N THR A 106 4.91 5.49 -40.72
CA THR A 106 4.44 4.96 -39.46
C THR A 106 4.10 6.13 -38.55
N ASN A 107 3.34 5.83 -37.50
CA ASN A 107 3.18 6.74 -36.38
C ASN A 107 3.93 6.22 -35.15
N ILE A 108 4.94 5.39 -35.38
CA ILE A 108 5.63 4.64 -34.34
C ILE A 108 7.12 4.99 -34.41
N GLN A 109 7.73 5.19 -33.25
CA GLN A 109 9.17 5.23 -33.11
C GLN A 109 9.54 4.45 -31.86
N GLY A 110 10.61 3.68 -31.92
CA GLY A 110 10.95 2.84 -30.80
C GLY A 110 12.43 2.61 -30.55
N ILE A 111 12.72 1.56 -29.79
CA ILE A 111 14.08 1.06 -29.59
C ILE A 111 13.98 -0.44 -29.33
N ASN A 112 15.02 -1.17 -29.73
CA ASN A 112 15.07 -2.61 -29.52
C ASN A 112 15.90 -2.90 -28.28
N LEU A 113 15.28 -3.58 -27.31
CA LEU A 113 15.88 -3.78 -26.00
C LEU A 113 16.04 -5.27 -25.74
N LEU A 114 16.82 -5.58 -24.72
CA LEU A 114 16.82 -6.91 -24.13
C LEU A 114 15.99 -6.89 -22.86
N PHE A 115 15.65 -8.08 -22.37
CA PHE A 115 14.90 -8.16 -21.13
C PHE A 115 15.47 -9.27 -20.27
N SER A 116 15.09 -9.26 -18.99
CA SER A 116 15.50 -10.30 -18.06
C SER A 116 14.39 -10.51 -17.03
N SER A 117 14.28 -11.75 -16.56
CA SER A 117 13.37 -12.06 -15.46
C SER A 117 14.01 -11.78 -14.10
N ARG A 118 15.30 -11.49 -14.09
CA ARG A 118 16.02 -11.17 -12.87
C ARG A 118 15.48 -9.89 -12.24
N ARG A 119 15.05 -9.98 -10.99
CA ARG A 119 14.45 -8.84 -10.30
C ARG A 119 14.63 -9.01 -8.80
N GLY A 120 14.53 -7.89 -8.10
CA GLY A 120 14.66 -7.87 -6.65
C GLY A 120 16.07 -8.18 -6.16
N HIS A 121 16.18 -8.22 -4.83
CA HIS A 121 17.45 -8.48 -4.15
C HIS A 121 17.20 -9.57 -3.13
N LEU A 122 17.95 -10.67 -3.24
CA LEU A 122 17.80 -11.81 -2.34
C LEU A 122 19.07 -12.00 -1.54
N PHE A 123 18.94 -11.97 -0.22
CA PHE A 123 20.06 -12.14 0.69
C PHE A 123 19.77 -13.34 1.60
N LEU A 124 20.82 -13.99 2.07
CA LEU A 124 20.64 -15.17 2.90
C LEU A 124 21.86 -15.38 3.79
N GLN A 125 21.61 -15.91 4.97
CA GLN A 125 22.62 -16.09 6.01
C GLN A 125 22.40 -17.41 6.72
N THR A 126 23.45 -17.88 7.40
CA THR A 126 23.47 -19.23 7.95
C THR A 126 23.82 -19.19 9.43
N ASP A 127 23.45 -20.29 10.11
CA ASP A 127 23.69 -20.42 11.55
C ASP A 127 25.16 -20.21 11.88
N GLN A 128 26.05 -20.82 11.11
CA GLN A 128 27.49 -20.75 11.31
C GLN A 128 28.16 -20.69 9.96
N PRO A 129 29.42 -20.25 9.91
CA PRO A 129 30.18 -20.37 8.65
C PRO A 129 30.69 -21.78 8.39
N ILE A 130 30.85 -22.58 9.44
CA ILE A 130 31.43 -23.92 9.32
C ILE A 130 30.71 -24.85 10.28
N TYR A 131 30.40 -26.06 9.82
CA TYR A 131 29.66 -27.04 10.60
C TYR A 131 30.41 -28.36 10.61
N ASN A 132 30.14 -29.16 11.65
CA ASN A 132 30.54 -30.56 11.63
C ASN A 132 29.52 -31.39 10.83
N PRO A 133 29.96 -32.48 10.22
CA PRO A 133 29.01 -33.47 9.70
C PRO A 133 28.03 -33.92 10.78
N GLY A 134 26.77 -34.09 10.39
CA GLY A 134 25.75 -34.49 11.34
C GLY A 134 25.16 -33.37 12.17
N GLN A 135 25.44 -32.11 11.83
CA GLN A 135 25.02 -30.96 12.61
C GLN A 135 23.89 -30.23 11.89
N ARG A 136 23.00 -29.63 12.67
CA ARG A 136 21.84 -28.93 12.12
C ARG A 136 22.23 -27.56 11.61
N VAL A 137 22.01 -27.32 10.33
CA VAL A 137 22.28 -26.03 9.70
C VAL A 137 21.00 -25.21 9.72
N ARG A 138 20.97 -24.15 10.53
CA ARG A 138 19.90 -23.17 10.45
C ARG A 138 20.30 -22.07 9.47
N TYR A 139 19.31 -21.50 8.79
CA TYR A 139 19.56 -20.47 7.80
C TYR A 139 18.28 -19.70 7.56
N ARG A 140 18.41 -18.56 6.88
CA ARG A 140 17.25 -17.78 6.47
C ARG A 140 17.61 -16.92 5.28
N VAL A 141 16.61 -16.65 4.45
CA VAL A 141 16.74 -15.86 3.22
C VAL A 141 15.79 -14.67 3.28
N PHE A 142 16.23 -13.54 2.73
CA PHE A 142 15.50 -12.27 2.77
C PHE A 142 15.14 -11.89 1.35
N ALA A 143 13.88 -11.49 1.14
CA ALA A 143 13.38 -11.16 -0.20
C ALA A 143 12.99 -9.68 -0.27
N LEU A 144 13.72 -8.93 -1.08
CA LEU A 144 13.46 -7.51 -1.29
C LEU A 144 13.28 -7.23 -2.78
N ASP A 145 12.59 -6.15 -3.08
CA ASP A 145 12.33 -5.73 -4.46
C ASP A 145 13.39 -4.75 -4.95
N GLN A 146 13.23 -4.31 -6.21
CA GLN A 146 14.15 -3.33 -6.80
C GLN A 146 14.16 -2.03 -6.00
N LYS A 147 13.02 -1.65 -5.43
CA LYS A 147 12.94 -0.43 -4.62
C LYS A 147 13.65 -0.62 -3.29
N MET A 148 14.01 -1.86 -2.96
CA MET A 148 14.71 -2.23 -1.72
C MET A 148 13.78 -2.13 -0.52
N ARG A 149 12.62 -2.75 -0.65
CA ARG A 149 11.64 -2.89 0.42
C ARG A 149 11.24 -4.35 0.47
N PRO A 150 10.76 -4.83 1.62
CA PRO A 150 10.43 -6.25 1.73
C PRO A 150 9.39 -6.68 0.71
N SER A 151 9.68 -7.79 0.05
CA SER A 151 8.80 -8.33 -0.99
C SER A 151 8.19 -9.64 -0.51
N THR A 152 6.92 -9.85 -0.86
CA THR A 152 6.18 -11.04 -0.47
C THR A 152 6.10 -12.08 -1.58
N ASP A 153 6.68 -11.81 -2.75
CA ASP A 153 6.61 -12.75 -3.85
C ASP A 153 7.24 -14.10 -3.49
N THR A 154 6.67 -15.16 -4.06
CA THR A 154 7.11 -16.53 -3.81
C THR A 154 8.54 -16.75 -4.26
N ILE A 155 9.34 -17.39 -3.41
CA ILE A 155 10.75 -17.63 -3.66
C ILE A 155 11.01 -19.14 -3.66
N THR A 156 12.07 -19.54 -4.37
CA THR A 156 12.50 -20.93 -4.44
C THR A 156 13.96 -21.01 -4.01
N VAL A 157 14.23 -21.84 -3.01
CA VAL A 157 15.55 -21.97 -2.41
C VAL A 157 15.99 -23.43 -2.52
N MET A 158 17.28 -23.64 -2.78
CA MET A 158 17.82 -24.98 -2.93
C MET A 158 19.21 -25.06 -2.32
N VAL A 159 19.48 -26.18 -1.66
CA VAL A 159 20.72 -26.44 -0.94
C VAL A 159 21.56 -27.40 -1.76
N GLU A 160 22.80 -27.02 -2.05
CA GLU A 160 23.70 -27.80 -2.87
C GLU A 160 24.88 -28.23 -2.02
N ASN A 161 25.19 -29.52 -2.03
CA ASN A 161 26.17 -30.09 -1.13
C ASN A 161 27.60 -29.87 -1.63
N SER A 162 28.56 -30.37 -0.83
CA SER A 162 29.97 -30.28 -1.15
C SER A 162 30.30 -30.94 -2.49
N HIS A 163 29.68 -32.07 -2.80
CA HIS A 163 29.84 -32.66 -4.11
C HIS A 163 29.29 -31.75 -5.21
N GLY A 164 28.12 -31.16 -4.98
CA GLY A 164 27.59 -30.20 -5.93
C GLY A 164 26.15 -30.49 -6.32
N LEU A 165 25.55 -31.44 -5.64
CA LEU A 165 24.21 -31.93 -5.95
C LEU A 165 23.17 -31.27 -5.05
N ARG A 166 21.98 -31.06 -5.60
CA ARG A 166 20.88 -30.52 -4.83
C ARG A 166 20.45 -31.54 -3.78
N VAL A 167 20.42 -31.10 -2.52
CA VAL A 167 20.05 -31.96 -1.40
C VAL A 167 18.64 -31.59 -0.95
N ARG A 168 18.22 -30.35 -1.21
CA ARG A 168 16.94 -29.89 -0.72
C ARG A 168 16.42 -28.78 -1.62
N LYS A 169 15.09 -28.68 -1.71
CA LYS A 169 14.43 -27.61 -2.47
C LYS A 169 13.15 -27.21 -1.74
N LYS A 170 12.98 -25.91 -1.54
CA LYS A 170 11.78 -25.34 -0.94
C LYS A 170 11.30 -24.16 -1.78
N GLU A 171 10.00 -24.08 -2.01
CA GLU A 171 9.37 -22.92 -2.61
C GLU A 171 8.24 -22.46 -1.71
N VAL A 172 8.31 -21.23 -1.21
CA VAL A 172 7.50 -20.77 -0.08
C VAL A 172 7.09 -19.32 -0.30
N TYR A 173 5.84 -19.02 0.07
CA TYR A 173 5.29 -17.66 0.04
C TYR A 173 5.62 -16.94 1.34
N MET A 174 6.05 -15.67 1.22
CA MET A 174 6.65 -14.95 2.32
C MET A 174 5.63 -13.97 2.87
N PRO A 175 5.05 -14.22 4.05
CA PRO A 175 4.17 -13.20 4.64
C PRO A 175 4.95 -12.04 5.23
N SER A 176 6.07 -12.34 5.90
CA SER A 176 6.89 -11.37 6.59
C SER A 176 8.16 -11.04 5.82
N SER A 177 8.38 -11.68 4.67
CA SER A 177 9.49 -11.47 3.74
C SER A 177 10.78 -12.15 4.21
N ILE A 178 10.70 -13.05 5.20
CA ILE A 178 11.85 -13.85 5.61
C ILE A 178 11.44 -15.31 5.68
N PHE A 179 12.32 -16.20 5.21
CA PHE A 179 12.13 -17.64 5.25
C PHE A 179 13.15 -18.24 6.20
N GLN A 180 12.67 -18.77 7.32
CA GLN A 180 13.55 -19.42 8.30
C GLN A 180 13.39 -20.93 8.20
N ASP A 181 14.51 -21.64 8.15
CA ASP A 181 14.50 -23.06 7.85
C ASP A 181 15.72 -23.71 8.50
N ASP A 182 15.75 -25.05 8.48
CA ASP A 182 16.84 -25.81 9.06
C ASP A 182 16.94 -27.17 8.39
N PHE A 183 18.15 -27.73 8.39
CA PHE A 183 18.39 -29.08 7.88
C PHE A 183 19.66 -29.61 8.54
N VAL A 184 19.87 -30.92 8.43
CA VAL A 184 20.98 -31.60 9.08
C VAL A 184 21.93 -32.16 8.03
N ILE A 185 23.21 -31.86 8.18
CA ILE A 185 24.26 -32.34 7.29
C ILE A 185 24.39 -33.87 7.42
N PRO A 186 24.45 -34.61 6.32
CA PRO A 186 24.75 -36.05 6.40
C PRO A 186 26.00 -36.33 7.22
N ASP A 187 25.90 -37.32 8.13
CA ASP A 187 27.04 -37.70 8.96
C ASP A 187 28.26 -38.14 8.14
N ILE A 188 28.03 -38.78 6.99
CA ILE A 188 29.10 -39.32 6.16
C ILE A 188 29.60 -38.34 5.10
N SER A 189 29.12 -37.09 5.17
CA SER A 189 29.48 -36.10 4.17
C SER A 189 30.97 -35.78 4.15
N GLU A 190 31.51 -35.64 2.95
CA GLU A 190 32.89 -35.22 2.77
C GLU A 190 33.07 -33.76 3.20
N PRO A 191 34.17 -33.44 3.88
CA PRO A 191 34.53 -32.04 4.11
C PRO A 191 34.56 -31.23 2.81
N GLY A 192 34.09 -30.00 2.89
CA GLY A 192 34.04 -29.13 1.73
C GLY A 192 33.00 -28.04 1.90
N THR A 193 32.93 -27.18 0.89
CA THR A 193 32.03 -26.04 0.89
C THR A 193 30.65 -26.38 0.31
N TRP A 194 29.62 -26.06 1.08
CA TRP A 194 28.23 -26.18 0.65
C TRP A 194 27.71 -24.83 0.18
N LYS A 195 26.69 -24.86 -0.69
CA LYS A 195 26.17 -23.64 -1.31
C LYS A 195 24.65 -23.67 -1.26
N ILE A 196 24.06 -22.55 -0.81
CA ILE A 196 22.61 -22.37 -0.77
C ILE A 196 22.24 -21.33 -1.82
N SER A 197 21.31 -21.67 -2.69
CA SER A 197 20.88 -20.80 -3.78
C SER A 197 19.43 -20.44 -3.60
N ALA A 198 19.08 -19.19 -3.96
CA ALA A 198 17.72 -18.72 -3.80
C ALA A 198 17.33 -17.87 -5.01
N ARG A 199 16.08 -18.03 -5.45
CA ARG A 199 15.53 -17.29 -6.58
C ARG A 199 14.08 -16.94 -6.27
N PHE A 200 13.58 -15.91 -6.96
CA PHE A 200 12.14 -15.75 -7.08
C PHE A 200 11.56 -16.81 -8.01
N SER A 201 10.34 -17.25 -7.70
CA SER A 201 9.73 -18.32 -8.47
C SER A 201 9.58 -17.95 -9.94
N ASP A 202 9.17 -16.71 -10.22
CA ASP A 202 9.12 -16.21 -11.58
C ASP A 202 10.49 -15.83 -12.12
N GLY A 203 11.49 -15.68 -11.25
CA GLY A 203 12.82 -15.28 -11.66
C GLY A 203 13.78 -16.43 -11.89
N LEU A 204 13.80 -16.96 -13.11
CA LEU A 204 14.77 -18.01 -13.45
C LEU A 204 16.19 -17.46 -13.53
N GLU A 205 16.34 -16.15 -13.72
CA GLU A 205 17.64 -15.50 -13.79
C GLU A 205 18.03 -14.80 -12.49
N SER A 206 17.17 -14.84 -11.47
CA SER A 206 17.43 -14.19 -10.19
C SER A 206 18.43 -14.93 -9.30
N ASN A 207 19.68 -15.02 -9.77
CA ASN A 207 20.69 -15.69 -8.97
C ASN A 207 21.09 -14.90 -7.73
N SER A 208 21.19 -15.61 -6.61
CA SER A 208 21.76 -15.11 -5.37
C SER A 208 22.07 -16.32 -4.51
N SER A 209 23.08 -16.18 -3.64
CA SER A 209 23.56 -17.35 -2.92
C SER A 209 24.37 -16.94 -1.71
N THR A 210 24.66 -17.94 -0.88
CA THR A 210 25.62 -17.84 0.20
C THR A 210 26.22 -19.23 0.37
N GLN A 211 27.41 -19.29 0.97
CA GLN A 211 28.12 -20.54 1.10
C GLN A 211 28.58 -20.76 2.54
N PHE A 212 28.72 -22.04 2.90
CA PHE A 212 29.28 -22.43 4.18
C PHE A 212 30.14 -23.67 3.96
N GLU A 213 30.92 -24.00 4.98
CA GLU A 213 31.86 -25.11 4.90
C GLU A 213 31.46 -26.19 5.90
N VAL A 214 31.65 -27.45 5.51
CA VAL A 214 31.54 -28.58 6.43
C VAL A 214 32.93 -29.16 6.63
N LYS A 215 33.28 -29.40 7.89
CA LYS A 215 34.61 -29.87 8.25
C LYS A 215 34.50 -30.53 9.60
N LYS A 216 35.28 -31.59 9.81
CA LYS A 216 35.36 -32.17 11.14
C LYS A 216 36.31 -31.31 11.98
N TYR A 217 35.80 -30.80 13.10
CA TYR A 217 36.62 -29.93 13.93
C TYR A 217 36.17 -30.04 15.38
N VAL A 218 37.11 -29.77 16.28
CA VAL A 218 36.83 -29.52 17.68
C VAL A 218 37.18 -28.07 17.95
N LEU A 219 36.35 -27.40 18.75
CA LEU A 219 36.37 -25.95 18.78
C LEU A 219 37.61 -25.44 19.52
N PRO A 220 38.51 -24.73 18.83
CA PRO A 220 39.73 -24.23 19.48
C PRO A 220 39.45 -23.28 20.64
N ASN A 221 40.45 -23.14 21.50
CA ASN A 221 40.40 -22.19 22.60
C ASN A 221 41.28 -20.96 22.37
N PHE A 222 42.18 -20.99 21.39
CA PHE A 222 42.98 -19.84 21.04
C PHE A 222 43.14 -19.79 19.52
N GLU A 223 43.45 -18.59 19.02
CA GLU A 223 43.72 -18.37 17.61
C GLU A 223 45.14 -17.83 17.47
N VAL A 224 45.86 -18.35 16.48
CA VAL A 224 47.23 -17.95 16.20
C VAL A 224 47.26 -17.19 14.88
N LYS A 225 47.98 -16.06 14.87
CA LYS A 225 47.99 -15.12 13.76
C LYS A 225 49.41 -14.83 13.34
N ILE A 226 49.71 -15.03 12.05
CA ILE A 226 51.00 -14.72 11.46
C ILE A 226 50.85 -13.42 10.68
N THR A 227 51.54 -12.37 11.12
CA THR A 227 51.42 -11.05 10.49
C THR A 227 52.78 -10.59 9.97
N PRO A 228 53.00 -10.58 8.66
CA PRO A 228 54.21 -9.95 8.11
C PRO A 228 54.32 -8.48 8.50
N GLY A 229 55.56 -7.99 8.53
CA GLY A 229 55.77 -6.56 8.72
C GLY A 229 55.25 -5.73 7.54
N LYS A 230 55.41 -6.26 6.33
CA LYS A 230 54.78 -5.74 5.12
C LYS A 230 54.38 -6.92 4.25
N PRO A 231 53.17 -6.89 3.66
CA PRO A 231 52.65 -8.07 2.98
C PRO A 231 53.25 -8.32 1.59
N TYR A 232 54.48 -7.84 1.38
CA TYR A 232 55.16 -8.05 0.11
C TYR A 232 56.66 -8.10 0.38
N ILE A 233 57.39 -8.75 -0.54
CA ILE A 233 58.85 -8.81 -0.45
C ILE A 233 59.43 -8.45 -1.82
N LEU A 234 60.23 -7.39 -1.85
CA LEU A 234 60.95 -6.98 -3.06
C LEU A 234 62.03 -7.99 -3.43
N THR A 235 61.96 -8.52 -4.66
CA THR A 235 62.97 -9.44 -5.16
C THR A 235 63.86 -8.78 -6.21
N VAL A 236 63.82 -7.45 -6.29
CA VAL A 236 64.77 -6.71 -7.13
C VAL A 236 66.18 -6.89 -6.60
N PRO A 237 67.16 -7.18 -7.45
CA PRO A 237 68.53 -7.41 -6.95
C PRO A 237 69.14 -6.20 -6.27
N GLY A 238 68.59 -5.00 -6.49
CA GLY A 238 69.14 -3.81 -5.88
C GLY A 238 68.99 -3.79 -4.36
N HIS A 239 67.99 -4.50 -3.84
CA HIS A 239 67.75 -4.58 -2.40
C HIS A 239 66.63 -5.56 -2.08
N LEU A 240 67.01 -6.78 -1.70
CA LEU A 240 66.04 -7.75 -1.19
C LEU A 240 65.63 -7.37 0.22
N ASP A 241 64.39 -6.93 0.40
CA ASP A 241 63.95 -6.44 1.69
C ASP A 241 63.89 -7.59 2.71
N GLU A 242 64.12 -7.26 3.97
CA GLU A 242 64.30 -8.27 5.01
C GLU A 242 62.95 -8.78 5.54
N MET A 243 62.83 -10.10 5.57
CA MET A 243 61.60 -10.77 5.99
C MET A 243 61.51 -10.82 7.51
N GLN A 244 60.43 -10.25 8.06
CA GLN A 244 60.20 -10.29 9.50
C GLN A 244 58.70 -10.38 9.75
N LEU A 245 58.32 -11.15 10.76
CA LEU A 245 56.93 -11.45 11.04
C LEU A 245 56.65 -11.36 12.54
N ASP A 246 55.54 -10.72 12.90
CA ASP A 246 55.06 -10.70 14.27
C ASP A 246 54.02 -11.82 14.42
N ILE A 247 54.41 -12.89 15.08
CA ILE A 247 53.53 -14.04 15.29
C ILE A 247 52.85 -13.91 16.65
N GLN A 248 51.52 -14.01 16.65
CA GLN A 248 50.73 -13.82 17.85
C GLN A 248 49.86 -15.06 18.04
N ALA A 249 49.55 -15.35 19.30
CA ALA A 249 48.53 -16.35 19.61
C ALA A 249 47.80 -15.90 20.87
N ARG A 250 46.47 -15.96 20.82
CA ARG A 250 45.66 -15.29 21.82
C ARG A 250 44.45 -16.15 22.13
N TYR A 251 44.14 -16.31 23.41
CA TYR A 251 42.92 -17.00 23.80
C TYR A 251 41.71 -16.23 23.28
N ILE A 252 40.67 -16.97 22.93
CA ILE A 252 39.53 -16.37 22.27
C ILE A 252 38.77 -15.46 23.25
N TYR A 253 39.02 -15.61 24.55
CA TYR A 253 38.46 -14.70 25.54
C TYR A 253 39.36 -13.49 25.78
N GLY A 254 40.48 -13.38 25.07
CA GLY A 254 41.24 -12.14 24.97
C GLY A 254 42.65 -12.21 25.52
N LYS A 255 42.87 -13.02 26.55
CA LYS A 255 44.19 -13.09 27.17
C LYS A 255 45.22 -13.73 26.24
N PRO A 256 46.50 -13.37 26.40
CA PRO A 256 47.54 -13.89 25.50
C PRO A 256 47.99 -15.30 25.86
N VAL A 257 48.20 -16.11 24.82
CA VAL A 257 48.70 -17.47 25.00
C VAL A 257 50.15 -17.46 25.47
N GLN A 258 50.51 -18.45 26.29
CA GLN A 258 51.89 -18.71 26.67
C GLN A 258 52.25 -20.10 26.18
N GLY A 259 53.34 -20.19 25.43
CA GLY A 259 53.69 -21.42 24.75
C GLY A 259 54.73 -21.16 23.68
N VAL A 260 54.98 -22.19 22.87
CA VAL A 260 56.07 -22.18 21.90
C VAL A 260 55.49 -22.28 20.49
N ALA A 261 55.93 -21.37 19.62
CA ALA A 261 55.48 -21.32 18.23
C ALA A 261 56.52 -22.03 17.35
N TYR A 262 56.14 -23.19 16.79
CA TYR A 262 57.02 -23.99 15.95
C TYR A 262 56.74 -23.65 14.49
N VAL A 263 57.65 -22.91 13.87
CA VAL A 263 57.44 -22.30 12.56
C VAL A 263 58.30 -22.99 11.52
N ARG A 264 57.72 -23.21 10.35
CA ARG A 264 58.39 -23.78 9.19
C ARG A 264 58.26 -22.82 8.00
N PHE A 265 59.21 -22.92 7.06
CA PHE A 265 59.30 -21.97 5.96
C PHE A 265 59.51 -22.70 4.64
N GLY A 266 59.10 -22.03 3.55
CA GLY A 266 59.28 -22.59 2.22
C GLY A 266 58.82 -21.62 1.16
N LEU A 267 58.73 -22.14 -0.07
CA LEU A 267 58.24 -21.40 -1.23
C LEU A 267 56.98 -22.09 -1.74
N LEU A 268 55.93 -21.31 -2.00
CA LEU A 268 54.67 -21.83 -2.51
C LEU A 268 54.38 -21.25 -3.88
N ASP A 269 54.07 -22.11 -4.85
CA ASP A 269 53.83 -21.70 -6.22
C ASP A 269 52.34 -21.39 -6.46
N GLU A 270 52.04 -20.93 -7.68
CA GLU A 270 50.67 -20.58 -8.05
C GLU A 270 49.75 -21.79 -8.03
N ASP A 271 50.22 -22.94 -8.55
CA ASP A 271 49.39 -24.15 -8.54
C ASP A 271 49.03 -24.59 -7.13
N GLY A 272 49.98 -24.51 -6.21
CA GLY A 272 49.70 -24.90 -4.83
C GLY A 272 50.73 -25.83 -4.25
N LYS A 273 51.87 -25.97 -4.94
CA LYS A 273 52.95 -26.84 -4.51
C LYS A 273 53.90 -26.01 -3.66
N LYS A 274 53.99 -26.32 -2.37
CA LYS A 274 54.90 -25.65 -1.45
C LYS A 274 56.12 -26.52 -1.22
N THR A 275 57.30 -25.98 -1.52
CA THR A 275 58.56 -26.68 -1.31
C THR A 275 59.21 -26.07 -0.07
N PHE A 276 59.16 -26.82 1.03
CA PHE A 276 59.72 -26.37 2.30
C PHE A 276 61.24 -26.30 2.24
N PHE A 277 61.79 -25.31 2.94
CA PHE A 277 63.21 -25.33 3.27
C PHE A 277 63.46 -26.45 4.26
N ARG A 278 64.56 -27.16 4.08
CA ARG A 278 65.02 -28.13 5.07
C ARG A 278 66.10 -27.43 5.86
N GLY A 279 65.80 -27.13 7.12
CA GLY A 279 66.54 -26.14 7.88
C GLY A 279 65.79 -24.82 7.93
N LEU A 280 66.29 -23.92 8.78
CA LEU A 280 65.76 -22.57 8.98
C LEU A 280 64.46 -22.56 9.76
N GLU A 281 64.01 -23.72 10.26
CA GLU A 281 62.87 -23.75 11.16
C GLU A 281 63.16 -22.94 12.42
N SER A 282 62.14 -22.25 12.92
CA SER A 282 62.28 -21.37 14.06
C SER A 282 61.38 -21.83 15.21
N GLN A 283 61.95 -21.92 16.40
CA GLN A 283 61.23 -22.28 17.61
C GLN A 283 61.41 -21.16 18.61
N THR A 284 60.31 -20.58 19.07
CA THR A 284 60.36 -19.41 19.92
C THR A 284 59.22 -19.45 20.94
N LYS A 285 59.52 -19.02 22.15
CA LYS A 285 58.54 -18.94 23.23
C LYS A 285 57.86 -17.59 23.19
N LEU A 286 56.53 -17.59 23.31
CA LEU A 286 55.78 -16.34 23.29
C LEU A 286 56.11 -15.48 24.50
N VAL A 287 56.21 -14.17 24.27
CA VAL A 287 56.35 -13.17 25.31
C VAL A 287 55.22 -12.17 25.14
N ASN A 288 54.39 -12.03 26.18
CA ASN A 288 53.13 -11.28 26.10
C ASN A 288 52.24 -11.80 24.98
N GLY A 289 52.27 -13.11 24.75
CA GLY A 289 51.51 -13.72 23.69
C GLY A 289 52.00 -13.46 22.28
N GLN A 290 53.24 -13.00 22.13
CA GLN A 290 53.78 -12.68 20.82
C GLN A 290 55.20 -13.18 20.70
N SER A 291 55.61 -13.41 19.45
CA SER A 291 57.00 -13.71 19.13
C SER A 291 57.35 -13.01 17.82
N HIS A 292 58.41 -12.20 17.85
CA HIS A 292 58.94 -11.59 16.64
C HIS A 292 60.06 -12.46 16.07
N ILE A 293 59.92 -12.86 14.81
CA ILE A 293 60.93 -13.67 14.14
C ILE A 293 61.28 -12.99 12.83
N SER A 294 62.44 -13.37 12.29
CA SER A 294 62.93 -12.80 11.05
C SER A 294 63.79 -13.83 10.34
N LEU A 295 63.91 -13.67 9.01
CA LEU A 295 64.70 -14.56 8.17
C LEU A 295 65.79 -13.71 7.53
N SER A 296 67.04 -13.99 7.88
CA SER A 296 68.15 -13.16 7.42
C SER A 296 68.39 -13.31 5.93
N LYS A 297 68.93 -12.24 5.33
CA LYS A 297 69.26 -12.25 3.90
C LYS A 297 70.25 -13.36 3.56
N ALA A 298 71.26 -13.54 4.42
CA ALA A 298 72.21 -14.65 4.24
C ALA A 298 71.54 -16.00 4.37
N GLU A 299 70.68 -16.18 5.38
CA GLU A 299 69.93 -17.42 5.51
C GLU A 299 69.05 -17.69 4.30
N PHE A 300 68.32 -16.67 3.84
CA PHE A 300 67.45 -16.82 2.68
C PHE A 300 68.23 -17.16 1.41
N GLN A 301 69.31 -16.42 1.14
CA GLN A 301 70.13 -16.73 -0.04
C GLN A 301 70.74 -18.12 0.00
N ASP A 302 71.26 -18.54 1.16
CA ASP A 302 71.70 -19.92 1.32
C ASP A 302 70.57 -20.94 1.15
N ALA A 303 69.38 -20.65 1.70
CA ALA A 303 68.24 -21.52 1.47
C ALA A 303 67.86 -21.63 0.00
N LEU A 304 67.84 -20.50 -0.72
CA LEU A 304 67.65 -20.54 -2.17
C LEU A 304 68.75 -21.32 -2.86
N GLU A 305 70.00 -21.07 -2.47
CA GLU A 305 71.13 -21.86 -2.97
C GLU A 305 70.97 -23.34 -2.63
N LYS A 306 70.48 -23.65 -1.43
CA LYS A 306 70.21 -25.03 -1.06
C LYS A 306 69.19 -25.69 -1.99
N LEU A 307 68.21 -24.92 -2.48
CA LEU A 307 67.25 -25.42 -3.45
C LEU A 307 67.68 -25.21 -4.89
N ASN A 308 68.91 -24.74 -5.10
CA ASN A 308 69.43 -24.45 -6.45
C ASN A 308 68.54 -23.44 -7.18
N MET A 309 68.11 -22.41 -6.46
CA MET A 309 67.18 -21.42 -6.98
C MET A 309 67.85 -20.06 -6.93
N GLY A 310 67.59 -19.22 -7.93
CA GLY A 310 68.13 -17.89 -7.97
C GLY A 310 67.11 -16.83 -7.60
N ILE A 311 67.62 -15.63 -7.28
CA ILE A 311 66.74 -14.52 -6.95
C ILE A 311 66.03 -13.97 -8.18
N THR A 312 66.57 -14.21 -9.38
CA THR A 312 65.93 -13.81 -10.62
C THR A 312 64.76 -14.70 -10.99
N ASP A 313 64.69 -15.89 -10.38
CA ASP A 313 63.57 -16.81 -10.59
C ASP A 313 62.34 -16.42 -9.78
N LEU A 314 62.50 -15.56 -8.77
CA LEU A 314 61.44 -15.21 -7.84
C LEU A 314 60.58 -14.04 -8.32
N GLN A 315 60.24 -13.99 -9.62
CA GLN A 315 59.26 -13.02 -10.07
C GLN A 315 57.84 -13.49 -9.76
N GLY A 316 57.62 -14.80 -9.75
CA GLY A 316 56.41 -15.40 -9.24
C GLY A 316 56.60 -15.90 -7.82
N LEU A 317 55.74 -16.85 -7.44
CA LEU A 317 55.83 -17.54 -6.16
C LEU A 317 55.55 -16.63 -4.97
N ARG A 318 55.49 -17.21 -3.78
CA ARG A 318 55.33 -16.45 -2.54
C ARG A 318 56.00 -17.20 -1.41
N LEU A 319 56.49 -16.43 -0.43
CA LEU A 319 57.22 -16.99 0.70
C LEU A 319 56.23 -17.56 1.70
N TYR A 320 56.28 -18.86 1.92
CA TYR A 320 55.29 -19.56 2.72
C TYR A 320 55.75 -19.67 4.17
N VAL A 321 54.83 -19.34 5.09
CA VAL A 321 55.08 -19.42 6.52
C VAL A 321 53.93 -20.20 7.14
N ALA A 322 54.27 -21.21 7.93
CA ALA A 322 53.26 -21.98 8.65
C ALA A 322 53.76 -22.22 10.06
N ALA A 323 52.94 -21.89 11.05
CA ALA A 323 53.34 -21.94 12.45
C ALA A 323 52.38 -22.82 13.21
N ALA A 324 52.92 -23.85 13.86
CA ALA A 324 52.14 -24.71 14.74
C ALA A 324 52.57 -24.42 16.17
N ILE A 325 51.71 -23.73 16.91
CA ILE A 325 51.99 -23.37 18.29
C ILE A 325 51.38 -24.44 19.21
N ILE A 326 52.17 -24.91 20.16
CA ILE A 326 51.70 -25.84 21.18
C ILE A 326 51.65 -25.06 22.49
N GLU A 327 50.46 -24.92 23.06
CA GLU A 327 50.31 -24.26 24.34
C GLU A 327 51.06 -25.02 25.42
N SER A 328 51.80 -24.27 26.24
CA SER A 328 52.45 -24.82 27.40
C SER A 328 51.87 -24.12 28.63
N PRO A 329 51.40 -24.86 29.64
CA PRO A 329 51.53 -26.31 29.80
C PRO A 329 50.28 -27.06 29.34
N GLY A 330 49.27 -26.31 28.89
CA GLY A 330 47.99 -26.92 28.56
C GLY A 330 48.09 -28.03 27.53
N GLY A 331 48.90 -27.84 26.51
CA GLY A 331 49.14 -28.87 25.51
C GLY A 331 48.27 -28.77 24.27
N GLU A 332 47.30 -27.87 24.26
CA GLU A 332 46.50 -27.61 23.07
C GLU A 332 47.38 -27.00 21.98
N MET A 333 47.17 -27.43 20.74
CA MET A 333 47.96 -26.91 19.64
C MET A 333 47.09 -26.71 18.41
N GLU A 334 47.29 -25.56 17.76
CA GLU A 334 46.54 -25.15 16.58
C GLU A 334 47.50 -24.46 15.63
N GLU A 335 47.21 -24.53 14.33
CA GLU A 335 48.13 -24.05 13.32
C GLU A 335 47.65 -22.75 12.69
N ALA A 336 48.61 -21.93 12.27
CA ALA A 336 48.39 -20.77 11.42
C ALA A 336 49.22 -20.92 10.15
N GLU A 337 48.69 -20.43 9.03
CA GLU A 337 49.37 -20.52 7.74
C GLU A 337 49.17 -19.24 6.98
N LEU A 338 50.24 -18.73 6.37
CA LEU A 338 50.27 -17.41 5.73
C LEU A 338 50.55 -17.57 4.24
N THR A 339 49.56 -17.22 3.40
CA THR A 339 49.67 -17.38 1.96
C THR A 339 49.61 -16.03 1.21
N SER A 340 49.87 -14.93 1.91
CA SER A 340 49.73 -13.59 1.37
C SER A 340 51.04 -12.94 0.93
N TRP A 341 52.18 -13.61 1.10
CA TRP A 341 53.48 -12.93 1.04
C TRP A 341 54.15 -13.17 -0.32
N TYR A 342 53.55 -12.57 -1.34
CA TYR A 342 54.09 -12.60 -2.71
C TYR A 342 55.45 -11.93 -2.82
N PHE A 343 56.30 -12.52 -3.68
CA PHE A 343 57.52 -11.86 -4.15
C PHE A 343 57.17 -10.86 -5.25
N VAL A 344 57.59 -9.61 -5.08
CA VAL A 344 57.13 -8.53 -5.95
C VAL A 344 58.33 -7.74 -6.45
N SER A 345 58.14 -7.03 -7.56
CA SER A 345 59.17 -6.19 -8.14
C SER A 345 58.94 -4.70 -7.89
N SER A 346 57.86 -4.34 -7.20
CA SER A 346 57.60 -2.95 -6.82
C SER A 346 56.74 -2.95 -5.57
N PRO A 347 56.94 -1.99 -4.66
CA PRO A 347 56.08 -1.90 -3.48
C PRO A 347 54.73 -1.27 -3.73
N PHE A 348 54.47 -0.84 -4.96
CA PHE A 348 53.26 -0.11 -5.30
C PHE A 348 52.58 -0.73 -6.52
N SER A 349 51.32 -0.35 -6.71
CA SER A 349 50.51 -0.84 -7.81
C SER A 349 49.62 0.28 -8.32
N LEU A 350 49.44 0.34 -9.64
CA LEU A 350 48.69 1.40 -10.30
C LEU A 350 47.38 0.85 -10.87
N ASP A 351 46.27 1.49 -10.50
CA ASP A 351 44.95 1.13 -11.00
C ASP A 351 44.43 2.30 -11.85
N LEU A 352 44.23 2.04 -13.14
CA LEU A 352 43.83 3.07 -14.09
C LEU A 352 42.38 2.92 -14.55
N SER A 353 41.55 2.23 -13.77
CA SER A 353 40.14 2.10 -14.10
C SER A 353 39.43 3.44 -14.17
N LYS A 354 39.76 4.35 -13.24
CA LYS A 354 39.13 5.66 -13.18
C LYS A 354 39.34 6.50 -14.45
N THR A 355 40.49 6.37 -15.10
CA THR A 355 40.79 7.21 -16.27
C THR A 355 39.83 6.95 -17.45
N LYS A 356 39.10 8.01 -17.82
CA LYS A 356 38.16 7.96 -18.93
C LYS A 356 38.86 7.73 -20.26
N ARG A 357 38.22 6.97 -21.15
CA ARG A 357 38.67 6.77 -22.52
C ARG A 357 37.82 7.58 -23.49
N HIS A 358 38.31 7.70 -24.73
CA HIS A 358 37.59 8.39 -25.82
C HIS A 358 37.37 9.88 -25.53
N LEU A 359 38.44 10.55 -25.08
CA LEU A 359 38.31 11.91 -24.59
C LEU A 359 38.30 12.93 -25.72
N VAL A 360 37.60 14.04 -25.48
CA VAL A 360 37.36 15.13 -26.41
C VAL A 360 38.63 15.83 -26.87
N PRO A 361 38.97 15.74 -28.15
CA PRO A 361 40.08 16.57 -28.68
C PRO A 361 39.75 18.05 -28.54
N GLY A 362 40.61 18.77 -27.83
CA GLY A 362 40.40 20.17 -27.55
C GLY A 362 39.92 20.46 -26.15
N ALA A 363 39.87 19.46 -25.27
CA ALA A 363 39.49 19.60 -23.88
C ALA A 363 40.54 18.95 -22.99
N PRO A 364 40.67 19.41 -21.76
CA PRO A 364 41.59 18.74 -20.83
C PRO A 364 41.23 17.27 -20.64
N PHE A 365 42.25 16.43 -20.71
CA PHE A 365 42.12 15.01 -20.38
C PHE A 365 42.45 14.86 -18.90
N LEU A 366 41.60 14.16 -18.15
CA LEU A 366 41.80 13.97 -16.72
C LEU A 366 42.37 12.58 -16.49
N LEU A 367 43.66 12.53 -16.13
CA LEU A 367 44.32 11.27 -15.81
C LEU A 367 44.05 10.96 -14.34
N GLN A 368 43.29 9.89 -14.09
CA GLN A 368 42.91 9.50 -12.74
C GLN A 368 43.49 8.13 -12.46
N ALA A 369 44.21 8.00 -11.35
CA ALA A 369 44.85 6.74 -10.99
C ALA A 369 44.80 6.56 -9.49
N LEU A 370 44.78 5.29 -9.07
CA LEU A 370 44.80 4.91 -7.67
C LEU A 370 46.10 4.17 -7.40
N VAL A 371 46.91 4.70 -6.49
CA VAL A 371 48.16 4.05 -6.11
C VAL A 371 47.92 3.26 -4.83
N ARG A 372 48.23 1.97 -4.88
CA ARG A 372 47.98 1.05 -3.78
C ARG A 372 49.28 0.35 -3.41
N GLU A 373 49.45 0.03 -2.13
CA GLU A 373 50.54 -0.87 -1.76
C GLU A 373 50.33 -2.21 -2.44
N MET A 374 51.42 -2.78 -2.95
CA MET A 374 51.33 -4.07 -3.63
C MET A 374 50.82 -5.14 -2.66
N SER A 375 49.60 -5.60 -2.88
CA SER A 375 48.88 -6.51 -1.97
C SER A 375 48.53 -5.86 -0.64
N GLY A 376 48.50 -4.53 -0.59
CA GLY A 376 48.16 -3.79 0.60
C GLY A 376 47.07 -2.76 0.34
N SER A 377 47.09 -1.72 1.15
CA SER A 377 46.09 -0.66 1.10
C SER A 377 46.57 0.48 0.21
N PRO A 378 45.66 1.39 -0.17
CA PRO A 378 46.07 2.56 -0.97
C PRO A 378 47.25 3.31 -0.41
N ALA A 379 48.10 3.81 -1.30
CA ALA A 379 49.33 4.50 -0.91
C ALA A 379 49.05 5.99 -0.87
N SER A 380 49.39 6.62 0.25
CA SER A 380 49.06 8.01 0.53
C SER A 380 50.28 8.93 0.40
N GLY A 381 50.20 9.89 -0.51
CA GLY A 381 51.25 10.87 -0.66
C GLY A 381 52.41 10.41 -1.51
N ILE A 382 52.16 9.49 -2.42
CA ILE A 382 53.19 8.95 -3.30
C ILE A 382 53.25 9.83 -4.55
N PRO A 383 54.43 10.17 -5.05
CA PRO A 383 54.52 11.03 -6.24
C PRO A 383 54.27 10.20 -7.48
N VAL A 384 53.35 10.65 -8.32
CA VAL A 384 53.02 10.01 -9.58
C VAL A 384 53.38 10.94 -10.73
N LYS A 385 54.09 10.39 -11.71
CA LYS A 385 54.48 11.13 -12.91
C LYS A 385 53.73 10.54 -14.11
N VAL A 386 53.14 11.42 -14.92
CA VAL A 386 52.41 11.03 -16.12
C VAL A 386 53.16 11.58 -17.33
N SER A 387 53.47 10.70 -18.28
CA SER A 387 54.11 11.07 -19.55
C SER A 387 53.08 10.83 -20.65
N ALA A 388 52.58 11.92 -21.24
CA ALA A 388 51.49 11.88 -22.20
C ALA A 388 51.99 12.35 -23.56
N THR A 389 51.96 11.47 -24.55
CA THR A 389 52.41 11.75 -25.91
C THR A 389 51.20 11.96 -26.81
N VAL A 390 51.04 13.18 -27.31
CA VAL A 390 49.97 13.50 -28.26
C VAL A 390 50.49 13.18 -29.66
N SER A 391 49.96 12.12 -30.26
CA SER A 391 50.48 11.66 -31.54
C SER A 391 49.99 12.55 -32.67
N SER A 392 50.89 12.78 -33.64
CA SER A 392 50.87 13.77 -34.69
C SER A 392 49.49 14.19 -35.19
N PRO A 393 49.09 15.44 -35.00
CA PRO A 393 47.98 16.03 -35.76
C PRO A 393 48.41 16.48 -37.16
N GLY A 394 49.59 16.04 -37.59
CA GLY A 394 50.25 16.51 -38.80
C GLY A 394 51.55 17.20 -38.48
N SER A 395 51.64 17.80 -37.29
CA SER A 395 52.84 18.41 -36.74
C SER A 395 53.61 17.35 -35.94
N VAL A 396 54.82 17.72 -35.52
CA VAL A 396 55.66 16.76 -34.79
C VAL A 396 55.00 16.37 -33.47
N PRO A 397 55.11 15.11 -33.04
CA PRO A 397 54.59 14.71 -31.72
C PRO A 397 55.26 15.47 -30.59
N GLU A 398 54.53 15.62 -29.48
CA GLU A 398 55.03 16.30 -28.29
C GLU A 398 54.65 15.49 -27.05
N VAL A 399 55.45 15.64 -26.01
CA VAL A 399 55.28 14.92 -24.74
C VAL A 399 55.03 15.93 -23.63
N GLN A 400 54.01 15.66 -22.81
CA GLN A 400 53.61 16.53 -21.70
C GLN A 400 53.85 15.79 -20.39
N ASP A 401 54.70 16.36 -19.53
CA ASP A 401 55.09 15.77 -18.25
C ASP A 401 54.43 16.51 -17.10
N ILE A 402 53.54 15.84 -16.37
CA ILE A 402 52.88 16.41 -15.20
C ILE A 402 53.03 15.44 -14.04
N GLN A 403 53.38 15.98 -12.87
CA GLN A 403 53.61 15.20 -11.66
C GLN A 403 52.69 15.68 -10.55
N GLN A 404 52.11 14.74 -9.80
CA GLN A 404 51.24 15.08 -8.69
C GLN A 404 51.29 13.97 -7.65
N ASN A 405 51.15 14.36 -6.38
CA ASN A 405 51.12 13.42 -5.26
C ASN A 405 49.69 12.94 -5.04
N THR A 406 49.58 11.71 -4.55
CA THR A 406 48.28 11.13 -4.22
C THR A 406 47.62 11.89 -3.07
N ASP A 407 46.47 12.49 -3.37
CA ASP A 407 45.76 13.33 -2.39
C ASP A 407 45.32 12.50 -1.19
N GLY A 408 44.77 11.32 -1.45
CA GLY A 408 44.17 10.51 -0.41
C GLY A 408 43.43 9.35 -1.02
N SER A 409 43.43 8.21 -0.32
CA SER A 409 42.84 6.96 -0.83
C SER A 409 43.45 6.62 -2.18
N GLY A 410 44.75 6.90 -2.31
CA GLY A 410 45.50 6.68 -3.53
C GLY A 410 45.16 7.57 -4.69
N GLN A 411 44.23 8.51 -4.53
CA GLN A 411 43.71 9.28 -5.66
C GLN A 411 44.70 10.34 -6.13
N VAL A 412 45.12 10.24 -7.39
CA VAL A 412 45.81 11.30 -8.10
C VAL A 412 44.99 11.66 -9.33
N SER A 413 44.85 12.96 -9.59
CA SER A 413 44.01 13.42 -10.71
C SER A 413 44.75 14.52 -11.46
N ILE A 414 45.32 14.16 -12.60
CA ILE A 414 46.26 15.00 -13.35
C ILE A 414 45.59 15.45 -14.64
N PRO A 415 45.36 16.94 -14.89
CA PRO A 415 44.70 17.44 -16.13
C PRO A 415 45.69 17.74 -17.26
N ILE A 416 46.06 16.70 -18.00
CA ILE A 416 46.85 16.85 -19.21
C ILE A 416 46.01 17.45 -20.33
N ILE A 417 46.50 18.54 -20.92
CA ILE A 417 45.76 19.31 -21.92
C ILE A 417 45.99 18.69 -23.29
N ILE A 418 44.91 18.26 -23.93
CA ILE A 418 44.96 17.58 -25.23
C ILE A 418 44.53 18.56 -26.32
N PRO A 419 45.34 18.83 -27.32
CA PRO A 419 44.95 19.73 -28.41
C PRO A 419 44.16 19.04 -29.51
N GLN A 420 43.49 19.87 -30.31
CA GLN A 420 42.64 19.41 -31.41
C GLN A 420 43.36 18.52 -32.41
N THR A 421 42.59 17.63 -33.03
CA THR A 421 43.01 16.70 -34.08
C THR A 421 44.18 15.81 -33.68
N ILE A 422 44.28 15.48 -32.38
CA ILE A 422 45.21 14.46 -31.93
C ILE A 422 44.92 13.15 -32.66
N SER A 423 45.95 12.53 -33.25
CA SER A 423 45.77 11.25 -33.89
C SER A 423 45.45 10.16 -32.87
N GLU A 424 46.21 10.11 -31.78
CA GLU A 424 45.93 9.24 -30.64
C GLU A 424 46.74 9.73 -29.45
N LEU A 425 46.36 9.27 -28.27
CA LEU A 425 47.03 9.61 -27.03
C LEU A 425 47.65 8.37 -26.41
N GLN A 426 48.94 8.47 -26.08
CA GLN A 426 49.69 7.38 -25.46
C GLN A 426 50.14 7.83 -24.09
N LEU A 427 49.81 7.04 -23.06
CA LEU A 427 49.98 7.43 -21.67
C LEU A 427 50.88 6.42 -20.97
N SER A 428 51.89 6.93 -20.27
CA SER A 428 52.78 6.11 -19.45
C SER A 428 52.81 6.72 -18.05
N VAL A 429 52.49 5.91 -17.05
CA VAL A 429 52.32 6.37 -15.67
C VAL A 429 53.38 5.70 -14.80
N SER A 430 54.07 6.50 -13.98
CA SER A 430 55.11 6.02 -13.09
C SER A 430 54.85 6.56 -11.69
N ALA A 431 54.70 5.66 -10.72
CA ALA A 431 54.31 6.06 -9.36
C ALA A 431 55.36 5.60 -8.35
N GLY A 432 55.79 6.54 -7.50
CA GLY A 432 56.68 6.29 -6.40
C GLY A 432 58.11 5.85 -6.70
N SER A 433 58.94 5.90 -5.66
CA SER A 433 60.33 5.46 -5.70
C SER A 433 60.76 5.16 -4.27
N PRO A 434 61.70 4.23 -4.06
CA PRO A 434 62.40 3.30 -4.95
C PRO A 434 61.52 2.34 -5.76
N HIS A 435 62.12 1.80 -6.82
CA HIS A 435 61.48 0.84 -7.72
C HIS A 435 60.10 1.25 -8.22
N PRO A 436 60.01 2.35 -9.00
CA PRO A 436 58.72 2.80 -9.57
C PRO A 436 57.73 1.73 -10.04
N ALA A 437 56.45 1.92 -9.71
CA ALA A 437 55.36 1.14 -10.29
C ALA A 437 54.90 1.83 -11.58
N ILE A 438 54.79 1.06 -12.67
CA ILE A 438 54.57 1.60 -14.00
C ILE A 438 53.38 0.94 -14.68
N ALA A 439 52.61 1.74 -15.42
CA ALA A 439 51.49 1.25 -16.23
C ALA A 439 51.35 2.13 -17.47
N ARG A 440 50.97 1.51 -18.60
CA ARG A 440 50.87 2.19 -19.89
C ARG A 440 49.47 2.02 -20.49
N LEU A 441 48.95 3.11 -21.07
CA LEU A 441 47.59 3.16 -21.62
C LEU A 441 47.58 3.94 -22.92
N THR A 442 47.04 3.35 -23.98
CA THR A 442 46.87 4.01 -25.28
C THR A 442 45.39 4.08 -25.65
N VAL A 443 44.94 5.24 -26.13
CA VAL A 443 43.54 5.45 -26.45
C VAL A 443 43.40 6.32 -27.71
N ALA A 444 42.58 5.85 -28.65
CA ALA A 444 42.36 6.52 -29.93
C ALA A 444 41.42 7.72 -29.80
N ALA A 445 41.58 8.69 -30.71
CA ALA A 445 40.76 9.90 -30.73
C ALA A 445 39.54 9.75 -31.62
N PRO A 446 38.50 10.56 -31.38
CA PRO A 446 37.31 10.59 -32.26
C PRO A 446 37.64 10.72 -33.73
N PRO A 447 36.86 10.05 -34.60
CA PRO A 447 37.01 10.24 -36.04
C PRO A 447 36.95 11.69 -36.50
N SER A 448 37.64 11.97 -37.60
CA SER A 448 37.70 13.31 -38.17
C SER A 448 36.32 13.81 -38.60
N GLY A 449 36.10 15.11 -38.43
CA GLY A 449 34.92 15.76 -38.97
C GLY A 449 33.64 15.54 -38.20
N GLY A 450 33.73 15.32 -36.89
CA GLY A 450 32.58 15.15 -36.05
C GLY A 450 31.66 16.37 -36.03
N PRO A 451 30.42 16.17 -35.58
CA PRO A 451 29.48 17.30 -35.49
C PRO A 451 29.83 18.24 -34.36
N GLY A 452 30.42 17.72 -33.28
CA GLY A 452 30.74 18.52 -32.11
C GLY A 452 31.06 17.61 -30.95
N PHE A 453 31.54 18.25 -29.88
CA PHE A 453 31.91 17.50 -28.68
C PHE A 453 31.39 18.24 -27.46
N LEU A 454 31.35 17.53 -26.33
CA LEU A 454 30.85 18.09 -25.08
C LEU A 454 31.85 17.79 -23.97
N SER A 455 32.32 18.85 -23.30
CA SER A 455 33.28 18.73 -22.22
C SER A 455 32.53 18.72 -20.89
N ILE A 456 32.61 17.61 -20.17
CA ILE A 456 32.04 17.49 -18.84
C ILE A 456 33.19 17.57 -17.84
N GLU A 457 33.22 18.65 -17.05
CA GLU A 457 34.34 18.94 -16.18
C GLU A 457 33.89 18.88 -14.73
N ARG A 458 34.59 18.07 -13.94
CA ARG A 458 34.26 17.85 -12.54
C ARG A 458 35.33 18.48 -11.67
N PRO A 459 35.04 19.59 -10.97
CA PRO A 459 36.10 20.25 -10.20
C PRO A 459 36.49 19.50 -8.94
N ASP A 460 35.55 18.79 -8.30
CA ASP A 460 35.81 18.10 -7.05
C ASP A 460 35.90 16.61 -7.32
N SER A 461 37.11 16.06 -7.23
CA SER A 461 37.37 14.66 -7.53
C SER A 461 37.04 13.74 -6.37
N ARG A 462 36.83 14.30 -5.18
CA ARG A 462 36.42 13.52 -4.03
C ARG A 462 35.08 12.83 -4.27
N PRO A 463 34.93 11.58 -3.84
CA PRO A 463 33.61 10.93 -3.85
C PRO A 463 32.61 11.69 -3.00
N PRO A 464 31.57 12.25 -3.61
CA PRO A 464 30.62 13.08 -2.84
C PRO A 464 29.87 12.25 -1.81
N ARG A 465 29.60 12.87 -0.66
CA ARG A 465 28.79 12.22 0.36
C ARG A 465 27.33 12.20 -0.04
N VAL A 466 26.60 11.21 0.48
CA VAL A 466 25.14 11.21 0.37
C VAL A 466 24.60 12.40 1.16
N GLY A 467 24.01 13.36 0.45
CA GLY A 467 23.57 14.62 1.02
C GLY A 467 24.42 15.82 0.65
N ASP A 468 25.52 15.61 -0.06
CA ASP A 468 26.32 16.70 -0.61
C ASP A 468 25.95 16.92 -2.06
N THR A 469 25.92 18.19 -2.47
CA THR A 469 25.58 18.55 -3.84
C THR A 469 26.86 18.62 -4.68
N LEU A 470 26.86 17.88 -5.78
CA LEU A 470 27.99 17.86 -6.71
C LEU A 470 27.69 18.79 -7.88
N ASN A 471 28.65 19.63 -8.23
CA ASN A 471 28.51 20.58 -9.33
C ASN A 471 29.40 20.17 -10.48
N LEU A 472 28.81 20.07 -11.68
CA LEU A 472 29.52 19.70 -12.89
C LEU A 472 29.45 20.83 -13.90
N ASN A 473 30.56 21.07 -14.59
CA ASN A 473 30.68 22.19 -15.52
C ASN A 473 30.64 21.64 -16.95
N LEU A 474 29.71 22.16 -17.74
CA LEU A 474 29.40 21.63 -19.08
C LEU A 474 29.74 22.68 -20.12
N ARG A 475 30.65 22.35 -21.04
CA ARG A 475 31.06 23.28 -22.09
C ARG A 475 31.06 22.56 -23.44
N ALA A 476 30.35 23.13 -24.41
CA ALA A 476 30.41 22.66 -25.79
C ALA A 476 31.77 22.96 -26.42
N VAL A 477 32.25 22.02 -27.25
CA VAL A 477 33.56 22.13 -27.86
C VAL A 477 33.44 21.76 -29.34
N GLY A 478 33.99 22.60 -30.21
CA GLY A 478 34.23 22.24 -31.60
C GLY A 478 33.22 22.72 -32.63
N SER A 479 32.17 23.44 -32.25
CA SER A 479 31.19 23.83 -33.26
C SER A 479 30.32 24.98 -32.76
N GLY A 480 29.70 25.64 -33.73
CA GLY A 480 28.87 26.81 -33.43
C GLY A 480 27.75 26.51 -32.44
N ALA A 481 27.47 27.52 -31.60
CA ALA A 481 26.43 27.43 -30.58
C ALA A 481 25.06 27.87 -31.12
N THR A 482 24.60 27.16 -32.16
CA THR A 482 23.23 27.33 -32.63
C THR A 482 22.22 26.97 -31.55
N PHE A 483 22.47 25.87 -30.84
CA PHE A 483 21.63 25.40 -29.75
C PHE A 483 21.55 26.41 -28.62
N SER A 484 20.41 26.41 -27.91
CA SER A 484 20.21 27.25 -26.75
C SER A 484 20.13 26.48 -25.44
N HIS A 485 20.07 25.15 -25.49
CA HIS A 485 19.93 24.34 -24.28
C HIS A 485 20.76 23.06 -24.44
N TYR A 486 21.21 22.53 -23.31
CA TYR A 486 21.75 21.18 -23.26
C TYR A 486 20.97 20.39 -22.21
N TYR A 487 20.84 19.09 -22.44
CA TYR A 487 19.93 18.24 -21.67
C TYR A 487 20.76 17.18 -20.95
N TYR A 488 20.39 16.89 -19.71
CA TYR A 488 21.19 15.98 -18.89
C TYR A 488 20.26 15.06 -18.10
N MET A 489 20.82 13.91 -17.70
CA MET A 489 20.07 12.93 -16.92
C MET A 489 21.00 12.07 -16.10
N ILE A 490 20.47 11.55 -15.00
CA ILE A 490 21.22 10.80 -13.99
C ILE A 490 20.73 9.36 -14.03
N LEU A 491 21.64 8.43 -14.28
CA LEU A 491 21.32 7.00 -14.34
C LEU A 491 21.93 6.29 -13.14
N SER A 492 21.10 5.54 -12.42
CA SER A 492 21.58 4.82 -11.24
C SER A 492 20.93 3.45 -11.16
N ARG A 493 21.76 2.43 -10.89
CA ARG A 493 21.31 1.04 -10.76
C ARG A 493 20.61 0.52 -12.02
N GLY A 494 20.94 1.11 -13.17
CA GLY A 494 20.33 0.73 -14.43
C GLY A 494 19.00 1.38 -14.72
N GLN A 495 18.64 2.43 -13.99
CA GLN A 495 17.40 3.15 -14.21
C GLN A 495 17.69 4.63 -14.38
N ILE A 496 16.91 5.29 -15.24
CA ILE A 496 16.94 6.74 -15.30
C ILE A 496 16.28 7.27 -14.04
N VAL A 497 17.04 8.03 -13.24
CA VAL A 497 16.56 8.47 -11.93
C VAL A 497 16.13 9.93 -11.99
N PHE A 498 16.80 10.73 -12.82
CA PHE A 498 16.45 12.13 -12.93
C PHE A 498 16.80 12.62 -14.34
N MET A 499 15.98 13.53 -14.85
CA MET A 499 16.22 14.12 -16.16
C MET A 499 15.76 15.57 -16.13
N ASN A 500 16.58 16.47 -16.67
CA ASN A 500 16.34 17.90 -16.61
C ASN A 500 17.14 18.57 -17.70
N ARG A 501 17.06 19.90 -17.77
CA ARG A 501 17.68 20.67 -18.84
C ARG A 501 18.23 21.97 -18.28
N GLU A 502 19.38 22.39 -18.79
CA GLU A 502 20.04 23.63 -18.38
C GLU A 502 20.32 24.49 -19.61
N PRO A 503 19.87 25.74 -19.64
CA PRO A 503 20.14 26.59 -20.80
C PRO A 503 21.61 26.96 -20.87
N LYS A 504 22.11 27.07 -22.10
CA LYS A 504 23.51 27.42 -22.31
C LYS A 504 23.81 28.83 -21.80
N ARG A 505 24.97 28.97 -21.16
CA ARG A 505 25.48 30.24 -20.67
C ARG A 505 27.00 30.16 -20.72
N THR A 506 27.64 31.29 -20.45
CA THR A 506 29.09 31.27 -20.24
C THR A 506 29.43 30.47 -19.00
N LEU A 507 30.22 29.39 -19.19
CA LEU A 507 30.62 28.48 -18.11
C LEU A 507 29.42 27.86 -17.38
N THR A 508 28.56 27.19 -18.16
CA THR A 508 27.35 26.56 -17.63
C THR A 508 27.66 25.53 -16.55
N SER A 509 26.97 25.64 -15.41
CA SER A 509 27.20 24.73 -14.28
C SER A 509 25.87 24.10 -13.86
N VAL A 510 25.85 22.78 -13.75
CA VAL A 510 24.66 22.01 -13.39
C VAL A 510 24.90 21.34 -12.04
N SER A 511 23.92 21.45 -11.14
CA SER A 511 24.02 20.93 -9.79
C SER A 511 23.32 19.57 -9.68
N VAL A 512 24.05 18.57 -9.19
CA VAL A 512 23.51 17.22 -8.98
C VAL A 512 23.51 16.93 -7.49
N PHE A 513 22.32 16.81 -6.91
CA PHE A 513 22.18 16.47 -5.49
C PHE A 513 22.31 14.96 -5.34
N VAL A 514 23.28 14.52 -4.54
CA VAL A 514 23.56 13.10 -4.35
C VAL A 514 22.64 12.56 -3.27
N ASP A 515 21.51 11.97 -3.69
CA ASP A 515 20.56 11.36 -2.78
C ASP A 515 20.84 9.86 -2.63
N HIS A 516 20.12 9.24 -1.69
CA HIS A 516 20.28 7.82 -1.40
C HIS A 516 19.98 6.92 -2.59
N HIS A 517 19.19 7.39 -3.56
CA HIS A 517 18.94 6.61 -4.77
C HIS A 517 20.12 6.60 -5.74
N LEU A 518 21.07 7.52 -5.59
CA LEU A 518 22.22 7.55 -6.48
C LEU A 518 23.36 6.67 -6.02
N ALA A 519 23.35 6.27 -4.75
CA ALA A 519 24.34 5.34 -4.23
C ALA A 519 24.18 3.96 -4.88
N PRO A 520 25.28 3.24 -5.15
CA PRO A 520 26.65 3.65 -4.84
C PRO A 520 27.40 4.24 -6.03
N SER A 521 26.84 4.07 -7.23
CA SER A 521 27.48 4.54 -8.44
C SER A 521 26.42 4.98 -9.43
N PHE A 522 26.64 6.12 -10.08
CA PHE A 522 25.70 6.64 -11.05
C PHE A 522 26.47 7.24 -12.21
N TYR A 523 25.77 7.41 -13.33
CA TYR A 523 26.32 8.00 -14.54
C TYR A 523 25.61 9.33 -14.80
N PHE A 524 26.40 10.35 -15.10
CA PHE A 524 25.88 11.64 -15.54
C PHE A 524 26.02 11.71 -17.05
N VAL A 525 24.90 11.83 -17.76
CA VAL A 525 24.86 11.86 -19.20
C VAL A 525 24.23 13.19 -19.62
N ALA A 526 24.88 13.88 -20.55
CA ALA A 526 24.36 15.15 -21.03
C ALA A 526 24.63 15.25 -22.53
N PHE A 527 23.78 16.02 -23.21
CA PHE A 527 23.82 16.07 -24.65
C PHE A 527 23.20 17.36 -25.15
N TYR A 528 23.58 17.72 -26.38
CA TYR A 528 22.99 18.85 -27.10
C TYR A 528 22.94 18.47 -28.57
N TYR A 529 22.28 19.29 -29.37
CA TYR A 529 22.10 19.00 -30.79
C TYR A 529 22.77 20.06 -31.65
N HIS A 530 23.50 19.60 -32.66
CA HIS A 530 24.07 20.44 -33.71
C HIS A 530 23.34 20.10 -35.00
N GLY A 531 22.48 21.01 -35.44
CA GLY A 531 21.57 20.70 -36.54
C GLY A 531 20.72 19.49 -36.21
N ASP A 532 20.81 18.46 -37.04
CA ASP A 532 20.11 17.20 -36.81
C ASP A 532 21.01 16.10 -36.26
N HIS A 533 22.15 16.46 -35.66
CA HIS A 533 23.08 15.49 -35.14
C HIS A 533 23.23 15.64 -33.63
N PRO A 534 23.02 14.58 -32.86
CA PRO A 534 23.22 14.67 -31.41
C PRO A 534 24.70 14.68 -31.04
N VAL A 535 25.04 15.50 -30.05
CA VAL A 535 26.37 15.55 -29.45
C VAL A 535 26.22 15.24 -27.97
N ALA A 536 26.96 14.23 -27.49
CA ALA A 536 26.78 13.75 -26.13
C ALA A 536 28.13 13.33 -25.53
N ASN A 537 28.14 13.30 -24.19
CA ASN A 537 29.26 12.77 -23.42
C ASN A 537 28.72 12.29 -22.08
N SER A 538 29.50 11.46 -21.39
CA SER A 538 29.02 10.83 -20.17
C SER A 538 30.16 10.67 -19.17
N LEU A 539 29.81 10.74 -17.88
CA LEU A 539 30.79 10.69 -16.81
C LEU A 539 30.23 9.84 -15.66
N ARG A 540 31.04 8.90 -15.19
CA ARG A 540 30.68 8.08 -14.03
C ARG A 540 31.12 8.76 -12.74
N VAL A 541 30.22 8.78 -11.75
CA VAL A 541 30.49 9.35 -10.43
C VAL A 541 30.19 8.27 -9.39
N ASP A 542 31.21 7.91 -8.61
CA ASP A 542 31.02 6.94 -7.53
C ASP A 542 30.73 7.65 -6.22
N VAL A 543 29.73 7.15 -5.51
CA VAL A 543 29.32 7.67 -4.21
C VAL A 543 29.75 6.65 -3.17
N GLN A 544 30.81 6.96 -2.42
CA GLN A 544 31.47 5.98 -1.58
C GLN A 544 31.19 6.19 -0.10
N ALA A 545 30.21 7.03 0.23
CA ALA A 545 29.81 7.31 1.61
C ALA A 545 28.56 6.53 2.03
N GLY A 546 28.14 5.55 1.25
CA GLY A 546 26.96 4.74 1.48
C GLY A 546 26.69 4.19 2.87
N ALA A 547 25.44 4.31 3.32
CA ALA A 547 25.00 3.81 4.61
C ALA A 547 23.49 3.55 4.54
N CYS A 548 22.95 2.98 5.61
CA CYS A 548 21.54 2.60 5.64
C CYS A 548 20.61 3.79 5.37
N GLU A 549 19.50 3.51 4.70
CA GLU A 549 18.44 4.51 4.55
C GLU A 549 17.87 4.90 5.91
N GLY A 550 17.65 3.93 6.77
CA GLY A 550 17.38 4.17 8.18
C GLY A 550 18.61 3.87 9.00
N LYS A 551 18.46 3.06 10.04
CA LYS A 551 19.63 2.55 10.74
C LYS A 551 19.26 1.27 11.49
N LEU A 552 20.30 0.49 11.80
CA LEU A 552 20.25 -0.54 12.83
C LEU A 552 21.53 -0.41 13.62
N GLU A 553 21.41 -0.18 14.92
CA GLU A 553 22.57 0.03 15.77
C GLU A 553 22.46 -0.89 16.97
N LEU A 554 23.32 -1.90 17.03
CA LEU A 554 23.36 -2.84 18.13
C LEU A 554 24.42 -2.38 19.11
N SER A 555 24.10 -2.46 20.40
CA SER A 555 25.01 -1.99 21.44
C SER A 555 24.70 -2.72 22.73
N VAL A 556 25.71 -2.80 23.59
CA VAL A 556 25.57 -3.37 24.92
C VAL A 556 25.94 -2.27 25.90
N ASP A 557 24.96 -1.79 26.66
CA ASP A 557 25.16 -0.65 27.55
C ASP A 557 25.93 -1.13 28.78
N GLY A 558 27.13 -0.61 28.96
CA GLY A 558 28.02 -1.00 30.04
C GLY A 558 29.45 -0.98 29.57
N ALA A 559 30.33 -1.58 30.38
CA ALA A 559 31.76 -1.55 30.12
C ALA A 559 32.30 -2.90 29.63
N LYS A 560 31.41 -3.80 29.21
CA LYS A 560 31.75 -5.18 28.83
C LYS A 560 32.35 -5.90 30.04
N GLN A 561 33.22 -6.87 29.77
CA GLN A 561 33.88 -7.69 30.81
C GLN A 561 32.86 -8.49 31.60
N TYR A 562 31.90 -9.09 30.90
CA TYR A 562 30.87 -9.90 31.52
C TYR A 562 31.41 -11.30 31.88
N ARG A 563 30.84 -11.86 32.95
CA ARG A 563 31.13 -13.23 33.35
C ARG A 563 30.05 -14.16 32.81
N ASN A 564 30.34 -15.45 32.82
CA ASN A 564 29.41 -16.45 32.31
C ASN A 564 28.10 -16.44 33.08
N GLY A 565 26.99 -16.63 32.35
CA GLY A 565 25.68 -16.71 32.95
C GLY A 565 25.12 -15.41 33.48
N GLU A 566 25.78 -14.28 33.23
CA GLU A 566 25.26 -12.99 33.66
C GLU A 566 24.23 -12.45 32.66
N SER A 567 23.48 -11.46 33.11
CA SER A 567 22.48 -10.80 32.29
C SER A 567 23.10 -9.69 31.45
N VAL A 568 22.83 -9.72 30.15
CA VAL A 568 23.32 -8.72 29.21
C VAL A 568 22.12 -8.05 28.56
N LYS A 569 22.03 -6.72 28.68
CA LYS A 569 20.99 -5.93 28.04
C LYS A 569 21.46 -5.53 26.64
N LEU A 570 21.01 -6.28 25.63
CA LEU A 570 21.30 -5.96 24.24
C LEU A 570 20.34 -4.88 23.76
N HIS A 571 20.89 -3.74 23.34
CA HIS A 571 20.07 -2.62 22.90
C HIS A 571 20.03 -2.60 21.38
N LEU A 572 18.81 -2.49 20.83
CA LEU A 572 18.59 -2.42 19.40
C LEU A 572 17.88 -1.11 19.08
N GLU A 573 18.46 -0.32 18.18
CA GLU A 573 17.88 0.94 17.75
C GLU A 573 17.64 0.91 16.25
N THR A 574 16.53 1.50 15.83
CA THR A 574 16.19 1.60 14.41
C THR A 574 15.23 2.76 14.23
N ASP A 575 14.90 3.06 12.97
CA ASP A 575 14.11 4.24 12.63
C ASP A 575 12.70 3.88 12.18
N SER A 576 12.29 2.63 12.33
CA SER A 576 10.97 2.18 11.91
C SER A 576 10.59 0.97 12.73
N LEU A 577 9.36 0.50 12.53
CA LEU A 577 8.98 -0.80 13.10
C LEU A 577 9.56 -1.86 12.19
N ALA A 578 10.59 -2.57 12.67
CA ALA A 578 11.42 -3.40 11.83
C ALA A 578 11.48 -4.82 12.36
N LEU A 579 11.71 -5.76 11.45
CA LEU A 579 12.01 -7.16 11.78
C LEU A 579 13.52 -7.30 11.82
N VAL A 580 14.07 -7.47 13.02
CA VAL A 580 15.52 -7.52 13.23
C VAL A 580 15.96 -8.96 13.42
N ALA A 581 16.79 -9.44 12.49
CA ALA A 581 17.29 -10.82 12.48
C ALA A 581 18.64 -10.88 13.19
N LEU A 582 18.71 -11.64 14.28
CA LEU A 582 19.89 -11.69 15.13
C LEU A 582 20.53 -13.08 15.08
N GLY A 583 21.79 -13.12 15.55
CA GLY A 583 22.55 -14.35 15.63
C GLY A 583 23.93 -14.12 16.23
N ALA A 584 24.29 -14.87 17.27
CA ALA A 584 25.57 -14.69 17.97
C ALA A 584 26.51 -15.87 17.74
N LEU A 585 27.58 -15.63 16.98
CA LEU A 585 28.57 -16.65 16.62
C LEU A 585 29.70 -16.72 17.65
N ASP A 586 30.10 -17.94 18.00
CA ASP A 586 31.39 -18.11 18.65
C ASP A 586 32.48 -17.84 17.62
N THR A 587 33.39 -16.90 17.94
CA THR A 587 34.39 -16.48 16.97
C THR A 587 35.39 -17.58 16.65
N ALA A 588 35.46 -18.61 17.50
CA ALA A 588 36.27 -19.79 17.21
C ALA A 588 35.97 -20.40 15.86
N LEU A 589 34.71 -20.29 15.41
CA LEU A 589 34.34 -20.78 14.09
C LEU A 589 35.12 -20.11 12.96
N TYR A 590 35.42 -18.82 13.09
CA TYR A 590 36.30 -18.17 12.12
C TYR A 590 37.71 -18.79 12.13
N ALA A 591 38.26 -19.03 13.32
CA ALA A 591 39.57 -19.65 13.41
C ALA A 591 39.58 -21.08 12.87
N ALA A 592 38.54 -21.85 13.18
CA ALA A 592 38.45 -23.24 12.74
C ALA A 592 38.45 -23.37 11.22
N GLY A 593 37.78 -22.46 10.52
CA GLY A 593 37.66 -22.58 9.07
C GLY A 593 38.95 -22.65 8.27
N SER A 594 39.03 -23.65 7.38
CA SER A 594 40.14 -23.76 6.46
C SER A 594 40.19 -22.58 5.49
N LYS A 595 39.03 -22.17 4.98
CA LYS A 595 38.90 -20.94 4.22
C LYS A 595 37.79 -20.10 4.86
N SER A 596 38.19 -19.06 5.57
CA SER A 596 37.24 -18.20 6.26
C SER A 596 36.38 -17.43 5.26
N HIS A 597 35.10 -17.27 5.59
CA HIS A 597 34.16 -16.55 4.75
C HIS A 597 33.61 -15.36 5.52
N LYS A 598 33.71 -14.17 4.93
CA LYS A 598 33.19 -12.97 5.55
C LYS A 598 31.67 -13.04 5.72
N PRO A 599 31.14 -12.52 6.82
CA PRO A 599 29.68 -12.46 6.99
C PRO A 599 29.00 -11.58 5.95
N LEU A 600 27.68 -11.55 5.98
CA LEU A 600 26.93 -10.59 5.18
C LEU A 600 27.07 -9.18 5.75
N ASN A 601 27.41 -8.23 4.89
CA ASN A 601 27.69 -6.87 5.35
C ASN A 601 27.22 -5.85 4.31
N MET A 602 27.13 -4.59 4.76
CA MET A 602 26.53 -3.53 3.97
C MET A 602 27.22 -3.32 2.62
N GLY A 603 28.54 -3.51 2.56
CA GLY A 603 29.22 -3.44 1.27
C GLY A 603 28.74 -4.47 0.27
N LYS A 604 28.44 -5.68 0.72
CA LYS A 604 27.84 -6.69 -0.14
C LYS A 604 26.45 -6.27 -0.62
N VAL A 605 25.65 -5.67 0.27
CA VAL A 605 24.33 -5.17 -0.13
C VAL A 605 24.43 -4.11 -1.21
N PHE A 606 25.29 -3.10 -1.03
CA PHE A 606 25.52 -2.11 -2.07
C PHE A 606 26.07 -2.70 -3.35
N GLU A 607 27.00 -3.66 -3.26
CA GLU A 607 27.46 -4.37 -4.45
C GLU A 607 26.31 -5.11 -5.13
N ALA A 608 25.44 -5.76 -4.35
CA ALA A 608 24.24 -6.37 -4.92
C ALA A 608 23.33 -5.34 -5.58
N MET A 609 23.13 -4.19 -4.94
CA MET A 609 22.34 -3.11 -5.56
C MET A 609 22.87 -2.71 -6.93
N ASN A 610 24.19 -2.64 -7.10
CA ASN A 610 24.75 -2.17 -8.36
C ASN A 610 24.98 -3.29 -9.37
N SER A 611 24.48 -4.51 -9.10
CA SER A 611 24.55 -5.56 -10.11
C SER A 611 23.57 -5.33 -11.24
N TYR A 612 22.57 -4.48 -11.03
CA TYR A 612 21.62 -4.09 -12.06
C TYR A 612 22.11 -2.93 -12.92
N ASP A 613 23.20 -2.26 -12.50
CA ASP A 613 23.77 -1.17 -13.26
C ASP A 613 24.25 -1.66 -14.63
N LEU A 614 23.63 -1.13 -15.69
CA LEU A 614 23.99 -1.52 -17.04
C LEU A 614 25.26 -0.82 -17.51
N GLY A 615 25.70 0.23 -16.82
CA GLY A 615 26.89 0.98 -17.17
C GLY A 615 28.15 0.14 -17.32
N CYS A 616 28.94 0.44 -18.34
CA CYS A 616 30.19 -0.25 -18.61
C CYS A 616 31.31 0.77 -18.85
N GLY A 617 32.40 0.66 -18.09
CA GLY A 617 33.51 1.57 -18.17
C GLY A 617 33.20 2.94 -17.57
N PRO A 618 34.21 3.82 -17.56
CA PRO A 618 34.05 5.15 -16.94
C PRO A 618 33.28 6.15 -17.78
N GLY A 619 32.69 5.75 -18.91
CA GLY A 619 31.91 6.65 -19.72
C GLY A 619 32.68 7.16 -20.92
N GLY A 620 32.04 8.08 -21.63
CA GLY A 620 32.59 8.67 -22.84
C GLY A 620 32.58 7.76 -24.05
N GLY A 621 32.70 8.34 -25.23
CA GLY A 621 32.67 7.57 -26.47
C GLY A 621 33.02 8.47 -27.63
N ASP A 622 33.28 7.82 -28.77
CA ASP A 622 33.62 8.58 -29.98
C ASP A 622 32.38 9.24 -30.58
N SER A 623 31.21 8.68 -30.33
CA SER A 623 29.96 9.19 -30.89
C SER A 623 28.88 9.15 -29.81
N ALA A 624 27.83 9.93 -30.04
CA ALA A 624 26.72 9.99 -29.09
C ALA A 624 26.07 8.62 -28.89
N LEU A 625 25.93 7.84 -29.96
CA LEU A 625 25.43 6.47 -29.83
C LEU A 625 26.30 5.64 -28.90
N GLN A 626 27.62 5.73 -29.05
CA GLN A 626 28.52 5.05 -28.12
C GLN A 626 28.40 5.57 -26.70
N VAL A 627 28.31 6.89 -26.54
CA VAL A 627 28.15 7.49 -25.22
C VAL A 627 26.90 6.98 -24.52
N PHE A 628 25.76 7.02 -25.22
CA PHE A 628 24.52 6.49 -24.63
C PHE A 628 24.60 5.00 -24.35
N GLN A 629 25.10 4.22 -25.31
CA GLN A 629 25.24 2.78 -25.09
C GLN A 629 26.23 2.45 -23.98
N ALA A 630 27.34 3.18 -23.89
CA ALA A 630 28.26 3.02 -22.77
C ALA A 630 27.60 3.35 -21.43
N ALA A 631 26.80 4.41 -21.39
CA ALA A 631 26.08 4.74 -20.17
C ALA A 631 25.12 3.64 -19.76
N GLY A 632 24.48 2.99 -20.72
CA GLY A 632 23.60 1.87 -20.41
C GLY A 632 22.24 2.06 -21.06
N LEU A 633 22.11 3.12 -21.83
CA LEU A 633 20.86 3.51 -22.44
C LEU A 633 20.71 2.97 -23.85
N ALA A 634 19.47 2.90 -24.30
CA ALA A 634 19.12 2.74 -25.70
C ALA A 634 18.44 4.02 -26.16
N PHE A 635 18.64 4.37 -27.43
CA PHE A 635 18.26 5.69 -27.89
C PHE A 635 17.84 5.63 -29.35
N SER A 636 16.90 6.49 -29.71
CA SER A 636 16.53 6.71 -31.10
C SER A 636 16.03 8.14 -31.26
N ASP A 637 16.40 8.75 -32.40
CA ASP A 637 15.91 10.05 -32.81
C ASP A 637 15.11 10.00 -34.10
N GLY A 638 15.08 8.85 -34.76
CA GLY A 638 14.41 8.62 -36.02
C GLY A 638 15.37 8.39 -37.17
N ASP A 639 16.62 8.82 -37.02
CA ASP A 639 17.67 8.60 -38.01
C ASP A 639 18.86 7.86 -37.41
N GLN A 640 19.25 8.21 -36.19
CA GLN A 640 20.31 7.56 -35.44
C GLN A 640 19.72 6.83 -34.24
N TRP A 641 20.10 5.56 -34.07
CA TRP A 641 19.49 4.72 -33.05
C TRP A 641 20.45 3.58 -32.71
N THR A 642 20.17 2.93 -31.59
CA THR A 642 21.11 1.98 -30.96
C THR A 642 20.65 0.53 -31.14
N LEU A 643 21.52 -0.28 -31.75
CA LEU A 643 21.33 -1.73 -31.76
C LEU A 643 21.43 -2.30 -30.35
N SER A 644 20.71 -3.41 -30.14
CA SER A 644 20.72 -4.10 -28.85
C SER A 644 22.12 -4.59 -28.49
N ARG A 645 22.47 -4.46 -27.21
CA ARG A 645 23.77 -4.86 -26.71
C ARG A 645 23.83 -6.37 -26.46
N LYS A 646 25.05 -6.88 -26.30
CA LYS A 646 25.28 -8.29 -25.95
C LYS A 646 25.18 -8.48 -24.43
N ARG A 647 23.95 -8.36 -23.94
CA ARG A 647 23.63 -8.46 -22.52
C ARG A 647 24.46 -7.52 -21.65
N LEU A 648 24.61 -7.88 -20.37
CA LEU A 648 25.36 -7.09 -19.41
C LEU A 648 26.88 -7.20 -19.59
N SER A 649 27.35 -8.21 -20.33
CA SER A 649 28.77 -8.53 -20.39
C SER A 649 29.63 -7.36 -20.85
N CYS A 650 29.19 -6.64 -21.88
CA CYS A 650 30.01 -5.63 -22.56
C CYS A 650 31.36 -6.20 -23.02
N PRO A 651 31.35 -7.16 -23.95
CA PRO A 651 32.61 -7.78 -24.37
C PRO A 651 33.56 -6.80 -25.06
N ALA B 1 55.56 -30.71 55.91
CA ALA B 1 56.47 -29.71 55.35
C ALA B 1 55.96 -29.18 54.02
N LEU B 2 56.70 -29.47 52.95
CA LEU B 2 56.34 -28.98 51.61
C LEU B 2 55.17 -29.74 51.00
N GLU B 3 54.92 -30.97 51.45
CA GLU B 3 53.87 -31.83 50.91
C GLU B 3 52.55 -31.73 51.69
N ILE B 4 52.37 -30.70 52.52
CA ILE B 4 51.15 -30.52 53.30
C ILE B 4 49.93 -30.37 52.38
N LEU B 5 48.82 -30.96 52.81
CA LEU B 5 47.52 -30.91 52.13
C LEU B 5 46.46 -30.28 53.01
N GLN B 6 45.38 -29.83 52.38
CA GLN B 6 44.26 -29.18 53.05
C GLN B 6 42.97 -29.98 52.98
N GLU B 7 43.07 -31.27 52.66
CA GLU B 7 41.97 -32.21 52.39
C GLU B 7 40.65 -31.98 53.13
N GLU B 8 39.58 -31.80 52.35
CA GLU B 8 38.21 -31.60 52.84
C GLU B 8 38.11 -30.46 53.86
N ASP B 9 38.80 -29.37 53.58
CA ASP B 9 38.58 -28.08 54.22
C ASP B 9 38.53 -27.03 53.12
N LEU B 10 37.67 -27.32 52.16
CA LEU B 10 37.52 -26.61 50.91
C LEU B 10 36.04 -26.36 50.66
N ILE B 11 35.75 -25.49 49.69
CA ILE B 11 34.36 -25.28 49.29
C ILE B 11 33.79 -26.61 48.81
N ASP B 12 32.51 -26.84 49.10
CA ASP B 12 31.93 -28.17 49.06
C ASP B 12 31.19 -28.50 47.77
N GLU B 13 31.53 -27.83 46.66
CA GLU B 13 31.04 -28.20 45.32
C GLU B 13 29.59 -27.77 45.11
N ASP B 14 28.77 -27.94 46.16
CA ASP B 14 27.38 -27.51 46.11
C ASP B 14 27.27 -26.03 45.78
N ASP B 15 28.19 -25.24 46.32
CA ASP B 15 28.22 -23.80 46.12
C ASP B 15 29.05 -23.37 44.92
N ILE B 16 29.38 -24.30 44.01
CA ILE B 16 30.12 -23.96 42.80
C ILE B 16 29.16 -23.96 41.61
N PRO B 17 28.92 -22.81 40.96
CA PRO B 17 28.18 -22.82 39.70
C PRO B 17 28.83 -23.69 38.63
N VAL B 18 28.15 -24.75 38.23
CA VAL B 18 28.69 -25.69 37.23
C VAL B 18 28.32 -25.21 35.83
N ARG B 19 29.33 -25.13 34.97
CA ARG B 19 29.19 -24.66 33.60
C ARG B 19 28.84 -25.81 32.66
N SER B 20 27.76 -25.63 31.89
CA SER B 20 27.14 -26.72 31.15
C SER B 20 26.60 -26.36 29.78
N PHE B 21 26.28 -25.10 29.49
CA PHE B 21 25.67 -24.70 28.22
C PHE B 21 26.76 -24.15 27.30
N PHE B 22 27.12 -24.93 26.28
CA PHE B 22 28.21 -24.61 25.38
C PHE B 22 27.74 -24.61 23.93
N PRO B 23 26.98 -23.60 23.49
CA PRO B 23 26.53 -23.57 22.11
C PRO B 23 27.56 -22.92 21.19
N GLU B 24 27.49 -23.29 19.90
CA GLU B 24 28.37 -22.66 18.93
C GLU B 24 27.75 -21.44 18.25
N ASN B 25 26.43 -21.42 18.11
CA ASN B 25 25.73 -20.21 17.70
C ASN B 25 24.37 -20.18 18.38
N TRP B 26 23.96 -19.00 18.82
CA TRP B 26 22.72 -18.84 19.58
C TRP B 26 22.13 -17.48 19.25
N LEU B 27 21.04 -17.14 19.96
CA LEU B 27 20.33 -15.87 19.77
C LEU B 27 19.82 -15.72 18.34
N TRP B 28 19.18 -16.77 17.83
CA TRP B 28 18.80 -16.83 16.42
C TRP B 28 17.40 -16.25 16.20
N ARG B 29 16.73 -15.83 17.27
CA ARG B 29 15.39 -15.24 17.21
C ARG B 29 15.37 -13.98 16.33
N VAL B 30 14.20 -13.73 15.74
CA VAL B 30 13.90 -12.52 15.00
C VAL B 30 12.89 -11.73 15.82
N GLU B 31 13.20 -10.46 16.09
CA GLU B 31 12.39 -9.64 16.96
C GLU B 31 11.84 -8.42 16.21
N THR B 32 10.57 -8.10 16.47
CA THR B 32 9.98 -6.86 16.02
C THR B 32 10.44 -5.71 16.91
N VAL B 33 11.15 -4.76 16.33
CA VAL B 33 11.72 -3.63 17.06
C VAL B 33 11.02 -2.37 16.57
N ASP B 34 10.20 -1.77 17.43
CA ASP B 34 9.57 -0.48 17.12
C ASP B 34 10.51 0.64 17.54
N ARG B 35 11.50 0.89 16.67
CA ARG B 35 12.52 1.92 16.86
C ARG B 35 13.48 1.65 18.02
N PHE B 36 13.04 0.95 19.05
CA PHE B 36 13.92 0.63 20.17
C PHE B 36 13.49 -0.69 20.80
N GLN B 37 14.47 -1.49 21.21
CA GLN B 37 14.20 -2.75 21.89
C GLN B 37 15.38 -3.11 22.77
N ILE B 38 15.09 -3.80 23.88
CA ILE B 38 16.08 -4.25 24.84
C ILE B 38 15.80 -5.72 25.13
N LEU B 39 16.76 -6.58 24.81
CA LEU B 39 16.67 -8.01 25.07
C LEU B 39 17.57 -8.36 26.23
N THR B 40 16.99 -8.85 27.32
CA THR B 40 17.74 -9.24 28.51
C THR B 40 18.27 -10.66 28.34
N LEU B 41 19.41 -10.75 27.66
CA LEU B 41 20.05 -12.02 27.36
C LEU B 41 20.63 -12.66 28.62
N TRP B 42 20.59 -13.99 28.66
CA TRP B 42 21.24 -14.77 29.72
C TRP B 42 22.43 -15.47 29.06
N LEU B 43 23.63 -15.06 29.43
CA LEU B 43 24.84 -15.49 28.73
C LEU B 43 25.06 -17.00 28.87
N PRO B 44 25.52 -17.65 27.78
CA PRO B 44 26.00 -19.04 27.85
C PRO B 44 27.21 -19.21 28.76
N ASP B 45 27.65 -20.45 28.96
CA ASP B 45 28.69 -20.77 29.93
C ASP B 45 30.08 -20.92 29.30
N SER B 46 30.21 -20.73 27.98
CA SER B 46 31.48 -20.90 27.30
C SER B 46 32.24 -19.58 27.26
N LEU B 47 33.50 -19.60 27.74
CA LEU B 47 34.35 -18.42 27.80
C LEU B 47 35.04 -18.20 26.47
N THR B 48 34.36 -17.46 25.58
CA THR B 48 34.90 -17.10 24.27
C THR B 48 34.49 -15.66 24.00
N THR B 49 34.59 -15.24 22.73
CA THR B 49 34.09 -13.93 22.30
C THR B 49 33.04 -14.09 21.21
N TRP B 50 31.90 -13.44 21.41
CA TRP B 50 30.72 -13.60 20.56
C TRP B 50 30.62 -12.45 19.55
N GLU B 51 30.29 -12.80 18.31
CA GLU B 51 30.04 -11.81 17.24
C GLU B 51 28.57 -11.91 16.86
N ILE B 52 27.85 -10.79 17.00
CA ILE B 52 26.40 -10.74 16.90
C ILE B 52 25.94 -10.19 15.57
N HIS B 53 25.23 -11.02 14.79
CA HIS B 53 24.59 -10.57 13.55
C HIS B 53 23.51 -9.54 13.83
N GLY B 54 23.27 -8.68 12.85
CA GLY B 54 22.14 -7.77 12.93
C GLY B 54 21.67 -7.27 11.58
N LEU B 55 20.51 -7.75 11.14
CA LEU B 55 19.84 -7.29 9.92
C LEU B 55 18.49 -6.72 10.29
N SER B 56 18.26 -5.46 9.93
CA SER B 56 17.00 -4.79 10.24
C SER B 56 16.23 -4.59 8.94
N LEU B 57 15.07 -5.26 8.85
CA LEU B 57 14.22 -5.20 7.68
C LEU B 57 12.91 -4.51 8.04
N SER B 58 12.55 -3.47 7.29
CA SER B 58 11.31 -2.74 7.57
C SER B 58 10.64 -2.34 6.25
N LYS B 59 9.32 -2.19 6.33
CA LYS B 59 8.51 -1.84 5.17
C LYS B 59 8.88 -0.48 4.58
N THR B 60 9.26 0.49 5.43
CA THR B 60 9.50 1.85 4.97
C THR B 60 10.95 2.22 4.76
N LYS B 61 11.89 1.62 5.51
CA LYS B 61 13.29 1.98 5.41
C LYS B 61 14.15 0.89 4.77
N GLY B 62 13.56 -0.24 4.42
CA GLY B 62 14.28 -1.31 3.75
C GLY B 62 15.32 -2.00 4.63
N LEU B 63 16.24 -2.68 3.97
CA LEU B 63 17.24 -3.49 4.65
C LEU B 63 18.40 -2.67 5.18
N CYS B 64 18.72 -2.86 6.46
CA CYS B 64 19.90 -2.28 7.09
C CYS B 64 20.61 -3.39 7.85
N VAL B 65 21.92 -3.54 7.64
CA VAL B 65 22.73 -4.52 8.35
C VAL B 65 23.74 -3.79 9.23
N ALA B 66 23.68 -4.06 10.53
CA ALA B 66 24.49 -3.36 11.52
C ALA B 66 25.91 -3.89 11.55
N THR B 67 26.81 -3.04 12.02
CA THR B 67 28.17 -3.45 12.36
C THR B 67 28.16 -4.41 13.55
N PRO B 68 28.68 -5.63 13.39
CA PRO B 68 28.58 -6.63 14.48
C PRO B 68 29.16 -6.14 15.79
N VAL B 69 28.52 -6.54 16.89
CA VAL B 69 28.99 -6.25 18.24
C VAL B 69 29.82 -7.41 18.75
N GLN B 70 31.01 -7.12 19.28
CA GLN B 70 31.85 -8.13 19.89
C GLN B 70 31.54 -8.20 21.38
N LEU B 71 31.16 -9.38 21.86
CA LEU B 71 30.87 -9.60 23.27
C LEU B 71 31.63 -10.81 23.77
N ARG B 72 32.54 -10.59 24.73
CA ARG B 72 33.38 -11.66 25.25
C ARG B 72 33.12 -11.85 26.75
N VAL B 73 33.10 -13.10 27.19
CA VAL B 73 32.82 -13.47 28.57
C VAL B 73 34.04 -14.18 29.14
N PHE B 74 34.42 -13.78 30.36
CA PHE B 74 35.68 -14.18 30.95
C PHE B 74 35.49 -14.28 32.47
N ARG B 75 36.05 -15.33 33.07
CA ARG B 75 35.76 -15.64 34.47
C ARG B 75 36.95 -15.41 35.40
N GLU B 76 38.14 -15.16 34.85
CA GLU B 76 39.37 -14.88 35.59
C GLU B 76 39.93 -16.11 36.30
N PHE B 77 39.05 -17.03 36.71
CA PHE B 77 39.44 -18.37 37.12
C PHE B 77 38.49 -19.36 36.46
N HIS B 78 39.04 -20.28 35.66
CA HIS B 78 38.16 -21.18 34.92
C HIS B 78 38.90 -22.43 34.48
N LEU B 79 38.12 -23.44 34.16
CA LEU B 79 38.58 -24.73 33.66
C LEU B 79 38.12 -24.87 32.21
N HIS B 80 39.02 -25.32 31.33
CA HIS B 80 38.67 -25.53 29.93
C HIS B 80 38.89 -26.99 29.57
N LEU B 81 37.91 -27.59 28.89
CA LEU B 81 37.93 -29.00 28.54
C LEU B 81 37.56 -29.17 27.06
N ARG B 82 38.51 -29.58 26.24
CA ARG B 82 38.27 -29.94 24.85
C ARG B 82 38.09 -31.46 24.75
N LEU B 83 36.84 -31.90 24.58
CA LEU B 83 36.58 -33.31 24.35
C LEU B 83 36.77 -33.65 22.88
N PRO B 84 37.29 -34.84 22.56
CA PRO B 84 37.44 -35.24 21.16
C PRO B 84 36.11 -35.28 20.42
N MET B 85 36.20 -35.35 19.10
CA MET B 85 35.00 -35.45 18.27
C MET B 85 34.17 -36.69 18.63
N SER B 86 34.82 -37.84 18.77
CA SER B 86 34.18 -39.05 19.26
C SER B 86 35.25 -40.02 19.77
N VAL B 87 34.89 -40.80 20.79
CA VAL B 87 35.80 -41.75 21.40
C VAL B 87 35.16 -43.14 21.36
N ARG B 88 35.94 -44.13 20.94
CA ARG B 88 35.48 -45.50 20.87
C ARG B 88 35.21 -46.10 22.26
N ARG B 89 34.13 -46.87 22.37
CA ARG B 89 33.85 -47.62 23.59
C ARG B 89 34.95 -48.63 23.90
N PHE B 90 35.30 -48.73 25.19
CA PHE B 90 36.30 -49.65 25.71
C PHE B 90 37.72 -49.32 25.28
N GLU B 91 37.98 -48.10 24.82
CA GLU B 91 39.31 -47.66 24.46
C GLU B 91 39.69 -46.49 25.34
N GLN B 92 40.74 -46.65 26.14
CA GLN B 92 41.14 -45.62 27.08
C GLN B 92 41.55 -44.32 26.36
N LEU B 93 41.17 -43.19 26.95
CA LEU B 93 41.55 -41.88 26.43
C LEU B 93 41.94 -40.99 27.61
N GLU B 94 42.69 -39.94 27.31
CA GLU B 94 43.08 -38.95 28.31
C GLU B 94 42.23 -37.70 28.17
N LEU B 95 41.46 -37.39 29.22
CA LEU B 95 40.76 -36.12 29.32
C LEU B 95 41.70 -35.12 29.98
N ARG B 96 41.82 -33.93 29.39
CA ARG B 96 42.85 -32.97 29.76
C ARG B 96 42.23 -31.62 30.10
N PRO B 97 41.47 -31.54 31.19
CA PRO B 97 41.04 -30.23 31.68
C PRO B 97 42.25 -29.41 32.13
N VAL B 98 42.19 -28.11 31.88
CA VAL B 98 43.28 -27.20 32.22
C VAL B 98 42.71 -26.11 33.11
N LEU B 99 43.33 -25.91 34.27
CA LEU B 99 42.97 -24.82 35.17
C LEU B 99 43.75 -23.58 34.80
N TYR B 100 43.04 -22.44 34.72
CA TYR B 100 43.67 -21.16 34.43
C TYR B 100 43.47 -20.24 35.62
N ASN B 101 44.55 -19.64 36.09
CA ASN B 101 44.53 -18.68 37.20
C ASN B 101 45.05 -17.34 36.69
N TYR B 102 44.17 -16.34 36.65
CA TYR B 102 44.55 -14.99 36.27
C TYR B 102 44.52 -14.02 37.44
N LEU B 103 44.38 -14.52 38.66
CA LEU B 103 44.53 -13.71 39.85
C LEU B 103 45.99 -13.42 40.13
N ASP B 104 46.23 -12.56 41.12
CA ASP B 104 47.58 -12.19 41.54
C ASP B 104 48.06 -13.04 42.72
N LYS B 105 47.30 -14.06 43.10
CA LYS B 105 47.64 -14.96 44.19
C LYS B 105 47.73 -16.38 43.68
N ASN B 106 48.69 -17.14 44.20
CA ASN B 106 48.72 -18.58 43.96
C ASN B 106 47.48 -19.26 44.55
N LEU B 107 46.91 -20.19 43.80
CA LEU B 107 45.71 -20.90 44.20
C LEU B 107 46.00 -22.39 44.34
N THR B 108 45.43 -23.01 45.37
CA THR B 108 45.52 -24.45 45.57
C THR B 108 44.13 -25.05 45.40
N VAL B 109 43.99 -25.95 44.43
CA VAL B 109 42.67 -26.40 43.96
C VAL B 109 42.64 -27.92 43.95
N SER B 110 41.57 -28.51 44.48
CA SER B 110 41.35 -29.96 44.47
C SER B 110 40.41 -30.34 43.33
N VAL B 111 40.90 -31.13 42.39
CA VAL B 111 40.19 -31.43 41.15
C VAL B 111 39.86 -32.92 41.10
N HIS B 112 38.63 -33.24 40.71
CA HIS B 112 38.21 -34.63 40.51
C HIS B 112 37.12 -34.67 39.46
N VAL B 113 37.06 -35.76 38.71
CA VAL B 113 35.95 -36.03 37.80
C VAL B 113 34.88 -36.78 38.58
N SER B 114 33.69 -36.22 38.64
CA SER B 114 32.63 -36.80 39.44
C SER B 114 32.27 -38.21 38.94
N PRO B 115 31.97 -39.13 39.85
CA PRO B 115 31.58 -40.49 39.45
C PRO B 115 30.30 -40.48 38.63
N VAL B 116 30.36 -41.06 37.43
CA VAL B 116 29.23 -41.06 36.51
C VAL B 116 29.01 -42.47 35.98
N GLU B 117 27.75 -42.82 35.77
CA GLU B 117 27.37 -44.12 35.23
C GLU B 117 27.72 -44.18 33.75
N GLY B 118 28.62 -45.09 33.38
CA GLY B 118 29.02 -45.26 32.00
C GLY B 118 30.49 -45.00 31.72
N LEU B 119 31.22 -44.38 32.65
CA LEU B 119 32.64 -44.11 32.49
C LEU B 119 33.42 -44.83 33.58
N CYS B 120 34.55 -45.41 33.19
CA CYS B 120 35.48 -46.04 34.12
C CYS B 120 36.63 -45.08 34.33
N LEU B 121 36.88 -44.71 35.58
CA LEU B 121 37.77 -43.59 35.88
C LEU B 121 38.55 -43.91 37.15
N ALA B 122 39.84 -43.53 37.13
CA ALA B 122 40.82 -43.79 38.17
C ALA B 122 40.28 -43.76 39.59
N GLY B 123 40.38 -44.89 40.29
CA GLY B 123 39.97 -45.03 41.67
C GLY B 123 38.48 -44.99 41.94
N GLY B 124 37.66 -44.96 40.90
CA GLY B 124 36.22 -44.96 41.08
C GLY B 124 35.60 -43.58 41.14
N GLY B 125 36.38 -42.54 40.87
CA GLY B 125 35.93 -41.17 40.82
C GLY B 125 35.82 -40.47 42.16
N GLY B 126 36.06 -41.17 43.28
CA GLY B 126 36.00 -40.54 44.57
C GLY B 126 37.26 -39.78 44.93
N LEU B 127 38.41 -40.27 44.48
CA LEU B 127 39.69 -39.63 44.76
C LEU B 127 39.82 -38.30 44.01
N ALA B 128 40.39 -37.31 44.70
CA ALA B 128 40.59 -35.97 44.13
C ALA B 128 42.06 -35.60 44.22
N GLN B 129 42.51 -34.82 43.24
CA GLN B 129 43.92 -34.44 43.10
C GLN B 129 44.07 -32.95 43.42
N GLN B 130 44.75 -32.65 44.53
CA GLN B 130 45.16 -31.27 44.78
C GLN B 130 46.24 -30.84 43.80
N VAL B 131 46.14 -29.59 43.35
CA VAL B 131 47.14 -28.98 42.50
C VAL B 131 47.19 -27.50 42.82
N LEU B 132 48.36 -26.89 42.67
CA LEU B 132 48.55 -25.48 42.93
C LEU B 132 48.92 -24.77 41.64
N VAL B 133 48.24 -23.65 41.38
CA VAL B 133 48.38 -22.91 40.13
C VAL B 133 48.91 -21.53 40.46
N PRO B 134 50.13 -21.19 40.05
CA PRO B 134 50.66 -19.86 40.31
C PRO B 134 49.81 -18.75 39.71
N ALA B 135 49.96 -17.56 40.28
CA ALA B 135 49.31 -16.38 39.75
C ALA B 135 49.72 -16.13 38.29
N GLY B 136 48.71 -15.91 37.45
CA GLY B 136 48.96 -15.69 36.04
C GLY B 136 49.47 -16.89 35.30
N SER B 137 49.16 -18.09 35.76
CA SER B 137 49.67 -19.32 35.19
C SER B 137 48.54 -20.33 35.05
N ALA B 138 48.78 -21.38 34.27
CA ALA B 138 47.81 -22.45 34.09
C ALA B 138 48.51 -23.79 34.28
N ARG B 139 47.72 -24.83 34.56
CA ARG B 139 48.26 -26.19 34.64
C ARG B 139 47.26 -27.25 34.21
N PRO B 140 47.68 -28.21 33.40
CA PRO B 140 46.80 -29.33 33.04
C PRO B 140 46.55 -30.25 34.22
N VAL B 141 45.33 -30.80 34.28
CA VAL B 141 44.96 -31.76 35.32
C VAL B 141 44.43 -33.01 34.63
N ALA B 142 45.32 -33.68 33.88
CA ALA B 142 44.92 -34.80 33.04
C ALA B 142 44.31 -35.95 33.83
N PHE B 143 43.20 -36.48 33.31
CA PHE B 143 42.52 -37.64 33.86
C PHE B 143 42.46 -38.71 32.77
N SER B 144 42.65 -39.96 33.16
CA SER B 144 42.57 -41.08 32.23
C SER B 144 41.28 -41.84 32.46
N VAL B 145 40.54 -42.07 31.38
CA VAL B 145 39.20 -42.63 31.44
C VAL B 145 39.06 -43.64 30.30
N VAL B 146 38.28 -44.68 30.54
CA VAL B 146 37.86 -45.59 29.47
C VAL B 146 36.34 -45.70 29.51
N PRO B 147 35.65 -45.45 28.40
CA PRO B 147 34.17 -45.39 28.46
C PRO B 147 33.51 -46.75 28.21
N THR B 148 32.54 -47.08 29.06
CA THR B 148 31.83 -48.36 28.97
C THR B 148 30.51 -48.22 28.24
N ALA B 149 29.88 -47.06 28.36
CA ALA B 149 28.61 -46.77 27.70
C ALA B 149 28.72 -46.92 26.19
N ALA B 150 27.56 -47.10 25.56
CA ALA B 150 27.46 -47.37 24.13
C ALA B 150 27.02 -46.15 23.34
N ALA B 151 26.68 -45.04 24.00
CA ALA B 151 26.15 -43.89 23.30
C ALA B 151 26.75 -42.57 23.77
N ALA B 152 26.33 -42.07 24.93
CA ALA B 152 26.85 -40.80 25.40
C ALA B 152 26.78 -40.72 26.92
N VAL B 153 27.76 -40.06 27.52
CA VAL B 153 27.85 -39.86 28.96
C VAL B 153 28.25 -38.42 29.23
N SER B 154 27.51 -37.75 30.13
CA SER B 154 27.89 -36.41 30.59
C SER B 154 28.87 -36.55 31.73
N LEU B 155 30.05 -35.95 31.59
CA LEU B 155 31.09 -36.02 32.62
C LEU B 155 31.32 -34.63 33.19
N LYS B 156 31.41 -34.55 34.51
CA LYS B 156 31.54 -33.29 35.22
C LYS B 156 32.89 -33.24 35.93
N VAL B 157 33.74 -32.28 35.53
CA VAL B 157 35.03 -32.05 36.16
C VAL B 157 34.84 -30.94 37.19
N VAL B 158 35.23 -31.20 38.44
CA VAL B 158 35.00 -30.27 39.54
C VAL B 158 36.34 -29.85 40.11
N ALA B 159 36.52 -28.55 40.27
CA ALA B 159 37.74 -27.97 40.85
C ALA B 159 37.37 -27.19 42.09
N ARG B 160 37.76 -27.69 43.26
CA ARG B 160 37.37 -27.10 44.54
C ARG B 160 38.58 -26.37 45.10
N GLY B 161 38.53 -25.04 45.10
CA GLY B 161 39.60 -24.25 45.69
C GLY B 161 39.59 -24.23 47.21
N SER B 162 40.63 -23.62 47.75
CA SER B 162 40.81 -23.45 49.19
C SER B 162 39.64 -22.69 49.81
N PHE B 163 39.41 -22.93 51.09
CA PHE B 163 38.43 -22.13 51.81
C PHE B 163 38.97 -20.73 52.09
N GLU B 164 40.30 -20.61 52.16
CA GLU B 164 40.93 -19.29 52.29
C GLU B 164 40.62 -18.41 51.08
N PHE B 165 40.72 -18.97 49.88
CA PHE B 165 40.30 -18.29 48.65
C PHE B 165 39.28 -19.14 47.93
N PRO B 166 37.98 -18.83 48.06
CA PRO B 166 36.94 -19.74 47.54
C PRO B 166 36.83 -19.78 46.02
N VAL B 167 37.97 -19.81 45.31
CA VAL B 167 37.94 -20.05 43.89
C VAL B 167 37.37 -21.44 43.59
N GLY B 168 36.71 -21.56 42.44
CA GLY B 168 36.11 -22.83 42.07
C GLY B 168 35.38 -22.78 40.75
N ASP B 169 35.31 -23.94 40.07
CA ASP B 169 34.67 -24.04 38.77
C ASP B 169 34.32 -25.49 38.52
N ALA B 170 33.35 -25.71 37.62
CA ALA B 170 32.93 -27.05 37.26
C ALA B 170 32.42 -27.05 35.82
N VAL B 171 32.81 -28.07 35.06
CA VAL B 171 32.42 -28.20 33.65
C VAL B 171 31.75 -29.55 33.44
N SER B 172 30.48 -29.52 33.08
CA SER B 172 29.71 -30.71 32.73
C SER B 172 29.53 -30.74 31.22
N LYS B 173 30.04 -31.78 30.57
CA LYS B 173 30.10 -31.80 29.11
C LYS B 173 29.87 -33.23 28.63
N VAL B 174 29.17 -33.37 27.50
CA VAL B 174 28.68 -34.66 27.01
C VAL B 174 29.71 -35.29 26.07
N LEU B 175 30.17 -36.49 26.44
CA LEU B 175 31.16 -37.23 25.65
C LEU B 175 30.45 -38.22 24.73
N GLN B 176 30.73 -38.13 23.43
CA GLN B 176 30.10 -38.98 22.43
C GLN B 176 30.92 -40.26 22.25
N ILE B 177 30.28 -41.40 22.44
CA ILE B 177 30.91 -42.71 22.23
C ILE B 177 30.64 -43.20 20.81
N GLU B 178 31.72 -43.48 20.08
CA GLU B 178 31.62 -43.98 18.71
C GLU B 178 31.02 -45.40 18.69
N LYS B 179 30.15 -45.64 17.70
CA LYS B 179 29.55 -46.95 17.51
C LYS B 179 30.61 -48.03 17.25
N GLU B 180 30.22 -49.26 17.55
CA GLU B 180 31.09 -50.43 17.37
C GLU B 180 31.47 -50.60 15.91
N GLY B 181 32.71 -51.05 15.68
CA GLY B 181 33.29 -51.05 14.35
C GLY B 181 33.58 -49.64 13.84
N ALA B 182 33.84 -49.56 12.53
CA ALA B 182 34.18 -48.30 11.90
C ALA B 182 33.39 -48.10 10.61
N ILE B 183 33.21 -46.84 10.25
CA ILE B 183 32.43 -46.45 9.08
C ILE B 183 33.09 -46.92 7.79
N HIS B 184 32.26 -47.40 6.86
CA HIS B 184 32.68 -47.79 5.52
C HIS B 184 31.57 -47.44 4.56
N ARG B 185 31.92 -47.28 3.28
CA ARG B 185 30.94 -46.84 2.29
C ARG B 185 31.24 -47.47 0.94
N GLU B 186 30.19 -47.92 0.26
CA GLU B 186 30.26 -48.51 -1.06
C GLU B 186 29.34 -47.73 -1.99
N GLU B 187 29.88 -47.27 -3.12
CA GLU B 187 29.08 -46.56 -4.12
C GLU B 187 28.89 -47.44 -5.35
N LEU B 188 27.64 -47.66 -5.73
CA LEU B 188 27.27 -48.46 -6.89
C LEU B 188 26.90 -47.53 -8.04
N VAL B 189 27.55 -47.69 -9.18
CA VAL B 189 27.43 -46.76 -10.30
C VAL B 189 26.75 -47.47 -11.46
N TYR B 190 25.66 -46.88 -11.95
CA TYR B 190 24.91 -47.39 -13.09
C TYR B 190 24.65 -46.26 -14.06
N GLU B 191 25.12 -46.39 -15.29
CA GLU B 191 24.82 -45.41 -16.33
C GLU B 191 23.35 -45.50 -16.75
N LEU B 192 22.76 -44.34 -17.05
CA LEU B 192 21.34 -44.23 -17.34
C LEU B 192 21.12 -43.83 -18.79
N ASN B 193 20.08 -44.42 -19.40
CA ASN B 193 19.64 -44.05 -20.74
C ASN B 193 18.24 -44.59 -20.98
N PRO B 194 17.20 -43.84 -20.61
CA PRO B 194 15.82 -44.28 -20.85
C PRO B 194 15.34 -44.04 -22.28
N LEU B 195 16.16 -43.46 -23.14
CA LEU B 195 15.83 -43.31 -24.55
C LEU B 195 15.93 -44.67 -25.24
N ASP B 196 14.81 -45.12 -25.81
CA ASP B 196 14.61 -46.49 -26.28
C ASP B 196 14.74 -47.48 -25.13
N HIS B 197 14.66 -48.78 -25.43
CA HIS B 197 14.68 -49.84 -24.43
C HIS B 197 16.11 -50.30 -24.19
N ARG B 198 16.69 -49.87 -23.07
CA ARG B 198 18.05 -50.22 -22.71
C ARG B 198 18.12 -50.44 -21.20
N GLY B 199 17.99 -49.37 -20.43
CA GLY B 199 18.10 -49.42 -18.98
C GLY B 199 16.88 -48.82 -18.30
N ARG B 200 15.72 -48.92 -18.95
CA ARG B 200 14.48 -48.41 -18.38
C ARG B 200 14.15 -49.07 -17.04
N THR B 201 14.41 -50.36 -16.87
CA THR B 201 14.11 -51.03 -15.61
C THR B 201 15.22 -51.98 -15.21
N LEU B 202 15.62 -51.91 -13.94
CA LEU B 202 16.71 -52.71 -13.40
C LEU B 202 16.53 -52.83 -11.88
N GLU B 203 17.25 -53.78 -11.29
CA GLU B 203 17.18 -54.07 -9.87
C GLU B 203 18.59 -54.22 -9.30
N ILE B 204 18.87 -53.50 -8.23
CA ILE B 204 20.21 -53.35 -7.69
C ILE B 204 20.29 -54.11 -6.36
N PRO B 205 21.28 -54.98 -6.17
CA PRO B 205 21.42 -55.71 -4.90
C PRO B 205 22.23 -54.97 -3.86
N GLY B 206 21.93 -55.26 -2.59
CA GLY B 206 22.64 -54.67 -1.47
C GLY B 206 24.01 -55.28 -1.22
N ASN B 207 24.51 -55.06 -0.01
CA ASN B 207 25.81 -55.57 0.42
C ASN B 207 25.67 -56.92 1.13
N SER B 208 26.08 -57.99 0.44
CA SER B 208 26.09 -59.32 1.05
C SER B 208 27.03 -59.39 2.25
N ASP B 209 28.25 -58.85 2.09
CA ASP B 209 29.37 -58.78 3.02
C ASP B 209 29.03 -58.98 4.49
N PRO B 210 29.50 -60.07 5.11
CA PRO B 210 29.29 -60.27 6.55
C PRO B 210 30.26 -59.50 7.43
N ASN B 211 31.05 -58.62 6.84
CA ASN B 211 31.96 -57.74 7.59
C ASN B 211 31.21 -56.63 8.30
N MET B 212 30.00 -56.31 7.84
CA MET B 212 29.16 -55.32 8.49
C MET B 212 28.79 -55.71 9.92
N ILE B 213 28.75 -54.70 10.78
CA ILE B 213 28.24 -54.83 12.14
C ILE B 213 26.71 -54.73 12.09
N PRO B 214 25.99 -55.71 12.64
CA PRO B 214 24.53 -55.73 12.42
C PRO B 214 23.79 -54.60 13.11
N ASP B 215 24.12 -54.29 14.36
CA ASP B 215 23.38 -53.32 15.14
C ASP B 215 23.99 -51.93 15.08
N GLY B 216 25.02 -51.74 14.27
CA GLY B 216 25.61 -50.43 14.05
C GLY B 216 24.73 -49.51 13.22
N ASP B 217 25.26 -48.32 12.97
CA ASP B 217 24.59 -47.32 12.14
C ASP B 217 24.43 -47.83 10.71
N PHE B 218 23.30 -47.49 10.09
CA PHE B 218 23.03 -47.87 8.71
C PHE B 218 22.35 -46.69 8.02
N ASN B 219 22.96 -46.20 6.94
CA ASN B 219 22.40 -45.12 6.12
C ASN B 219 22.71 -45.38 4.65
N SER B 220 21.78 -45.01 3.78
CA SER B 220 21.97 -45.18 2.35
C SER B 220 21.46 -43.95 1.59
N TYR B 221 22.24 -43.51 0.61
CA TYR B 221 21.96 -42.29 -0.15
C TYR B 221 21.89 -42.60 -1.64
N VAL B 222 20.89 -42.02 -2.32
CA VAL B 222 20.68 -42.18 -3.75
C VAL B 222 20.78 -40.83 -4.44
N ARG B 223 21.64 -40.74 -5.46
CA ARG B 223 21.91 -39.49 -6.14
C ARG B 223 22.23 -39.75 -7.60
N VAL B 224 21.89 -38.78 -8.45
CA VAL B 224 21.87 -38.98 -9.90
C VAL B 224 22.36 -37.73 -10.61
N THR B 225 23.20 -37.94 -11.63
CA THR B 225 23.81 -36.88 -12.44
C THR B 225 23.41 -37.08 -13.89
N ALA B 226 22.93 -36.02 -14.55
CA ALA B 226 22.61 -36.06 -15.97
C ALA B 226 23.60 -35.18 -16.74
N SER B 227 24.02 -35.66 -17.91
CA SER B 227 25.03 -35.01 -18.74
C SER B 227 24.49 -34.77 -20.14
N ASP B 228 24.29 -33.49 -20.51
CA ASP B 228 23.95 -33.15 -21.88
C ASP B 228 25.22 -32.99 -22.72
N PRO B 229 25.10 -33.16 -24.05
CA PRO B 229 26.23 -32.88 -24.94
C PRO B 229 26.95 -31.56 -24.67
N LEU B 230 28.29 -31.60 -24.83
CA LEU B 230 29.14 -30.43 -24.65
C LEU B 230 29.52 -29.79 -25.98
N ASP B 231 28.98 -30.30 -27.08
CA ASP B 231 29.24 -29.77 -28.42
C ASP B 231 28.87 -28.31 -28.56
N THR B 232 29.58 -27.61 -29.45
CA THR B 232 29.34 -26.19 -29.69
C THR B 232 28.37 -25.96 -30.84
N LEU B 233 27.77 -27.04 -31.37
CA LEU B 233 26.70 -27.05 -32.37
C LEU B 233 27.16 -26.76 -33.79
N GLY B 234 26.52 -27.41 -34.75
CA GLY B 234 26.78 -27.26 -36.17
C GLY B 234 25.82 -26.36 -36.91
N SER B 235 24.70 -26.01 -36.27
CA SER B 235 23.68 -25.19 -36.90
C SER B 235 24.20 -23.81 -37.29
N GLU B 236 23.73 -23.33 -38.44
CA GLU B 236 24.08 -22.03 -39.00
C GLU B 236 22.95 -21.00 -38.86
N GLY B 237 22.01 -20.99 -39.80
CA GLY B 237 20.88 -20.06 -39.80
C GLY B 237 21.23 -18.58 -39.84
N ALA B 238 20.23 -17.76 -39.50
CA ALA B 238 20.34 -16.30 -39.46
C ALA B 238 20.77 -15.71 -40.81
N LEU B 239 19.93 -15.95 -41.81
CA LEU B 239 20.07 -15.28 -43.10
C LEU B 239 19.98 -13.77 -42.96
N SER B 240 20.89 -13.06 -43.65
CA SER B 240 21.31 -11.66 -43.53
C SER B 240 20.28 -10.73 -42.88
N PRO B 241 20.66 -10.03 -41.81
CA PRO B 241 19.71 -9.16 -41.10
C PRO B 241 19.67 -7.76 -41.68
N GLY B 242 18.84 -7.57 -42.71
CA GLY B 242 18.71 -6.28 -43.36
C GLY B 242 18.45 -6.46 -44.84
N GLY B 243 18.88 -7.62 -45.36
CA GLY B 243 18.57 -7.96 -46.73
C GLY B 243 17.12 -8.34 -46.89
N VAL B 244 16.61 -9.14 -45.95
CA VAL B 244 15.21 -9.54 -45.94
C VAL B 244 14.31 -8.32 -45.76
N ALA B 245 14.75 -7.35 -44.94
CA ALA B 245 14.01 -6.12 -44.74
C ALA B 245 14.03 -5.19 -45.95
N SER B 246 14.84 -5.48 -46.96
CA SER B 246 14.86 -4.71 -48.19
C SER B 246 13.85 -5.23 -49.22
N LEU B 247 13.19 -6.34 -48.92
CA LEU B 247 12.14 -6.88 -49.76
C LEU B 247 10.79 -6.23 -49.52
N LEU B 248 10.64 -5.54 -48.39
CA LEU B 248 9.41 -4.83 -48.02
C LEU B 248 9.20 -3.64 -48.95
N ARG B 249 8.25 -3.78 -49.88
CA ARG B 249 8.00 -2.75 -50.90
C ARG B 249 6.50 -2.60 -51.05
N LEU B 250 6.02 -1.37 -50.98
CA LEU B 250 4.59 -1.10 -51.10
C LEU B 250 4.08 -1.49 -52.50
N PRO B 251 3.00 -2.26 -52.58
CA PRO B 251 2.41 -2.61 -53.90
C PRO B 251 2.05 -1.37 -54.71
N ARG B 252 2.54 -1.33 -55.95
CA ARG B 252 2.25 -0.25 -56.88
C ARG B 252 1.30 -0.71 -57.98
N GLY B 253 1.78 -1.53 -58.92
CA GLY B 253 1.01 -1.90 -60.09
C GLY B 253 -0.20 -2.76 -59.79
N CYS B 254 -0.94 -3.07 -60.85
CA CYS B 254 -2.08 -3.99 -60.81
C CYS B 254 -1.72 -5.37 -60.25
N GLY B 255 -2.76 -6.18 -60.01
CA GLY B 255 -2.72 -7.43 -59.28
C GLY B 255 -1.47 -8.30 -59.28
N GLU B 256 -1.02 -8.70 -60.47
CA GLU B 256 0.19 -9.52 -60.57
C GLU B 256 1.43 -8.76 -60.07
N GLN B 257 1.59 -7.51 -60.49
CA GLN B 257 2.67 -6.68 -59.95
C GLN B 257 2.51 -6.43 -58.45
N THR B 258 1.27 -6.18 -58.00
CA THR B 258 1.00 -6.10 -56.57
C THR B 258 1.42 -7.37 -55.83
N MET B 259 1.07 -8.54 -56.36
CA MET B 259 1.53 -9.81 -55.77
C MET B 259 3.04 -9.99 -55.83
N ILE B 260 3.68 -9.57 -56.92
CA ILE B 260 5.14 -9.60 -56.97
C ILE B 260 5.75 -8.75 -55.86
N TYR B 261 5.15 -7.61 -55.55
CA TYR B 261 5.56 -6.81 -54.40
C TYR B 261 5.12 -7.39 -53.06
N LEU B 262 3.84 -7.74 -52.93
CA LEU B 262 3.27 -8.19 -51.67
C LEU B 262 3.79 -9.54 -51.18
N ALA B 263 3.93 -10.53 -52.06
CA ALA B 263 4.35 -11.85 -51.62
C ALA B 263 5.73 -11.91 -50.96
N PRO B 264 6.77 -11.25 -51.46
CA PRO B 264 8.01 -11.15 -50.66
C PRO B 264 7.87 -10.28 -49.42
N THR B 265 7.08 -9.20 -49.50
CA THR B 265 6.84 -8.35 -48.34
C THR B 265 6.18 -9.11 -47.18
N LEU B 266 5.16 -9.90 -47.47
CA LEU B 266 4.60 -10.79 -46.46
C LEU B 266 5.60 -11.86 -46.01
N ALA B 267 6.26 -12.53 -46.96
CA ALA B 267 7.22 -13.57 -46.62
C ALA B 267 8.38 -13.05 -45.79
N ALA B 268 8.92 -11.88 -46.14
CA ALA B 268 9.94 -11.23 -45.32
C ALA B 268 9.44 -10.92 -43.91
N SER B 269 8.24 -10.35 -43.80
CA SER B 269 7.66 -10.11 -42.48
C SER B 269 7.46 -11.38 -41.66
N ARG B 270 6.92 -12.43 -42.29
CA ARG B 270 6.81 -13.72 -41.62
C ARG B 270 8.16 -14.31 -41.24
N TYR B 271 9.15 -14.25 -42.13
CA TYR B 271 10.50 -14.71 -41.77
C TYR B 271 11.09 -13.92 -40.60
N LEU B 272 11.01 -12.59 -40.67
CA LEU B 272 11.52 -11.75 -39.59
C LEU B 272 10.80 -12.02 -38.26
N ASP B 273 9.47 -12.15 -38.31
CA ASP B 273 8.74 -12.70 -37.17
C ASP B 273 9.31 -14.04 -36.72
N LYS B 274 9.23 -15.05 -37.59
CA LYS B 274 9.62 -16.41 -37.20
C LYS B 274 11.09 -16.51 -36.76
N THR B 275 11.99 -15.76 -37.37
CA THR B 275 13.41 -15.87 -37.01
C THR B 275 13.83 -14.89 -35.91
N GLU B 276 12.94 -13.99 -35.50
CA GLU B 276 13.21 -12.97 -34.47
C GLU B 276 14.42 -12.09 -34.81
N GLN B 277 14.38 -11.44 -35.97
CA GLN B 277 15.41 -10.48 -36.32
C GLN B 277 14.90 -9.04 -36.34
N TRP B 278 13.71 -8.79 -35.77
CA TRP B 278 13.22 -7.43 -35.62
C TRP B 278 14.14 -6.58 -34.75
N SER B 279 14.70 -7.19 -33.70
CA SER B 279 15.63 -6.49 -32.82
C SER B 279 16.85 -5.94 -33.56
N THR B 280 17.27 -6.57 -34.65
CA THR B 280 18.41 -6.08 -35.40
C THR B 280 18.02 -5.17 -36.56
N LEU B 281 16.75 -4.75 -36.62
CA LEU B 281 16.27 -3.86 -37.64
C LEU B 281 15.69 -2.60 -36.99
N PRO B 282 15.59 -1.50 -37.74
CA PRO B 282 14.88 -0.31 -37.23
C PRO B 282 13.55 -0.66 -36.60
N PRO B 283 13.22 -0.06 -35.46
CA PRO B 283 12.23 -0.68 -34.57
C PRO B 283 10.82 -0.62 -35.13
N GLU B 284 10.51 0.42 -35.89
CA GLU B 284 9.21 0.66 -36.47
C GLU B 284 9.03 -0.02 -37.83
N THR B 285 10.00 -0.83 -38.26
CA THR B 285 9.88 -1.55 -39.52
C THR B 285 8.71 -2.52 -39.52
N LYS B 286 8.47 -3.22 -38.41
CA LYS B 286 7.33 -4.12 -38.33
C LYS B 286 6.01 -3.38 -38.50
N ASP B 287 5.88 -2.21 -37.88
CA ASP B 287 4.71 -1.37 -38.10
C ASP B 287 4.54 -0.99 -39.57
N HIS B 288 5.63 -0.59 -40.21
CA HIS B 288 5.61 -0.32 -41.65
C HIS B 288 5.24 -1.54 -42.47
N ALA B 289 5.85 -2.69 -42.17
CA ALA B 289 5.52 -3.94 -42.85
C ALA B 289 4.06 -4.34 -42.68
N VAL B 290 3.53 -4.27 -41.46
CA VAL B 290 2.11 -4.53 -41.23
C VAL B 290 1.21 -3.56 -41.99
N ASP B 291 1.54 -2.28 -41.99
CA ASP B 291 0.82 -1.33 -42.84
C ASP B 291 0.91 -1.67 -44.32
N LEU B 292 2.08 -2.11 -44.79
CA LEU B 292 2.18 -2.64 -46.16
C LEU B 292 1.30 -3.86 -46.39
N ILE B 293 1.27 -4.79 -45.44
CA ILE B 293 0.34 -5.92 -45.54
C ILE B 293 -1.12 -5.47 -45.54
N GLN B 294 -1.47 -4.54 -44.65
CA GLN B 294 -2.82 -3.96 -44.68
C GLN B 294 -3.13 -3.27 -46.01
N LYS B 295 -2.19 -2.47 -46.53
CA LYS B 295 -2.33 -1.90 -47.86
C LYS B 295 -2.46 -2.98 -48.94
N GLY B 296 -1.64 -4.03 -48.86
CA GLY B 296 -1.77 -5.14 -49.78
C GLY B 296 -3.12 -5.85 -49.73
N TYR B 297 -3.63 -6.12 -48.54
CA TYR B 297 -4.95 -6.72 -48.42
C TYR B 297 -6.05 -5.84 -48.98
N MET B 298 -6.04 -4.55 -48.64
CA MET B 298 -7.01 -3.60 -49.22
C MET B 298 -6.87 -3.50 -50.73
N ARG B 299 -5.64 -3.43 -51.24
CA ARG B 299 -5.39 -3.39 -52.69
C ARG B 299 -5.94 -4.60 -53.43
N ILE B 300 -5.61 -5.81 -52.99
CA ILE B 300 -5.94 -7.00 -53.77
C ILE B 300 -7.45 -7.25 -53.87
N GLN B 301 -8.22 -6.93 -52.84
CA GLN B 301 -9.66 -7.21 -52.89
C GLN B 301 -10.42 -6.30 -53.85
N GLN B 302 -9.79 -5.24 -54.36
CA GLN B 302 -10.36 -4.45 -55.45
C GLN B 302 -10.21 -5.12 -56.81
N PHE B 303 -9.39 -6.17 -56.94
CA PHE B 303 -9.25 -6.94 -58.17
C PHE B 303 -9.89 -8.31 -58.03
N ARG B 304 -10.72 -8.51 -57.00
CA ARG B 304 -11.35 -9.80 -56.73
C ARG B 304 -12.58 -9.98 -57.60
N LYS B 305 -12.52 -10.96 -58.51
CA LYS B 305 -13.63 -11.25 -59.42
C LYS B 305 -14.68 -12.11 -58.71
N ALA B 306 -15.80 -12.30 -59.41
CA ALA B 306 -16.97 -13.03 -58.95
C ALA B 306 -16.71 -14.20 -57.99
N ASP B 307 -17.12 -14.01 -56.73
CA ASP B 307 -16.84 -14.83 -55.55
C ASP B 307 -15.55 -15.65 -55.58
N GLY B 308 -14.41 -14.97 -55.59
CA GLY B 308 -13.17 -15.61 -55.22
C GLY B 308 -12.22 -16.07 -56.31
N SER B 309 -11.97 -15.23 -57.30
CA SER B 309 -11.02 -15.56 -58.35
C SER B 309 -10.32 -14.28 -58.78
N TYR B 310 -9.08 -14.42 -59.26
CA TYR B 310 -8.22 -13.26 -59.47
C TYR B 310 -7.58 -13.23 -60.85
N ALA B 311 -7.53 -12.03 -61.40
CA ALA B 311 -6.71 -11.69 -62.55
C ALA B 311 -6.20 -10.28 -62.32
N ALA B 312 -5.12 -9.91 -63.01
CA ALA B 312 -4.56 -8.58 -62.80
C ALA B 312 -5.59 -7.51 -63.10
N TRP B 313 -6.33 -7.67 -64.19
CA TRP B 313 -7.41 -6.78 -64.58
C TRP B 313 -8.72 -7.57 -64.63
N LEU B 314 -9.80 -6.91 -64.16
CA LEU B 314 -11.08 -7.60 -63.98
C LEU B 314 -11.60 -8.22 -65.28
N SER B 315 -11.36 -7.55 -66.40
CA SER B 315 -11.79 -8.07 -67.70
C SER B 315 -11.16 -9.42 -68.02
N ARG B 316 -9.89 -9.60 -67.67
CA ARG B 316 -9.20 -10.86 -67.93
C ARG B 316 -9.83 -12.04 -67.19
N ASP B 317 -9.84 -13.19 -67.88
CA ASP B 317 -10.28 -14.44 -67.28
C ASP B 317 -9.36 -14.86 -66.14
N SER B 318 -9.96 -15.35 -65.06
CA SER B 318 -9.22 -15.63 -63.83
C SER B 318 -8.15 -16.69 -64.03
N SER B 319 -7.00 -16.46 -63.39
CA SER B 319 -5.89 -17.41 -63.39
C SER B 319 -6.01 -18.34 -62.18
N THR B 320 -5.98 -19.65 -62.43
CA THR B 320 -5.95 -20.63 -61.36
C THR B 320 -4.69 -20.52 -60.49
N TRP B 321 -3.54 -20.38 -61.15
CA TRP B 321 -2.27 -20.27 -60.43
C TRP B 321 -2.23 -19.02 -59.55
N LEU B 322 -2.62 -17.86 -60.09
CA LEU B 322 -2.64 -16.64 -59.30
C LEU B 322 -3.66 -16.72 -58.16
N THR B 323 -4.86 -17.24 -58.43
CA THR B 323 -5.88 -17.41 -57.39
C THR B 323 -5.38 -18.28 -56.25
N ALA B 324 -4.72 -19.40 -56.56
CA ALA B 324 -4.05 -20.20 -55.53
C ALA B 324 -2.95 -19.42 -54.82
N PHE B 325 -2.11 -18.72 -55.57
CA PHE B 325 -1.05 -17.91 -54.97
C PHE B 325 -1.60 -16.79 -54.08
N VAL B 326 -2.63 -16.08 -54.56
CA VAL B 326 -3.31 -15.08 -53.74
C VAL B 326 -3.96 -15.69 -52.49
N LEU B 327 -4.60 -16.84 -52.64
CA LEU B 327 -5.15 -17.55 -51.48
C LEU B 327 -4.09 -17.92 -50.46
N LYS B 328 -2.96 -18.46 -50.91
CA LYS B 328 -1.85 -18.75 -50.01
C LYS B 328 -1.33 -17.51 -49.30
N VAL B 329 -1.15 -16.41 -50.04
CA VAL B 329 -0.73 -15.15 -49.43
C VAL B 329 -1.75 -14.65 -48.41
N LEU B 330 -3.03 -14.60 -48.76
CA LEU B 330 -4.01 -13.96 -47.88
C LEU B 330 -4.47 -14.86 -46.73
N SER B 331 -4.43 -16.18 -46.89
CA SER B 331 -4.64 -17.07 -45.76
C SER B 331 -3.58 -16.89 -44.67
N LEU B 332 -2.31 -16.78 -45.06
CA LEU B 332 -1.26 -16.44 -44.10
C LEU B 332 -1.39 -15.02 -43.57
N ALA B 333 -1.75 -14.06 -44.43
CA ALA B 333 -1.95 -12.69 -44.00
C ALA B 333 -3.06 -12.56 -42.95
N GLN B 334 -4.05 -13.46 -42.99
CA GLN B 334 -5.12 -13.46 -41.99
C GLN B 334 -4.61 -13.48 -40.55
N GLU B 335 -3.49 -14.16 -40.29
CA GLU B 335 -2.89 -14.11 -38.95
C GLU B 335 -2.48 -12.70 -38.54
N GLN B 336 -1.77 -11.98 -39.42
CA GLN B 336 -1.39 -10.60 -39.09
C GLN B 336 -2.59 -9.68 -39.10
N VAL B 337 -3.44 -9.77 -40.11
CA VAL B 337 -4.47 -8.77 -40.40
C VAL B 337 -5.82 -9.47 -40.38
N GLY B 338 -6.75 -8.94 -39.59
CA GLY B 338 -8.07 -9.52 -39.48
C GLY B 338 -8.92 -9.28 -40.70
N GLY B 339 -8.54 -9.90 -41.81
CA GLY B 339 -9.32 -9.85 -43.04
C GLY B 339 -10.63 -10.59 -42.94
N SER B 340 -11.39 -10.53 -44.04
CA SER B 340 -12.66 -11.24 -44.11
C SER B 340 -12.43 -12.73 -44.33
N PRO B 341 -12.99 -13.59 -43.47
CA PRO B 341 -12.83 -15.04 -43.68
C PRO B 341 -13.63 -15.57 -44.86
N GLU B 342 -14.88 -15.13 -44.99
CA GLU B 342 -15.79 -15.65 -46.02
C GLU B 342 -15.25 -15.46 -47.44
N LYS B 343 -14.59 -14.33 -47.70
CA LYS B 343 -13.93 -14.14 -48.99
C LYS B 343 -12.88 -15.22 -49.28
N LEU B 344 -12.05 -15.56 -48.29
CA LEU B 344 -11.12 -16.68 -48.47
C LEU B 344 -11.84 -18.01 -48.64
N GLN B 345 -12.92 -18.23 -47.89
CA GLN B 345 -13.73 -19.44 -48.09
C GLN B 345 -14.29 -19.55 -49.50
N GLU B 346 -14.79 -18.43 -50.06
CA GLU B 346 -15.20 -18.40 -51.45
C GLU B 346 -14.05 -18.66 -52.43
N THR B 347 -12.88 -18.06 -52.18
CA THR B 347 -11.71 -18.27 -53.04
C THR B 347 -11.27 -19.74 -53.11
N SER B 348 -11.22 -20.42 -51.98
CA SER B 348 -10.96 -21.86 -51.99
C SER B 348 -12.04 -22.65 -52.71
N ASN B 349 -13.31 -22.30 -52.49
CA ASN B 349 -14.41 -22.94 -53.21
C ASN B 349 -14.29 -22.81 -54.72
N TRP B 350 -13.87 -21.63 -55.22
CA TRP B 350 -13.63 -21.48 -56.66
C TRP B 350 -12.55 -22.42 -57.18
N LEU B 351 -11.48 -22.63 -56.43
CA LEU B 351 -10.45 -23.60 -56.81
C LEU B 351 -10.99 -25.03 -56.88
N LEU B 352 -11.93 -25.39 -56.00
CA LEU B 352 -12.56 -26.70 -56.06
C LEU B 352 -13.19 -26.98 -57.43
N SER B 353 -13.78 -25.98 -58.07
CA SER B 353 -14.37 -26.17 -59.38
C SER B 353 -13.36 -26.01 -60.53
N GLN B 354 -12.08 -25.91 -60.22
CA GLN B 354 -11.01 -26.05 -61.21
C GLN B 354 -10.38 -27.42 -61.19
N GLN B 355 -10.76 -28.27 -60.23
CA GLN B 355 -10.35 -29.67 -60.22
C GLN B 355 -11.11 -30.45 -61.28
N GLN B 356 -10.45 -31.44 -61.86
CA GLN B 356 -11.07 -32.29 -62.86
C GLN B 356 -11.77 -33.46 -62.16
N ALA B 357 -12.05 -34.53 -62.91
CA ALA B 357 -12.71 -35.69 -62.32
C ALA B 357 -11.84 -36.31 -61.22
N ASP B 358 -10.55 -36.48 -61.50
CA ASP B 358 -9.61 -36.91 -60.48
C ASP B 358 -9.07 -35.71 -59.72
N GLY B 359 -7.81 -35.78 -59.28
CA GLY B 359 -7.21 -34.74 -58.48
C GLY B 359 -6.58 -33.58 -59.25
N SER B 360 -6.34 -33.79 -60.54
CA SER B 360 -5.63 -32.81 -61.37
C SER B 360 -6.33 -31.46 -61.43
N PHE B 361 -5.53 -30.41 -61.45
CA PHE B 361 -5.98 -29.02 -61.59
C PHE B 361 -5.31 -28.42 -62.82
N GLN B 362 -6.00 -27.46 -63.46
CA GLN B 362 -5.43 -26.74 -64.59
C GLN B 362 -5.75 -25.26 -64.50
N ASP B 363 -4.99 -24.46 -65.24
CA ASP B 363 -5.16 -23.00 -65.29
C ASP B 363 -5.62 -22.56 -66.67
N PRO B 364 -6.83 -22.01 -66.81
CA PRO B 364 -7.33 -21.62 -68.13
C PRO B 364 -6.78 -20.30 -68.66
N CYS B 365 -5.97 -19.57 -67.88
CA CYS B 365 -5.41 -18.29 -68.31
C CYS B 365 -4.31 -17.84 -67.35
N PRO B 366 -3.10 -18.40 -67.46
CA PRO B 366 -2.02 -18.07 -66.52
C PRO B 366 -1.63 -16.59 -66.52
N VAL B 367 -0.84 -16.25 -65.49
CA VAL B 367 -0.19 -14.95 -65.37
C VAL B 367 0.65 -14.59 -66.61
N LEU B 368 0.75 -13.28 -66.87
CA LEU B 368 1.48 -12.78 -68.03
C LEU B 368 2.97 -13.09 -67.97
N ASP B 369 3.60 -12.93 -66.81
CA ASP B 369 5.04 -13.14 -66.67
C ASP B 369 5.32 -14.43 -65.93
N ARG B 370 6.20 -15.26 -66.51
CA ARG B 370 6.55 -16.55 -65.96
C ARG B 370 7.46 -16.44 -64.74
N SER B 371 8.03 -15.25 -64.50
CA SER B 371 8.86 -15.03 -63.31
C SER B 371 8.11 -15.30 -62.02
N MET B 372 6.81 -14.99 -61.98
CA MET B 372 5.98 -15.38 -60.85
C MET B 372 5.98 -16.89 -60.63
N GLN B 373 5.99 -17.66 -61.71
CA GLN B 373 5.81 -19.11 -61.63
C GLN B 373 7.14 -19.86 -61.58
N GLY B 374 8.26 -19.14 -61.63
CA GLY B 374 9.56 -19.77 -61.52
C GLY B 374 10.11 -20.28 -62.82
N GLY B 375 9.68 -19.69 -63.94
CA GLY B 375 10.11 -20.15 -65.25
C GLY B 375 9.53 -21.52 -65.54
N LEU B 376 8.29 -21.76 -65.12
CA LEU B 376 7.64 -23.06 -65.27
C LEU B 376 7.17 -23.26 -66.71
N VAL B 377 8.11 -23.12 -67.63
CA VAL B 377 7.86 -23.34 -69.05
C VAL B 377 8.03 -24.82 -69.31
N GLY B 378 7.06 -25.43 -69.96
CA GLY B 378 7.15 -26.86 -70.16
C GLY B 378 7.18 -27.66 -68.86
N ASN B 379 7.84 -28.80 -68.95
CA ASN B 379 8.09 -29.80 -67.92
C ASN B 379 6.82 -30.20 -67.19
N ASP B 380 6.91 -30.44 -65.89
CA ASP B 380 5.81 -30.99 -65.10
C ASP B 380 4.85 -29.91 -64.62
N GLU B 381 4.59 -28.93 -65.48
CA GLU B 381 3.76 -27.78 -65.11
C GLU B 381 2.40 -28.19 -64.58
N THR B 382 1.71 -29.10 -65.28
CA THR B 382 0.42 -29.58 -64.78
C THR B 382 0.55 -30.30 -63.44
N VAL B 383 1.57 -31.15 -63.29
CA VAL B 383 1.80 -31.84 -62.02
C VAL B 383 2.17 -30.84 -60.92
N ALA B 384 3.09 -29.93 -61.23
CA ALA B 384 3.47 -28.88 -60.28
C ALA B 384 2.31 -27.97 -59.91
N LEU B 385 1.53 -27.53 -60.91
CA LEU B 385 0.33 -26.74 -60.63
C LEU B 385 -0.68 -27.50 -59.77
N THR B 386 -0.90 -28.79 -60.05
CA THR B 386 -1.81 -29.59 -59.21
C THR B 386 -1.37 -29.62 -57.75
N ALA B 387 -0.08 -29.87 -57.51
CA ALA B 387 0.46 -29.76 -56.16
C ALA B 387 0.34 -28.35 -55.58
N PHE B 388 0.66 -27.34 -56.40
CA PHE B 388 0.60 -25.95 -55.95
C PHE B 388 -0.80 -25.53 -55.50
N VAL B 389 -1.84 -25.90 -56.27
CA VAL B 389 -3.21 -25.61 -55.85
C VAL B 389 -3.57 -26.38 -54.58
N THR B 390 -3.15 -27.64 -54.46
CA THR B 390 -3.36 -28.41 -53.23
C THR B 390 -2.70 -27.77 -52.02
N ILE B 391 -1.47 -27.28 -52.16
CA ILE B 391 -0.82 -26.52 -51.08
C ILE B 391 -1.63 -25.28 -50.70
N ALA B 392 -2.09 -24.51 -51.70
CA ALA B 392 -2.93 -23.34 -51.42
C ALA B 392 -4.24 -23.71 -50.72
N LEU B 393 -4.91 -24.76 -51.18
CA LEU B 393 -6.14 -25.22 -50.53
C LEU B 393 -5.92 -25.65 -49.08
N HIS B 394 -4.82 -26.35 -48.80
CA HIS B 394 -4.50 -26.71 -47.42
C HIS B 394 -4.34 -25.51 -46.51
N HIS B 395 -3.64 -24.45 -46.97
CA HIS B 395 -3.58 -23.22 -46.19
C HIS B 395 -4.97 -22.60 -45.99
N GLY B 396 -5.80 -22.59 -47.03
CA GLY B 396 -7.16 -22.08 -46.91
C GLY B 396 -8.06 -22.87 -45.98
N LEU B 397 -7.81 -24.16 -45.82
CA LEU B 397 -8.60 -25.01 -44.93
C LEU B 397 -8.71 -24.48 -43.50
N ALA B 398 -7.67 -23.81 -42.99
CA ALA B 398 -7.72 -23.29 -41.62
C ALA B 398 -8.70 -22.15 -41.41
N VAL B 399 -9.11 -21.45 -42.48
CA VAL B 399 -10.07 -20.36 -42.35
C VAL B 399 -11.42 -20.84 -41.81
N PHE B 400 -11.86 -22.02 -42.22
CA PHE B 400 -13.15 -22.57 -41.79
C PHE B 400 -13.32 -22.65 -40.28
N GLN B 401 -14.31 -21.92 -39.78
CA GLN B 401 -14.63 -21.85 -38.36
C GLN B 401 -16.14 -21.68 -38.20
N ASP B 402 -16.66 -22.23 -37.09
CA ASP B 402 -18.07 -22.21 -36.73
C ASP B 402 -18.99 -23.02 -37.64
N GLU B 403 -20.27 -23.06 -37.27
CA GLU B 403 -21.24 -23.98 -37.87
C GLU B 403 -21.39 -23.78 -39.37
N GLY B 404 -21.39 -22.53 -39.84
CA GLY B 404 -21.56 -22.27 -41.27
C GLY B 404 -20.44 -22.84 -42.12
N ALA B 405 -19.23 -22.95 -41.59
CA ALA B 405 -18.09 -23.44 -42.33
C ALA B 405 -17.83 -24.93 -42.13
N GLU B 406 -18.56 -25.56 -41.22
CA GLU B 406 -18.44 -27.00 -41.03
C GLU B 406 -18.77 -27.81 -42.29
N PRO B 407 -19.80 -27.51 -43.08
CA PRO B 407 -19.93 -28.20 -44.37
C PRO B 407 -18.89 -27.77 -45.39
N LEU B 408 -18.53 -26.48 -45.42
CA LEU B 408 -17.53 -25.99 -46.36
C LEU B 408 -16.19 -26.69 -46.17
N LYS B 409 -15.77 -26.86 -44.92
CA LYS B 409 -14.58 -27.65 -44.61
C LYS B 409 -14.70 -29.08 -45.14
N GLN B 410 -15.87 -29.67 -44.97
CA GLN B 410 -16.10 -31.05 -45.40
C GLN B 410 -15.86 -31.28 -46.89
N ARG B 411 -16.42 -30.42 -47.75
CA ARG B 411 -16.13 -30.56 -49.18
C ARG B 411 -14.67 -30.37 -49.54
N VAL B 412 -14.00 -29.37 -48.95
CA VAL B 412 -12.57 -29.17 -49.18
C VAL B 412 -11.71 -30.36 -48.73
N GLU B 413 -11.95 -30.86 -47.51
CA GLU B 413 -11.13 -31.99 -47.04
C GLU B 413 -11.32 -33.25 -47.88
N ALA B 414 -12.55 -33.54 -48.33
CA ALA B 414 -12.76 -34.60 -49.30
C ALA B 414 -12.01 -34.36 -50.62
N SER B 415 -12.07 -33.13 -51.13
CA SER B 415 -11.26 -32.76 -52.30
C SER B 415 -9.76 -32.86 -52.05
N ILE B 416 -9.30 -32.45 -50.88
CA ILE B 416 -7.91 -32.68 -50.49
C ILE B 416 -7.53 -34.16 -50.50
N SER B 417 -8.40 -35.03 -49.97
CA SER B 417 -8.15 -36.46 -50.04
C SER B 417 -8.03 -36.99 -51.47
N LYS B 418 -8.93 -36.56 -52.36
CA LYS B 418 -8.78 -36.92 -53.78
C LYS B 418 -7.49 -36.37 -54.39
N ALA B 419 -7.18 -35.10 -54.11
CA ALA B 419 -5.91 -34.52 -54.54
C ALA B 419 -4.70 -35.27 -53.98
N ASN B 420 -4.73 -35.60 -52.69
CA ASN B 420 -3.67 -36.39 -52.08
C ASN B 420 -3.49 -37.74 -52.77
N SER B 421 -4.59 -38.43 -53.09
CA SER B 421 -4.50 -39.70 -53.81
C SER B 421 -3.84 -39.55 -55.18
N PHE B 422 -4.21 -38.52 -55.94
CA PHE B 422 -3.55 -38.24 -57.22
C PHE B 422 -2.07 -37.91 -57.06
N LEU B 423 -1.72 -37.07 -56.09
CA LEU B 423 -0.32 -36.70 -55.89
C LEU B 423 0.55 -37.90 -55.53
N GLY B 424 0.07 -38.77 -54.64
CA GLY B 424 0.79 -40.01 -54.36
C GLY B 424 0.89 -40.94 -55.55
N GLU B 425 -0.19 -41.05 -56.33
CA GLU B 425 -0.16 -41.83 -57.56
C GLU B 425 0.88 -41.31 -58.56
N LYS B 426 0.93 -39.99 -58.76
CA LYS B 426 1.96 -39.42 -59.64
C LYS B 426 3.38 -39.66 -59.14
N ALA B 427 3.62 -39.50 -57.83
CA ALA B 427 4.92 -39.85 -57.27
C ALA B 427 5.24 -41.34 -57.46
N SER B 428 4.25 -42.20 -57.25
CA SER B 428 4.43 -43.64 -57.43
C SER B 428 4.74 -43.99 -58.89
N ALA B 429 4.10 -43.31 -59.83
CA ALA B 429 4.12 -43.73 -61.23
C ALA B 429 5.53 -43.82 -61.81
N GLY B 430 6.38 -42.83 -61.56
CA GLY B 430 7.70 -42.92 -62.19
C GLY B 430 8.59 -41.71 -61.97
N LEU B 431 9.39 -41.42 -63.00
CA LEU B 431 10.46 -40.43 -62.94
C LEU B 431 9.92 -39.05 -63.30
N LEU B 432 9.45 -38.33 -62.29
CA LEU B 432 9.13 -36.92 -62.41
C LEU B 432 10.41 -36.10 -62.34
N GLY B 433 10.33 -34.83 -62.72
CA GLY B 433 11.40 -33.90 -62.40
C GLY B 433 11.57 -33.73 -60.91
N ALA B 434 12.78 -33.33 -60.52
CA ALA B 434 13.07 -33.08 -59.11
C ALA B 434 12.16 -32.00 -58.53
N HIS B 435 11.93 -30.93 -59.30
CA HIS B 435 11.00 -29.88 -58.90
C HIS B 435 9.60 -30.42 -58.63
N ALA B 436 9.06 -31.20 -59.56
CA ALA B 436 7.74 -31.81 -59.38
C ALA B 436 7.69 -32.77 -58.20
N ALA B 437 8.70 -33.64 -58.06
CA ALA B 437 8.74 -34.55 -56.93
C ALA B 437 8.82 -33.85 -55.58
N ALA B 438 9.67 -32.83 -55.48
CA ALA B 438 9.78 -32.09 -54.21
C ALA B 438 8.48 -31.39 -53.83
N ILE B 439 7.84 -30.69 -54.76
CA ILE B 439 6.56 -30.05 -54.45
C ILE B 439 5.45 -31.07 -54.18
N THR B 440 5.43 -32.18 -54.92
CA THR B 440 4.46 -33.25 -54.65
C THR B 440 4.64 -33.85 -53.25
N ALA B 441 5.87 -34.19 -52.89
CA ALA B 441 6.15 -34.69 -51.54
C ALA B 441 5.82 -33.66 -50.46
N TYR B 442 6.17 -32.39 -50.69
CA TYR B 442 5.78 -31.32 -49.79
C TYR B 442 4.26 -31.23 -49.62
N ALA B 443 3.52 -31.25 -50.73
CA ALA B 443 2.06 -31.25 -50.67
C ALA B 443 1.51 -32.44 -49.91
N LEU B 444 2.02 -33.64 -50.20
CA LEU B 444 1.60 -34.85 -49.49
C LEU B 444 1.91 -34.79 -48.00
N SER B 445 3.09 -34.30 -47.63
CA SER B 445 3.45 -34.19 -46.22
C SER B 445 2.66 -33.11 -45.50
N LEU B 446 2.27 -32.03 -46.19
CA LEU B 446 1.33 -31.08 -45.60
C LEU B 446 0.00 -31.74 -45.29
N THR B 447 -0.53 -32.56 -46.20
CA THR B 447 -1.84 -33.17 -45.99
C THR B 447 -1.77 -34.47 -45.22
N LYS B 448 -0.60 -34.79 -44.63
CA LYS B 448 -0.38 -35.98 -43.83
C LYS B 448 -0.80 -37.25 -44.56
N ALA B 449 -0.26 -37.42 -45.76
CA ALA B 449 -0.55 -38.58 -46.58
C ALA B 449 -0.23 -39.88 -45.84
N PRO B 450 -1.00 -40.95 -46.08
CA PRO B 450 -0.64 -42.25 -45.50
C PRO B 450 0.74 -42.69 -45.96
N VAL B 451 1.42 -43.44 -45.09
CA VAL B 451 2.79 -43.87 -45.35
C VAL B 451 2.91 -44.65 -46.65
N ASP B 452 1.85 -45.34 -47.07
CA ASP B 452 1.83 -45.99 -48.37
C ASP B 452 2.11 -45.00 -49.50
N LEU B 453 1.57 -43.79 -49.40
CA LEU B 453 1.79 -42.75 -50.41
C LEU B 453 2.95 -41.81 -50.06
N LEU B 454 2.98 -41.32 -48.83
CA LEU B 454 4.01 -40.37 -48.42
C LEU B 454 5.41 -40.96 -48.54
N GLY B 455 5.60 -42.20 -48.07
CA GLY B 455 6.91 -42.82 -48.13
C GLY B 455 7.46 -43.00 -49.53
N VAL B 456 6.61 -43.42 -50.48
CA VAL B 456 7.06 -43.56 -51.87
C VAL B 456 7.51 -42.23 -52.45
N ALA B 457 6.77 -41.15 -52.18
CA ALA B 457 7.20 -39.83 -52.62
C ALA B 457 8.53 -39.41 -52.00
N HIS B 458 8.69 -39.64 -50.70
CA HIS B 458 9.97 -39.40 -50.03
C HIS B 458 11.10 -40.24 -50.63
N ASN B 459 10.89 -41.54 -50.80
CA ASN B 459 11.92 -42.42 -51.33
C ASN B 459 12.27 -42.14 -52.79
N ASN B 460 11.28 -41.81 -53.62
CA ASN B 460 11.55 -41.46 -55.02
C ASN B 460 12.42 -40.21 -55.15
N LEU B 461 12.17 -39.19 -54.32
CA LEU B 461 13.04 -38.02 -54.30
C LEU B 461 14.49 -38.35 -53.95
N MET B 462 14.70 -39.25 -52.99
CA MET B 462 16.06 -39.73 -52.70
C MET B 462 16.71 -40.41 -53.90
N ALA B 463 15.97 -41.21 -54.66
CA ALA B 463 16.51 -41.80 -55.88
C ALA B 463 16.89 -40.73 -56.91
N MET B 464 16.03 -39.73 -57.10
CA MET B 464 16.35 -38.60 -57.97
C MET B 464 17.58 -37.83 -57.51
N ALA B 465 17.69 -37.57 -56.20
CA ALA B 465 18.72 -36.73 -55.57
C ALA B 465 20.07 -36.61 -56.28
N GLN B 466 20.52 -35.37 -56.46
CA GLN B 466 21.82 -35.05 -57.06
C GLN B 466 22.46 -33.91 -56.29
N GLU B 467 23.72 -34.07 -55.91
CA GLU B 467 24.43 -33.06 -55.14
C GLU B 467 24.58 -31.74 -55.91
N THR B 468 24.34 -30.63 -55.20
CA THR B 468 24.40 -29.31 -55.81
C THR B 468 25.84 -28.82 -55.95
N GLY B 469 26.74 -29.30 -55.11
CA GLY B 469 28.15 -28.96 -55.20
C GLY B 469 28.82 -28.86 -53.84
N ASP B 470 28.02 -28.68 -52.79
CA ASP B 470 28.51 -28.74 -51.43
C ASP B 470 28.05 -30.05 -50.81
N ASN B 471 26.80 -30.07 -50.35
CA ASN B 471 26.25 -31.19 -49.60
C ASN B 471 24.75 -31.24 -49.82
N LEU B 472 24.15 -32.37 -49.46
CA LEU B 472 22.73 -32.66 -49.69
C LEU B 472 22.45 -32.59 -51.20
N TYR B 473 21.22 -32.25 -51.58
CA TYR B 473 20.79 -32.36 -52.97
C TYR B 473 19.61 -31.42 -53.21
N TRP B 474 19.35 -31.14 -54.49
CA TRP B 474 18.17 -30.37 -54.86
C TRP B 474 17.06 -31.29 -55.37
N GLN B 500 24.69 -17.57 -58.85
CA GLN B 500 25.18 -18.80 -59.46
C GLN B 500 24.07 -19.81 -59.78
N ALA B 501 23.62 -20.52 -58.75
CA ALA B 501 22.68 -21.62 -58.96
C ALA B 501 21.39 -21.13 -59.61
N PRO B 502 20.82 -21.91 -60.53
CA PRO B 502 19.48 -21.61 -61.05
C PRO B 502 18.43 -21.40 -59.98
N ALA B 503 17.40 -20.62 -60.34
CA ALA B 503 16.23 -20.42 -59.48
C ALA B 503 15.54 -21.75 -59.16
N LEU B 504 15.49 -22.66 -60.13
CA LEU B 504 14.87 -23.97 -59.92
C LEU B 504 15.52 -24.75 -58.79
N TRP B 505 16.86 -24.73 -58.71
CA TRP B 505 17.55 -25.42 -57.63
C TRP B 505 17.18 -24.83 -56.26
N ILE B 506 17.15 -23.50 -56.17
CA ILE B 506 16.76 -22.81 -54.94
C ILE B 506 15.32 -23.15 -54.54
N GLU B 507 14.39 -23.05 -55.48
CA GLU B 507 13.00 -23.42 -55.22
C GLU B 507 12.83 -24.91 -54.87
N THR B 508 13.46 -25.80 -55.63
CA THR B 508 13.34 -27.24 -55.36
C THR B 508 13.90 -27.62 -53.99
N THR B 509 15.07 -27.10 -53.62
CA THR B 509 15.63 -27.34 -52.29
C THR B 509 14.70 -26.88 -51.18
N ALA B 510 14.10 -25.70 -51.32
CA ALA B 510 13.15 -25.21 -50.31
C ALA B 510 11.95 -26.14 -50.13
N TYR B 511 11.34 -26.64 -51.22
CA TYR B 511 10.30 -27.65 -51.08
C TYR B 511 10.81 -28.92 -50.39
N ALA B 512 11.98 -29.41 -50.81
CA ALA B 512 12.56 -30.61 -50.18
C ALA B 512 12.86 -30.42 -48.70
N LEU B 513 13.43 -29.28 -48.33
CA LEU B 513 13.71 -28.98 -46.91
C LEU B 513 12.45 -28.97 -46.05
N LEU B 514 11.41 -28.29 -46.50
CA LEU B 514 10.12 -28.33 -45.79
C LEU B 514 9.51 -29.74 -45.71
N HIS B 515 9.57 -30.50 -46.80
CA HIS B 515 9.13 -31.90 -46.75
C HIS B 515 9.90 -32.73 -45.74
N LEU B 516 11.23 -32.63 -45.72
CA LEU B 516 12.04 -33.33 -44.72
C LEU B 516 11.69 -32.93 -43.28
N LEU B 517 11.58 -31.64 -43.02
CA LEU B 517 11.15 -31.17 -41.70
C LEU B 517 9.77 -31.68 -41.31
N LEU B 518 8.80 -31.62 -42.23
CA LEU B 518 7.47 -32.16 -41.95
C LEU B 518 7.49 -33.66 -41.70
N HIS B 519 8.21 -34.42 -42.53
CA HIS B 519 8.30 -35.86 -42.30
C HIS B 519 9.07 -36.21 -41.03
N GLU B 520 10.23 -35.60 -40.81
CA GLU B 520 10.98 -35.82 -39.57
C GLU B 520 11.53 -34.50 -39.03
N GLY B 521 11.09 -34.13 -37.83
CA GLY B 521 11.50 -32.90 -37.19
C GLY B 521 12.99 -32.78 -36.92
N LYS B 522 13.59 -31.69 -37.39
CA LYS B 522 15.02 -31.41 -37.27
C LYS B 522 15.86 -32.58 -37.81
N ALA B 523 15.49 -33.02 -39.02
CA ALA B 523 16.22 -34.10 -39.68
C ALA B 523 17.67 -33.71 -39.96
N GLU B 524 18.56 -34.70 -39.89
CA GLU B 524 19.97 -34.49 -40.22
C GLU B 524 20.16 -34.02 -41.66
N MET B 525 19.42 -34.61 -42.60
CA MET B 525 19.42 -34.15 -43.99
C MET B 525 18.93 -32.72 -44.13
N ALA B 526 17.91 -32.33 -43.36
CA ALA B 526 17.43 -30.95 -43.38
C ALA B 526 18.53 -29.94 -43.03
N ASP B 527 19.39 -30.27 -42.07
CA ASP B 527 20.48 -29.37 -41.70
C ASP B 527 21.37 -28.99 -42.88
N GLN B 528 21.78 -29.98 -43.68
CA GLN B 528 22.63 -29.72 -44.84
C GLN B 528 21.93 -28.88 -45.91
N ALA B 529 20.66 -29.17 -46.20
CA ALA B 529 19.91 -28.39 -47.18
C ALA B 529 19.78 -26.91 -46.79
N SER B 530 19.45 -26.64 -45.52
CA SER B 530 19.43 -25.27 -45.02
C SER B 530 20.76 -24.55 -45.16
N ALA B 531 21.87 -25.23 -44.89
CA ALA B 531 23.18 -24.62 -45.06
C ALA B 531 23.46 -24.18 -46.50
N TRP B 532 23.17 -25.04 -47.47
CA TRP B 532 23.29 -24.65 -48.87
C TRP B 532 22.36 -23.50 -49.24
N LEU B 533 21.08 -23.60 -48.86
CA LEU B 533 20.10 -22.56 -49.19
C LEU B 533 20.46 -21.21 -48.56
N THR B 534 20.93 -21.21 -47.31
CA THR B 534 21.40 -19.97 -46.67
C THR B 534 22.58 -19.34 -47.42
N ARG B 535 23.55 -20.16 -47.82
CA ARG B 535 24.65 -19.68 -48.65
C ARG B 535 24.16 -19.08 -49.96
N GLN B 536 23.23 -19.76 -50.64
CA GLN B 536 22.62 -19.21 -51.85
C GLN B 536 21.92 -17.88 -51.56
N GLY B 537 21.28 -17.74 -50.40
CA GLY B 537 20.63 -16.49 -50.04
C GLY B 537 21.56 -15.34 -49.74
N SER B 538 22.84 -15.60 -49.50
CA SER B 538 23.74 -14.56 -49.03
C SER B 538 24.53 -13.87 -50.15
N PHE B 539 24.22 -14.17 -51.42
CA PHE B 539 24.88 -13.45 -52.51
C PHE B 539 24.60 -11.95 -52.48
N GLN B 540 25.66 -11.17 -52.24
CA GLN B 540 25.62 -9.70 -52.17
C GLN B 540 24.46 -9.18 -51.33
N GLY B 541 24.27 -9.78 -50.16
CA GLY B 541 23.20 -9.38 -49.27
C GLY B 541 21.77 -9.75 -49.61
N GLY B 542 21.54 -10.82 -50.36
CA GLY B 542 20.19 -11.33 -50.52
C GLY B 542 19.87 -11.84 -51.91
N PHE B 543 18.83 -12.69 -51.98
CA PHE B 543 18.29 -13.13 -53.26
C PHE B 543 17.64 -12.00 -54.03
N ARG B 544 17.80 -12.04 -55.34
CA ARG B 544 17.29 -11.00 -56.22
C ARG B 544 16.21 -11.55 -57.14
N SER B 545 16.00 -12.87 -57.10
CA SER B 545 15.03 -13.64 -57.87
C SER B 545 13.67 -13.65 -57.18
N THR B 546 12.66 -14.17 -57.89
CA THR B 546 11.27 -13.89 -57.53
C THR B 546 10.58 -15.06 -56.81
N GLN B 547 10.16 -16.09 -57.55
CA GLN B 547 9.37 -17.17 -56.97
C GLN B 547 10.14 -17.95 -55.90
N ASP B 548 11.41 -18.27 -56.17
CA ASP B 548 12.25 -19.03 -55.25
C ASP B 548 12.29 -18.40 -53.86
N THR B 549 12.57 -17.09 -53.81
CA THR B 549 12.62 -16.35 -52.55
C THR B 549 11.39 -16.53 -51.67
N VAL B 550 10.19 -16.51 -52.26
CA VAL B 550 8.99 -16.69 -51.46
C VAL B 550 8.98 -18.03 -50.74
N ILE B 551 9.29 -19.12 -51.47
CA ILE B 551 9.34 -20.44 -50.85
C ILE B 551 10.52 -20.56 -49.88
N ALA B 552 11.70 -20.08 -50.30
CA ALA B 552 12.92 -20.17 -49.47
C ALA B 552 12.81 -19.47 -48.12
N LEU B 553 12.25 -18.25 -48.09
CA LEU B 553 12.04 -17.57 -46.81
C LEU B 553 11.15 -18.36 -45.86
N ASP B 554 10.05 -18.91 -46.36
CA ASP B 554 9.18 -19.74 -45.52
C ASP B 554 9.88 -21.01 -45.04
N ALA B 555 10.62 -21.68 -45.93
CA ALA B 555 11.37 -22.87 -45.57
C ALA B 555 12.48 -22.60 -44.54
N LEU B 556 13.32 -21.59 -44.78
CA LEU B 556 14.38 -21.26 -43.83
C LEU B 556 13.86 -20.82 -42.47
N SER B 557 12.83 -19.97 -42.43
CA SER B 557 12.21 -19.63 -41.15
C SER B 557 11.62 -20.84 -40.43
N ALA B 558 10.93 -21.72 -41.18
CA ALA B 558 10.43 -22.96 -40.59
C ALA B 558 11.55 -23.85 -40.05
N TYR B 559 12.65 -23.97 -40.78
CA TYR B 559 13.84 -24.67 -40.27
C TYR B 559 14.37 -24.07 -38.97
N TRP B 560 14.52 -22.75 -38.92
CA TRP B 560 15.04 -22.10 -37.72
C TRP B 560 14.14 -22.31 -36.50
N ILE B 561 12.82 -22.21 -36.67
CA ILE B 561 11.89 -22.57 -35.60
C ILE B 561 12.02 -24.05 -35.22
N ALA B 562 12.05 -24.93 -36.21
CA ALA B 562 12.17 -26.37 -35.96
C ALA B 562 13.44 -26.75 -35.21
N SER B 563 14.58 -26.18 -35.59
CA SER B 563 15.84 -26.50 -34.90
C SER B 563 15.81 -26.13 -33.42
N HIS B 564 15.28 -24.96 -33.08
CA HIS B 564 15.22 -24.53 -31.69
C HIS B 564 14.00 -25.04 -30.92
N THR B 565 12.91 -25.39 -31.60
CA THR B 565 11.74 -25.94 -30.92
C THR B 565 12.02 -27.24 -30.19
N THR B 566 12.72 -28.18 -30.83
CA THR B 566 13.00 -29.47 -30.20
C THR B 566 14.08 -29.35 -29.13
N GLU B 567 13.67 -29.51 -27.86
CA GLU B 567 14.57 -29.48 -26.72
C GLU B 567 14.25 -30.67 -25.82
N GLU B 568 15.23 -31.55 -25.62
CA GLU B 568 15.05 -32.71 -24.75
C GLU B 568 15.51 -32.35 -23.34
N ARG B 569 14.68 -32.65 -22.35
CA ARG B 569 14.98 -32.29 -20.97
C ARG B 569 14.36 -33.29 -20.01
N GLY B 570 15.08 -33.53 -18.91
CA GLY B 570 14.57 -34.35 -17.83
C GLY B 570 15.02 -35.80 -17.79
N LEU B 571 15.24 -36.28 -16.57
CA LEU B 571 15.50 -37.68 -16.27
C LEU B 571 14.74 -38.01 -14.99
N ASN B 572 14.05 -39.15 -14.96
CA ASN B 572 13.17 -39.49 -13.85
C ASN B 572 13.51 -40.89 -13.38
N VAL B 573 13.96 -41.01 -12.13
CA VAL B 573 14.37 -42.26 -11.52
C VAL B 573 13.42 -42.56 -10.37
N THR B 574 12.66 -43.64 -10.49
CA THR B 574 11.74 -44.08 -9.46
C THR B 574 12.35 -45.27 -8.74
N LEU B 575 12.50 -45.15 -7.42
CA LEU B 575 13.15 -46.17 -6.61
C LEU B 575 12.13 -46.69 -5.60
N SER B 576 12.14 -48.00 -5.39
CA SER B 576 11.28 -48.61 -4.39
C SER B 576 11.98 -49.81 -3.75
N SER B 577 11.68 -50.03 -2.48
CA SER B 577 12.30 -51.10 -1.71
C SER B 577 11.42 -51.37 -0.51
N THR B 578 11.68 -52.49 0.15
CA THR B 578 10.95 -52.86 1.35
C THR B 578 11.99 -53.27 2.37
N GLY B 579 11.86 -52.76 3.59
CA GLY B 579 12.87 -53.13 4.56
C GLY B 579 12.51 -52.96 6.00
N ARG B 580 13.52 -52.52 6.77
CA ARG B 580 13.34 -52.26 8.19
C ARG B 580 12.26 -51.22 8.42
N ASN B 581 12.18 -50.22 7.53
CA ASN B 581 11.19 -49.15 7.56
C ASN B 581 9.93 -49.51 6.74
N GLY B 582 9.77 -50.79 6.41
CA GLY B 582 8.70 -51.36 5.61
C GLY B 582 8.68 -50.88 4.18
N PHE B 583 7.48 -50.89 3.58
CA PHE B 583 7.31 -50.43 2.21
C PHE B 583 7.63 -48.95 2.08
N LYS B 584 8.47 -48.62 1.10
CA LYS B 584 8.87 -47.23 0.85
C LYS B 584 9.17 -47.06 -0.64
N SER B 585 8.84 -45.87 -1.15
CA SER B 585 9.03 -45.57 -2.57
C SER B 585 9.43 -44.11 -2.72
N HIS B 586 10.43 -43.86 -3.56
CA HIS B 586 10.90 -42.51 -3.84
C HIS B 586 11.00 -42.29 -5.34
N ALA B 587 10.40 -41.21 -5.82
CA ALA B 587 10.49 -40.80 -7.21
C ALA B 587 11.16 -39.44 -7.26
N LEU B 588 12.30 -39.36 -7.95
CA LEU B 588 13.07 -38.14 -8.05
C LEU B 588 13.35 -37.84 -9.52
N GLN B 589 13.04 -36.62 -9.95
CA GLN B 589 13.19 -36.22 -11.34
C GLN B 589 14.01 -34.95 -11.40
N LEU B 590 15.03 -34.94 -12.26
CA LEU B 590 15.89 -33.76 -12.44
C LEU B 590 15.52 -33.06 -13.74
N ASN B 591 14.28 -32.57 -13.73
CA ASN B 591 13.68 -31.85 -14.85
C ASN B 591 13.31 -30.45 -14.36
N ASN B 592 12.07 -30.33 -13.86
CA ASN B 592 11.53 -29.09 -13.31
C ASN B 592 11.41 -28.00 -14.37
N ARG B 593 11.37 -28.38 -15.64
CA ARG B 593 11.19 -27.50 -16.79
C ARG B 593 12.46 -26.74 -17.15
N GLN B 594 13.15 -26.17 -16.16
CA GLN B 594 14.43 -25.50 -16.39
C GLN B 594 15.51 -26.28 -15.66
N ILE B 595 16.40 -26.91 -16.43
CA ILE B 595 17.53 -27.64 -15.87
C ILE B 595 18.69 -26.67 -15.69
N ARG B 596 18.96 -26.31 -14.43
CA ARG B 596 20.00 -25.35 -14.08
C ARG B 596 21.32 -26.07 -13.79
N GLY B 597 21.77 -26.89 -14.75
CA GLY B 597 22.87 -27.81 -14.48
C GLY B 597 22.59 -28.71 -13.31
N LEU B 598 21.35 -29.20 -13.21
CA LEU B 598 20.82 -29.69 -11.95
C LEU B 598 21.23 -31.13 -11.69
N GLU B 599 21.83 -31.36 -10.52
CA GLU B 599 22.13 -32.69 -10.00
C GLU B 599 21.48 -32.78 -8.62
N GLU B 600 21.06 -33.99 -8.24
CA GLU B 600 20.23 -34.11 -7.03
C GLU B 600 20.54 -35.37 -6.25
N GLU B 601 20.54 -35.23 -4.92
CA GLU B 601 20.84 -36.29 -3.97
C GLU B 601 19.69 -36.45 -2.97
N LEU B 602 19.35 -37.69 -2.65
CA LEU B 602 18.33 -37.97 -1.64
C LEU B 602 18.77 -39.16 -0.79
N GLN B 603 18.31 -39.18 0.46
CA GLN B 603 18.56 -40.28 1.37
C GLN B 603 17.45 -41.32 1.26
N PHE B 604 17.83 -42.60 1.26
CA PHE B 604 16.84 -43.68 1.12
C PHE B 604 17.41 -44.92 1.81
N SER B 605 17.41 -44.93 3.13
CA SER B 605 17.77 -46.11 3.89
C SER B 605 16.81 -47.26 3.62
N LEU B 606 17.34 -48.47 3.48
CA LEU B 606 16.55 -49.58 2.96
C LEU B 606 17.19 -50.89 3.43
N GLY B 607 16.61 -52.00 2.96
CA GLY B 607 17.17 -53.33 3.16
C GLY B 607 18.28 -53.65 2.19
N SER B 608 18.16 -54.80 1.50
CA SER B 608 19.22 -55.31 0.64
C SER B 608 18.80 -55.44 -0.82
N LYS B 609 17.66 -54.87 -1.22
CA LYS B 609 17.26 -54.90 -2.62
C LYS B 609 16.47 -53.65 -2.95
N ILE B 610 16.80 -52.99 -4.06
CA ILE B 610 16.13 -51.77 -4.50
C ILE B 610 15.72 -51.91 -5.96
N ASN B 611 14.44 -51.63 -6.24
CA ASN B 611 13.86 -51.74 -7.56
C ASN B 611 13.90 -50.38 -8.25
N VAL B 612 14.48 -50.32 -9.45
CA VAL B 612 14.76 -49.07 -10.13
C VAL B 612 13.98 -49.02 -11.44
N LYS B 613 13.17 -47.96 -11.60
CA LYS B 613 12.43 -47.68 -12.82
C LYS B 613 12.86 -46.32 -13.34
N VAL B 614 13.39 -46.28 -14.55
CA VAL B 614 14.04 -45.10 -15.11
C VAL B 614 13.19 -44.54 -16.26
N GLY B 615 12.79 -43.28 -16.14
CA GLY B 615 12.02 -42.59 -17.16
C GLY B 615 12.71 -41.31 -17.59
N GLY B 616 12.09 -40.64 -18.56
CA GLY B 616 12.65 -39.42 -19.10
C GLY B 616 13.40 -39.63 -20.41
N ASN B 617 14.36 -38.74 -20.69
CA ASN B 617 15.07 -38.78 -21.96
C ASN B 617 16.35 -37.98 -21.91
N SER B 618 17.28 -38.36 -21.02
CA SER B 618 18.56 -37.69 -20.91
C SER B 618 19.60 -38.70 -20.44
N LYS B 619 20.81 -38.58 -20.97
CA LYS B 619 21.91 -39.44 -20.53
C LYS B 619 22.29 -39.06 -19.10
N GLY B 620 22.63 -40.06 -18.30
CA GLY B 620 23.01 -39.76 -16.94
C GLY B 620 23.75 -40.88 -16.25
N THR B 621 24.00 -40.67 -14.95
CA THR B 621 24.69 -41.62 -14.10
C THR B 621 23.98 -41.68 -12.75
N LEU B 622 23.60 -42.89 -12.33
CA LEU B 622 22.96 -43.11 -11.04
C LEU B 622 23.95 -43.72 -10.07
N LYS B 623 24.07 -43.13 -8.89
CA LYS B 623 24.96 -43.59 -7.83
C LYS B 623 24.13 -43.93 -6.59
N VAL B 624 24.23 -45.18 -6.15
CA VAL B 624 23.60 -45.63 -4.91
C VAL B 624 24.71 -45.85 -3.89
N LEU B 625 24.66 -45.11 -2.79
CA LEU B 625 25.72 -45.10 -1.79
C LEU B 625 25.21 -45.77 -0.51
N ARG B 626 25.87 -46.85 -0.11
CA ARG B 626 25.51 -47.60 1.09
C ARG B 626 26.64 -47.44 2.11
N THR B 627 26.30 -46.90 3.28
CA THR B 627 27.27 -46.63 4.34
C THR B 627 26.86 -47.38 5.59
N TYR B 628 27.83 -48.04 6.23
CA TYR B 628 27.57 -48.91 7.38
C TYR B 628 28.86 -49.07 8.16
N ASN B 629 28.74 -49.64 9.36
CA ASN B 629 29.89 -49.94 10.21
C ASN B 629 30.48 -51.29 9.86
N VAL B 630 31.80 -51.31 9.65
CA VAL B 630 32.55 -52.52 9.31
C VAL B 630 33.53 -52.80 10.45
N LEU B 631 34.01 -54.04 10.50
CA LEU B 631 34.93 -54.46 11.55
C LEU B 631 36.20 -53.60 11.60
N ASP B 632 36.71 -53.43 12.81
CA ASP B 632 37.64 -52.34 13.13
C ASP B 632 38.96 -52.40 12.36
N MET B 633 39.53 -53.60 12.22
CA MET B 633 40.84 -53.85 11.60
C MET B 633 42.03 -53.23 12.34
N LYS B 634 43.23 -53.54 11.86
CA LYS B 634 44.48 -53.19 12.54
C LYS B 634 44.74 -51.69 12.68
N ASN B 635 45.44 -51.35 13.77
CA ASN B 635 45.78 -49.98 14.14
C ASN B 635 46.71 -49.32 13.13
N THR B 636 46.49 -48.02 12.88
CA THR B 636 47.33 -47.20 12.01
C THR B 636 48.36 -46.37 12.77
N THR B 637 47.97 -45.83 13.93
CA THR B 637 48.84 -44.99 14.75
C THR B 637 50.06 -45.72 15.29
N CYS B 638 51.17 -44.98 15.38
CA CYS B 638 52.47 -45.50 15.87
C CYS B 638 53.01 -46.65 15.02
N GLN B 639 52.83 -46.55 13.71
CA GLN B 639 53.46 -47.49 12.79
C GLN B 639 54.62 -46.84 12.04
N ASP B 640 54.71 -45.51 12.06
CA ASP B 640 55.86 -44.77 11.57
C ASP B 640 56.61 -44.18 12.76
N LEU B 641 56.08 -43.08 13.30
CA LEU B 641 56.65 -42.44 14.47
C LEU B 641 56.49 -43.34 15.71
N GLN B 642 57.45 -43.24 16.62
CA GLN B 642 57.45 -44.02 17.85
C GLN B 642 57.92 -43.15 19.00
N ILE B 643 57.34 -43.38 20.17
CA ILE B 643 57.76 -42.71 21.40
C ILE B 643 57.59 -43.67 22.56
N GLU B 644 58.52 -43.61 23.51
CA GLU B 644 58.58 -44.53 24.64
C GLU B 644 59.10 -43.77 25.83
N VAL B 645 58.53 -44.03 27.01
CA VAL B 645 58.91 -43.28 28.20
C VAL B 645 58.82 -44.18 29.44
N THR B 646 59.87 -44.13 30.26
CA THR B 646 60.01 -44.92 31.47
C THR B 646 60.24 -43.97 32.65
N VAL B 647 59.69 -44.32 33.81
CA VAL B 647 59.78 -43.47 35.00
C VAL B 647 60.23 -44.30 36.19
N LYS B 648 61.24 -43.80 36.92
CA LYS B 648 61.79 -44.45 38.11
C LYS B 648 61.87 -43.47 39.27
N GLY B 649 61.57 -43.93 40.47
CA GLY B 649 61.64 -43.10 41.65
C GLY B 649 60.63 -43.55 42.68
N HIS B 650 60.33 -42.63 43.61
CA HIS B 650 59.36 -42.87 44.67
C HIS B 650 58.33 -41.76 44.70
N VAL B 651 57.07 -42.13 44.42
CA VAL B 651 55.96 -41.19 44.33
C VAL B 651 55.22 -41.15 45.66
N GLU B 652 54.94 -39.95 46.15
CA GLU B 652 54.19 -39.79 47.39
C GLU B 652 52.70 -39.86 47.11
N TYR B 653 52.00 -40.80 47.76
CA TYR B 653 50.58 -41.03 47.53
C TYR B 653 49.77 -40.83 48.80
N THR B 654 48.50 -40.44 48.63
CA THR B 654 47.54 -40.40 49.71
C THR B 654 46.29 -41.22 49.34
N MET B 655 45.77 -41.97 50.30
CA MET B 655 44.62 -42.86 50.09
C MET B 655 44.86 -43.87 48.97
N GLU B 656 46.11 -44.34 48.81
CA GLU B 656 46.35 -45.43 47.88
C GLU B 656 45.67 -46.73 48.33
N ALA B 657 45.72 -47.03 49.62
CA ALA B 657 45.20 -48.30 50.14
C ALA B 657 43.69 -48.41 49.98
N SER C 11 59.65 -37.35 46.97
CA SER C 11 60.62 -36.27 46.86
C SER C 11 60.89 -35.95 45.40
N ARG C 12 61.57 -36.86 44.70
CA ARG C 12 61.94 -36.66 43.31
C ARG C 12 61.62 -37.92 42.52
N VAL C 13 61.62 -37.78 41.19
CA VAL C 13 61.34 -38.89 40.29
C VAL C 13 62.18 -38.70 39.03
N HIS C 14 62.44 -39.80 38.33
CA HIS C 14 63.38 -39.82 37.22
C HIS C 14 62.74 -40.36 35.94
N TYR C 15 62.86 -39.57 34.87
CA TYR C 15 62.21 -39.83 33.58
C TYR C 15 63.24 -40.22 32.51
N THR C 16 62.84 -41.14 31.63
CA THR C 16 63.62 -41.49 30.44
C THR C 16 62.69 -41.50 29.24
N VAL C 17 62.93 -40.62 28.27
CA VAL C 17 62.09 -40.49 27.09
C VAL C 17 62.87 -40.95 25.86
N CYS C 18 62.30 -41.90 25.11
CA CYS C 18 62.92 -42.40 23.89
C CYS C 18 62.01 -42.18 22.69
N ILE C 19 62.58 -41.72 21.58
CA ILE C 19 61.86 -41.58 20.33
C ILE C 19 62.64 -42.26 19.21
N TRP C 20 61.94 -42.69 18.18
CA TRP C 20 62.55 -43.24 16.97
C TRP C 20 61.45 -43.28 15.91
N ARG C 21 61.79 -43.77 14.73
CA ARG C 21 60.83 -43.87 13.65
C ARG C 21 61.08 -45.10 12.80
N ASN C 22 60.00 -45.68 12.29
CA ASN C 22 60.08 -46.67 11.22
C ASN C 22 59.61 -46.05 9.91
N GLY C 23 59.33 -44.76 9.90
CA GLY C 23 58.65 -44.08 8.81
C GLY C 23 59.56 -43.45 7.77
N LYS C 24 60.73 -44.05 7.53
CA LYS C 24 61.50 -43.67 6.34
C LYS C 24 60.72 -43.95 5.07
N VAL C 25 59.96 -45.05 5.04
CA VAL C 25 59.01 -45.27 3.96
C VAL C 25 57.96 -44.17 3.94
N GLY C 26 57.42 -43.82 5.11
CA GLY C 26 56.42 -42.77 5.22
C GLY C 26 56.98 -41.37 5.23
N LEU C 27 56.19 -40.46 5.83
CA LEU C 27 56.54 -39.04 5.88
C LEU C 27 57.80 -38.80 6.70
N SER C 28 58.69 -37.95 6.17
CA SER C 28 59.91 -37.53 6.84
C SER C 28 59.71 -36.18 7.51
N GLY C 29 60.50 -35.93 8.53
CA GLY C 29 60.42 -34.67 9.25
C GLY C 29 60.94 -34.79 10.66
N MET C 30 61.27 -33.63 11.22
CA MET C 30 61.70 -33.54 12.61
C MET C 30 60.50 -33.77 13.53
N ALA C 31 60.77 -33.91 14.82
CA ALA C 31 59.74 -34.32 15.77
C ALA C 31 59.69 -33.39 16.98
N ILE C 32 58.49 -33.20 17.49
CA ILE C 32 58.23 -32.49 18.74
C ILE C 32 57.66 -33.52 19.72
N ALA C 33 58.35 -33.71 20.84
CA ALA C 33 57.85 -34.61 21.87
C ALA C 33 57.18 -33.77 22.95
N ASP C 34 55.89 -34.02 23.16
CA ASP C 34 55.09 -33.36 24.20
C ASP C 34 54.81 -34.45 25.23
N VAL C 35 55.42 -34.34 26.41
CA VAL C 35 55.27 -35.34 27.46
C VAL C 35 54.66 -34.69 28.70
N THR C 36 53.70 -35.38 29.29
CA THR C 36 52.98 -34.89 30.47
C THR C 36 53.42 -35.68 31.69
N LEU C 37 53.86 -34.98 32.73
CA LEU C 37 54.40 -35.59 33.93
C LEU C 37 53.27 -35.99 34.88
N LEU C 38 53.64 -36.75 35.90
CA LEU C 38 52.69 -37.10 36.96
C LEU C 38 52.14 -35.84 37.62
N SER C 39 50.93 -35.98 38.17
CA SER C 39 50.08 -34.84 38.51
C SER C 39 50.81 -33.76 39.32
N GLY C 40 51.71 -34.16 40.21
CA GLY C 40 52.40 -33.20 41.05
C GLY C 40 53.84 -32.86 40.72
N PHE C 41 54.38 -33.38 39.62
CA PHE C 41 55.80 -33.25 39.33
C PHE C 41 56.03 -32.21 38.25
N HIS C 42 57.03 -31.34 38.46
CA HIS C 42 57.52 -30.44 37.42
C HIS C 42 59.00 -30.70 37.18
N ALA C 43 59.40 -30.70 35.91
CA ALA C 43 60.79 -30.98 35.54
C ALA C 43 61.72 -29.86 36.00
N LEU C 44 62.95 -30.24 36.34
CA LEU C 44 63.97 -29.27 36.71
C LEU C 44 64.54 -28.60 35.46
N ARG C 45 64.40 -27.28 35.38
CA ARG C 45 64.95 -26.52 34.26
C ARG C 45 66.46 -26.68 34.14
N ALA C 46 67.17 -26.68 35.27
CA ALA C 46 68.62 -26.85 35.26
C ALA C 46 69.05 -28.15 34.57
N ASP C 47 68.38 -29.25 34.87
CA ASP C 47 68.68 -30.51 34.19
C ASP C 47 68.38 -30.44 32.70
N LEU C 48 67.22 -29.91 32.33
CA LEU C 48 66.86 -29.78 30.92
C LEU C 48 67.76 -28.85 30.12
N GLU C 49 68.11 -27.68 30.68
CA GLU C 49 69.03 -26.78 29.97
C GLU C 49 70.43 -27.35 29.80
N LYS C 50 70.94 -28.09 30.79
CA LYS C 50 72.16 -28.85 30.59
C LYS C 50 72.03 -29.87 29.45
N LEU C 51 70.89 -30.56 29.38
CA LEU C 51 70.60 -31.43 28.24
C LEU C 51 70.58 -30.66 26.93
N THR C 52 70.05 -29.44 26.94
CA THR C 52 69.93 -28.63 25.72
C THR C 52 71.27 -28.07 25.25
N SER C 53 72.28 -27.98 26.11
CA SER C 53 73.55 -27.38 25.75
C SER C 53 74.61 -28.40 25.34
N LEU C 54 74.31 -29.70 25.41
CA LEU C 54 75.24 -30.73 24.95
C LEU C 54 75.56 -30.60 23.47
N SER C 55 76.77 -31.02 23.11
CA SER C 55 77.24 -30.93 21.72
C SER C 55 76.40 -31.80 20.77
N ASP C 56 76.12 -33.04 21.17
CA ASP C 56 75.24 -33.89 20.38
C ASP C 56 73.92 -34.11 21.12
N ARG C 57 73.24 -33.00 21.41
CA ARG C 57 72.17 -32.96 22.41
C ARG C 57 70.96 -33.80 22.04
N TYR C 58 70.60 -33.83 20.75
CA TYR C 58 69.35 -34.41 20.25
C TYR C 58 68.23 -33.39 20.49
N VAL C 59 67.96 -33.08 21.74
CA VAL C 59 66.99 -32.04 22.10
C VAL C 59 67.65 -30.68 21.89
N SER C 60 67.16 -29.93 20.90
CA SER C 60 67.73 -28.65 20.50
C SER C 60 66.96 -27.46 21.04
N HIS C 61 65.80 -27.69 21.67
CA HIS C 61 65.04 -26.63 22.33
C HIS C 61 64.06 -27.29 23.29
N PHE C 62 63.65 -26.54 24.30
CA PHE C 62 62.75 -27.09 25.30
C PHE C 62 61.94 -25.96 25.94
N GLU C 63 60.83 -26.33 26.55
CA GLU C 63 60.06 -25.43 27.38
C GLU C 63 59.25 -26.26 28.36
N THR C 64 59.03 -25.69 29.55
CA THR C 64 58.30 -26.39 30.60
C THR C 64 57.49 -25.39 31.41
N GLU C 65 56.37 -25.87 31.92
CA GLU C 65 55.65 -25.30 33.03
C GLU C 65 54.83 -26.44 33.59
N GLY C 66 54.54 -26.37 34.89
CA GLY C 66 53.85 -27.44 35.59
C GLY C 66 54.25 -28.83 35.14
N PRO C 67 53.28 -29.72 35.03
CA PRO C 67 53.55 -31.08 34.55
C PRO C 67 53.80 -31.23 33.06
N HIS C 68 54.28 -30.21 32.35
CA HIS C 68 54.38 -30.29 30.89
C HIS C 68 55.81 -29.98 30.45
N VAL C 69 56.34 -30.82 29.56
CA VAL C 69 57.68 -30.65 28.99
C VAL C 69 57.62 -30.81 27.47
N LEU C 70 58.08 -29.80 26.75
CA LEU C 70 58.18 -29.84 25.30
C LEU C 70 59.64 -30.02 24.89
N LEU C 71 59.90 -30.98 24.00
CA LEU C 71 61.25 -31.31 23.58
C LEU C 71 61.30 -31.38 22.06
N TYR C 72 62.12 -30.52 21.45
CA TYR C 72 62.27 -30.49 20.01
C TYR C 72 63.46 -31.33 19.58
N PHE C 73 63.21 -32.34 18.75
CA PHE C 73 64.23 -33.22 18.21
C PHE C 73 64.38 -32.91 16.73
N ASP C 74 65.56 -32.46 16.32
CA ASP C 74 65.75 -32.03 14.94
C ASP C 74 66.23 -33.16 14.04
N SER C 75 66.28 -34.39 14.58
CA SER C 75 66.58 -35.58 13.80
C SER C 75 65.90 -36.76 14.50
N VAL C 76 65.38 -37.68 13.69
CA VAL C 76 64.73 -38.89 14.22
C VAL C 76 65.33 -40.13 13.56
N PRO C 77 66.11 -40.93 14.29
CA PRO C 77 66.75 -42.09 13.67
C PRO C 77 65.90 -43.35 13.82
N THR C 78 66.26 -44.35 13.01
CA THR C 78 65.57 -45.63 13.06
C THR C 78 65.77 -46.31 14.41
N SER C 79 66.97 -46.24 14.95
CA SER C 79 67.26 -46.78 16.27
C SER C 79 66.86 -45.79 17.37
N ARG C 80 66.70 -46.32 18.58
CA ARG C 80 66.22 -45.51 19.71
C ARG C 80 67.12 -44.31 20.00
N GLU C 81 66.49 -43.16 20.19
CA GLU C 81 67.15 -41.92 20.59
C GLU C 81 66.53 -41.48 21.91
N CYS C 82 67.27 -41.60 23.00
CA CYS C 82 66.72 -41.45 24.33
C CYS C 82 67.36 -40.29 25.06
N VAL C 83 66.54 -39.50 25.75
CA VAL C 83 66.99 -38.38 26.58
C VAL C 83 66.33 -38.50 27.94
N GLY C 84 67.13 -38.42 29.00
CA GLY C 84 66.63 -38.52 30.36
C GLY C 84 66.64 -37.17 31.05
N PHE C 85 65.76 -37.02 32.03
CA PHE C 85 65.68 -35.81 32.85
C PHE C 85 64.93 -36.16 34.13
N GLU C 86 64.83 -35.19 35.03
CA GLU C 86 64.22 -35.45 36.34
C GLU C 86 63.19 -34.40 36.69
N ALA C 87 62.31 -34.77 37.61
CA ALA C 87 61.22 -33.93 38.08
C ALA C 87 61.07 -34.05 39.58
N VAL C 88 60.59 -32.96 40.20
CA VAL C 88 60.44 -32.86 41.64
C VAL C 88 58.96 -32.68 41.93
N GLN C 89 58.52 -33.24 43.06
CA GLN C 89 57.10 -33.34 43.38
C GLN C 89 56.64 -32.10 44.14
N GLU C 90 55.76 -31.32 43.52
CA GLU C 90 55.13 -30.18 44.19
C GLU C 90 54.22 -30.63 45.32
N VAL C 91 53.40 -31.65 45.08
CA VAL C 91 52.29 -31.98 45.97
C VAL C 91 52.00 -33.47 45.85
N PRO C 92 51.54 -34.14 46.91
CA PRO C 92 51.19 -35.56 46.82
C PRO C 92 50.26 -35.88 45.65
N VAL C 93 50.43 -37.09 45.11
CA VAL C 93 49.54 -37.61 44.08
C VAL C 93 48.33 -38.25 44.74
N GLY C 94 47.14 -37.79 44.36
CA GLY C 94 45.92 -38.16 45.05
C GLY C 94 45.21 -39.36 44.47
N LEU C 95 45.49 -39.69 43.21
CA LEU C 95 44.81 -40.79 42.53
C LEU C 95 45.81 -41.53 41.65
N VAL C 96 45.90 -42.84 41.88
CA VAL C 96 46.78 -43.74 41.13
C VAL C 96 46.33 -43.82 39.67
N GLN C 97 47.11 -43.22 38.76
CA GLN C 97 46.63 -43.05 37.40
C GLN C 97 47.81 -42.90 36.45
N PRO C 98 47.72 -43.45 35.23
CA PRO C 98 48.69 -43.15 34.17
C PRO C 98 48.69 -41.71 33.68
N ALA C 99 49.55 -41.44 32.71
CA ALA C 99 49.60 -40.17 32.00
C ALA C 99 50.11 -40.46 30.59
N SER C 100 50.06 -39.45 29.72
CA SER C 100 50.36 -39.66 28.31
C SER C 100 51.51 -38.80 27.82
N ALA C 101 52.19 -39.32 26.80
CA ALA C 101 53.24 -38.64 26.05
C ALA C 101 52.85 -38.65 24.58
N THR C 102 53.05 -37.54 23.88
CA THR C 102 52.60 -37.42 22.50
C THR C 102 53.73 -36.85 21.64
N LEU C 103 54.02 -37.53 20.54
CA LEU C 103 55.09 -37.19 19.63
C LEU C 103 54.49 -36.69 18.31
N TYR C 104 54.66 -35.41 18.02
CA TYR C 104 54.15 -34.81 16.80
C TYR C 104 55.30 -34.67 15.80
N ASP C 105 55.05 -35.04 14.55
CA ASP C 105 55.95 -34.66 13.48
C ASP C 105 55.89 -33.16 13.28
N TYR C 106 57.07 -32.54 13.13
CA TYR C 106 57.14 -31.09 12.98
C TYR C 106 56.43 -30.62 11.71
N TYR C 107 56.52 -31.40 10.63
CA TYR C 107 55.93 -31.05 9.35
C TYR C 107 54.58 -31.72 9.09
N ASN C 108 54.11 -32.58 9.99
CA ASN C 108 52.79 -33.21 9.85
C ASN C 108 52.21 -33.51 11.23
N PRO C 109 51.75 -32.48 11.94
CA PRO C 109 51.18 -32.72 13.27
C PRO C 109 50.03 -33.73 13.29
N GLU C 110 49.34 -33.90 12.17
CA GLU C 110 48.33 -34.95 12.05
C GLU C 110 48.95 -36.34 12.20
N ARG C 111 50.14 -36.54 11.67
CA ARG C 111 50.89 -37.78 11.89
C ARG C 111 51.62 -37.69 13.23
N ARG C 112 51.32 -38.62 14.12
CA ARG C 112 51.78 -38.54 15.51
C ARG C 112 51.73 -39.92 16.13
N CYS C 113 52.32 -40.03 17.31
CA CYS C 113 52.21 -41.23 18.14
C CYS C 113 51.97 -40.80 19.58
N SER C 114 50.90 -41.31 20.18
CA SER C 114 50.51 -40.94 21.54
C SER C 114 50.44 -42.19 22.40
N VAL C 115 51.16 -42.19 23.52
CA VAL C 115 51.40 -43.38 24.32
C VAL C 115 51.11 -43.07 25.78
N PHE C 116 50.43 -44.00 26.45
CA PHE C 116 50.25 -43.95 27.90
C PHE C 116 51.43 -44.59 28.61
N TYR C 117 51.79 -44.02 29.77
CA TYR C 117 52.78 -44.61 30.64
C TYR C 117 52.28 -44.52 32.07
N GLY C 118 52.84 -45.35 32.94
CA GLY C 118 52.42 -45.33 34.33
C GLY C 118 53.55 -45.09 35.31
N ALA C 119 53.20 -44.69 36.52
CA ALA C 119 54.10 -44.63 37.67
C ALA C 119 54.87 -45.94 37.86
N PRO C 120 55.92 -45.96 38.68
CA PRO C 120 56.76 -47.17 38.73
C PRO C 120 56.08 -48.35 39.39
N SER C 121 55.38 -48.14 40.51
CA SER C 121 54.65 -49.21 41.17
C SER C 121 53.36 -49.56 40.44
N LYS C 122 52.82 -48.62 39.67
CA LYS C 122 51.50 -48.74 39.07
C LYS C 122 51.58 -49.32 37.65
N SER C 123 50.42 -49.49 37.02
CA SER C 123 50.28 -50.13 35.73
C SER C 123 49.96 -49.13 34.63
N ARG C 124 50.21 -49.57 33.40
CA ARG C 124 50.03 -48.73 32.21
C ARG C 124 48.58 -48.31 32.01
N LEU C 125 47.63 -49.20 32.24
CA LEU C 125 46.22 -48.92 31.94
C LEU C 125 45.34 -49.14 33.16
N LEU C 126 44.16 -48.52 33.09
CA LEU C 126 43.14 -48.69 34.13
C LEU C 126 42.68 -50.15 34.21
N ALA C 127 42.28 -50.55 35.42
CA ALA C 127 41.79 -51.89 35.68
C ALA C 127 40.41 -52.09 35.07
N THR C 128 40.27 -53.08 34.19
CA THR C 128 39.00 -53.33 33.53
C THR C 128 38.82 -54.81 33.30
N LEU C 129 37.59 -55.28 33.51
CA LEU C 129 37.22 -56.69 33.39
C LEU C 129 36.56 -56.87 32.02
N CYS C 130 37.01 -57.87 31.28
CA CYS C 130 36.46 -58.11 29.95
C CYS C 130 36.10 -59.57 29.77
N SER C 131 34.91 -59.82 29.24
CA SER C 131 34.49 -61.15 28.81
C SER C 131 33.92 -61.02 27.41
N ALA C 132 34.51 -61.75 26.46
CA ALA C 132 34.14 -61.69 25.06
C ALA C 132 34.08 -60.26 24.54
N GLU C 133 32.88 -59.81 24.15
CA GLU C 133 32.68 -58.50 23.54
C GLU C 133 32.27 -57.40 24.52
N VAL C 134 32.21 -57.67 25.82
CA VAL C 134 31.79 -56.69 26.81
C VAL C 134 32.87 -56.51 27.88
N CYS C 135 33.08 -55.26 28.31
CA CYS C 135 34.03 -54.95 29.37
C CYS C 135 33.37 -54.09 30.44
N GLN C 136 33.96 -54.12 31.65
CA GLN C 136 33.38 -53.52 32.85
C GLN C 136 34.46 -52.91 33.74
N CYS C 137 34.17 -51.74 34.31
CA CYS C 137 35.10 -51.04 35.20
C CYS C 137 35.45 -51.87 36.43
N ALA C 138 36.74 -51.91 36.77
CA ALA C 138 37.23 -52.63 37.94
C ALA C 138 37.94 -51.74 38.96
N GLU C 139 37.97 -50.43 38.76
CA GLU C 139 38.52 -49.51 39.75
C GLU C 139 37.69 -49.50 41.05
N GLY C 140 38.38 -49.30 42.17
CA GLY C 140 37.76 -49.27 43.48
C GLY C 140 38.32 -50.24 44.50
N LYS C 141 38.03 -50.00 45.79
CA LYS C 141 38.57 -50.78 46.89
C LYS C 141 37.62 -51.93 47.25
N CYS C 142 38.02 -53.15 46.92
CA CYS C 142 37.13 -54.31 47.01
C CYS C 142 36.62 -54.70 48.40
N PRO C 143 37.42 -54.74 49.48
CA PRO C 143 37.07 -55.63 50.61
C PRO C 143 36.17 -55.02 51.70
N ARG C 144 34.86 -55.28 51.61
CA ARG C 144 33.98 -55.09 52.76
C ARG C 144 34.37 -55.99 53.93
N GLN C 145 34.62 -57.28 53.64
CA GLN C 145 35.30 -58.22 54.56
C GLN C 145 34.76 -58.09 55.99
N ARG C 146 33.44 -58.20 56.14
CA ARG C 146 32.76 -57.79 57.36
C ARG C 146 32.10 -58.98 58.05
N ARG C 147 32.57 -59.30 59.26
CA ARG C 147 31.87 -60.22 60.15
C ARG C 147 31.45 -59.43 61.38
N ALA C 148 30.17 -59.07 61.46
CA ALA C 148 29.69 -58.23 62.56
C ALA C 148 29.48 -59.01 63.85
N LEU C 149 29.27 -60.33 63.75
CA LEU C 149 28.96 -61.16 64.92
C LEU C 149 30.05 -61.08 66.00
N GLU C 150 31.32 -61.03 65.59
CA GLU C 150 32.42 -61.02 66.53
C GLU C 150 32.94 -59.62 66.86
N ARG C 151 32.21 -58.57 66.48
CA ARG C 151 32.63 -57.19 66.67
C ARG C 151 31.59 -56.45 67.48
N GLY C 152 31.95 -55.26 67.95
CA GLY C 152 31.03 -54.43 68.72
C GLY C 152 30.10 -53.61 67.87
N LEU C 153 30.35 -53.53 66.57
CA LEU C 153 29.53 -52.77 65.63
C LEU C 153 28.19 -53.45 65.35
N GLN C 154 28.08 -54.77 65.57
CA GLN C 154 26.82 -55.46 65.37
C GLN C 154 25.72 -54.91 66.26
N ASP C 155 24.55 -54.70 65.68
CA ASP C 155 23.39 -54.19 66.39
C ASP C 155 22.16 -55.02 66.07
N GLU C 156 21.14 -54.86 66.92
CA GLU C 156 19.84 -55.47 66.68
C GLU C 156 18.87 -54.50 66.01
N ASP C 157 19.40 -53.37 65.54
CA ASP C 157 18.55 -52.33 64.93
C ASP C 157 17.83 -52.85 63.71
N GLY C 158 18.50 -53.66 62.91
CA GLY C 158 17.90 -54.26 61.74
C GLY C 158 18.00 -53.35 60.54
N TYR C 159 19.19 -52.80 60.33
CA TYR C 159 19.49 -51.90 59.22
C TYR C 159 19.96 -52.65 57.98
N ARG C 160 19.99 -53.98 58.03
CA ARG C 160 20.38 -54.78 56.87
C ARG C 160 19.44 -54.56 55.68
N MET C 161 18.12 -54.59 55.93
CA MET C 161 17.16 -54.27 54.88
C MET C 161 17.29 -52.82 54.38
N LYS C 162 17.48 -51.88 55.31
CA LYS C 162 17.69 -50.48 54.93
C LYS C 162 18.92 -50.31 54.04
N PHE C 163 20.01 -51.00 54.36
CA PHE C 163 21.17 -51.03 53.50
C PHE C 163 20.84 -51.58 52.11
N ALA C 164 20.15 -52.71 52.05
CA ALA C 164 19.81 -53.35 50.78
C ALA C 164 18.85 -52.52 49.92
N CYS C 165 17.83 -51.92 50.53
CA CYS C 165 16.81 -51.21 49.76
C CYS C 165 17.09 -49.73 49.49
N TYR C 166 17.56 -48.98 50.48
CA TYR C 166 17.55 -47.52 50.36
C TYR C 166 18.93 -46.96 50.04
N TYR C 167 19.90 -47.13 50.93
CA TYR C 167 21.24 -46.62 50.68
C TYR C 167 22.21 -47.59 51.32
N PRO C 168 23.28 -47.97 50.63
CA PRO C 168 23.67 -47.59 49.26
C PRO C 168 22.90 -48.35 48.19
N ARG C 169 21.99 -49.23 48.64
CA ARG C 169 21.09 -50.01 47.78
C ARG C 169 21.80 -51.18 47.11
N VAL C 170 21.13 -52.33 47.09
CA VAL C 170 21.68 -53.59 46.62
C VAL C 170 20.82 -54.10 45.46
N GLU C 171 21.45 -54.73 44.48
CA GLU C 171 20.75 -55.26 43.31
C GLU C 171 20.72 -56.78 43.26
N TYR C 172 21.81 -57.46 43.63
CA TYR C 172 21.84 -58.91 43.69
C TYR C 172 22.09 -59.35 45.13
N GLY C 173 21.60 -60.53 45.48
CA GLY C 173 21.88 -61.10 46.79
C GLY C 173 21.85 -62.61 46.78
N PHE C 174 22.92 -63.22 47.27
CA PHE C 174 23.01 -64.68 47.35
C PHE C 174 23.78 -65.06 48.60
N GLN C 175 23.44 -66.22 49.17
CA GLN C 175 24.34 -66.91 50.08
C GLN C 175 25.02 -68.03 49.29
N VAL C 176 26.34 -67.98 49.21
CA VAL C 176 27.10 -68.70 48.18
C VAL C 176 28.17 -69.54 48.84
N LYS C 177 28.35 -70.77 48.36
CA LYS C 177 29.42 -71.63 48.81
C LYS C 177 30.60 -71.47 47.85
N VAL C 178 31.75 -71.09 48.38
CA VAL C 178 32.94 -70.86 47.57
C VAL C 178 33.62 -72.20 47.30
N LEU C 179 33.83 -72.51 46.01
CA LEU C 179 34.38 -73.80 45.62
C LEU C 179 35.89 -73.75 45.40
N ARG C 180 36.37 -72.77 44.63
CA ARG C 180 37.78 -72.64 44.32
C ARG C 180 38.17 -71.17 44.31
N GLU C 181 39.44 -70.90 44.58
CA GLU C 181 40.03 -69.58 44.40
C GLU C 181 41.07 -69.66 43.28
N ASP C 182 40.78 -68.99 42.18
CA ASP C 182 41.61 -69.00 40.98
C ASP C 182 42.11 -67.59 40.71
N SER C 183 42.85 -67.43 39.61
CA SER C 183 43.31 -66.10 39.24
C SER C 183 43.42 -66.01 37.73
N ARG C 184 43.03 -64.85 37.20
CA ARG C 184 43.08 -64.57 35.76
C ARG C 184 43.38 -63.09 35.60
N ALA C 185 44.30 -62.78 34.68
CA ALA C 185 44.72 -61.40 34.44
C ALA C 185 45.07 -60.69 35.74
N ALA C 186 44.42 -59.56 36.01
CA ALA C 186 44.62 -58.79 37.23
C ALA C 186 43.55 -59.05 38.27
N PHE C 187 42.92 -60.23 38.23
CA PHE C 187 41.83 -60.57 39.14
C PHE C 187 42.08 -61.92 39.79
N ARG C 188 41.64 -62.04 41.04
CA ARG C 188 41.44 -63.32 41.69
C ARG C 188 39.97 -63.69 41.53
N LEU C 189 39.72 -64.94 41.19
CA LEU C 189 38.38 -65.38 40.80
C LEU C 189 37.91 -66.46 41.77
N PHE C 190 36.85 -66.15 42.51
CA PHE C 190 36.18 -67.14 43.36
C PHE C 190 35.07 -67.80 42.57
N GLU C 191 35.19 -69.10 42.31
CA GLU C 191 34.13 -69.86 41.67
C GLU C 191 33.24 -70.44 42.76
N THR C 192 31.94 -70.22 42.63
CA THR C 192 30.99 -70.48 43.71
C THR C 192 29.77 -71.20 43.19
N LYS C 193 28.99 -71.74 44.13
CA LYS C 193 27.72 -72.37 43.85
C LYS C 193 26.67 -71.77 44.78
N ILE C 194 25.54 -71.36 44.21
CA ILE C 194 24.51 -70.63 44.96
C ILE C 194 23.78 -71.57 45.90
N THR C 195 23.85 -71.28 47.20
CA THR C 195 23.05 -72.04 48.16
C THR C 195 21.61 -71.55 48.22
N GLN C 196 21.40 -70.24 48.28
CA GLN C 196 20.05 -69.69 48.20
C GLN C 196 20.09 -68.29 47.60
N VAL C 197 19.06 -67.98 46.81
CA VAL C 197 18.91 -66.68 46.16
C VAL C 197 18.08 -65.78 47.06
N LEU C 198 18.54 -64.53 47.25
CA LEU C 198 17.80 -63.54 48.03
C LEU C 198 17.21 -62.42 47.19
N HIS C 199 17.93 -61.96 46.16
CA HIS C 199 17.42 -60.87 45.33
C HIS C 199 18.14 -60.91 43.99
N PHE C 200 17.47 -60.38 42.97
CA PHE C 200 18.06 -60.26 41.64
C PHE C 200 17.49 -59.04 40.93
N THR C 201 18.26 -58.52 39.98
CA THR C 201 17.73 -57.54 39.04
C THR C 201 18.07 -57.98 37.63
N LYS C 202 19.34 -57.94 37.25
CA LYS C 202 19.82 -58.80 36.18
C LYS C 202 19.66 -60.27 36.56
N ASP C 203 19.40 -61.10 35.55
CA ASP C 203 19.29 -62.55 35.69
C ASP C 203 18.24 -62.95 36.73
N VAL C 204 16.99 -62.64 36.38
CA VAL C 204 15.86 -63.03 37.22
C VAL C 204 15.73 -64.55 37.28
N LYS C 205 16.31 -65.25 36.32
CA LYS C 205 16.26 -66.70 36.23
C LYS C 205 17.40 -67.39 36.99
N ALA C 206 18.12 -66.64 37.82
CA ALA C 206 19.08 -67.21 38.74
C ALA C 206 18.40 -68.13 39.77
N ALA C 207 19.08 -69.21 40.14
CA ALA C 207 18.52 -70.21 41.03
C ALA C 207 19.64 -70.95 41.75
N ALA C 208 19.25 -71.60 42.85
CA ALA C 208 20.18 -72.39 43.67
C ALA C 208 20.84 -73.53 42.88
N ASN C 209 22.08 -73.82 43.27
CA ASN C 209 22.96 -74.83 42.68
C ASN C 209 23.54 -74.44 41.33
N GLN C 210 23.42 -73.17 40.93
CA GLN C 210 24.06 -72.70 39.72
C GLN C 210 25.49 -72.26 39.99
N MET C 211 26.39 -72.62 39.09
CA MET C 211 27.77 -72.14 39.14
C MET C 211 27.82 -70.64 38.85
N ARG C 212 28.59 -69.91 39.65
CA ARG C 212 28.74 -68.48 39.48
C ARG C 212 30.20 -68.10 39.70
N ASN C 213 30.57 -66.93 39.16
CA ASN C 213 31.92 -66.40 39.30
C ASN C 213 31.83 -65.07 40.04
N PHE C 214 32.56 -64.97 41.16
CA PHE C 214 32.72 -63.72 41.88
C PHE C 214 34.18 -63.32 41.83
N LEU C 215 34.48 -62.26 41.09
CA LEU C 215 35.86 -61.82 40.92
C LEU C 215 36.21 -60.74 41.94
N VAL C 216 37.49 -60.65 42.25
CA VAL C 216 38.04 -59.61 43.10
C VAL C 216 39.39 -59.20 42.53
N ARG C 217 39.65 -57.90 42.54
CA ARG C 217 40.89 -57.39 41.93
C ARG C 217 42.10 -57.93 42.67
N ALA C 218 43.11 -58.36 41.90
CA ALA C 218 44.26 -59.05 42.46
C ALA C 218 45.02 -58.22 43.48
N SER C 219 45.08 -56.90 43.28
CA SER C 219 45.71 -56.02 44.26
C SER C 219 44.91 -55.87 45.55
N CYS C 220 43.63 -56.20 45.54
CA CYS C 220 42.84 -56.20 46.77
C CYS C 220 43.19 -57.38 47.67
N ARG C 221 43.15 -57.11 48.98
CA ARG C 221 43.55 -58.04 50.03
C ARG C 221 42.37 -58.73 50.71
N LEU C 222 41.24 -58.85 50.00
CA LEU C 222 40.11 -59.62 50.50
C LEU C 222 40.46 -61.09 50.70
N ARG C 223 40.05 -61.64 51.84
CA ARG C 223 40.25 -63.05 52.19
C ARG C 223 38.93 -63.80 52.17
N LEU C 224 38.77 -64.71 51.20
CA LEU C 224 37.58 -65.54 51.06
C LEU C 224 38.02 -66.99 50.95
N GLU C 225 37.54 -67.83 51.86
CA GLU C 225 38.00 -69.21 51.97
C GLU C 225 37.11 -70.17 51.21
N PRO C 226 37.65 -70.94 50.27
CA PRO C 226 36.86 -72.00 49.63
C PRO C 226 36.35 -73.03 50.61
N GLY C 227 35.16 -73.57 50.31
CA GLY C 227 34.49 -74.53 51.16
C GLY C 227 33.58 -73.93 52.21
N LYS C 228 33.60 -72.61 52.36
CA LYS C 228 32.78 -71.88 53.32
C LYS C 228 31.64 -71.19 52.58
N GLU C 229 30.61 -70.80 53.34
CA GLU C 229 29.42 -70.20 52.76
C GLU C 229 29.30 -68.75 53.24
N TYR C 230 29.25 -67.82 52.30
CA TYR C 230 29.26 -66.40 52.57
C TYR C 230 27.99 -65.75 52.01
N LEU C 231 27.53 -64.71 52.69
CA LEU C 231 26.47 -63.85 52.17
C LEU C 231 27.10 -62.77 51.31
N ILE C 232 26.75 -62.75 50.03
CA ILE C 232 27.35 -61.83 49.06
C ILE C 232 26.24 -61.08 48.34
N MET C 233 26.25 -59.75 48.46
CA MET C 233 25.25 -58.90 47.85
C MET C 233 25.97 -57.69 47.25
N GLY C 234 25.38 -57.10 46.22
CA GLY C 234 26.02 -55.94 45.61
C GLY C 234 25.30 -55.50 44.35
N LEU C 235 26.05 -54.79 43.52
CA LEU C 235 25.55 -54.20 42.27
C LEU C 235 25.84 -55.11 41.08
N ASP C 236 24.90 -55.17 40.15
CA ASP C 236 24.98 -56.07 39.01
C ASP C 236 26.20 -55.78 38.14
N GLY C 237 26.83 -56.85 37.65
CA GLY C 237 27.93 -56.76 36.72
C GLY C 237 27.45 -56.53 35.31
N ALA C 238 28.34 -56.80 34.34
CA ALA C 238 27.99 -56.64 32.94
C ALA C 238 28.88 -57.46 32.02
N THR C 239 29.72 -58.32 32.58
CA THR C 239 30.65 -59.10 31.76
C THR C 239 30.09 -60.46 31.38
N TYR C 240 29.62 -61.23 32.37
CA TYR C 240 29.03 -62.56 32.19
C TYR C 240 30.11 -63.60 31.95
N ASP C 241 29.83 -64.85 32.34
CA ASP C 241 30.76 -65.96 32.20
C ASP C 241 30.79 -66.46 30.75
N LEU C 242 31.81 -67.24 30.44
CA LEU C 242 31.96 -67.78 29.09
C LEU C 242 31.01 -68.94 28.83
N GLU C 243 30.46 -69.54 29.88
CA GLU C 243 29.45 -70.57 29.76
C GLU C 243 28.04 -69.99 29.81
N GLY C 244 27.92 -68.67 29.94
CA GLY C 244 26.67 -67.95 29.77
C GLY C 244 26.15 -67.29 31.03
N HIS C 245 26.50 -67.84 32.20
CA HIS C 245 25.95 -67.31 33.45
C HIS C 245 26.47 -65.89 33.71
N PRO C 246 25.59 -64.97 34.10
CA PRO C 246 26.03 -63.64 34.55
C PRO C 246 27.07 -63.69 35.65
N GLN C 247 28.03 -62.76 35.59
CA GLN C 247 29.24 -62.80 36.38
C GLN C 247 29.34 -61.50 37.18
N TYR C 248 29.85 -61.59 38.41
CA TYR C 248 29.85 -60.49 39.35
C TYR C 248 31.25 -60.09 39.76
N LEU C 249 31.41 -58.81 40.14
CA LEU C 249 32.67 -58.26 40.61
C LEU C 249 32.48 -57.60 41.96
N LEU C 250 33.34 -57.94 42.92
CA LEU C 250 33.28 -57.41 44.27
C LEU C 250 33.94 -56.04 44.36
N ASP C 251 33.19 -55.02 44.77
CA ASP C 251 33.71 -53.67 44.86
C ASP C 251 32.97 -52.91 45.97
N SER C 252 33.38 -51.66 46.18
CA SER C 252 32.79 -50.76 47.17
C SER C 252 31.27 -50.82 47.18
N ASN C 253 30.71 -51.03 48.37
CA ASN C 253 29.29 -51.13 48.73
C ASN C 253 28.74 -52.54 48.51
N SER C 254 29.54 -53.50 48.07
CA SER C 254 29.13 -54.89 48.11
C SER C 254 29.16 -55.39 49.56
N TRP C 255 28.26 -56.31 49.86
CA TRP C 255 28.14 -56.89 51.21
C TRP C 255 28.75 -58.29 51.19
N ILE C 256 29.78 -58.49 52.01
CA ILE C 256 30.45 -59.78 52.14
C ILE C 256 30.49 -60.13 53.62
N GLU C 257 29.79 -61.18 54.01
CA GLU C 257 29.67 -61.55 55.41
C GLU C 257 29.62 -63.07 55.54
N GLU C 258 30.39 -63.61 56.49
CA GLU C 258 30.42 -65.05 56.75
C GLU C 258 29.29 -65.42 57.71
N MET C 259 28.52 -66.47 57.37
CA MET C 259 27.41 -66.91 58.18
C MET C 259 27.89 -67.81 59.32
N PRO C 260 27.34 -67.65 60.54
CA PRO C 260 27.83 -68.40 61.70
C PRO C 260 27.10 -69.72 61.88
N SER C 261 27.67 -70.55 62.77
CA SER C 261 27.06 -71.81 63.15
C SER C 261 26.05 -71.59 64.29
N GLU C 262 25.40 -72.68 64.72
CA GLU C 262 24.55 -72.62 65.91
C GLU C 262 25.37 -72.24 67.14
N ARG C 263 26.52 -72.88 67.32
CA ARG C 263 27.40 -72.57 68.44
C ARG C 263 27.85 -71.10 68.42
N LEU C 264 28.20 -70.59 67.24
CA LEU C 264 28.56 -69.18 67.10
C LEU C 264 27.35 -68.26 66.92
N CYS C 265 26.17 -68.72 67.29
CA CYS C 265 24.98 -67.89 67.47
C CYS C 265 24.47 -68.00 68.89
N ARG C 266 24.52 -69.22 69.43
CA ARG C 266 24.19 -69.53 70.82
C ARG C 266 25.06 -68.78 71.81
N SER C 267 26.35 -68.60 71.49
CA SER C 267 27.26 -67.84 72.33
C SER C 267 26.83 -66.40 72.59
N THR C 268 27.18 -65.92 73.79
CA THR C 268 26.68 -64.69 74.36
C THR C 268 26.89 -63.47 73.47
N ARG C 269 28.08 -63.36 72.85
CA ARG C 269 28.47 -62.13 72.16
C ARG C 269 27.49 -61.74 71.06
N GLN C 270 27.02 -62.70 70.27
CA GLN C 270 26.05 -62.42 69.21
C GLN C 270 24.68 -63.03 69.49
N ARG C 271 24.44 -63.48 70.71
CA ARG C 271 23.18 -64.13 71.06
C ARG C 271 21.97 -63.25 70.78
N ALA C 272 21.00 -63.82 70.08
CA ALA C 272 19.77 -63.20 69.56
C ALA C 272 20.00 -62.17 68.46
N ALA C 273 21.15 -61.51 68.44
CA ALA C 273 21.50 -60.66 67.30
C ALA C 273 21.68 -61.48 66.03
N CYS C 274 22.33 -62.64 66.14
CA CYS C 274 22.43 -63.59 65.04
C CYS C 274 21.06 -64.09 64.57
N ALA C 275 20.13 -64.31 65.49
CA ALA C 275 18.75 -64.62 65.11
C ALA C 275 18.09 -63.50 64.32
N GLN C 276 18.30 -62.25 64.72
CA GLN C 276 17.83 -61.10 63.93
C GLN C 276 18.44 -61.08 62.53
N LEU C 277 19.74 -61.37 62.40
CA LEU C 277 20.34 -61.52 61.08
C LEU C 277 19.66 -62.61 60.25
N ASN C 278 19.44 -63.78 60.86
CA ASN C 278 18.73 -64.86 60.18
C ASN C 278 17.30 -64.47 59.82
N ASP C 279 16.60 -63.78 60.73
CA ASP C 279 15.23 -63.32 60.47
C ASP C 279 15.17 -62.39 59.26
N PHE C 280 16.08 -61.41 59.18
CA PHE C 280 16.21 -60.60 57.97
C PHE C 280 16.48 -61.44 56.73
N LEU C 281 17.42 -62.37 56.81
CA LEU C 281 17.85 -63.14 55.63
C LEU C 281 16.70 -63.90 54.97
N GLN C 282 15.92 -64.65 55.75
CA GLN C 282 14.73 -65.29 55.21
C GLN C 282 13.65 -64.31 54.77
N GLU C 283 13.37 -63.29 55.60
CA GLU C 283 12.29 -62.34 55.27
C GLU C 283 12.56 -61.56 53.98
N TYR C 284 13.75 -60.98 53.85
CA TYR C 284 14.08 -60.24 52.63
C TYR C 284 14.03 -61.12 51.37
N GLY C 285 14.49 -62.36 51.47
CA GLY C 285 14.47 -63.24 50.31
C GLY C 285 13.09 -63.60 49.82
N THR C 286 12.09 -63.60 50.70
CA THR C 286 10.71 -63.92 50.35
C THR C 286 9.86 -62.67 50.14
N GLN C 287 9.94 -61.72 51.07
CA GLN C 287 9.16 -60.49 50.98
C GLN C 287 9.52 -59.68 49.74
N GLY C 288 10.81 -59.60 49.42
CA GLY C 288 11.31 -58.63 48.47
C GLY C 288 11.53 -57.27 49.12
N CYS C 289 12.19 -56.40 48.36
CA CYS C 289 12.55 -55.08 48.86
C CYS C 289 11.34 -54.21 49.19
N GLN C 290 10.34 -54.18 48.32
CA GLN C 290 9.21 -53.28 48.51
C GLN C 290 7.90 -54.04 48.63
N VAL C 291 7.07 -53.62 49.60
CA VAL C 291 5.79 -54.25 49.88
C VAL C 291 4.69 -53.57 49.07
N LYS D 1 8.53 8.84 42.92
CA LYS D 1 9.57 9.04 41.91
C LYS D 1 9.21 8.38 40.57
N PRO D 2 9.38 7.05 40.43
CA PRO D 2 9.06 6.43 39.14
C PRO D 2 7.57 6.48 38.80
N ARG D 3 7.31 6.75 37.53
CA ARG D 3 5.97 6.88 36.98
C ARG D 3 6.02 6.47 35.52
N LEU D 4 4.88 6.04 35.02
CA LEU D 4 4.66 5.88 33.59
C LEU D 4 3.71 6.98 33.15
N LEU D 5 4.04 7.64 32.04
CA LEU D 5 3.20 8.69 31.52
C LEU D 5 2.58 8.19 30.23
N LEU D 6 1.27 8.37 30.11
CA LEU D 6 0.53 7.96 28.93
C LEU D 6 -0.20 9.18 28.37
N PHE D 7 0.06 9.49 27.10
CA PHE D 7 -0.54 10.62 26.43
C PHE D 7 -1.30 10.12 25.20
N SER D 8 -2.46 10.70 24.94
CA SER D 8 -3.17 10.40 23.70
C SER D 8 -4.15 11.53 23.42
N PRO D 9 -4.62 11.64 22.17
CA PRO D 9 -5.76 12.49 21.87
C PRO D 9 -6.96 12.13 22.73
N SER D 10 -7.80 13.13 23.01
CA SER D 10 -8.93 12.90 23.89
C SER D 10 -10.08 12.19 23.19
N VAL D 11 -10.06 12.12 21.86
CA VAL D 11 -11.09 11.44 21.08
C VAL D 11 -10.43 10.43 20.16
N VAL D 12 -10.84 9.17 20.28
CA VAL D 12 -10.39 8.12 19.38
C VAL D 12 -11.26 8.13 18.13
N HIS D 13 -10.65 7.96 16.96
CA HIS D 13 -11.41 7.88 15.73
C HIS D 13 -11.31 6.46 15.18
N LEU D 14 -12.46 5.80 15.05
CA LEU D 14 -12.50 4.41 14.58
C LEU D 14 -12.07 4.34 13.12
N GLY D 15 -11.31 3.30 12.79
CA GLY D 15 -10.77 3.15 11.46
C GLY D 15 -9.57 4.04 11.20
N VAL D 16 -9.09 4.71 12.24
CA VAL D 16 -7.95 5.62 12.16
C VAL D 16 -6.95 5.15 13.20
N PRO D 17 -5.70 4.91 12.82
CA PRO D 17 -4.68 4.61 13.84
C PRO D 17 -4.51 5.77 14.81
N LEU D 18 -4.65 5.46 16.10
CA LEU D 18 -4.52 6.44 17.18
C LEU D 18 -3.06 6.56 17.57
N SER D 19 -2.56 7.79 17.64
CA SER D 19 -1.21 8.01 18.12
C SER D 19 -1.24 8.12 19.64
N VAL D 20 -0.42 7.30 20.31
CA VAL D 20 -0.39 7.20 21.76
C VAL D 20 1.04 7.48 22.22
N GLY D 21 1.20 8.45 23.12
CA GLY D 21 2.50 8.79 23.64
C GLY D 21 2.69 8.11 24.99
N VAL D 22 3.93 7.67 25.24
CA VAL D 22 4.26 6.97 26.47
C VAL D 22 5.68 7.36 26.90
N GLN D 23 5.89 7.48 28.20
CA GLN D 23 7.13 8.05 28.70
C GLN D 23 7.35 7.59 30.14
N LEU D 24 8.61 7.65 30.58
CA LEU D 24 9.03 7.29 31.92
C LEU D 24 9.59 8.50 32.64
N GLN D 25 9.27 8.64 33.92
CA GLN D 25 9.82 9.71 34.74
C GLN D 25 10.59 9.17 35.93
N ASP D 26 11.78 9.72 36.13
CA ASP D 26 12.58 9.51 37.33
C ASP D 26 12.81 8.02 37.65
N VAL D 27 13.12 7.24 36.61
CA VAL D 27 13.37 5.81 36.74
C VAL D 27 14.86 5.58 36.94
N PRO D 28 15.28 4.67 37.83
CA PRO D 28 16.71 4.38 38.01
C PRO D 28 17.42 4.09 36.70
N ARG D 29 18.68 4.56 36.62
CA ARG D 29 19.41 4.61 35.35
C ARG D 29 19.46 3.27 34.64
N GLY D 30 19.58 2.18 35.39
CA GLY D 30 19.65 0.87 34.77
C GLY D 30 18.35 0.15 34.59
N GLN D 31 17.24 0.73 35.04
CA GLN D 31 15.96 0.04 35.04
C GLN D 31 15.21 0.25 33.74
N VAL D 32 14.67 -0.84 33.21
CA VAL D 32 14.01 -0.87 31.91
C VAL D 32 12.59 -1.36 32.15
N VAL D 33 11.62 -0.74 31.49
CA VAL D 33 10.23 -1.19 31.52
C VAL D 33 9.81 -1.55 30.10
N LYS D 34 9.15 -2.69 29.98
CA LYS D 34 8.59 -3.15 28.72
C LYS D 34 7.11 -3.44 28.93
N GLY D 35 6.29 -3.09 27.94
CA GLY D 35 4.87 -3.29 28.08
C GLY D 35 4.18 -3.28 26.73
N SER D 36 2.85 -3.19 26.80
CA SER D 36 2.00 -3.15 25.63
C SER D 36 0.85 -2.20 25.92
N VAL D 37 0.41 -1.47 24.90
CA VAL D 37 -0.74 -0.58 25.02
C VAL D 37 -1.80 -1.05 24.04
N PHE D 38 -3.06 -0.91 24.45
CA PHE D 38 -4.19 -1.36 23.64
C PHE D 38 -5.43 -0.61 24.10
N LEU D 39 -6.45 -0.62 23.23
CA LEU D 39 -7.71 0.04 23.53
C LEU D 39 -8.68 -0.97 24.13
N ARG D 40 -9.37 -0.57 25.20
CA ARG D 40 -10.12 -1.48 26.04
C ARG D 40 -11.57 -1.04 26.18
N ASN D 41 -12.48 -2.02 26.15
CA ASN D 41 -13.84 -1.83 26.62
C ASN D 41 -14.04 -2.53 27.96
N PRO D 42 -14.28 -1.80 29.05
CA PRO D 42 -14.35 -2.47 30.36
C PRO D 42 -15.63 -3.24 30.56
N SER D 43 -16.76 -2.73 30.07
CA SER D 43 -18.07 -3.32 30.33
C SER D 43 -18.27 -4.64 29.58
N ARG D 44 -17.44 -4.93 28.58
CA ARG D 44 -17.47 -6.20 27.86
C ARG D 44 -16.38 -7.15 28.36
N ASN D 45 -16.01 -7.01 29.64
CA ASN D 45 -15.06 -7.88 30.31
C ASN D 45 -13.63 -7.65 29.80
N ASN D 46 -13.31 -6.38 29.54
CA ASN D 46 -11.96 -5.93 29.19
C ASN D 46 -11.50 -6.48 27.84
N VAL D 47 -12.44 -6.72 26.92
CA VAL D 47 -12.05 -7.18 25.59
C VAL D 47 -11.28 -6.07 24.87
N PRO D 48 -10.11 -6.37 24.30
CA PRO D 48 -9.39 -5.34 23.55
C PRO D 48 -10.13 -4.93 22.29
N CYS D 49 -10.18 -3.61 22.08
CA CYS D 49 -10.80 -2.99 20.92
C CYS D 49 -9.79 -2.67 19.83
N SER D 50 -8.56 -3.15 19.99
CA SER D 50 -7.45 -2.87 19.10
C SER D 50 -6.49 -4.05 19.21
N PRO D 51 -5.69 -4.32 18.18
CA PRO D 51 -4.49 -5.12 18.42
C PRO D 51 -3.57 -4.41 19.39
N LYS D 52 -2.75 -5.18 20.11
CA LYS D 52 -1.82 -4.56 21.04
C LYS D 52 -0.54 -4.19 20.30
N VAL D 53 0.09 -3.12 20.74
CA VAL D 53 1.40 -2.73 20.24
C VAL D 53 2.36 -2.60 21.43
N ASP D 54 3.52 -3.22 21.31
CA ASP D 54 4.46 -3.35 22.42
C ASP D 54 5.39 -2.15 22.45
N PHE D 55 5.67 -1.64 23.65
CA PHE D 55 6.58 -0.52 23.81
C PHE D 55 7.69 -0.90 24.78
N THR D 56 8.89 -0.38 24.51
CA THR D 56 10.07 -0.59 25.34
C THR D 56 10.69 0.77 25.68
N LEU D 57 10.82 1.05 26.96
CA LEU D 57 11.36 2.32 27.44
C LEU D 57 12.46 2.07 28.47
N SER D 58 13.38 3.02 28.55
CA SER D 58 14.55 2.91 29.40
C SER D 58 14.90 4.30 29.90
N SER D 59 15.90 4.39 30.77
CA SER D 59 16.44 5.69 31.13
C SER D 59 17.08 6.39 29.93
N GLU D 60 17.83 5.63 29.11
CA GLU D 60 18.47 6.22 27.94
C GLU D 60 17.47 6.74 26.93
N ARG D 61 16.43 5.96 26.64
CA ARG D 61 15.31 6.42 25.82
C ARG D 61 14.04 6.29 26.65
N ASP D 62 13.52 7.43 27.09
CA ASP D 62 12.49 7.49 28.12
C ASP D 62 11.15 8.00 27.57
N PHE D 63 11.03 8.10 26.26
CA PHE D 63 9.77 8.51 25.63
C PHE D 63 9.59 7.72 24.35
N ALA D 64 8.34 7.46 24.00
CA ALA D 64 8.03 6.77 22.77
C ALA D 64 6.70 7.28 22.24
N LEU D 65 6.59 7.40 20.93
CA LEU D 65 5.34 7.76 20.27
C LEU D 65 4.84 6.56 19.48
N LEU D 66 3.69 6.04 19.89
CA LEU D 66 3.17 4.78 19.38
C LEU D 66 2.03 5.04 18.41
N SER D 67 1.86 4.13 17.46
CA SER D 67 0.74 4.17 16.53
C SER D 67 -0.13 2.95 16.80
N LEU D 68 -1.31 3.20 17.36
CA LEU D 68 -2.22 2.14 17.78
C LEU D 68 -3.38 2.04 16.79
N GLN D 69 -3.40 0.96 16.01
CA GLN D 69 -4.50 0.72 15.08
C GLN D 69 -5.81 0.60 15.85
N VAL D 70 -6.87 1.18 15.29
CA VAL D 70 -8.20 1.05 15.88
C VAL D 70 -9.14 0.53 14.80
N PRO D 71 -8.97 -0.71 14.34
CA PRO D 71 -9.80 -1.21 13.25
C PRO D 71 -11.26 -1.32 13.66
N LEU D 72 -12.13 -1.10 12.67
CA LEU D 72 -13.57 -1.09 12.90
C LEU D 72 -14.07 -2.44 13.43
N LYS D 73 -13.55 -3.54 12.87
CA LYS D 73 -13.97 -4.88 13.28
C LYS D 73 -13.72 -5.13 14.77
N ASP D 74 -12.52 -4.82 15.26
CA ASP D 74 -12.23 -5.00 16.67
C ASP D 74 -13.08 -4.08 17.55
N ALA D 75 -13.28 -2.84 17.12
CA ALA D 75 -14.16 -1.92 17.84
C ALA D 75 -15.60 -2.43 17.93
N LYS D 76 -16.13 -2.96 16.82
CA LYS D 76 -17.46 -3.56 16.84
C LYS D 76 -17.51 -4.81 17.72
N SER D 77 -16.52 -5.70 17.61
CA SER D 77 -16.57 -6.95 18.36
C SER D 77 -16.27 -6.78 19.85
N CYS D 78 -15.63 -5.69 20.27
CA CYS D 78 -15.50 -5.43 21.70
C CYS D 78 -16.71 -4.70 22.27
N GLY D 79 -17.66 -4.33 21.42
CA GLY D 79 -18.94 -3.78 21.87
C GLY D 79 -19.02 -2.29 22.02
N LEU D 80 -18.17 -1.52 21.32
CA LEU D 80 -18.28 -0.07 21.38
C LEU D 80 -19.60 0.41 20.79
N HIS D 81 -20.04 -0.22 19.70
CA HIS D 81 -21.30 0.17 19.07
C HIS D 81 -22.52 -0.25 19.89
N GLN D 82 -22.35 -1.13 20.87
CA GLN D 82 -23.46 -1.56 21.72
C GLN D 82 -23.51 -0.79 23.03
N LEU D 83 -22.63 0.19 23.22
CA LEU D 83 -22.65 1.00 24.44
C LEU D 83 -23.94 1.80 24.55
N LEU D 84 -24.42 1.96 25.79
CA LEU D 84 -25.72 2.58 26.04
C LEU D 84 -25.61 3.98 26.64
N ARG D 85 -24.48 4.32 27.25
CA ARG D 85 -24.26 5.68 27.73
C ARG D 85 -23.58 6.46 26.62
N GLY D 86 -22.52 7.21 26.95
CA GLY D 86 -21.82 7.98 25.96
C GLY D 86 -20.95 7.09 25.08
N PRO D 87 -20.22 7.71 24.14
CA PRO D 87 -19.22 6.97 23.34
C PRO D 87 -17.86 6.99 24.03
N GLU D 88 -17.75 6.21 25.11
CA GLU D 88 -16.58 6.25 25.97
C GLU D 88 -15.83 4.92 25.92
N VAL D 89 -14.50 5.02 25.85
CA VAL D 89 -13.61 3.87 25.72
C VAL D 89 -12.41 4.13 26.62
N GLN D 90 -11.71 3.06 26.98
CA GLN D 90 -10.54 3.16 27.83
C GLN D 90 -9.28 2.81 27.03
N LEU D 91 -8.29 3.68 27.11
CA LEU D 91 -6.96 3.40 26.58
C LEU D 91 -6.09 2.89 27.71
N VAL D 92 -5.50 1.72 27.53
CA VAL D 92 -4.84 1.00 28.62
C VAL D 92 -3.43 0.62 28.19
N ALA D 93 -2.46 0.92 29.05
CA ALA D 93 -1.09 0.47 28.89
C ALA D 93 -0.80 -0.58 29.96
N HIS D 94 -0.17 -1.69 29.56
CA HIS D 94 -0.01 -2.85 30.41
C HIS D 94 1.47 -3.19 30.53
N SER D 95 1.99 -3.17 31.76
CA SER D 95 3.36 -3.58 32.03
C SER D 95 3.45 -4.09 33.45
N PRO D 96 4.24 -5.14 33.71
CA PRO D 96 4.31 -5.66 35.09
C PRO D 96 5.09 -4.74 36.01
N TRP D 97 5.89 -3.85 35.44
CA TRP D 97 6.71 -2.90 36.20
C TRP D 97 5.91 -2.11 37.22
N LEU D 98 4.64 -1.80 36.91
CA LEU D 98 3.77 -1.11 37.86
C LEU D 98 3.58 -1.90 39.15
N LYS D 99 3.50 -3.23 39.05
CA LYS D 99 3.50 -4.06 40.26
C LYS D 99 4.91 -4.32 40.76
N ASP D 100 5.80 -4.77 39.88
CA ASP D 100 7.13 -5.21 40.30
C ASP D 100 7.92 -4.10 40.96
N SER D 101 7.88 -2.89 40.40
CA SER D 101 8.71 -1.79 40.89
C SER D 101 7.91 -0.71 41.62
N LEU D 102 6.77 -0.28 41.08
CA LEU D 102 6.01 0.80 41.69
C LEU D 102 5.16 0.32 42.87
N SER D 103 4.99 -1.00 43.01
CA SER D 103 4.20 -1.60 44.08
C SER D 103 2.76 -1.12 44.06
N ARG D 104 2.17 -1.03 42.86
CA ARG D 104 0.76 -0.72 42.73
C ARG D 104 -0.07 -1.99 42.87
N THR D 105 -1.39 -1.83 42.83
CA THR D 105 -2.31 -2.94 42.92
C THR D 105 -2.68 -3.50 41.55
N THR D 106 -2.16 -2.90 40.48
CA THR D 106 -2.49 -3.31 39.13
C THR D 106 -1.23 -3.24 38.27
N ASN D 107 -1.24 -4.04 37.20
CA ASN D 107 -0.26 -3.95 36.13
C ASN D 107 -0.81 -3.18 34.93
N ILE D 108 -1.76 -2.30 35.20
CA ILE D 108 -2.52 -1.58 34.18
C ILE D 108 -2.57 -0.12 34.58
N GLN D 109 -2.34 0.77 33.62
CA GLN D 109 -2.56 2.19 33.78
C GLN D 109 -3.22 2.70 32.52
N GLY D 110 -4.20 3.58 32.66
CA GLY D 110 -4.93 3.99 31.48
C GLY D 110 -5.57 5.36 31.58
N ILE D 111 -6.21 5.75 30.47
CA ILE D 111 -6.90 7.02 30.34
C ILE D 111 -8.32 6.77 29.86
N ASN D 112 -9.25 7.62 30.31
CA ASN D 112 -10.63 7.55 29.88
C ASN D 112 -10.84 8.48 28.68
N LEU D 113 -11.27 7.91 27.56
CA LEU D 113 -11.37 8.63 26.30
C LEU D 113 -12.79 8.57 25.75
N LEU D 114 -13.11 9.54 24.90
CA LEU D 114 -14.26 9.45 24.02
C LEU D 114 -13.82 8.87 22.69
N PHE D 115 -14.80 8.47 21.87
CA PHE D 115 -14.50 8.04 20.52
C PHE D 115 -15.53 8.60 19.56
N SER D 116 -15.21 8.51 18.26
CA SER D 116 -16.04 9.02 17.19
C SER D 116 -15.89 8.11 15.98
N SER D 117 -17.00 7.93 15.25
CA SER D 117 -16.97 7.19 14.00
C SER D 117 -16.71 8.09 12.82
N ARG D 118 -16.60 9.39 13.05
CA ARG D 118 -16.28 10.35 12.00
C ARG D 118 -14.81 10.24 11.61
N ARG D 119 -14.57 9.77 10.39
CA ARG D 119 -13.22 9.48 9.92
C ARG D 119 -13.09 9.95 8.49
N GLY D 120 -11.84 10.05 8.03
CA GLY D 120 -11.54 10.47 6.68
C GLY D 120 -12.01 11.90 6.37
N HIS D 121 -11.88 12.25 5.09
CA HIS D 121 -12.29 13.55 4.57
C HIS D 121 -13.08 13.33 3.29
N LEU D 122 -14.30 13.88 3.24
CA LEU D 122 -15.16 13.75 2.08
C LEU D 122 -15.44 15.13 1.51
N PHE D 123 -15.12 15.31 0.23
CA PHE D 123 -15.37 16.56 -0.48
C PHE D 123 -16.33 16.30 -1.63
N LEU D 124 -17.27 17.21 -1.83
CA LEU D 124 -18.27 17.03 -2.87
C LEU D 124 -18.64 18.38 -3.47
N GLN D 125 -18.82 18.38 -4.79
CA GLN D 125 -19.05 19.60 -5.56
C GLN D 125 -20.16 19.34 -6.57
N THR D 126 -20.71 20.41 -7.13
CA THR D 126 -21.91 20.31 -7.94
C THR D 126 -21.76 21.15 -9.20
N ASP D 127 -22.58 20.82 -10.20
CA ASP D 127 -22.51 21.46 -11.51
C ASP D 127 -22.61 22.99 -11.44
N GLN D 128 -23.51 23.50 -10.61
CA GLN D 128 -23.75 24.94 -10.56
C GLN D 128 -24.07 25.35 -9.13
N PRO D 129 -23.81 26.61 -8.77
CA PRO D 129 -24.23 27.08 -7.45
C PRO D 129 -25.74 27.26 -7.32
N ILE D 130 -26.43 27.46 -8.45
CA ILE D 130 -27.86 27.74 -8.46
C ILE D 130 -28.46 27.13 -9.70
N TYR D 131 -29.70 26.63 -9.59
CA TYR D 131 -30.37 25.96 -10.70
C TYR D 131 -31.81 26.45 -10.82
N ASN D 132 -32.36 26.26 -12.01
CA ASN D 132 -33.80 26.36 -12.21
C ASN D 132 -34.45 25.03 -11.82
N PRO D 133 -35.70 25.06 -11.39
CA PRO D 133 -36.48 23.81 -11.30
C PRO D 133 -36.48 23.09 -12.64
N GLY D 134 -36.46 21.75 -12.59
CA GLY D 134 -36.41 20.96 -13.80
C GLY D 134 -35.05 20.83 -14.43
N GLN D 135 -34.02 21.43 -13.86
CA GLN D 135 -32.70 21.44 -14.47
C GLN D 135 -31.86 20.26 -13.99
N ARG D 136 -30.99 19.78 -14.88
CA ARG D 136 -30.14 18.64 -14.61
C ARG D 136 -28.98 19.04 -13.69
N VAL D 137 -28.81 18.29 -12.61
CA VAL D 137 -27.78 18.56 -11.62
C VAL D 137 -26.73 17.45 -11.70
N ARG D 138 -25.53 17.81 -12.12
CA ARG D 138 -24.37 16.93 -12.08
C ARG D 138 -23.57 17.21 -10.82
N TYR D 139 -23.08 16.15 -10.18
CA TYR D 139 -22.34 16.30 -8.94
C TYR D 139 -21.37 15.14 -8.78
N ARG D 140 -20.38 15.34 -7.92
CA ARG D 140 -19.39 14.30 -7.64
C ARG D 140 -18.80 14.51 -6.24
N VAL D 141 -18.43 13.41 -5.61
CA VAL D 141 -17.87 13.39 -4.27
C VAL D 141 -16.49 12.73 -4.30
N PHE D 142 -15.56 13.28 -3.52
CA PHE D 142 -14.18 12.80 -3.45
C PHE D 142 -13.94 12.23 -2.05
N ALA D 143 -13.41 11.01 -2.00
CA ALA D 143 -13.20 10.33 -0.73
C ALA D 143 -11.71 10.23 -0.44
N LEU D 144 -11.31 10.79 0.71
CA LEU D 144 -9.92 10.78 1.14
C LEU D 144 -9.84 10.32 2.60
N ASP D 145 -8.66 9.87 3.00
CA ASP D 145 -8.41 9.43 4.35
C ASP D 145 -7.90 10.57 5.23
N GLN D 146 -7.59 10.25 6.48
CA GLN D 146 -7.11 11.25 7.44
C GLN D 146 -5.84 11.94 6.95
N LYS D 147 -4.99 11.22 6.24
CA LYS D 147 -3.69 11.71 5.82
C LYS D 147 -3.74 12.41 4.47
N MET D 148 -4.94 12.71 3.97
CA MET D 148 -5.12 13.44 2.71
C MET D 148 -4.63 12.64 1.51
N ARG D 149 -5.00 11.36 1.46
CA ARG D 149 -4.71 10.53 0.31
C ARG D 149 -6.01 9.87 -0.12
N PRO D 150 -6.15 9.52 -1.40
CA PRO D 150 -7.42 8.96 -1.87
C PRO D 150 -7.79 7.68 -1.14
N SER D 151 -9.08 7.54 -0.86
CA SER D 151 -9.62 6.39 -0.16
C SER D 151 -10.58 5.63 -1.06
N THR D 152 -10.65 4.31 -0.87
CA THR D 152 -11.51 3.44 -1.65
C THR D 152 -12.72 2.93 -0.86
N ASP D 153 -12.87 3.34 0.40
CA ASP D 153 -13.96 2.86 1.23
C ASP D 153 -15.33 3.20 0.66
N THR D 154 -16.28 2.30 0.89
CA THR D 154 -17.66 2.47 0.44
C THR D 154 -18.29 3.69 1.09
N ILE D 155 -18.94 4.53 0.27
CA ILE D 155 -19.56 5.76 0.74
C ILE D 155 -21.04 5.75 0.37
N THR D 156 -21.83 6.48 1.15
CA THR D 156 -23.26 6.63 0.94
C THR D 156 -23.57 8.11 0.78
N VAL D 157 -24.36 8.46 -0.23
CA VAL D 157 -24.67 9.85 -0.56
C VAL D 157 -26.18 10.01 -0.65
N MET D 158 -26.71 11.01 0.06
CA MET D 158 -28.13 11.32 0.06
C MET D 158 -28.36 12.77 -0.33
N VAL D 159 -29.46 13.02 -1.03
CA VAL D 159 -29.85 14.34 -1.50
C VAL D 159 -31.14 14.74 -0.79
N GLU D 160 -31.15 15.93 -0.20
CA GLU D 160 -32.30 16.45 0.53
C GLU D 160 -32.79 17.73 -0.13
N ASN D 161 -34.10 17.83 -0.30
CA ASN D 161 -34.73 18.93 -1.03
C ASN D 161 -34.80 20.22 -0.21
N SER D 162 -35.31 21.27 -0.85
CA SER D 162 -35.51 22.55 -0.19
C SER D 162 -36.41 22.45 1.03
N HIS D 163 -37.45 21.60 0.96
CA HIS D 163 -38.30 21.39 2.12
C HIS D 163 -37.52 20.76 3.29
N GLY D 164 -36.68 19.78 3.00
CA GLY D 164 -35.90 19.17 4.06
C GLY D 164 -35.96 17.65 4.07
N LEU D 165 -36.50 17.05 3.02
CA LEU D 165 -36.74 15.62 2.97
C LEU D 165 -35.78 14.95 1.98
N ARG D 166 -35.34 13.75 2.34
CA ARG D 166 -34.45 12.97 1.49
C ARG D 166 -35.14 12.58 0.19
N VAL D 167 -34.49 12.87 -0.93
CA VAL D 167 -35.07 12.66 -2.26
C VAL D 167 -34.50 11.42 -2.92
N ARG D 168 -33.18 11.23 -2.86
CA ARG D 168 -32.54 10.07 -3.44
C ARG D 168 -31.32 9.72 -2.59
N LYS D 169 -30.93 8.46 -2.65
CA LYS D 169 -29.80 7.98 -1.88
C LYS D 169 -29.13 6.83 -2.62
N LYS D 170 -27.81 6.80 -2.58
CA LYS D 170 -27.04 5.72 -3.16
C LYS D 170 -25.91 5.33 -2.21
N GLU D 171 -25.44 4.09 -2.35
CA GLU D 171 -24.26 3.63 -1.64
C GLU D 171 -23.33 2.98 -2.65
N VAL D 172 -22.11 3.49 -2.75
CA VAL D 172 -21.18 3.15 -3.83
C VAL D 172 -19.77 3.08 -3.25
N TYR D 173 -18.99 2.11 -3.74
CA TYR D 173 -17.57 2.04 -3.45
C TYR D 173 -16.80 2.33 -4.73
N MET D 174 -15.73 3.10 -4.61
CA MET D 174 -15.01 3.62 -5.78
C MET D 174 -13.58 3.14 -5.82
N PRO D 175 -13.19 2.31 -6.78
CA PRO D 175 -11.77 2.00 -6.98
C PRO D 175 -11.03 3.15 -7.64
N SER D 176 -11.75 4.17 -8.09
CA SER D 176 -11.20 5.39 -8.65
C SER D 176 -11.19 6.54 -7.65
N SER D 177 -11.73 6.32 -6.45
CA SER D 177 -11.79 7.26 -5.33
C SER D 177 -12.68 8.47 -5.57
N ILE D 178 -13.34 8.56 -6.72
CA ILE D 178 -14.32 9.62 -6.97
C ILE D 178 -15.61 8.99 -7.49
N PHE D 179 -16.74 9.55 -7.08
CA PHE D 179 -18.06 9.08 -7.45
C PHE D 179 -18.83 10.21 -8.13
N GLN D 180 -19.25 9.99 -9.37
CA GLN D 180 -20.00 10.99 -10.14
C GLN D 180 -21.42 10.49 -10.43
N ASP D 181 -22.39 11.39 -10.26
CA ASP D 181 -23.79 11.03 -10.43
C ASP D 181 -24.55 12.26 -10.94
N ASP D 182 -25.77 12.03 -11.43
CA ASP D 182 -26.60 13.11 -11.96
C ASP D 182 -28.07 12.83 -11.72
N PHE D 183 -28.86 13.89 -11.62
CA PHE D 183 -30.30 13.79 -11.38
C PHE D 183 -30.98 15.06 -11.91
N VAL D 184 -32.30 15.11 -11.79
CA VAL D 184 -33.10 16.24 -12.28
C VAL D 184 -34.00 16.78 -11.17
N ILE D 185 -33.93 18.09 -10.95
CA ILE D 185 -34.76 18.80 -9.96
C ILE D 185 -36.24 18.71 -10.36
N PRO D 186 -37.16 18.48 -9.42
CA PRO D 186 -38.59 18.57 -9.74
C PRO D 186 -38.99 19.94 -10.28
N ASP D 187 -39.69 19.94 -11.42
CA ASP D 187 -40.13 21.17 -12.07
C ASP D 187 -40.97 22.07 -11.16
N ILE D 188 -41.78 21.49 -10.26
CA ILE D 188 -42.67 22.25 -9.41
C ILE D 188 -42.08 22.57 -8.03
N SER D 189 -40.83 22.18 -7.76
CA SER D 189 -40.25 22.38 -6.44
C SER D 189 -40.08 23.86 -6.11
N GLU D 190 -40.56 24.25 -4.94
CA GLU D 190 -40.43 25.62 -4.44
C GLU D 190 -38.97 26.04 -4.31
N PRO D 191 -38.65 27.28 -4.70
CA PRO D 191 -37.33 27.86 -4.46
C PRO D 191 -36.80 27.64 -3.04
N GLY D 192 -35.50 27.43 -2.95
CA GLY D 192 -34.83 27.22 -1.67
C GLY D 192 -33.54 26.46 -1.86
N THR D 193 -32.82 26.31 -0.74
CA THR D 193 -31.53 25.65 -0.73
C THR D 193 -31.63 24.14 -0.55
N TRP D 194 -30.98 23.42 -1.45
CA TRP D 194 -30.86 21.97 -1.42
C TRP D 194 -29.53 21.56 -0.77
N LYS D 195 -29.45 20.31 -0.35
CA LYS D 195 -28.29 19.81 0.38
C LYS D 195 -27.96 18.39 -0.03
N ILE D 196 -26.67 18.13 -0.28
CA ILE D 196 -26.16 16.80 -0.58
C ILE D 196 -25.21 16.41 0.54
N SER D 197 -25.38 15.20 1.07
CA SER D 197 -24.62 14.74 2.22
C SER D 197 -23.95 13.42 1.89
N ALA D 198 -22.67 13.29 2.27
CA ALA D 198 -21.89 12.09 2.02
C ALA D 198 -21.35 11.54 3.34
N ARG D 199 -21.39 10.21 3.46
CA ARG D 199 -20.85 9.48 4.59
C ARG D 199 -20.06 8.29 4.08
N PHE D 200 -19.18 7.76 4.93
CA PHE D 200 -18.70 6.40 4.72
C PHE D 200 -19.75 5.43 5.24
N SER D 201 -19.86 4.28 4.56
CA SER D 201 -20.88 3.30 4.96
C SER D 201 -20.67 2.82 6.39
N ASP D 202 -19.41 2.58 6.78
CA ASP D 202 -19.06 2.24 8.14
C ASP D 202 -18.98 3.45 9.05
N GLY D 203 -18.98 4.65 8.47
CA GLY D 203 -18.91 5.90 9.21
C GLY D 203 -20.27 6.49 9.51
N LEU D 204 -20.89 6.04 10.61
CA LEU D 204 -22.22 6.51 10.97
C LEU D 204 -22.22 7.95 11.46
N GLU D 205 -21.06 8.48 11.86
CA GLU D 205 -20.96 9.86 12.31
C GLU D 205 -20.30 10.77 11.27
N SER D 206 -20.04 10.25 10.08
CA SER D 206 -19.52 11.10 9.00
C SER D 206 -20.54 12.19 8.66
N ASN D 207 -20.04 13.39 8.38
CA ASN D 207 -20.90 14.57 8.42
C ASN D 207 -20.31 15.62 7.47
N SER D 208 -20.32 15.32 6.17
CA SER D 208 -19.83 16.24 5.15
C SER D 208 -20.93 16.49 4.12
N SER D 209 -21.05 17.75 3.70
CA SER D 209 -22.16 18.13 2.84
C SER D 209 -21.79 19.35 2.01
N THR D 210 -22.52 19.53 0.90
CA THR D 210 -22.46 20.73 0.10
C THR D 210 -23.89 21.18 -0.22
N GLN D 211 -24.04 22.45 -0.58
CA GLN D 211 -25.36 23.04 -0.76
C GLN D 211 -25.44 23.79 -2.08
N PHE D 212 -26.68 23.93 -2.58
CA PHE D 212 -26.96 24.75 -3.75
C PHE D 212 -28.38 25.26 -3.63
N GLU D 213 -28.72 26.22 -4.47
CA GLU D 213 -30.02 26.89 -4.43
C GLU D 213 -30.79 26.60 -5.72
N VAL D 214 -32.11 26.43 -5.59
CA VAL D 214 -33.02 26.33 -6.72
C VAL D 214 -33.84 27.62 -6.79
N LYS D 215 -33.91 28.20 -7.99
CA LYS D 215 -34.51 29.53 -8.13
C LYS D 215 -35.02 29.70 -9.55
N LYS D 216 -36.01 30.58 -9.71
CA LYS D 216 -36.64 30.87 -10.99
C LYS D 216 -35.85 31.88 -11.81
N TYR D 217 -34.53 31.91 -11.65
CA TYR D 217 -33.71 32.90 -12.33
C TYR D 217 -33.75 32.73 -13.85
N VAL D 218 -33.56 33.84 -14.55
CA VAL D 218 -33.20 33.87 -15.97
C VAL D 218 -31.80 34.47 -16.06
N LEU D 219 -30.95 33.85 -16.87
CA LEU D 219 -29.52 34.13 -16.79
C LEU D 219 -29.18 35.56 -17.18
N PRO D 220 -28.75 36.40 -16.24
CA PRO D 220 -28.46 37.81 -16.54
C PRO D 220 -27.33 37.98 -17.54
N ASN D 221 -27.32 39.12 -18.22
CA ASN D 221 -26.27 39.46 -19.15
C ASN D 221 -25.33 40.54 -18.64
N PHE D 222 -25.68 41.20 -17.53
CA PHE D 222 -24.79 42.15 -16.87
C PHE D 222 -25.02 42.06 -15.36
N GLU D 223 -24.02 42.51 -14.61
CA GLU D 223 -24.04 42.51 -13.16
C GLU D 223 -23.81 43.92 -12.64
N VAL D 224 -24.43 44.24 -11.51
CA VAL D 224 -24.31 45.55 -10.88
C VAL D 224 -23.70 45.41 -9.49
N LYS D 225 -22.75 46.30 -9.17
CA LYS D 225 -21.98 46.27 -7.93
C LYS D 225 -22.13 47.61 -7.21
N ILE D 226 -22.35 47.56 -5.90
CA ILE D 226 -22.39 48.76 -5.06
C ILE D 226 -21.20 48.72 -4.11
N THR D 227 -20.28 49.67 -4.26
CA THR D 227 -19.06 49.71 -3.46
C THR D 227 -18.98 51.00 -2.67
N PRO D 228 -19.17 50.99 -1.35
CA PRO D 228 -18.99 52.21 -0.57
C PRO D 228 -17.53 52.67 -0.56
N GLY D 229 -17.34 53.99 -0.43
CA GLY D 229 -16.00 54.53 -0.37
C GLY D 229 -15.23 54.05 0.85
N LYS D 230 -15.86 54.10 2.02
CA LYS D 230 -15.34 53.50 3.25
C LYS D 230 -16.43 52.62 3.85
N PRO D 231 -16.14 51.35 4.13
CA PRO D 231 -17.21 50.41 4.49
C PRO D 231 -17.72 50.57 5.92
N TYR D 232 -17.79 51.80 6.39
CA TYR D 232 -18.34 52.12 7.71
C TYR D 232 -18.77 53.58 7.70
N ILE D 233 -19.63 53.94 8.65
CA ILE D 233 -20.06 55.32 8.82
C ILE D 233 -19.90 55.71 10.28
N LEU D 234 -19.14 56.77 10.53
CA LEU D 234 -18.98 57.31 11.88
C LEU D 234 -20.20 58.14 12.28
N THR D 235 -20.88 57.74 13.34
CA THR D 235 -22.06 58.44 13.85
C THR D 235 -21.79 59.14 15.17
N VAL D 236 -20.52 59.36 15.51
CA VAL D 236 -20.18 60.03 16.77
C VAL D 236 -20.77 61.43 16.80
N PRO D 237 -21.40 61.84 17.90
CA PRO D 237 -21.85 63.23 18.06
C PRO D 237 -20.68 64.20 17.98
N GLY D 238 -20.71 65.08 16.99
CA GLY D 238 -19.64 66.03 16.74
C GLY D 238 -18.93 65.83 15.41
N HIS D 239 -19.18 64.72 14.72
CA HIS D 239 -18.60 64.48 13.39
C HIS D 239 -19.29 63.32 12.69
N LEU D 240 -20.31 63.62 11.91
CA LEU D 240 -20.95 62.63 11.04
C LEU D 240 -20.21 62.64 9.71
N ASP D 241 -19.45 61.59 9.43
CA ASP D 241 -18.69 61.57 8.20
C ASP D 241 -19.60 61.27 7.01
N GLU D 242 -19.26 61.87 5.87
CA GLU D 242 -20.17 61.85 4.72
C GLU D 242 -20.18 60.49 4.03
N MET D 243 -21.36 60.15 3.50
CA MET D 243 -21.60 58.86 2.86
C MET D 243 -21.44 59.04 1.35
N GLN D 244 -20.56 58.25 0.76
CA GLN D 244 -20.37 58.29 -0.69
C GLN D 244 -20.05 56.89 -1.17
N LEU D 245 -20.63 56.54 -2.32
CA LEU D 245 -20.53 55.20 -2.86
C LEU D 245 -20.19 55.29 -4.34
N ASP D 246 -19.60 54.21 -4.84
CA ASP D 246 -19.33 54.07 -6.28
C ASP D 246 -20.15 52.87 -6.75
N ILE D 247 -21.14 53.13 -7.61
CA ILE D 247 -22.04 52.12 -8.11
C ILE D 247 -21.67 51.84 -9.57
N GLN D 248 -21.46 50.58 -9.89
CA GLN D 248 -20.99 50.18 -11.20
C GLN D 248 -21.83 49.01 -11.69
N ALA D 249 -21.87 48.85 -13.01
CA ALA D 249 -22.48 47.68 -13.60
C ALA D 249 -21.76 47.37 -14.90
N ARG D 250 -21.67 46.08 -15.21
CA ARG D 250 -20.79 45.65 -16.29
C ARG D 250 -21.33 44.37 -16.90
N TYR D 251 -21.20 44.26 -18.22
CA TYR D 251 -21.57 43.02 -18.90
C TYR D 251 -20.64 41.90 -18.45
N ILE D 252 -21.17 40.67 -18.49
CA ILE D 252 -20.41 39.52 -18.01
C ILE D 252 -19.19 39.25 -18.88
N TYR D 253 -19.14 39.79 -20.08
CA TYR D 253 -17.94 39.68 -20.91
C TYR D 253 -16.97 40.85 -20.74
N GLY D 254 -17.28 41.84 -19.89
CA GLY D 254 -16.30 42.81 -19.43
C GLY D 254 -16.62 44.26 -19.76
N LYS D 255 -17.38 44.50 -20.82
CA LYS D 255 -17.66 45.88 -21.19
C LYS D 255 -18.65 46.54 -20.23
N PRO D 256 -18.58 47.87 -20.09
CA PRO D 256 -19.48 48.58 -19.19
C PRO D 256 -20.85 48.80 -19.82
N VAL D 257 -21.90 48.68 -19.01
CA VAL D 257 -23.26 48.92 -19.48
C VAL D 257 -23.62 50.40 -19.30
N GLN D 258 -24.01 51.03 -20.41
CA GLN D 258 -24.51 52.40 -20.43
C GLN D 258 -25.99 52.45 -20.10
N GLY D 259 -26.36 53.33 -19.17
CA GLY D 259 -27.74 53.37 -18.69
C GLY D 259 -27.86 54.20 -17.43
N VAL D 260 -28.96 53.99 -16.71
CA VAL D 260 -29.27 54.75 -15.51
C VAL D 260 -29.43 53.81 -14.32
N ALA D 261 -28.84 54.19 -13.19
CA ALA D 261 -28.94 53.46 -11.93
C ALA D 261 -29.85 54.23 -10.98
N TYR D 262 -30.94 53.59 -10.55
CA TYR D 262 -31.93 54.19 -9.68
C TYR D 262 -31.70 53.71 -8.25
N VAL D 263 -31.17 54.58 -7.41
CA VAL D 263 -30.67 54.21 -6.08
C VAL D 263 -31.68 54.63 -5.02
N ARG D 264 -31.92 53.74 -4.07
CA ARG D 264 -32.79 53.97 -2.92
C ARG D 264 -31.99 53.80 -1.63
N PHE D 265 -32.42 54.52 -0.58
CA PHE D 265 -31.67 54.59 0.67
C PHE D 265 -32.60 54.33 1.85
N GLY D 266 -32.02 53.84 2.94
CA GLY D 266 -32.79 53.63 4.16
C GLY D 266 -31.95 53.04 5.27
N LEU D 267 -32.55 52.98 6.45
CA LEU D 267 -31.94 52.38 7.62
C LEU D 267 -32.41 50.93 7.76
N LEU D 268 -31.49 50.03 8.11
CA LEU D 268 -31.81 48.63 8.29
C LEU D 268 -31.46 48.20 9.71
N ASP D 269 -32.40 47.53 10.38
CA ASP D 269 -32.24 47.19 11.78
C ASP D 269 -31.61 45.79 11.96
N GLU D 270 -31.40 45.43 13.22
CA GLU D 270 -30.80 44.13 13.55
C GLU D 270 -31.67 42.97 13.08
N ASP D 271 -32.98 43.04 13.32
CA ASP D 271 -33.89 41.97 12.91
C ASP D 271 -33.87 41.78 11.40
N GLY D 272 -33.90 42.88 10.64
CA GLY D 272 -33.87 42.77 9.19
C GLY D 272 -34.96 43.58 8.53
N LYS D 273 -35.62 44.43 9.29
CA LYS D 273 -36.71 45.27 8.80
C LYS D 273 -36.13 46.65 8.52
N LYS D 274 -36.09 47.03 7.25
CA LYS D 274 -35.50 48.28 6.81
C LYS D 274 -36.56 49.38 6.73
N THR D 275 -36.18 50.59 7.09
CA THR D 275 -37.04 51.77 7.03
C THR D 275 -36.44 52.69 5.98
N PHE D 276 -37.05 52.67 4.79
CA PHE D 276 -36.60 53.47 3.67
C PHE D 276 -36.78 54.96 3.92
N PHE D 277 -35.89 55.75 3.34
CA PHE D 277 -36.07 57.19 3.23
C PHE D 277 -37.06 57.49 2.12
N ARG D 278 -38.02 58.36 2.39
CA ARG D 278 -38.96 58.84 1.39
C ARG D 278 -38.52 60.26 1.04
N GLY D 279 -38.03 60.43 -0.18
CA GLY D 279 -37.26 61.59 -0.54
C GLY D 279 -35.77 61.30 -0.50
N LEU D 280 -35.01 62.07 -1.29
CA LEU D 280 -33.55 62.03 -1.38
C LEU D 280 -33.06 60.84 -2.19
N GLU D 281 -33.93 60.17 -2.93
CA GLU D 281 -33.51 59.15 -3.88
C GLU D 281 -32.59 59.76 -4.92
N SER D 282 -31.67 58.95 -5.45
CA SER D 282 -30.69 59.43 -6.42
C SER D 282 -30.83 58.68 -7.73
N GLN D 283 -31.07 59.43 -8.81
CA GLN D 283 -31.17 58.90 -10.17
C GLN D 283 -29.93 59.37 -10.92
N THR D 284 -29.12 58.43 -11.39
CA THR D 284 -27.85 58.81 -12.01
C THR D 284 -27.57 57.95 -13.24
N LYS D 285 -27.23 58.62 -14.33
CA LYS D 285 -26.76 57.96 -15.55
C LYS D 285 -25.34 57.45 -15.37
N LEU D 286 -25.08 56.22 -15.80
CA LEU D 286 -23.73 55.66 -15.72
C LEU D 286 -22.82 56.27 -16.77
N VAL D 287 -21.64 56.70 -16.34
CA VAL D 287 -20.59 57.20 -17.21
C VAL D 287 -19.41 56.24 -17.13
N ASN D 288 -19.03 55.66 -18.28
CA ASN D 288 -18.00 54.62 -18.35
C ASN D 288 -18.35 53.42 -17.47
N GLY D 289 -19.64 53.16 -17.30
CA GLY D 289 -20.10 52.08 -16.45
C GLY D 289 -20.03 52.36 -14.96
N GLN D 290 -19.86 53.62 -14.55
CA GLN D 290 -19.73 53.96 -13.15
C GLN D 290 -20.57 55.19 -12.84
N SER D 291 -21.00 55.29 -11.59
CA SER D 291 -21.63 56.49 -11.07
C SER D 291 -21.18 56.71 -9.64
N HIS D 292 -20.62 57.89 -9.36
CA HIS D 292 -20.22 58.23 -8.00
C HIS D 292 -21.35 59.06 -7.38
N ILE D 293 -21.99 58.49 -6.37
CA ILE D 293 -23.10 59.13 -5.68
C ILE D 293 -22.64 59.55 -4.30
N SER D 294 -23.29 60.56 -3.75
CA SER D 294 -22.97 61.05 -2.41
C SER D 294 -24.25 61.52 -1.75
N LEU D 295 -24.33 61.30 -0.44
CA LEU D 295 -25.46 61.72 0.37
C LEU D 295 -24.88 62.63 1.45
N SER D 296 -25.25 63.91 1.41
CA SER D 296 -24.59 64.90 2.23
C SER D 296 -25.02 64.82 3.68
N LYS D 297 -24.21 65.41 4.55
CA LYS D 297 -24.47 65.45 5.98
C LYS D 297 -25.80 66.12 6.31
N ALA D 298 -26.10 67.23 5.63
CA ALA D 298 -27.40 67.88 5.77
C ALA D 298 -28.56 67.02 5.31
N GLU D 299 -28.44 66.37 4.15
CA GLU D 299 -29.48 65.46 3.67
C GLU D 299 -29.75 64.31 4.64
N PHE D 300 -28.69 63.70 5.18
CA PHE D 300 -28.85 62.63 6.15
C PHE D 300 -29.60 63.08 7.41
N GLN D 301 -29.26 64.25 7.94
CA GLN D 301 -29.98 64.80 9.08
C GLN D 301 -31.47 65.04 8.80
N ASP D 302 -31.82 65.57 7.63
CA ASP D 302 -33.24 65.62 7.26
C ASP D 302 -33.90 64.25 7.16
N ALA D 303 -33.19 63.26 6.64
CA ALA D 303 -33.75 61.92 6.62
C ALA D 303 -34.08 61.43 8.02
N LEU D 304 -33.18 61.67 8.98
CA LEU D 304 -33.51 61.39 10.37
C LEU D 304 -34.67 62.25 10.86
N GLU D 305 -34.67 63.54 10.52
CA GLU D 305 -35.81 64.41 10.83
C GLU D 305 -37.11 63.93 10.19
N LYS D 306 -37.07 63.53 8.93
CA LYS D 306 -38.25 62.99 8.26
C LYS D 306 -38.78 61.75 8.97
N LEU D 307 -37.89 60.86 9.41
CA LEU D 307 -38.28 59.67 10.14
C LEU D 307 -38.56 59.91 11.62
N ASN D 308 -38.18 61.08 12.15
CA ASN D 308 -38.28 61.40 13.57
C ASN D 308 -37.28 60.57 14.38
N MET D 309 -36.06 60.48 13.86
CA MET D 309 -35.02 59.63 14.40
C MET D 309 -33.87 60.52 14.85
N GLY D 310 -33.23 60.15 15.96
CA GLY D 310 -32.13 60.93 16.49
C GLY D 310 -30.76 60.39 16.08
N ILE D 311 -29.76 61.24 16.28
CA ILE D 311 -28.38 60.83 16.04
C ILE D 311 -27.88 59.92 17.15
N THR D 312 -28.56 59.91 18.29
CA THR D 312 -28.27 59.01 19.40
C THR D 312 -29.07 57.71 19.32
N ASP D 313 -29.85 57.54 18.25
CA ASP D 313 -30.49 56.28 17.92
C ASP D 313 -29.66 55.48 16.94
N LEU D 314 -28.51 56.01 16.52
CA LEU D 314 -27.63 55.37 15.56
C LEU D 314 -26.48 54.63 16.25
N GLN D 315 -26.65 54.27 17.52
CA GLN D 315 -25.67 53.41 18.19
C GLN D 315 -25.60 52.05 17.53
N GLY D 316 -26.75 51.47 17.21
CA GLY D 316 -26.85 50.28 16.40
C GLY D 316 -27.11 50.63 14.94
N LEU D 317 -27.82 49.72 14.27
CA LEU D 317 -28.30 49.92 12.90
C LEU D 317 -27.18 49.97 11.86
N ARG D 318 -27.58 49.96 10.60
CA ARG D 318 -26.70 49.97 9.44
C ARG D 318 -27.43 50.72 8.33
N LEU D 319 -26.67 51.33 7.44
CA LEU D 319 -27.27 52.08 6.34
C LEU D 319 -27.51 51.13 5.18
N TYR D 320 -28.69 51.23 4.58
CA TYR D 320 -29.10 50.35 3.50
C TYR D 320 -29.12 51.14 2.20
N VAL D 321 -28.33 50.68 1.23
CA VAL D 321 -28.26 51.28 -0.09
C VAL D 321 -28.56 50.17 -1.09
N ALA D 322 -29.48 50.44 -1.99
CA ALA D 322 -29.86 49.48 -3.01
C ALA D 322 -30.12 50.25 -4.30
N ALA D 323 -29.87 49.60 -5.43
CA ALA D 323 -29.94 50.30 -6.69
C ALA D 323 -30.48 49.37 -7.76
N ALA D 324 -31.43 49.89 -8.53
CA ALA D 324 -31.98 49.20 -9.68
C ALA D 324 -31.45 49.95 -10.90
N ILE D 325 -30.79 49.22 -11.80
CA ILE D 325 -30.15 49.82 -12.95
C ILE D 325 -30.78 49.22 -14.20
N ILE D 326 -31.16 50.08 -15.14
CA ILE D 326 -31.83 49.66 -16.37
C ILE D 326 -30.95 50.06 -17.53
N GLU D 327 -30.56 49.08 -18.33
CA GLU D 327 -29.73 49.32 -19.51
C GLU D 327 -30.48 50.15 -20.54
N SER D 328 -29.82 51.19 -21.03
CA SER D 328 -30.35 51.99 -22.12
C SER D 328 -29.45 51.79 -23.33
N PRO D 329 -29.99 51.37 -24.48
CA PRO D 329 -31.41 51.23 -24.81
C PRO D 329 -31.91 49.78 -24.73
N GLY D 330 -31.03 48.85 -24.38
CA GLY D 330 -31.39 47.44 -24.39
C GLY D 330 -32.61 47.12 -23.56
N GLY D 331 -32.74 47.73 -22.38
CA GLY D 331 -33.91 47.60 -21.54
C GLY D 331 -33.82 46.55 -20.45
N GLU D 332 -32.75 45.76 -20.43
CA GLU D 332 -32.52 44.82 -19.33
C GLU D 332 -32.23 45.59 -18.05
N MET D 333 -32.80 45.12 -16.94
CA MET D 333 -32.64 45.82 -15.67
C MET D 333 -32.39 44.84 -14.54
N GLU D 334 -31.40 45.15 -13.70
CA GLU D 334 -30.94 44.29 -12.62
C GLU D 334 -30.77 45.12 -11.35
N GLU D 335 -30.75 44.44 -10.21
CA GLU D 335 -30.68 45.11 -8.91
C GLU D 335 -29.46 44.67 -8.12
N ALA D 336 -28.88 45.62 -7.39
CA ALA D 336 -27.86 45.37 -6.38
C ALA D 336 -28.31 45.95 -5.04
N GLU D 337 -27.80 45.39 -3.96
CA GLU D 337 -28.15 45.86 -2.62
C GLU D 337 -26.95 45.72 -1.70
N LEU D 338 -26.71 46.76 -0.89
CA LEU D 338 -25.53 46.82 -0.03
C LEU D 338 -25.94 47.00 1.43
N THR D 339 -25.81 45.94 2.22
CA THR D 339 -26.16 45.92 3.63
C THR D 339 -24.93 45.94 4.55
N SER D 340 -23.74 45.80 3.97
CA SER D 340 -22.52 45.57 4.74
C SER D 340 -22.13 46.69 5.71
N TRP D 341 -22.22 47.96 5.31
CA TRP D 341 -21.67 48.99 6.18
C TRP D 341 -22.63 49.42 7.29
N TYR D 342 -22.16 49.27 8.53
CA TYR D 342 -22.83 49.62 9.77
C TYR D 342 -22.46 51.04 10.20
N PHE D 343 -23.25 51.57 11.12
CA PHE D 343 -22.87 52.80 11.82
C PHE D 343 -21.97 52.46 12.99
N VAL D 344 -20.82 53.13 13.08
CA VAL D 344 -19.77 52.75 14.01
C VAL D 344 -19.31 53.97 14.81
N SER D 345 -18.67 53.70 15.95
CA SER D 345 -18.11 54.74 16.79
C SER D 345 -16.59 54.85 16.68
N SER D 346 -15.96 53.93 15.95
CA SER D 346 -14.54 53.93 15.70
C SER D 346 -14.32 53.24 14.37
N PRO D 347 -13.37 53.69 13.54
CA PRO D 347 -13.12 53.01 12.28
C PRO D 347 -12.30 51.73 12.40
N PHE D 348 -11.78 51.42 13.60
CA PHE D 348 -10.85 50.32 13.81
C PHE D 348 -11.49 49.26 14.71
N SER D 349 -11.17 47.99 14.43
CA SER D 349 -11.65 46.86 15.22
C SER D 349 -10.47 46.09 15.76
N LEU D 350 -10.42 45.91 17.09
CA LEU D 350 -9.33 45.24 17.76
C LEU D 350 -9.68 43.77 17.99
N ASP D 351 -8.84 42.87 17.49
CA ASP D 351 -9.03 41.43 17.65
C ASP D 351 -7.89 40.88 18.50
N LEU D 352 -8.19 40.54 19.75
CA LEU D 352 -7.19 40.00 20.69
C LEU D 352 -7.37 38.50 20.90
N SER D 353 -7.96 37.82 19.92
CA SER D 353 -8.06 36.35 19.97
C SER D 353 -6.69 35.70 20.04
N LYS D 354 -5.70 36.29 19.37
CA LYS D 354 -4.34 35.78 19.39
C LYS D 354 -3.76 35.72 20.81
N THR D 355 -4.07 36.71 21.64
CA THR D 355 -3.53 36.77 22.99
C THR D 355 -3.99 35.62 23.88
N LYS D 356 -3.02 34.81 24.33
CA LYS D 356 -3.26 33.69 25.22
C LYS D 356 -3.74 34.16 26.60
N ARG D 357 -4.61 33.35 27.21
CA ARG D 357 -5.03 33.54 28.59
C ARG D 357 -4.19 32.64 29.50
N HIS D 358 -4.40 32.76 30.82
CA HIS D 358 -3.66 31.99 31.83
C HIS D 358 -2.16 32.33 31.83
N LEU D 359 -1.87 33.60 32.08
CA LEU D 359 -0.51 34.14 31.98
C LEU D 359 0.43 33.45 32.96
N VAL D 360 1.70 33.36 32.57
CA VAL D 360 2.73 32.67 33.35
C VAL D 360 3.33 33.67 34.35
N PRO D 361 3.18 33.44 35.65
CA PRO D 361 3.83 34.30 36.63
C PRO D 361 5.35 34.24 36.54
N GLY D 362 5.99 35.39 36.68
CA GLY D 362 7.44 35.45 36.62
C GLY D 362 8.03 35.27 35.25
N ALA D 363 7.26 35.53 34.19
CA ALA D 363 7.75 35.36 32.83
C ALA D 363 7.00 36.33 31.92
N PRO D 364 7.62 36.76 30.83
CA PRO D 364 6.94 37.66 29.89
C PRO D 364 5.58 37.11 29.45
N PHE D 365 4.61 38.00 29.35
CA PHE D 365 3.29 37.69 28.81
C PHE D 365 3.14 38.43 27.49
N LEU D 366 2.73 37.71 26.45
CA LEU D 366 2.72 38.24 25.09
C LEU D 366 1.32 38.75 24.75
N LEU D 367 1.23 40.07 24.55
CA LEU D 367 0.01 40.71 24.06
C LEU D 367 0.05 40.72 22.55
N GLN D 368 -0.90 40.02 21.92
CA GLN D 368 -1.01 39.96 20.47
C GLN D 368 -2.38 40.47 20.06
N ALA D 369 -2.41 41.47 19.17
CA ALA D 369 -3.66 42.05 18.74
C ALA D 369 -3.61 42.37 17.26
N LEU D 370 -4.68 41.99 16.56
CA LEU D 370 -4.93 42.42 15.18
C LEU D 370 -5.88 43.61 15.23
N VAL D 371 -5.63 44.59 14.36
CA VAL D 371 -6.53 45.73 14.25
C VAL D 371 -6.75 46.04 12.77
N ARG D 372 -8.02 46.23 12.41
CA ARG D 372 -8.47 46.27 11.02
C ARG D 372 -9.59 47.29 10.90
N GLU D 373 -9.82 47.75 9.67
CA GLU D 373 -10.98 48.59 9.41
C GLU D 373 -12.27 47.84 9.75
N MET D 374 -13.26 48.59 10.23
CA MET D 374 -14.58 48.06 10.47
C MET D 374 -15.14 47.41 9.22
N SER D 375 -15.17 46.07 9.21
CA SER D 375 -15.50 45.27 8.03
C SER D 375 -14.51 45.50 6.89
N GLY D 376 -13.24 45.78 7.21
CA GLY D 376 -12.27 45.97 6.15
C GLY D 376 -10.89 45.39 6.41
N SER D 377 -9.93 45.76 5.55
CA SER D 377 -8.59 45.21 5.60
C SER D 377 -7.85 45.58 6.89
N PRO D 378 -6.90 44.75 7.31
CA PRO D 378 -5.99 45.11 8.41
C PRO D 378 -5.37 46.49 8.24
N ALA D 379 -5.24 47.21 9.35
CA ALA D 379 -4.75 48.58 9.38
C ALA D 379 -3.23 48.55 9.54
N SER D 380 -2.51 49.11 8.56
CA SER D 380 -1.05 49.06 8.53
C SER D 380 -0.47 50.41 8.97
N GLY D 381 0.19 50.40 10.12
CA GLY D 381 0.85 51.58 10.63
C GLY D 381 0.02 52.51 11.50
N ILE D 382 -1.00 51.99 12.16
CA ILE D 382 -1.79 52.81 13.08
C ILE D 382 -1.23 52.63 14.49
N PRO D 383 -1.31 53.64 15.35
CA PRO D 383 -0.67 53.53 16.68
C PRO D 383 -1.56 52.79 17.67
N VAL D 384 -0.97 51.80 18.34
CA VAL D 384 -1.63 51.06 19.42
C VAL D 384 -0.94 51.39 20.73
N LYS D 385 -1.74 51.70 21.75
CA LYS D 385 -1.23 52.04 23.07
C LYS D 385 -1.79 51.05 24.07
N VAL D 386 -0.89 50.40 24.81
CA VAL D 386 -1.22 49.32 25.75
C VAL D 386 -0.82 49.78 27.14
N SER D 387 -1.74 49.67 28.10
CA SER D 387 -1.47 50.01 29.49
C SER D 387 -1.76 48.78 30.36
N ALA D 388 -0.72 48.23 30.98
CA ALA D 388 -0.80 47.01 31.75
C ALA D 388 -0.61 47.31 33.23
N THR D 389 -1.50 46.78 34.05
CA THR D 389 -1.43 46.93 35.50
C THR D 389 -1.38 45.55 36.13
N VAL D 390 -0.33 45.28 36.90
CA VAL D 390 -0.16 44.02 37.60
C VAL D 390 -0.41 44.25 39.08
N SER D 391 -1.34 43.51 39.65
CA SER D 391 -1.66 43.60 41.07
C SER D 391 -0.94 42.49 41.84
N SER D 392 -0.65 42.77 43.10
CA SER D 392 0.09 41.88 43.98
C SER D 392 -0.63 41.80 45.31
N PRO D 393 -0.38 40.75 46.10
CA PRO D 393 -1.15 40.58 47.34
C PRO D 393 -0.50 41.32 48.50
N GLY D 394 -1.07 42.45 48.87
CA GLY D 394 -0.55 43.24 49.96
C GLY D 394 0.61 44.13 49.60
N SER D 395 0.70 44.55 48.34
CA SER D 395 1.74 45.47 47.90
C SER D 395 1.26 46.28 46.71
N VAL D 396 1.90 47.42 46.50
CA VAL D 396 1.46 48.44 45.53
C VAL D 396 1.43 47.88 44.12
N PRO D 397 0.31 47.96 43.42
CA PRO D 397 0.26 47.54 42.01
C PRO D 397 1.21 48.35 41.14
N GLU D 398 1.73 47.72 40.09
CA GLU D 398 2.67 48.35 39.17
C GLU D 398 2.05 48.47 37.79
N VAL D 399 2.27 49.61 37.14
CA VAL D 399 1.65 49.96 35.85
C VAL D 399 2.72 50.01 34.76
N GLN D 400 2.39 49.51 33.58
CA GLN D 400 3.33 49.48 32.47
C GLN D 400 2.61 49.90 31.20
N ASP D 401 3.10 50.95 30.55
CA ASP D 401 2.50 51.50 29.34
C ASP D 401 3.42 51.27 28.15
N ILE D 402 2.87 50.71 27.07
CA ILE D 402 3.62 50.43 25.85
C ILE D 402 2.92 51.01 24.62
N GLN D 403 3.68 51.65 23.72
CA GLN D 403 3.15 52.27 22.51
C GLN D 403 3.88 51.72 21.30
N GLN D 404 3.10 51.21 20.34
CA GLN D 404 3.60 50.55 19.14
C GLN D 404 2.66 50.73 17.96
N ASN D 405 3.25 50.87 16.77
CA ASN D 405 2.54 50.88 15.50
C ASN D 405 2.37 49.46 14.98
N THR D 406 1.26 49.22 14.28
CA THR D 406 0.95 47.93 13.70
C THR D 406 2.02 47.45 12.73
N ASP D 407 2.24 46.13 12.72
CA ASP D 407 3.36 45.52 11.98
C ASP D 407 3.29 45.83 10.49
N GLY D 408 2.12 45.69 9.90
CA GLY D 408 1.97 45.84 8.47
C GLY D 408 0.94 44.85 7.99
N SER D 409 0.71 43.83 8.81
CA SER D 409 -0.39 42.89 8.62
C SER D 409 -1.45 43.09 9.69
N GLY D 410 -1.43 44.27 10.32
CA GLY D 410 -2.30 44.59 11.44
C GLY D 410 -1.77 44.14 12.77
N GLN D 411 -0.81 43.20 12.77
CA GLN D 411 -0.32 42.59 14.01
C GLN D 411 0.38 43.59 14.90
N VAL D 412 0.09 43.50 16.20
CA VAL D 412 0.89 44.12 17.25
C VAL D 412 1.25 43.03 18.24
N SER D 413 2.54 42.88 18.53
CA SER D 413 3.02 41.83 19.43
C SER D 413 3.92 42.45 20.48
N ILE D 414 3.39 42.58 21.70
CA ILE D 414 4.00 43.37 22.77
C ILE D 414 4.22 42.46 23.97
N PRO D 415 5.47 42.28 24.43
CA PRO D 415 5.69 41.51 25.65
C PRO D 415 5.66 42.40 26.89
N ILE D 416 4.63 42.24 27.72
CA ILE D 416 4.55 42.92 29.00
C ILE D 416 5.12 42.02 30.09
N ILE D 417 6.08 42.53 30.84
CA ILE D 417 6.82 41.73 31.81
C ILE D 417 5.94 41.49 33.03
N ILE D 418 5.78 40.23 33.40
CA ILE D 418 4.99 39.78 34.53
C ILE D 418 5.93 39.34 35.65
N PRO D 419 5.83 39.88 36.85
CA PRO D 419 6.70 39.45 37.95
C PRO D 419 6.11 38.24 38.67
N GLN D 420 6.91 37.68 39.56
CA GLN D 420 6.45 36.64 40.46
C GLN D 420 5.44 37.19 41.46
N THR D 421 4.59 36.29 41.97
CA THR D 421 3.53 36.62 42.93
C THR D 421 2.55 37.65 42.38
N ILE D 422 2.33 37.63 41.07
CA ILE D 422 1.21 38.38 40.49
C ILE D 422 -0.10 37.78 40.97
N SER D 423 -1.06 38.65 41.28
CA SER D 423 -2.42 38.21 41.59
C SER D 423 -3.26 38.15 40.32
N GLU D 424 -3.33 39.27 39.59
CA GLU D 424 -3.98 39.27 38.29
C GLU D 424 -3.41 40.42 37.47
N LEU D 425 -3.60 40.33 36.17
CA LEU D 425 -3.18 41.35 35.22
C LEU D 425 -4.41 42.06 34.67
N GLN D 426 -4.39 43.38 34.67
CA GLN D 426 -5.48 44.20 34.14
C GLN D 426 -4.93 45.01 32.98
N LEU D 427 -5.46 44.78 31.79
CA LEU D 427 -4.84 45.22 30.55
C LEU D 427 -5.83 46.04 29.73
N SER D 428 -5.41 47.23 29.30
CA SER D 428 -6.19 48.12 28.46
C SER D 428 -5.44 48.39 27.16
N VAL D 429 -6.08 48.12 26.03
CA VAL D 429 -5.46 48.29 24.71
C VAL D 429 -6.29 49.29 23.93
N SER D 430 -5.64 50.36 23.46
CA SER D 430 -6.29 51.42 22.70
C SER D 430 -5.57 51.59 21.38
N ALA D 431 -6.29 51.47 20.27
CA ALA D 431 -5.70 51.49 18.94
C ALA D 431 -6.29 52.63 18.11
N GLY D 432 -5.41 53.41 17.48
CA GLY D 432 -5.77 54.51 16.62
C GLY D 432 -6.26 55.76 17.33
N SER D 433 -6.04 56.92 16.71
CA SER D 433 -6.53 58.19 17.21
C SER D 433 -6.73 59.11 16.01
N PRO D 434 -7.81 59.90 15.97
CA PRO D 434 -8.87 60.07 16.98
C PRO D 434 -9.95 59.00 16.85
N HIS D 435 -10.89 59.01 17.80
CA HIS D 435 -11.97 58.03 17.90
C HIS D 435 -11.41 56.63 18.12
N PRO D 436 -10.64 56.43 19.20
CA PRO D 436 -9.90 55.18 19.37
C PRO D 436 -10.78 53.95 19.45
N ALA D 437 -10.24 52.82 19.00
CA ALA D 437 -10.80 51.51 19.31
C ALA D 437 -10.14 51.00 20.58
N ILE D 438 -10.95 50.42 21.48
CA ILE D 438 -10.49 50.07 22.81
C ILE D 438 -10.92 48.66 23.17
N ALA D 439 -9.95 47.84 23.59
CA ALA D 439 -10.17 46.48 24.04
C ALA D 439 -9.57 46.32 25.44
N ARG D 440 -10.31 45.64 26.32
CA ARG D 440 -9.94 45.50 27.72
C ARG D 440 -9.93 44.04 28.13
N LEU D 441 -8.90 43.63 28.87
CA LEU D 441 -8.72 42.25 29.29
C LEU D 441 -8.15 42.18 30.70
N THR D 442 -8.70 41.26 31.50
CA THR D 442 -8.20 40.95 32.83
C THR D 442 -7.96 39.45 32.93
N VAL D 443 -6.75 39.06 33.36
CA VAL D 443 -6.35 37.66 33.43
C VAL D 443 -5.67 37.38 34.76
N ALA D 444 -6.17 36.37 35.47
CA ALA D 444 -5.69 36.03 36.82
C ALA D 444 -4.61 34.96 36.76
N ALA D 445 -3.61 35.10 37.62
CA ALA D 445 -2.50 34.15 37.65
C ALA D 445 -2.94 32.78 38.17
N PRO D 446 -2.34 31.71 37.65
CA PRO D 446 -2.51 30.38 38.23
C PRO D 446 -2.21 30.38 39.73
N PRO D 447 -2.92 29.53 40.52
CA PRO D 447 -2.60 29.39 41.95
C PRO D 447 -1.11 29.40 42.26
N SER D 448 -0.71 30.23 43.23
CA SER D 448 0.70 30.46 43.54
C SER D 448 1.34 29.28 44.27
N GLY D 449 0.54 28.38 44.84
CA GLY D 449 1.03 27.18 45.49
C GLY D 449 1.53 26.09 44.58
N GLY D 450 1.45 26.29 43.27
CA GLY D 450 1.94 25.36 42.30
C GLY D 450 3.37 24.93 42.56
N PRO D 451 3.74 23.77 42.01
CA PRO D 451 5.12 23.28 42.20
C PRO D 451 6.10 24.11 41.39
N GLY D 452 5.68 24.62 40.25
CA GLY D 452 6.55 25.31 39.32
C GLY D 452 5.78 25.61 38.07
N PHE D 453 6.39 26.43 37.23
CA PHE D 453 5.74 26.85 36.01
C PHE D 453 6.71 26.73 34.85
N LEU D 454 6.18 26.75 33.63
CA LEU D 454 6.98 26.61 32.44
C LEU D 454 6.65 27.75 31.49
N SER D 455 7.67 28.53 31.14
CA SER D 455 7.53 29.64 30.21
C SER D 455 7.94 29.13 28.84
N ILE D 456 6.98 29.03 27.93
CA ILE D 456 7.25 28.72 26.54
C ILE D 456 7.12 30.03 25.76
N GLU D 457 8.23 30.46 25.17
CA GLU D 457 8.36 31.78 24.56
C GLU D 457 8.63 31.62 23.07
N ARG D 458 8.06 32.53 22.28
CA ARG D 458 8.10 32.43 20.82
C ARG D 458 8.65 33.70 20.21
N PRO D 459 9.81 33.64 19.56
CA PRO D 459 10.22 34.70 18.65
C PRO D 459 9.69 34.43 17.25
N ASP D 460 9.67 35.48 16.44
CA ASP D 460 9.01 35.44 15.14
C ASP D 460 7.56 34.99 15.30
N SER D 461 6.81 35.80 16.03
CA SER D 461 5.43 35.48 16.40
C SER D 461 4.49 35.53 15.21
N ARG D 462 4.92 36.07 14.08
CA ARG D 462 4.11 36.04 12.88
C ARG D 462 3.98 34.62 12.33
N PRO D 463 2.77 34.17 11.99
CA PRO D 463 2.53 32.82 11.46
C PRO D 463 3.58 32.38 10.45
N PRO D 464 4.08 31.15 10.59
CA PRO D 464 5.13 30.65 9.69
C PRO D 464 4.55 30.04 8.42
N ARG D 465 5.44 29.74 7.48
CA ARG D 465 5.05 29.10 6.23
C ARG D 465 5.34 27.62 6.30
N VAL D 466 4.71 26.87 5.39
CA VAL D 466 5.05 25.45 5.23
C VAL D 466 6.46 25.35 4.66
N GLY D 467 7.31 24.60 5.37
CA GLY D 467 8.71 24.48 5.01
C GLY D 467 9.64 25.43 5.73
N ASP D 468 9.13 26.21 6.68
CA ASP D 468 9.95 27.06 7.53
C ASP D 468 10.28 26.33 8.83
N THR D 469 11.39 26.75 9.45
CA THR D 469 11.80 26.21 10.74
C THR D 469 11.50 27.23 11.83
N LEU D 470 10.69 26.84 12.79
CA LEU D 470 10.29 27.72 13.89
C LEU D 470 11.13 27.39 15.12
N ASN D 471 11.52 28.44 15.85
CA ASN D 471 12.35 28.29 17.05
C ASN D 471 11.55 28.74 18.26
N LEU D 472 11.33 27.81 19.19
CA LEU D 472 10.57 28.06 20.42
C LEU D 472 11.49 27.87 21.62
N ASN D 473 11.43 28.81 22.55
CA ASN D 473 12.37 28.86 23.67
C ASN D 473 11.65 28.45 24.96
N LEU D 474 12.32 27.64 25.77
CA LEU D 474 11.73 27.08 26.98
C LEU D 474 12.53 27.53 28.21
N ARG D 475 11.82 27.95 29.25
CA ARG D 475 12.44 28.25 30.55
C ARG D 475 11.51 27.82 31.67
N ALA D 476 11.99 26.92 32.53
CA ALA D 476 11.30 26.64 33.78
C ALA D 476 11.36 27.87 34.69
N VAL D 477 10.27 28.13 35.40
CA VAL D 477 10.13 29.34 36.22
C VAL D 477 9.44 28.98 37.53
N GLY D 478 9.92 29.55 38.63
CA GLY D 478 9.21 29.53 39.90
C GLY D 478 9.73 28.54 40.92
N SER D 479 10.68 27.68 40.56
CA SER D 479 11.20 26.70 41.50
C SER D 479 12.52 26.16 40.99
N GLY D 480 13.32 25.64 41.93
CA GLY D 480 14.62 25.10 41.59
C GLY D 480 14.56 24.01 40.54
N ALA D 481 15.68 23.85 39.84
CA ALA D 481 15.79 22.86 38.76
C ALA D 481 16.15 21.51 39.36
N THR D 482 15.13 20.67 39.56
CA THR D 482 15.32 19.29 39.98
C THR D 482 15.10 18.31 38.83
N PHE D 483 15.22 18.79 37.60
CA PHE D 483 15.01 17.99 36.40
C PHE D 483 16.17 18.19 35.44
N SER D 484 16.31 17.23 34.52
CA SER D 484 17.39 17.25 33.55
C SER D 484 16.94 17.31 32.10
N HIS D 485 15.64 17.21 31.82
CA HIS D 485 15.16 17.28 30.46
C HIS D 485 13.82 17.98 30.41
N TYR D 486 13.61 18.78 29.37
CA TYR D 486 12.27 19.19 28.98
C TYR D 486 11.73 18.19 27.98
N TYR D 487 10.44 17.92 28.07
CA TYR D 487 9.78 17.00 27.15
C TYR D 487 8.70 17.75 26.40
N TYR D 488 8.52 17.43 25.12
CA TYR D 488 7.58 18.18 24.31
C TYR D 488 7.00 17.27 23.23
N MET D 489 5.85 17.70 22.71
CA MET D 489 5.17 16.98 21.65
C MET D 489 4.32 17.97 20.87
N ILE D 490 4.04 17.62 19.61
CA ILE D 490 3.37 18.51 18.68
C ILE D 490 2.03 17.89 18.30
N LEU D 491 0.95 18.62 18.56
CA LEU D 491 -0.40 18.18 18.23
C LEU D 491 -0.85 18.85 16.95
N SER D 492 -1.29 18.04 15.99
CA SER D 492 -1.77 18.57 14.72
C SER D 492 -2.91 17.70 14.25
N ARG D 493 -4.01 18.34 13.86
CA ARG D 493 -5.22 17.66 13.39
C ARG D 493 -5.76 16.70 14.45
N GLY D 494 -5.61 17.08 15.72
CA GLY D 494 -6.05 16.29 16.86
C GLY D 494 -5.09 15.21 17.33
N GLN D 495 -4.21 14.72 16.48
CA GLN D 495 -3.29 13.65 16.83
C GLN D 495 -1.91 14.19 17.22
N ILE D 496 -1.20 13.38 17.99
CA ILE D 496 0.21 13.65 18.30
C ILE D 496 1.03 13.25 17.07
N VAL D 497 1.68 14.23 16.46
CA VAL D 497 2.40 13.98 15.21
C VAL D 497 3.89 13.77 15.48
N PHE D 498 4.40 14.45 16.51
CA PHE D 498 5.82 14.34 16.82
C PHE D 498 6.02 14.51 18.32
N MET D 499 6.99 13.77 18.86
CA MET D 499 7.28 13.80 20.28
C MET D 499 8.78 13.62 20.47
N ASN D 500 9.36 14.42 21.36
CA ASN D 500 10.81 14.40 21.57
C ASN D 500 11.10 15.08 22.92
N ARG D 501 12.37 15.07 23.30
CA ARG D 501 12.83 15.68 24.55
C ARG D 501 13.99 16.61 24.25
N GLU D 502 14.22 17.56 25.16
CA GLU D 502 15.33 18.49 25.02
C GLU D 502 16.00 18.64 26.37
N PRO D 503 17.32 18.45 26.46
CA PRO D 503 18.00 18.61 27.74
C PRO D 503 17.87 20.02 28.30
N LYS D 504 17.89 20.12 29.63
CA LYS D 504 17.77 21.41 30.30
C LYS D 504 19.02 22.25 30.05
N ARG D 505 18.83 23.41 29.40
CA ARG D 505 19.91 24.33 29.10
C ARG D 505 19.54 25.72 29.60
N THR D 506 20.56 26.59 29.68
CA THR D 506 20.31 27.98 30.05
C THR D 506 19.39 28.68 29.06
N LEU D 507 19.62 28.48 27.76
CA LEU D 507 18.77 29.01 26.69
C LEU D 507 18.24 27.83 25.86
N THR D 508 17.27 27.12 26.41
CA THR D 508 16.72 25.93 25.77
C THR D 508 15.84 26.32 24.60
N SER D 509 16.22 25.91 23.38
CA SER D 509 15.54 26.31 22.16
C SER D 509 15.21 25.09 21.33
N VAL D 510 13.91 24.90 21.04
CA VAL D 510 13.40 23.76 20.29
C VAL D 510 13.18 24.16 18.84
N SER D 511 13.78 23.41 17.91
CA SER D 511 13.62 23.67 16.49
C SER D 511 12.45 22.85 15.97
N VAL D 512 11.36 23.52 15.60
CA VAL D 512 10.15 22.90 15.08
C VAL D 512 10.08 23.15 13.58
N PHE D 513 10.20 22.07 12.79
CA PHE D 513 10.08 22.17 11.34
C PHE D 513 8.60 22.11 10.96
N VAL D 514 8.10 23.18 10.34
CA VAL D 514 6.69 23.29 9.98
C VAL D 514 6.44 22.49 8.70
N ASP D 515 6.35 21.18 8.85
CA ASP D 515 6.11 20.28 7.72
C ASP D 515 4.65 20.38 7.25
N HIS D 516 4.37 19.68 6.15
CA HIS D 516 3.00 19.61 5.63
C HIS D 516 2.02 19.06 6.65
N HIS D 517 2.46 18.11 7.48
CA HIS D 517 1.60 17.51 8.49
C HIS D 517 1.22 18.46 9.61
N LEU D 518 1.88 19.60 9.73
CA LEU D 518 1.53 20.55 10.78
C LEU D 518 0.55 21.62 10.31
N ALA D 519 0.31 21.70 9.00
CA ALA D 519 -0.67 22.62 8.46
C ALA D 519 -2.08 22.17 8.80
N PRO D 520 -3.01 23.10 9.03
CA PRO D 520 -2.79 24.55 8.98
C PRO D 520 -2.63 25.17 10.36
N SER D 521 -2.70 24.31 11.37
CA SER D 521 -2.52 24.75 12.75
C SER D 521 -2.01 23.58 13.57
N PHE D 522 -1.10 23.87 14.51
CA PHE D 522 -0.57 22.88 15.42
C PHE D 522 -0.39 23.50 16.79
N TYR D 523 -0.32 22.64 17.81
CA TYR D 523 -0.08 23.07 19.17
C TYR D 523 1.25 22.48 19.63
N PHE D 524 2.09 23.33 20.20
CA PHE D 524 3.32 22.89 20.84
C PHE D 524 3.06 22.72 22.32
N VAL D 525 3.26 21.51 22.82
CA VAL D 525 3.03 21.17 24.21
C VAL D 525 4.36 20.72 24.80
N ALA D 526 4.77 21.32 25.90
CA ALA D 526 6.01 20.94 26.55
C ALA D 526 5.76 20.88 28.05
N PHE D 527 6.58 20.08 28.72
CA PHE D 527 6.39 19.88 30.15
C PHE D 527 7.69 19.40 30.78
N TYR D 528 7.73 19.47 32.10
CA TYR D 528 8.79 18.89 32.91
C TYR D 528 8.15 18.49 34.23
N TYR D 529 8.92 17.82 35.08
CA TYR D 529 8.40 17.38 36.37
C TYR D 529 9.23 18.00 37.48
N HIS D 530 8.54 18.56 38.46
CA HIS D 530 9.16 19.01 39.70
C HIS D 530 8.70 18.06 40.80
N GLY D 531 9.61 17.21 41.24
CA GLY D 531 9.25 16.13 42.14
C GLY D 531 8.20 15.21 41.54
N ASP D 532 7.09 15.04 42.24
CA ASP D 532 5.99 14.19 41.82
C ASP D 532 4.85 14.96 41.13
N HIS D 533 5.05 16.22 40.78
CA HIS D 533 3.98 17.00 40.16
C HIS D 533 4.39 17.48 38.77
N PRO D 534 3.60 17.19 37.75
CA PRO D 534 3.92 17.69 36.41
C PRO D 534 3.80 19.21 36.33
N VAL D 535 4.63 19.79 35.47
CA VAL D 535 4.57 21.21 35.12
C VAL D 535 4.56 21.31 33.61
N ALA D 536 3.51 21.93 33.05
CA ALA D 536 3.30 21.94 31.61
C ALA D 536 2.80 23.29 31.14
N ASN D 537 3.00 23.55 29.85
CA ASN D 537 2.48 24.72 29.15
C ASN D 537 2.39 24.40 27.67
N SER D 538 1.58 25.18 26.96
CA SER D 538 1.26 24.88 25.57
C SER D 538 1.05 26.17 24.79
N LEU D 539 1.27 26.11 23.48
CA LEU D 539 1.12 27.27 22.62
C LEU D 539 0.57 26.86 21.26
N ARG D 540 -0.47 27.56 20.81
CA ARG D 540 -1.02 27.38 19.47
C ARG D 540 -0.20 28.14 18.42
N VAL D 541 0.11 27.50 17.30
CA VAL D 541 0.81 28.12 16.19
C VAL D 541 -0.02 27.90 14.93
N ASP D 542 -0.56 28.97 14.36
CA ASP D 542 -1.33 28.90 13.12
C ASP D 542 -0.40 29.06 11.93
N VAL D 543 -0.49 28.15 10.97
CA VAL D 543 0.36 28.18 9.78
C VAL D 543 -0.28 29.07 8.72
N GLN D 544 0.46 30.08 8.28
CA GLN D 544 -0.07 31.06 7.33
C GLN D 544 -0.33 30.44 5.96
N ALA D 545 0.61 29.62 5.49
CA ALA D 545 0.57 29.06 4.13
C ALA D 545 -0.57 28.07 3.93
N GLY D 546 -1.51 28.43 3.06
CA GLY D 546 -2.55 27.54 2.57
C GLY D 546 -2.14 27.00 1.21
N ALA D 547 -1.09 26.18 1.17
CA ALA D 547 -0.51 25.68 -0.07
C ALA D 547 -0.55 24.16 -0.13
N CYS D 548 -0.83 23.64 -1.33
CA CYS D 548 -0.91 22.20 -1.56
C CYS D 548 0.42 21.50 -1.28
N GLU D 549 0.31 20.23 -0.88
CA GLU D 549 1.49 19.37 -0.82
C GLU D 549 2.10 19.21 -2.21
N GLY D 550 1.27 18.95 -3.21
CA GLY D 550 1.68 19.03 -4.59
C GLY D 550 1.33 20.36 -5.22
N LYS D 551 0.77 20.34 -6.43
CA LYS D 551 0.23 21.55 -7.03
C LYS D 551 -0.77 21.16 -8.11
N LEU D 552 -1.69 22.09 -8.38
CA LEU D 552 -2.46 22.07 -9.62
C LEU D 552 -2.52 23.49 -10.15
N GLU D 553 -2.03 23.68 -11.38
CA GLU D 553 -1.98 24.99 -12.00
C GLU D 553 -2.60 24.91 -13.39
N LEU D 554 -3.54 25.81 -13.67
CA LEU D 554 -4.21 25.88 -14.95
C LEU D 554 -3.82 27.17 -15.64
N SER D 555 -3.51 27.09 -16.94
CA SER D 555 -3.08 28.26 -17.68
C SER D 555 -3.48 28.13 -19.15
N VAL D 556 -3.78 29.28 -19.77
CA VAL D 556 -4.17 29.34 -21.16
C VAL D 556 -3.18 30.24 -21.89
N ASP D 557 -2.54 29.71 -22.91
CA ASP D 557 -1.51 30.42 -23.67
C ASP D 557 -2.14 31.36 -24.69
N GLY D 558 -1.87 32.66 -24.56
CA GLY D 558 -2.37 33.65 -25.49
C GLY D 558 -3.11 34.79 -24.81
N ALA D 559 -3.77 35.59 -25.65
CA ALA D 559 -4.46 36.79 -25.19
C ALA D 559 -5.56 36.48 -24.18
N LYS D 560 -6.30 35.39 -24.40
CA LYS D 560 -7.38 34.93 -23.52
C LYS D 560 -8.65 35.76 -23.68
N GLN D 561 -8.99 36.09 -24.93
CA GLN D 561 -10.16 36.91 -25.28
C GLN D 561 -10.82 36.33 -26.52
N TYR D 562 -10.89 35.01 -26.57
CA TYR D 562 -11.34 34.25 -27.74
C TYR D 562 -12.81 34.53 -28.07
N ARG D 563 -13.15 34.36 -29.35
CA ARG D 563 -14.50 34.55 -29.84
C ARG D 563 -15.27 33.22 -29.79
N ASN D 564 -16.56 33.28 -30.13
CA ASN D 564 -17.43 32.12 -30.06
C ASN D 564 -16.96 30.98 -30.96
N GLY D 565 -17.04 29.76 -30.43
CA GLY D 565 -16.72 28.56 -31.19
C GLY D 565 -15.26 28.36 -31.54
N GLU D 566 -14.36 29.09 -30.91
CA GLU D 566 -12.94 28.97 -31.17
C GLU D 566 -12.31 27.91 -30.26
N SER D 567 -11.15 27.41 -30.68
CA SER D 567 -10.40 26.45 -29.88
C SER D 567 -9.54 27.16 -28.84
N VAL D 568 -9.49 26.60 -27.64
CA VAL D 568 -8.72 27.13 -26.52
C VAL D 568 -7.76 26.05 -26.04
N LYS D 569 -6.47 26.40 -25.96
CA LYS D 569 -5.43 25.49 -25.52
C LYS D 569 -5.24 25.66 -24.02
N LEU D 570 -5.74 24.69 -23.25
CA LEU D 570 -5.70 24.72 -21.79
C LEU D 570 -4.59 23.80 -21.28
N HIS D 571 -3.70 24.36 -20.46
CA HIS D 571 -2.57 23.64 -19.90
C HIS D 571 -2.87 23.24 -18.46
N LEU D 572 -2.64 21.97 -18.13
CA LEU D 572 -2.78 21.45 -16.77
C LEU D 572 -1.41 21.02 -16.28
N GLU D 573 -0.95 21.60 -15.17
CA GLU D 573 0.33 21.29 -14.56
C GLU D 573 0.14 20.79 -13.13
N THR D 574 0.84 19.71 -12.78
CA THR D 574 0.73 19.12 -11.45
C THR D 574 2.02 18.36 -11.17
N ASP D 575 2.18 17.96 -9.90
CA ASP D 575 3.40 17.32 -9.43
C ASP D 575 3.28 15.81 -9.32
N SER D 576 2.19 15.22 -9.78
CA SER D 576 1.96 13.80 -9.63
C SER D 576 1.19 13.28 -10.84
N LEU D 577 0.96 11.97 -10.87
CA LEU D 577 0.01 11.38 -11.80
C LEU D 577 -1.34 11.44 -11.10
N ALA D 578 -2.19 12.37 -11.54
CA ALA D 578 -3.37 12.76 -10.79
C ALA D 578 -4.61 12.67 -11.66
N LEU D 579 -5.74 12.49 -10.98
CA LEU D 579 -7.06 12.60 -11.60
C LEU D 579 -7.54 14.02 -11.35
N VAL D 580 -7.62 14.83 -12.41
CA VAL D 580 -7.97 16.24 -12.31
C VAL D 580 -9.42 16.41 -12.76
N ALA D 581 -10.28 16.77 -11.80
CA ALA D 581 -11.71 16.98 -12.04
C ALA D 581 -11.93 18.45 -12.43
N LEU D 582 -12.42 18.67 -13.65
CA LEU D 582 -12.51 20.01 -14.21
C LEU D 582 -13.95 20.50 -14.27
N GLY D 583 -14.09 21.83 -14.28
CA GLY D 583 -15.36 22.50 -14.41
C GLY D 583 -15.20 23.78 -15.20
N ALA D 584 -16.32 24.27 -15.76
CA ALA D 584 -16.27 25.47 -16.61
C ALA D 584 -17.59 26.24 -16.47
N LEU D 585 -17.70 26.96 -15.34
CA LEU D 585 -18.95 27.58 -14.92
C LEU D 585 -19.12 28.96 -15.54
N ASP D 586 -20.34 29.27 -15.99
CA ASP D 586 -20.66 30.63 -16.40
C ASP D 586 -20.76 31.56 -15.20
N THR D 587 -20.00 32.66 -15.23
CA THR D 587 -19.93 33.60 -14.11
C THR D 587 -21.26 34.31 -13.84
N ALA D 588 -22.16 34.34 -14.83
CA ALA D 588 -23.48 34.93 -14.63
C ALA D 588 -24.25 34.30 -13.49
N LEU D 589 -24.05 33.01 -13.24
CA LEU D 589 -24.78 32.32 -12.16
C LEU D 589 -24.53 32.94 -10.79
N TYR D 590 -23.31 33.41 -10.53
CA TYR D 590 -23.05 34.16 -9.29
C TYR D 590 -23.90 35.43 -9.21
N ALA D 591 -24.04 36.15 -10.31
CA ALA D 591 -24.91 37.33 -10.32
C ALA D 591 -26.37 36.95 -10.07
N ALA D 592 -26.84 35.88 -10.69
CA ALA D 592 -28.22 35.43 -10.47
C ALA D 592 -28.46 35.01 -9.02
N GLY D 593 -27.50 34.31 -8.41
CA GLY D 593 -27.61 33.83 -7.05
C GLY D 593 -28.06 34.81 -5.98
N SER D 594 -28.97 34.35 -5.11
CA SER D 594 -29.36 35.14 -3.95
C SER D 594 -28.19 35.31 -2.99
N LYS D 595 -27.43 34.24 -2.77
CA LYS D 595 -26.18 34.28 -2.04
C LYS D 595 -25.07 33.81 -2.97
N SER D 596 -24.01 34.61 -3.07
CA SER D 596 -22.84 34.29 -3.91
C SER D 596 -21.92 33.31 -3.18
N HIS D 597 -22.43 32.09 -2.98
CA HIS D 597 -21.70 31.08 -2.23
C HIS D 597 -20.44 30.67 -2.98
N LYS D 598 -19.28 30.99 -2.41
CA LYS D 598 -18.00 30.72 -3.04
C LYS D 598 -17.79 29.22 -3.24
N PRO D 599 -17.30 28.81 -4.42
CA PRO D 599 -17.10 27.36 -4.68
C PRO D 599 -16.12 26.68 -3.73
N LEU D 600 -15.96 25.37 -3.90
CA LEU D 600 -14.95 24.62 -3.16
C LEU D 600 -13.55 25.11 -3.48
N ASN D 601 -12.77 25.37 -2.43
CA ASN D 601 -11.46 26.02 -2.56
C ASN D 601 -10.54 25.50 -1.46
N MET D 602 -9.25 25.84 -1.58
CA MET D 602 -8.24 25.29 -0.69
C MET D 602 -8.37 25.77 0.74
N GLY D 603 -8.97 26.95 0.95
CA GLY D 603 -9.27 27.38 2.31
C GLY D 603 -10.29 26.50 3.02
N LYS D 604 -11.33 26.08 2.30
CA LYS D 604 -12.28 25.10 2.82
C LYS D 604 -11.63 23.76 3.11
N VAL D 605 -10.75 23.28 2.23
CA VAL D 605 -10.04 22.02 2.46
C VAL D 605 -9.22 22.06 3.76
N PHE D 606 -8.42 23.09 3.95
CA PHE D 606 -7.71 23.25 5.23
C PHE D 606 -8.66 23.42 6.41
N GLU D 607 -9.73 24.20 6.24
CA GLU D 607 -10.73 24.30 7.30
C GLU D 607 -11.36 22.96 7.65
N ALA D 608 -11.65 22.13 6.63
CA ALA D 608 -12.08 20.77 6.88
C ALA D 608 -11.02 19.93 7.59
N MET D 609 -9.75 20.06 7.15
CA MET D 609 -8.64 19.40 7.83
C MET D 609 -8.49 19.82 9.28
N ASN D 610 -8.77 21.08 9.60
CA ASN D 610 -8.65 21.57 10.96
C ASN D 610 -9.90 21.33 11.80
N SER D 611 -10.90 20.64 11.25
CA SER D 611 -12.09 20.31 12.00
C SER D 611 -11.85 19.17 12.99
N TYR D 612 -10.77 18.42 12.82
CA TYR D 612 -10.40 17.34 13.73
C TYR D 612 -9.55 17.82 14.90
N ASP D 613 -9.26 19.12 14.96
CA ASP D 613 -8.58 19.69 16.12
C ASP D 613 -9.42 19.55 17.38
N LEU D 614 -8.86 18.87 18.38
CA LEU D 614 -9.53 18.71 19.66
C LEU D 614 -9.12 19.81 20.64
N GLY D 615 -8.12 20.61 20.28
CA GLY D 615 -7.71 21.72 21.12
C GLY D 615 -8.72 22.85 21.08
N CYS D 616 -8.82 23.56 22.20
CA CYS D 616 -9.74 24.68 22.31
C CYS D 616 -9.02 25.84 23.00
N GLY D 617 -9.08 27.01 22.38
CA GLY D 617 -8.38 28.18 22.87
C GLY D 617 -6.93 28.23 22.45
N PRO D 618 -6.26 29.33 22.80
CA PRO D 618 -4.88 29.56 22.36
C PRO D 618 -3.82 28.79 23.14
N GLY D 619 -4.20 27.88 24.03
CA GLY D 619 -3.24 27.12 24.80
C GLY D 619 -3.00 27.71 26.17
N GLY D 620 -2.16 27.01 26.94
CA GLY D 620 -1.85 27.38 28.29
C GLY D 620 -2.98 27.05 29.26
N GLY D 621 -2.66 27.13 30.54
CA GLY D 621 -3.64 26.79 31.56
C GLY D 621 -3.05 26.93 32.94
N ASP D 622 -3.96 26.94 33.93
CA ASP D 622 -3.58 27.12 35.33
C ASP D 622 -2.96 25.86 35.92
N SER D 623 -3.05 24.72 35.24
CA SER D 623 -2.47 23.48 35.75
C SER D 623 -2.14 22.58 34.57
N ALA D 624 -1.26 21.61 34.83
CA ALA D 624 -0.79 20.72 33.78
C ALA D 624 -1.94 19.95 33.13
N LEU D 625 -2.87 19.44 33.94
CA LEU D 625 -4.05 18.77 33.40
C LEU D 625 -4.86 19.71 32.49
N GLN D 626 -5.10 20.93 32.94
CA GLN D 626 -5.78 21.93 32.10
C GLN D 626 -5.00 22.23 30.83
N VAL D 627 -3.68 22.36 30.93
CA VAL D 627 -2.85 22.58 29.75
C VAL D 627 -3.02 21.45 28.73
N PHE D 628 -2.96 20.20 29.21
CA PHE D 628 -3.20 19.07 28.32
C PHE D 628 -4.63 19.06 27.79
N GLN D 629 -5.61 19.30 28.67
CA GLN D 629 -7.00 19.31 28.25
C GLN D 629 -7.27 20.37 27.20
N ALA D 630 -6.77 21.59 27.42
CA ALA D 630 -6.90 22.65 26.43
C ALA D 630 -6.18 22.33 25.13
N ALA D 631 -4.98 21.76 25.22
CA ALA D 631 -4.25 21.39 24.01
C ALA D 631 -4.98 20.33 23.20
N GLY D 632 -5.58 19.35 23.86
CA GLY D 632 -6.29 18.32 23.12
C GLY D 632 -5.86 16.93 23.56
N LEU D 633 -5.05 16.89 24.61
CA LEU D 633 -4.45 15.67 25.11
C LEU D 633 -5.22 15.12 26.31
N ALA D 634 -5.12 13.81 26.49
CA ALA D 634 -5.50 13.15 27.72
C ALA D 634 -4.25 12.53 28.33
N PHE D 635 -4.21 12.48 29.66
CA PHE D 635 -2.97 12.16 30.36
C PHE D 635 -3.27 11.45 31.66
N SER D 636 -2.41 10.48 31.98
CA SER D 636 -2.45 9.79 33.27
C SER D 636 -1.03 9.41 33.65
N ASP D 637 -0.69 9.62 34.91
CA ASP D 637 0.57 9.20 35.49
C ASP D 637 0.41 8.25 36.66
N GLY D 638 -0.83 7.93 37.03
CA GLY D 638 -1.15 7.05 38.13
C GLY D 638 -1.55 7.76 39.39
N ASP D 639 -1.33 9.07 39.46
CA ASP D 639 -1.77 9.92 40.55
C ASP D 639 -2.68 11.06 40.10
N GLN D 640 -2.43 11.59 38.91
CA GLN D 640 -3.24 12.63 38.28
C GLN D 640 -3.75 12.16 36.92
N TRP D 641 -5.01 12.44 36.63
CA TRP D 641 -5.64 11.98 35.40
C TRP D 641 -6.48 13.12 34.82
N THR D 642 -6.57 13.16 33.49
CA THR D 642 -7.53 14.00 32.81
C THR D 642 -8.87 13.27 32.65
N LEU D 643 -9.93 13.85 33.20
CA LEU D 643 -11.28 13.33 32.99
C LEU D 643 -11.67 13.40 31.52
N SER D 644 -12.50 12.45 31.10
CA SER D 644 -12.99 12.42 29.73
C SER D 644 -13.73 13.71 29.41
N ARG D 645 -13.48 14.26 28.22
CA ARG D 645 -14.02 15.57 27.86
C ARG D 645 -15.55 15.53 27.74
N LYS D 646 -16.17 16.66 28.08
CA LYS D 646 -17.64 16.75 28.08
C LYS D 646 -18.21 16.52 26.69
N ARG D 647 -17.59 17.08 25.66
CA ARG D 647 -18.07 16.95 24.30
C ARG D 647 -16.91 17.25 23.36
N LEU D 648 -17.05 16.80 22.11
CA LEU D 648 -16.00 17.04 21.11
C LEU D 648 -15.80 18.54 20.86
N SER D 649 -16.89 19.28 20.73
CA SER D 649 -16.84 20.73 20.57
C SER D 649 -16.74 21.45 21.90
N CYS D 650 -16.49 22.75 21.83
CA CYS D 650 -16.24 23.61 22.97
C CYS D 650 -17.13 24.84 22.88
N PRO D 651 -17.34 25.56 23.99
CA PRO D 651 -18.16 26.78 23.95
C PRO D 651 -17.52 27.90 23.13
N ALA E 1 -32.80 61.94 -48.85
CA ALA E 1 -32.93 62.18 -47.42
C ALA E 1 -32.26 61.09 -46.60
N LEU E 2 -32.28 61.25 -45.27
CA LEU E 2 -31.67 60.27 -44.38
C LEU E 2 -32.37 58.91 -44.48
N GLU E 3 -33.69 58.92 -44.57
CA GLU E 3 -34.50 57.70 -44.64
C GLU E 3 -34.22 56.93 -45.93
N ILE E 4 -33.49 55.82 -45.85
CA ILE E 4 -33.20 55.00 -47.01
C ILE E 4 -32.95 53.56 -46.58
N LEU E 5 -33.27 52.62 -47.48
CA LEU E 5 -32.99 51.20 -47.31
C LEU E 5 -32.12 50.70 -48.45
N GLN E 6 -31.26 49.73 -48.15
CA GLN E 6 -30.45 49.04 -49.16
C GLN E 6 -30.41 47.56 -48.83
N GLU E 7 -30.86 46.72 -49.76
CA GLU E 7 -31.08 45.30 -49.46
C GLU E 7 -30.48 44.39 -50.53
N GLU E 8 -30.22 43.15 -50.10
CA GLU E 8 -29.72 42.03 -50.89
C GLU E 8 -28.41 42.25 -51.65
N ASP E 9 -27.80 43.43 -51.51
CA ASP E 9 -26.35 43.51 -51.69
C ASP E 9 -25.64 42.83 -50.53
N LEU E 10 -26.16 43.02 -49.32
CA LEU E 10 -25.60 42.56 -48.06
C LEU E 10 -25.47 41.04 -47.88
N ILE E 11 -24.88 40.65 -46.75
CA ILE E 11 -24.64 39.25 -46.40
C ILE E 11 -25.93 38.45 -46.39
N ASP E 12 -25.85 37.21 -46.86
CA ASP E 12 -27.03 36.42 -47.23
C ASP E 12 -27.41 35.36 -46.18
N GLU E 13 -27.01 35.55 -44.90
CA GLU E 13 -27.42 34.69 -43.79
C GLU E 13 -26.68 33.37 -43.73
N ASP E 14 -26.58 32.68 -44.87
CA ASP E 14 -25.91 31.38 -44.94
C ASP E 14 -24.48 31.44 -44.43
N ASP E 15 -23.76 32.52 -44.72
CA ASP E 15 -22.37 32.66 -44.30
C ASP E 15 -22.21 33.35 -42.95
N ILE E 16 -23.26 33.41 -42.13
CA ILE E 16 -23.17 33.87 -40.76
C ILE E 16 -23.25 32.65 -39.84
N PRO E 17 -22.19 32.31 -39.13
CA PRO E 17 -22.26 31.23 -38.13
C PRO E 17 -23.34 31.49 -37.09
N VAL E 18 -24.22 30.50 -36.90
CA VAL E 18 -25.36 30.66 -36.00
C VAL E 18 -24.98 30.18 -34.60
N ARG E 19 -25.16 31.07 -33.62
CA ARG E 19 -24.83 30.78 -32.23
C ARG E 19 -25.96 30.00 -31.59
N SER E 20 -25.67 28.79 -31.12
CA SER E 20 -26.68 27.80 -30.76
C SER E 20 -26.38 27.03 -29.49
N PHE E 21 -25.13 26.90 -29.07
CA PHE E 21 -24.74 26.12 -27.90
C PHE E 21 -24.49 27.08 -26.74
N PHE E 22 -25.40 27.09 -25.77
CA PHE E 22 -25.35 28.03 -24.64
C PHE E 22 -25.37 27.28 -23.32
N PRO E 23 -24.38 26.42 -23.07
CA PRO E 23 -24.34 25.70 -21.80
C PRO E 23 -24.16 26.63 -20.61
N GLU E 24 -24.45 26.10 -19.42
CA GLU E 24 -24.16 26.80 -18.17
C GLU E 24 -22.97 26.22 -17.43
N ASN E 25 -22.55 25.00 -17.77
CA ASN E 25 -21.27 24.44 -17.33
C ASN E 25 -20.93 23.35 -18.33
N TRP E 26 -19.90 23.58 -19.14
CA TRP E 26 -19.64 22.71 -20.28
C TRP E 26 -18.47 21.75 -20.06
N LEU E 27 -17.84 21.80 -18.89
CA LEU E 27 -16.84 20.80 -18.53
C LEU E 27 -17.29 20.06 -17.29
N TRP E 28 -17.21 18.74 -17.33
CA TRP E 28 -17.53 17.90 -16.18
C TRP E 28 -16.90 16.55 -16.45
N ARG E 29 -15.57 16.54 -16.53
CA ARG E 29 -14.78 15.37 -16.84
C ARG E 29 -13.70 15.23 -15.79
N VAL E 30 -13.14 14.03 -15.71
CA VAL E 30 -11.95 13.80 -14.90
C VAL E 30 -10.88 13.25 -15.83
N GLU E 31 -9.69 13.85 -15.78
CA GLU E 31 -8.59 13.53 -16.67
C GLU E 31 -7.42 13.01 -15.84
N THR E 32 -6.82 11.90 -16.28
CA THR E 32 -5.56 11.47 -15.69
C THR E 32 -4.45 12.32 -16.28
N VAL E 33 -3.79 13.10 -15.43
CA VAL E 33 -2.76 14.04 -15.84
C VAL E 33 -1.46 13.59 -15.18
N ASP E 34 -0.52 13.10 -16.00
CA ASP E 34 0.81 12.76 -15.49
C ASP E 34 1.67 14.03 -15.56
N ARG E 35 1.53 14.85 -14.53
CA ARG E 35 2.29 16.08 -14.33
C ARG E 35 2.01 17.17 -15.36
N PHE E 36 1.68 16.80 -16.60
CA PHE E 36 1.40 17.82 -17.62
C PHE E 36 0.39 17.28 -18.62
N GLN E 37 -0.60 18.11 -18.97
CA GLN E 37 -1.60 17.77 -19.96
C GLN E 37 -2.09 19.03 -20.66
N ILE E 38 -2.44 18.88 -21.93
CA ILE E 38 -2.94 19.98 -22.76
C ILE E 38 -4.25 19.55 -23.42
N LEU E 39 -5.33 20.27 -23.13
CA LEU E 39 -6.64 19.99 -23.67
C LEU E 39 -7.01 21.05 -24.71
N THR E 40 -7.24 20.63 -25.95
CA THR E 40 -7.67 21.52 -27.03
C THR E 40 -9.19 21.69 -27.02
N LEU E 41 -9.67 22.33 -25.96
CA LEU E 41 -11.09 22.54 -25.75
C LEU E 41 -11.71 23.38 -26.88
N TRP E 42 -12.95 23.04 -27.24
CA TRP E 42 -13.68 23.70 -28.32
C TRP E 42 -14.81 24.51 -27.69
N LEU E 43 -14.69 25.84 -27.76
CA LEU E 43 -15.57 26.73 -27.01
C LEU E 43 -17.04 26.59 -27.42
N PRO E 44 -17.96 26.71 -26.46
CA PRO E 44 -19.38 26.94 -26.77
C PRO E 44 -19.62 28.27 -27.48
N ASP E 45 -20.89 28.59 -27.75
CA ASP E 45 -21.25 29.79 -28.50
C ASP E 45 -21.69 30.95 -27.61
N SER E 46 -21.87 30.74 -26.32
CA SER E 46 -22.26 31.81 -25.41
C SER E 46 -21.14 32.82 -25.22
N LEU E 47 -21.49 34.11 -25.23
CA LEU E 47 -20.53 35.19 -24.95
C LEU E 47 -20.75 35.70 -23.53
N THR E 48 -19.90 35.25 -22.61
CA THR E 48 -19.84 35.68 -21.22
C THR E 48 -18.39 35.60 -20.75
N THR E 49 -18.18 35.34 -19.47
CA THR E 49 -16.85 35.01 -18.96
C THR E 49 -16.93 33.74 -18.13
N TRP E 50 -16.02 32.79 -18.42
CA TRP E 50 -16.06 31.45 -17.85
C TRP E 50 -15.07 31.36 -16.69
N GLU E 51 -15.45 30.66 -15.64
CA GLU E 51 -14.58 30.36 -14.51
C GLU E 51 -14.25 28.88 -14.54
N ILE E 52 -13.02 28.57 -14.94
CA ILE E 52 -12.58 27.17 -15.11
C ILE E 52 -12.14 26.62 -13.76
N HIS E 53 -12.77 25.50 -13.36
CA HIS E 53 -12.47 24.83 -12.11
C HIS E 53 -11.55 23.65 -12.36
N GLY E 54 -10.75 23.33 -11.34
CA GLY E 54 -9.86 22.19 -11.40
C GLY E 54 -9.52 21.69 -10.01
N LEU E 55 -9.65 20.39 -9.79
CA LEU E 55 -9.32 19.78 -8.51
C LEU E 55 -8.50 18.53 -8.78
N SER E 56 -7.25 18.53 -8.29
CA SER E 56 -6.30 17.45 -8.53
C SER E 56 -6.31 16.48 -7.36
N LEU E 57 -6.50 15.20 -7.66
CA LEU E 57 -6.45 14.12 -6.67
C LEU E 57 -5.41 13.11 -7.10
N SER E 58 -4.47 12.80 -6.21
CA SER E 58 -3.36 11.92 -6.56
C SER E 58 -3.00 11.01 -5.40
N LYS E 59 -2.54 9.81 -5.74
CA LYS E 59 -2.16 8.80 -4.75
C LYS E 59 -1.03 9.28 -3.84
N THR E 60 -0.07 10.00 -4.40
CA THR E 60 1.14 10.40 -3.66
C THR E 60 1.06 11.78 -3.06
N LYS E 61 0.64 12.78 -3.83
CA LYS E 61 0.70 14.17 -3.38
C LYS E 61 -0.65 14.67 -2.90
N GLY E 62 -1.61 13.78 -2.71
CA GLY E 62 -2.91 14.12 -2.16
C GLY E 62 -3.78 14.97 -3.07
N LEU E 63 -4.47 15.92 -2.47
CA LEU E 63 -5.49 16.71 -3.13
C LEU E 63 -5.09 18.18 -3.24
N CYS E 64 -5.31 18.76 -4.42
CA CYS E 64 -4.99 20.16 -4.69
C CYS E 64 -6.05 20.74 -5.60
N VAL E 65 -6.71 21.82 -5.17
CA VAL E 65 -7.70 22.51 -6.00
C VAL E 65 -7.09 23.77 -6.60
N ALA E 66 -7.11 23.85 -7.93
CA ALA E 66 -6.46 24.91 -8.68
C ALA E 66 -7.07 26.28 -8.36
N THR E 67 -6.24 27.32 -8.54
CA THR E 67 -6.74 28.69 -8.61
C THR E 67 -7.54 28.88 -9.89
N PRO E 68 -8.82 29.28 -9.82
CA PRO E 68 -9.65 29.32 -11.03
C PRO E 68 -9.12 30.26 -12.09
N VAL E 69 -9.24 29.83 -13.35
CA VAL E 69 -8.84 30.60 -14.52
C VAL E 69 -10.06 31.30 -15.12
N GLN E 70 -10.03 32.62 -15.15
CA GLN E 70 -11.08 33.41 -15.79
C GLN E 70 -10.82 33.46 -17.29
N LEU E 71 -11.78 33.00 -18.09
CA LEU E 71 -11.67 33.03 -19.55
C LEU E 71 -12.88 33.76 -20.14
N ARG E 72 -12.65 34.97 -20.65
CA ARG E 72 -13.72 35.78 -21.20
C ARG E 72 -13.83 35.55 -22.70
N VAL E 73 -15.07 35.42 -23.19
CA VAL E 73 -15.35 35.24 -24.61
C VAL E 73 -16.19 36.42 -25.08
N PHE E 74 -15.94 36.87 -26.29
CA PHE E 74 -16.46 38.16 -26.73
C PHE E 74 -16.67 38.18 -28.23
N ARG E 75 -17.62 39.00 -28.67
CA ARG E 75 -17.89 39.28 -30.07
C ARG E 75 -17.95 40.78 -30.26
N GLU E 76 -17.19 41.29 -31.23
CA GLU E 76 -17.15 42.72 -31.50
C GLU E 76 -18.55 43.25 -31.85
N PHE E 77 -19.30 42.52 -32.66
CA PHE E 77 -20.70 42.81 -32.93
C PHE E 77 -21.53 41.56 -32.63
N HIS E 78 -22.53 41.70 -31.77
CA HIS E 78 -23.29 40.53 -31.37
C HIS E 78 -24.69 40.93 -30.89
N LEU E 79 -25.58 39.94 -30.90
CA LEU E 79 -26.95 40.04 -30.46
C LEU E 79 -27.16 39.25 -29.18
N HIS E 80 -27.82 39.84 -28.19
CA HIS E 80 -28.22 39.12 -26.98
C HIS E 80 -29.74 39.01 -26.96
N LEU E 81 -30.23 37.85 -26.51
CA LEU E 81 -31.67 37.60 -26.41
C LEU E 81 -31.96 36.83 -25.12
N ARG E 82 -32.66 37.45 -24.18
CA ARG E 82 -33.11 36.78 -22.96
C ARG E 82 -34.54 36.32 -23.18
N LEU E 83 -34.72 35.04 -23.50
CA LEU E 83 -36.06 34.48 -23.61
C LEU E 83 -36.71 34.41 -22.23
N PRO E 84 -38.01 34.64 -22.13
CA PRO E 84 -38.69 34.51 -20.84
C PRO E 84 -38.56 33.11 -20.25
N MET E 85 -38.84 33.02 -18.94
CA MET E 85 -38.79 31.72 -18.26
C MET E 85 -39.79 30.74 -18.90
N SER E 86 -41.01 31.21 -19.18
CA SER E 86 -41.98 30.46 -19.96
C SER E 86 -43.05 31.43 -20.43
N VAL E 87 -43.70 31.10 -21.54
CA VAL E 87 -44.75 31.93 -22.10
C VAL E 87 -45.77 31.02 -22.79
N ARG E 88 -47.06 31.33 -22.60
CA ARG E 88 -48.13 30.49 -23.11
C ARG E 88 -48.52 30.86 -24.54
N ARG E 89 -48.83 29.85 -25.34
CA ARG E 89 -49.31 30.03 -26.70
C ARG E 89 -50.62 30.81 -26.74
N PHE E 90 -50.80 31.57 -27.82
CA PHE E 90 -51.97 32.43 -28.12
C PHE E 90 -51.95 33.73 -27.33
N GLU E 91 -50.83 34.07 -26.69
CA GLU E 91 -50.65 35.35 -26.03
C GLU E 91 -49.46 36.03 -26.68
N GLN E 92 -49.68 37.23 -27.20
CA GLN E 92 -48.60 37.97 -27.83
C GLN E 92 -47.52 38.33 -26.82
N LEU E 93 -46.27 38.23 -27.26
CA LEU E 93 -45.11 38.48 -26.42
C LEU E 93 -44.10 39.30 -27.22
N GLU E 94 -43.41 40.20 -26.54
CA GLU E 94 -42.34 40.98 -27.17
C GLU E 94 -40.99 40.29 -26.93
N LEU E 95 -40.40 39.77 -28.00
CA LEU E 95 -39.02 39.32 -27.99
C LEU E 95 -38.13 40.51 -28.29
N ARG E 96 -37.11 40.72 -27.47
CA ARG E 96 -36.33 41.96 -27.49
C ARG E 96 -34.84 41.67 -27.66
N PRO E 97 -34.44 41.14 -28.81
CA PRO E 97 -33.01 41.04 -29.11
C PRO E 97 -32.37 42.42 -29.19
N VAL E 98 -31.17 42.54 -28.63
CA VAL E 98 -30.44 43.81 -28.58
C VAL E 98 -29.14 43.64 -29.33
N LEU E 99 -28.88 44.56 -30.27
CA LEU E 99 -27.64 44.56 -31.04
C LEU E 99 -26.59 45.43 -30.36
N TYR E 100 -25.38 44.90 -30.25
CA TYR E 100 -24.26 45.60 -29.64
C TYR E 100 -23.16 45.79 -30.67
N ASN E 101 -22.73 47.04 -30.86
CA ASN E 101 -21.67 47.38 -31.80
C ASN E 101 -20.55 48.05 -31.03
N TYR E 102 -19.42 47.34 -30.86
CA TYR E 102 -18.26 47.87 -30.18
C TYR E 102 -17.14 48.27 -31.14
N LEU E 103 -17.38 48.14 -32.44
CA LEU E 103 -16.43 48.61 -33.44
C LEU E 103 -16.47 50.13 -33.53
N ASP E 104 -15.49 50.70 -34.23
CA ASP E 104 -15.35 52.14 -34.35
C ASP E 104 -16.03 52.71 -35.58
N LYS E 105 -16.84 51.90 -36.27
CA LYS E 105 -17.58 52.35 -37.46
C LYS E 105 -19.08 52.28 -37.17
N ASN E 106 -19.80 53.32 -37.58
CA ASN E 106 -21.25 53.19 -37.65
C ASN E 106 -21.61 52.15 -38.71
N LEU E 107 -22.62 51.35 -38.42
CA LEU E 107 -23.05 50.33 -39.37
C LEU E 107 -24.54 50.07 -39.23
N THR E 108 -25.14 49.61 -40.33
CA THR E 108 -26.57 49.39 -40.45
C THR E 108 -26.86 47.91 -40.69
N VAL E 109 -27.81 47.36 -39.93
CA VAL E 109 -28.04 45.92 -39.86
C VAL E 109 -29.48 45.63 -40.25
N SER E 110 -29.66 44.62 -41.12
CA SER E 110 -30.99 44.14 -41.52
C SER E 110 -31.34 42.91 -40.69
N VAL E 111 -32.35 43.03 -39.85
CA VAL E 111 -32.65 42.05 -38.82
C VAL E 111 -34.01 41.41 -39.11
N HIS E 112 -34.08 40.08 -38.97
CA HIS E 112 -35.32 39.36 -39.16
C HIS E 112 -35.30 38.08 -38.33
N VAL E 113 -36.50 37.61 -37.98
CA VAL E 113 -36.70 36.32 -37.33
C VAL E 113 -37.06 35.32 -38.41
N SER E 114 -36.28 34.24 -38.52
CA SER E 114 -36.55 33.25 -39.54
C SER E 114 -37.89 32.57 -39.33
N PRO E 115 -38.64 32.30 -40.40
CA PRO E 115 -39.96 31.66 -40.27
C PRO E 115 -39.85 30.25 -39.71
N VAL E 116 -40.52 30.01 -38.59
CA VAL E 116 -40.50 28.72 -37.92
C VAL E 116 -41.92 28.27 -37.66
N GLU E 117 -42.23 27.03 -38.03
CA GLU E 117 -43.57 26.47 -37.90
C GLU E 117 -44.00 26.36 -36.45
N GLY E 118 -44.92 27.22 -36.03
CA GLY E 118 -45.42 27.22 -34.67
C GLY E 118 -45.31 28.56 -33.98
N LEU E 119 -44.67 29.52 -34.65
CA LEU E 119 -44.60 30.89 -34.17
C LEU E 119 -45.10 31.81 -35.28
N CYS E 120 -45.85 32.83 -34.90
CA CYS E 120 -46.27 33.86 -35.83
C CYS E 120 -45.83 35.23 -35.33
N LEU E 121 -45.39 36.08 -36.25
CA LEU E 121 -44.73 37.33 -35.89
C LEU E 121 -44.78 38.28 -37.08
N ALA E 122 -44.63 39.57 -36.75
CA ALA E 122 -44.62 40.67 -37.71
C ALA E 122 -45.53 40.47 -38.92
N GLY E 123 -44.95 40.55 -40.12
CA GLY E 123 -45.69 40.35 -41.36
C GLY E 123 -45.64 38.92 -41.85
N GLY E 124 -45.46 37.97 -40.93
CA GLY E 124 -45.38 36.57 -41.27
C GLY E 124 -43.99 36.02 -41.46
N GLY E 125 -42.97 36.79 -41.11
CA GLY E 125 -41.58 36.34 -41.13
C GLY E 125 -40.85 36.53 -42.43
N GLY E 126 -41.48 37.10 -43.45
CA GLY E 126 -40.80 37.39 -44.69
C GLY E 126 -40.13 38.75 -44.71
N LEU E 127 -40.68 39.67 -43.94
CA LEU E 127 -40.16 41.03 -43.85
C LEU E 127 -38.99 41.10 -42.87
N ALA E 128 -38.16 42.12 -43.06
CA ALA E 128 -37.02 42.38 -42.19
C ALA E 128 -36.97 43.87 -41.89
N GLN E 129 -36.30 44.22 -40.81
CA GLN E 129 -36.20 45.59 -40.35
C GLN E 129 -34.73 46.02 -40.36
N GLN E 130 -34.43 47.12 -41.03
CA GLN E 130 -33.11 47.72 -40.92
C GLN E 130 -33.02 48.56 -39.64
N VAL E 131 -31.85 48.50 -39.00
CA VAL E 131 -31.56 49.30 -37.83
C VAL E 131 -30.09 49.69 -37.90
N LEU E 132 -29.78 50.92 -37.47
CA LEU E 132 -28.42 51.43 -37.52
C LEU E 132 -27.92 51.62 -36.09
N VAL E 133 -26.70 51.16 -35.83
CA VAL E 133 -26.08 51.20 -34.52
C VAL E 133 -24.81 52.04 -34.61
N PRO E 134 -24.73 53.18 -33.93
CA PRO E 134 -23.49 53.96 -33.93
C PRO E 134 -22.32 53.17 -33.37
N ALA E 135 -21.12 53.68 -33.65
CA ALA E 135 -19.90 53.12 -33.08
C ALA E 135 -19.95 53.17 -31.56
N GLY E 136 -19.61 52.05 -30.94
CA GLY E 136 -19.64 51.94 -29.48
C GLY E 136 -20.99 52.15 -28.85
N SER E 137 -22.05 51.65 -29.49
CA SER E 137 -23.40 51.89 -29.03
C SER E 137 -24.25 50.65 -29.29
N ALA E 138 -25.46 50.63 -28.73
CA ALA E 138 -26.37 49.52 -28.89
C ALA E 138 -27.76 50.04 -29.23
N ARG E 139 -28.59 49.16 -29.81
CA ARG E 139 -30.01 49.43 -30.04
C ARG E 139 -30.81 48.15 -30.01
N PRO E 140 -32.02 48.18 -29.44
CA PRO E 140 -32.89 47.00 -29.44
C PRO E 140 -33.66 46.87 -30.74
N VAL E 141 -33.92 45.63 -31.13
CA VAL E 141 -34.70 45.35 -32.34
C VAL E 141 -35.88 44.47 -31.96
N ALA E 142 -36.83 45.06 -31.21
CA ALA E 142 -37.95 44.32 -30.65
C ALA E 142 -38.81 43.68 -31.74
N PHE E 143 -39.18 42.42 -31.52
CA PHE E 143 -40.07 41.66 -32.38
C PHE E 143 -41.26 41.20 -31.56
N SER E 144 -42.46 41.36 -32.09
CA SER E 144 -43.67 40.90 -31.41
C SER E 144 -44.09 39.55 -31.98
N VAL E 145 -44.17 38.55 -31.11
CA VAL E 145 -44.40 37.16 -31.50
C VAL E 145 -45.60 36.64 -30.72
N VAL E 146 -46.44 35.84 -31.39
CA VAL E 146 -47.50 35.10 -30.73
C VAL E 146 -47.27 33.62 -31.00
N PRO E 147 -47.03 32.80 -29.98
CA PRO E 147 -46.75 31.38 -30.21
C PRO E 147 -48.01 30.58 -30.50
N THR E 148 -47.89 29.68 -31.48
CA THR E 148 -49.03 28.86 -31.88
C THR E 148 -48.87 27.40 -31.48
N ALA E 149 -47.66 26.85 -31.62
CA ALA E 149 -47.38 25.48 -31.21
C ALA E 149 -47.55 25.32 -29.71
N ALA E 150 -47.84 24.09 -29.29
CA ALA E 150 -48.08 23.80 -27.88
C ALA E 150 -46.87 23.20 -27.19
N ALA E 151 -45.74 23.05 -27.88
CA ALA E 151 -44.56 22.42 -27.31
C ALA E 151 -43.46 23.46 -27.15
N ALA E 152 -42.56 23.60 -28.13
CA ALA E 152 -41.49 24.59 -28.11
C ALA E 152 -40.99 24.77 -29.54
N VAL E 153 -40.50 25.97 -29.85
CA VAL E 153 -40.07 26.28 -31.21
C VAL E 153 -38.70 26.96 -31.20
N SER E 154 -37.79 26.46 -32.04
CA SER E 154 -36.43 26.94 -32.22
C SER E 154 -36.38 28.23 -33.05
N LEU E 155 -36.85 29.32 -32.46
CA LEU E 155 -36.78 30.61 -33.13
C LEU E 155 -35.34 31.06 -33.34
N LYS E 156 -35.06 31.62 -34.51
CA LYS E 156 -33.72 32.05 -34.90
C LYS E 156 -33.77 33.52 -35.31
N VAL E 157 -33.08 34.38 -34.57
CA VAL E 157 -32.97 35.80 -34.89
C VAL E 157 -31.66 36.04 -35.63
N VAL E 158 -31.74 36.64 -36.81
CA VAL E 158 -30.60 36.81 -37.71
C VAL E 158 -30.41 38.29 -37.97
N ALA E 159 -29.17 38.76 -37.81
CA ALA E 159 -28.81 40.16 -38.02
C ALA E 159 -27.69 40.23 -39.04
N ARG E 160 -27.96 40.83 -40.20
CA ARG E 160 -27.03 40.88 -41.31
C ARG E 160 -26.60 42.32 -41.55
N GLY E 161 -25.32 42.60 -41.36
CA GLY E 161 -24.80 43.92 -41.68
C GLY E 161 -24.75 44.15 -43.19
N SER E 162 -24.52 45.42 -43.54
CA SER E 162 -24.42 45.82 -44.94
C SER E 162 -23.21 45.16 -45.60
N PHE E 163 -23.15 45.29 -46.92
CA PHE E 163 -22.00 44.78 -47.67
C PHE E 163 -20.79 45.70 -47.54
N GLU E 164 -21.01 46.96 -47.17
CA GLU E 164 -19.92 47.88 -46.90
C GLU E 164 -19.06 47.43 -45.71
N PHE E 165 -19.71 46.97 -44.64
CA PHE E 165 -19.01 46.41 -43.49
C PHE E 165 -19.67 45.08 -43.14
N PRO E 166 -19.08 43.94 -43.55
CA PRO E 166 -19.77 42.64 -43.47
C PRO E 166 -19.95 42.05 -42.07
N VAL E 167 -20.26 42.87 -41.07
CA VAL E 167 -20.60 42.31 -39.75
C VAL E 167 -21.90 41.51 -39.82
N GLY E 168 -22.09 40.66 -38.82
CA GLY E 168 -23.28 39.82 -38.75
C GLY E 168 -23.29 38.85 -37.58
N ASP E 169 -24.49 38.49 -37.10
CA ASP E 169 -24.63 37.56 -35.99
C ASP E 169 -25.98 36.87 -36.08
N ALA E 170 -26.07 35.67 -35.52
CA ALA E 170 -27.32 34.91 -35.54
C ALA E 170 -27.42 34.07 -34.26
N VAL E 171 -28.57 34.15 -33.60
CA VAL E 171 -28.80 33.46 -32.32
C VAL E 171 -29.99 32.53 -32.47
N SER E 172 -29.78 31.24 -32.21
CA SER E 172 -30.83 30.22 -32.25
C SER E 172 -31.11 29.73 -30.83
N LYS E 173 -32.37 29.83 -30.39
CA LYS E 173 -32.75 29.41 -29.05
C LYS E 173 -34.14 28.79 -29.07
N VAL E 174 -34.32 27.75 -28.26
CA VAL E 174 -35.58 27.03 -28.15
C VAL E 174 -36.47 27.72 -27.11
N LEU E 175 -37.61 28.25 -27.55
CA LEU E 175 -38.53 28.98 -26.69
C LEU E 175 -39.55 28.01 -26.08
N GLN E 176 -39.55 27.92 -24.75
CA GLN E 176 -40.47 27.05 -24.01
C GLN E 176 -41.87 27.64 -24.00
N ILE E 177 -42.80 26.99 -24.69
CA ILE E 177 -44.20 27.42 -24.74
C ILE E 177 -44.97 26.74 -23.61
N GLU E 178 -45.49 27.56 -22.69
CA GLU E 178 -46.08 27.06 -21.46
C GLU E 178 -47.31 26.20 -21.71
N LYS E 179 -47.42 25.11 -20.94
CA LYS E 179 -48.58 24.23 -20.98
C LYS E 179 -49.84 24.97 -20.51
N GLU E 180 -50.98 24.48 -20.99
CA GLU E 180 -52.26 25.15 -20.81
C GLU E 180 -52.61 25.39 -19.35
N GLY E 181 -53.30 26.51 -19.11
CA GLY E 181 -53.76 26.95 -17.80
C GLY E 181 -52.67 27.20 -16.78
N ALA E 182 -52.96 26.80 -15.54
CA ALA E 182 -52.10 27.03 -14.39
C ALA E 182 -51.90 25.72 -13.65
N ILE E 183 -50.97 25.71 -12.70
CA ILE E 183 -50.63 24.52 -11.92
C ILE E 183 -51.27 24.64 -10.54
N HIS E 184 -52.05 23.63 -10.17
CA HIS E 184 -52.70 23.55 -8.87
C HIS E 184 -52.00 22.51 -8.01
N ARG E 185 -51.78 22.83 -6.74
CA ARG E 185 -51.09 21.95 -5.81
C ARG E 185 -51.98 21.60 -4.62
N GLU E 186 -52.15 20.30 -4.37
CA GLU E 186 -52.90 19.80 -3.22
C GLU E 186 -52.02 18.87 -2.41
N GLU E 187 -51.77 19.23 -1.14
CA GLU E 187 -51.04 18.38 -0.22
C GLU E 187 -52.01 17.82 0.83
N LEU E 188 -52.27 16.53 0.76
CA LEU E 188 -53.19 15.86 1.69
C LEU E 188 -52.38 15.26 2.83
N VAL E 189 -52.55 15.81 4.03
CA VAL E 189 -51.74 15.44 5.19
C VAL E 189 -52.52 14.48 6.08
N TYR E 190 -51.94 13.30 6.33
CA TYR E 190 -52.55 12.28 7.19
C TYR E 190 -51.51 11.85 8.22
N GLU E 191 -51.81 12.05 9.50
CA GLU E 191 -50.95 11.55 10.56
C GLU E 191 -50.97 10.03 10.61
N LEU E 192 -49.83 9.43 10.92
CA LEU E 192 -49.68 7.98 11.03
C LEU E 192 -49.43 7.58 12.47
N ASN E 193 -50.07 6.50 12.91
CA ASN E 193 -49.85 5.95 14.25
C ASN E 193 -49.96 4.43 14.22
N PRO E 194 -48.99 3.75 13.60
CA PRO E 194 -48.92 2.29 13.74
C PRO E 194 -48.34 1.84 15.07
N LEU E 195 -47.77 2.77 15.85
CA LEU E 195 -47.27 2.44 17.18
C LEU E 195 -48.37 1.91 18.09
N ASP E 196 -49.57 2.48 18.00
CA ASP E 196 -50.73 1.99 18.73
C ASP E 196 -51.24 0.67 18.17
N HIS E 197 -50.80 0.28 16.97
CA HIS E 197 -51.12 -0.99 16.32
C HIS E 197 -52.58 -1.08 15.89
N ARG E 198 -53.13 0.03 15.40
CA ARG E 198 -54.45 -0.02 14.79
C ARG E 198 -54.41 -0.81 13.49
N GLY E 199 -55.42 -1.66 13.28
CA GLY E 199 -55.41 -2.57 12.15
C GLY E 199 -55.78 -1.96 10.81
N ARG E 200 -56.43 -0.80 10.82
CA ARG E 200 -56.94 -0.19 9.59
C ARG E 200 -55.84 0.09 8.57
N THR E 201 -56.15 -0.20 7.30
CA THR E 201 -55.27 0.04 6.16
C THR E 201 -55.72 1.32 5.44
N LEU E 202 -54.85 2.33 5.45
CA LEU E 202 -55.15 3.63 4.88
C LEU E 202 -55.35 3.57 3.36
N GLU E 203 -56.23 4.44 2.86
CA GLU E 203 -56.46 4.64 1.43
C GLU E 203 -56.89 6.09 1.21
N ILE E 204 -56.49 6.66 0.08
CA ILE E 204 -56.58 8.09 -0.17
C ILE E 204 -57.51 8.35 -1.35
N PRO E 205 -58.49 9.25 -1.21
CA PRO E 205 -59.33 9.64 -2.35
C PRO E 205 -58.53 10.23 -3.53
N GLY E 206 -58.88 9.78 -4.73
CA GLY E 206 -58.26 10.24 -5.95
C GLY E 206 -58.50 11.70 -6.29
N ASN E 207 -58.15 12.04 -7.53
CA ASN E 207 -58.29 13.38 -8.08
C ASN E 207 -59.71 13.58 -8.62
N SER E 208 -60.56 14.24 -7.84
CA SER E 208 -61.95 14.49 -8.18
C SER E 208 -62.24 15.98 -8.39
N ASP E 209 -61.22 16.79 -8.64
CA ASP E 209 -61.42 18.20 -8.95
C ASP E 209 -61.81 18.36 -10.41
N PRO E 210 -62.97 18.96 -10.72
CA PRO E 210 -63.43 19.05 -12.11
C PRO E 210 -62.76 20.15 -12.93
N ASN E 211 -61.79 20.87 -12.40
CA ASN E 211 -61.14 21.97 -13.12
C ASN E 211 -59.84 21.55 -13.78
N MET E 212 -59.44 20.29 -13.63
CA MET E 212 -58.26 19.77 -14.30
C MET E 212 -58.36 19.87 -15.82
N ILE E 213 -57.26 20.27 -16.45
CA ILE E 213 -57.11 20.21 -17.91
C ILE E 213 -56.89 18.76 -18.32
N PRO E 214 -57.64 18.24 -19.30
CA PRO E 214 -57.55 16.80 -19.59
C PRO E 214 -56.22 16.38 -20.18
N ASP E 215 -55.64 17.19 -21.06
CA ASP E 215 -54.39 16.84 -21.74
C ASP E 215 -53.17 17.44 -21.04
N GLY E 216 -53.37 18.05 -19.87
CA GLY E 216 -52.30 18.60 -19.08
C GLY E 216 -51.45 17.52 -18.44
N ASP E 217 -50.52 17.97 -17.60
CA ASP E 217 -49.71 17.07 -16.80
C ASP E 217 -50.40 16.79 -15.48
N PHE E 218 -50.28 15.54 -15.02
CA PHE E 218 -50.78 15.13 -13.72
C PHE E 218 -49.66 14.35 -13.06
N ASN E 219 -49.02 14.96 -12.07
CA ASN E 219 -47.91 14.37 -11.33
C ASN E 219 -48.24 14.41 -9.83
N SER E 220 -47.66 13.46 -9.10
CA SER E 220 -47.94 13.36 -7.67
C SER E 220 -46.71 12.80 -6.95
N TYR E 221 -46.63 13.12 -5.67
CA TYR E 221 -45.47 12.77 -4.85
C TYR E 221 -45.96 12.43 -3.45
N VAL E 222 -45.35 11.40 -2.85
CA VAL E 222 -45.72 10.95 -1.51
C VAL E 222 -44.50 11.10 -0.62
N ARG E 223 -44.68 11.71 0.54
CA ARG E 223 -43.55 11.97 1.44
C ARG E 223 -43.98 11.76 2.88
N VAL E 224 -43.12 11.10 3.65
CA VAL E 224 -43.42 10.62 4.99
C VAL E 224 -42.48 11.29 6.00
N THR E 225 -43.06 11.77 7.10
CA THR E 225 -42.32 12.46 8.16
C THR E 225 -42.43 11.63 9.45
N ALA E 226 -41.28 11.13 9.92
CA ALA E 226 -41.26 10.39 11.17
C ALA E 226 -41.04 11.34 12.35
N SER E 227 -41.42 10.87 13.54
CA SER E 227 -41.33 11.70 14.74
C SER E 227 -41.02 10.84 15.96
N ASP E 228 -40.14 11.36 16.83
CA ASP E 228 -39.78 10.78 18.12
C ASP E 228 -40.76 11.22 19.21
N PRO E 229 -40.83 10.47 20.32
CA PRO E 229 -41.59 10.92 21.51
C PRO E 229 -41.43 12.40 21.87
N LEU E 230 -42.51 12.99 22.38
CA LEU E 230 -42.65 14.43 22.54
C LEU E 230 -42.23 14.93 23.93
N ASP E 231 -41.67 14.09 24.80
CA ASP E 231 -41.28 14.54 26.12
C ASP E 231 -39.99 13.84 26.55
N THR E 232 -39.19 14.55 27.35
CA THR E 232 -37.87 14.07 27.78
C THR E 232 -37.95 13.02 28.87
N LEU E 233 -36.85 12.26 28.99
CA LEU E 233 -36.72 11.21 30.00
C LEU E 233 -36.82 11.75 31.42
N GLY E 234 -37.48 10.98 32.28
CA GLY E 234 -37.63 11.33 33.69
C GLY E 234 -36.46 10.89 34.55
N SER E 235 -35.64 9.99 34.01
CA SER E 235 -34.49 9.44 34.71
C SER E 235 -33.48 10.51 35.11
N GLU E 236 -32.83 10.27 36.26
CA GLU E 236 -31.83 11.16 36.83
C GLU E 236 -30.42 10.56 36.75
N GLY E 237 -30.24 9.49 35.99
CA GLY E 237 -28.98 8.79 35.88
C GLY E 237 -28.80 7.68 36.91
N ALA E 238 -27.61 7.06 36.83
CA ALA E 238 -27.24 5.96 37.70
C ALA E 238 -26.75 6.44 39.06
N LEU E 239 -26.54 5.47 39.96
CA LEU E 239 -26.02 5.74 41.29
C LEU E 239 -24.55 6.17 41.21
N SER E 240 -24.12 6.93 42.21
CA SER E 240 -22.78 7.50 42.22
C SER E 240 -21.72 6.39 42.09
N PRO E 241 -20.65 6.62 41.31
CA PRO E 241 -19.66 5.56 41.10
C PRO E 241 -18.78 5.31 42.32
N GLY E 242 -18.43 6.36 43.06
CA GLY E 242 -17.63 6.20 44.27
C GLY E 242 -18.33 5.42 45.36
N GLY E 243 -19.65 5.57 45.48
CA GLY E 243 -20.39 4.77 46.43
C GLY E 243 -20.36 3.29 46.08
N VAL E 244 -20.54 2.98 44.80
CA VAL E 244 -20.42 1.60 44.33
C VAL E 244 -18.98 1.10 44.49
N ALA E 245 -18.00 1.95 44.16
CA ALA E 245 -16.60 1.59 44.36
C ALA E 245 -16.28 1.29 45.82
N SER E 246 -16.92 2.00 46.75
CA SER E 246 -16.74 1.74 48.18
C SER E 246 -17.18 0.35 48.60
N LEU E 247 -17.94 -0.36 47.76
CA LEU E 247 -18.32 -1.74 48.02
C LEU E 247 -17.33 -2.75 47.45
N LEU E 248 -16.29 -2.30 46.76
CA LEU E 248 -15.20 -3.17 46.32
C LEU E 248 -14.23 -3.38 47.47
N ARG E 249 -14.21 -4.60 48.01
CA ARG E 249 -13.51 -4.90 49.25
C ARG E 249 -12.73 -6.20 49.09
N LEU E 250 -11.74 -6.39 49.97
CA LEU E 250 -10.91 -7.59 49.94
C LEU E 250 -11.61 -8.75 50.65
N PRO E 251 -11.88 -9.86 49.96
CA PRO E 251 -12.45 -11.04 50.63
C PRO E 251 -11.66 -11.49 51.86
N ARG E 252 -12.36 -11.63 52.98
CA ARG E 252 -11.73 -12.01 54.23
C ARG E 252 -11.68 -13.53 54.41
N GLY E 253 -10.92 -13.96 55.41
CA GLY E 253 -10.51 -15.36 55.52
C GLY E 253 -11.60 -16.34 55.92
N CYS E 254 -12.55 -15.91 56.76
CA CYS E 254 -13.62 -16.82 57.16
C CYS E 254 -14.49 -17.22 55.97
N GLY E 255 -14.93 -18.48 55.98
CA GLY E 255 -15.72 -19.00 54.87
C GLY E 255 -17.05 -18.28 54.68
N GLU E 256 -17.76 -18.02 55.78
CA GLU E 256 -18.97 -17.21 55.69
C GLU E 256 -18.66 -15.77 55.29
N GLN E 257 -17.61 -15.19 55.89
CA GLN E 257 -17.28 -13.80 55.61
C GLN E 257 -16.65 -13.61 54.24
N THR E 258 -16.13 -14.67 53.64
CA THR E 258 -15.69 -14.61 52.24
C THR E 258 -16.84 -14.21 51.31
N MET E 259 -18.01 -14.82 51.48
CA MET E 259 -19.18 -14.45 50.69
C MET E 259 -19.81 -13.12 51.12
N ILE E 260 -19.65 -12.73 52.39
CA ILE E 260 -20.07 -11.39 52.80
C ILE E 260 -19.34 -10.31 52.01
N TYR E 261 -18.03 -10.46 51.82
CA TYR E 261 -17.25 -9.47 51.09
C TYR E 261 -17.29 -9.63 49.57
N LEU E 262 -17.14 -10.87 49.07
CA LEU E 262 -17.08 -11.09 47.63
C LEU E 262 -18.37 -10.71 46.90
N ALA E 263 -19.52 -11.11 47.43
CA ALA E 263 -20.77 -10.87 46.70
C ALA E 263 -21.10 -9.40 46.44
N PRO E 264 -20.92 -8.46 47.38
CA PRO E 264 -21.06 -7.05 46.99
C PRO E 264 -19.98 -6.57 46.04
N THR E 265 -18.75 -7.07 46.20
CA THR E 265 -17.67 -6.73 45.28
C THR E 265 -17.99 -7.16 43.84
N LEU E 266 -18.48 -8.38 43.66
CA LEU E 266 -18.98 -8.81 42.34
C LEU E 266 -20.16 -7.97 41.88
N ALA E 267 -21.13 -7.74 42.77
CA ALA E 267 -22.27 -6.90 42.41
C ALA E 267 -21.86 -5.48 42.03
N ALA E 268 -20.94 -4.89 42.77
CA ALA E 268 -20.42 -3.57 42.40
C ALA E 268 -19.71 -3.59 41.04
N SER E 269 -18.87 -4.59 40.79
CA SER E 269 -18.25 -4.73 39.48
C SER E 269 -19.27 -4.94 38.36
N ARG E 270 -20.23 -5.84 38.57
CA ARG E 270 -21.31 -6.01 37.60
C ARG E 270 -22.14 -4.74 37.41
N TYR E 271 -22.45 -4.03 38.50
CA TYR E 271 -23.20 -2.77 38.37
C TYR E 271 -22.47 -1.77 37.48
N LEU E 272 -21.19 -1.52 37.77
CA LEU E 272 -20.43 -0.59 36.94
C LEU E 272 -20.26 -1.06 35.50
N ASP E 273 -20.10 -2.38 35.30
CA ASP E 273 -20.14 -2.94 33.95
C ASP E 273 -21.45 -2.62 33.24
N LYS E 274 -22.57 -3.05 33.83
CA LYS E 274 -23.88 -2.89 33.20
C LYS E 274 -24.22 -1.41 32.99
N THR E 275 -23.93 -0.56 33.96
CA THR E 275 -24.28 0.85 33.86
C THR E 275 -23.19 1.71 33.23
N GLU E 276 -22.07 1.12 32.84
CA GLU E 276 -21.03 1.80 32.07
C GLU E 276 -20.45 3.03 32.78
N GLN E 277 -20.23 2.92 34.09
CA GLN E 277 -19.68 4.01 34.87
C GLN E 277 -18.19 3.83 35.15
N TRP E 278 -17.56 2.84 34.52
CA TRP E 278 -16.10 2.68 34.62
C TRP E 278 -15.34 3.89 34.11
N SER E 279 -15.82 4.51 33.03
CA SER E 279 -15.06 5.63 32.46
C SER E 279 -15.19 6.92 33.24
N THR E 280 -15.76 6.89 34.45
CA THR E 280 -15.64 8.00 35.38
C THR E 280 -14.59 7.73 36.44
N LEU E 281 -13.97 6.56 36.42
CA LEU E 281 -12.94 6.12 37.34
C LEU E 281 -11.68 5.74 36.56
N PRO E 282 -10.51 5.79 37.19
CA PRO E 282 -9.29 5.30 36.54
C PRO E 282 -9.46 3.88 36.02
N PRO E 283 -8.96 3.60 34.80
CA PRO E 283 -9.14 2.27 34.22
C PRO E 283 -8.58 1.12 35.04
N GLU E 284 -7.61 1.39 35.92
CA GLU E 284 -7.07 0.36 36.81
C GLU E 284 -8.07 -0.15 37.84
N THR E 285 -9.10 0.62 38.18
CA THR E 285 -10.09 0.15 39.15
C THR E 285 -10.80 -1.11 38.67
N LYS E 286 -11.09 -1.21 37.38
CA LYS E 286 -11.69 -2.42 36.82
C LYS E 286 -10.81 -3.65 37.01
N ASP E 287 -9.52 -3.53 36.71
CA ASP E 287 -8.59 -4.63 36.98
C ASP E 287 -8.49 -4.98 38.46
N HIS E 288 -8.46 -3.96 39.32
CA HIS E 288 -8.49 -4.21 40.76
C HIS E 288 -9.74 -4.97 41.18
N ALA E 289 -10.90 -4.56 40.68
CA ALA E 289 -12.14 -5.31 40.92
C ALA E 289 -12.09 -6.75 40.38
N VAL E 290 -11.59 -6.94 39.16
CA VAL E 290 -11.43 -8.28 38.62
C VAL E 290 -10.48 -9.14 39.45
N ASP E 291 -9.34 -8.57 39.86
CA ASP E 291 -8.43 -9.29 40.74
C ASP E 291 -9.07 -9.66 42.08
N LEU E 292 -9.86 -8.75 42.66
CA LEU E 292 -10.62 -9.09 43.86
C LEU E 292 -11.60 -10.25 43.64
N ILE E 293 -12.32 -10.25 42.52
CA ILE E 293 -13.19 -11.38 42.20
C ILE E 293 -12.41 -12.68 42.05
N GLN E 294 -11.26 -12.63 41.36
CA GLN E 294 -10.40 -13.81 41.28
C GLN E 294 -9.93 -14.29 42.65
N LYS E 295 -9.50 -13.38 43.52
CA LYS E 295 -9.09 -13.75 44.87
C LYS E 295 -10.23 -14.37 45.67
N GLY E 296 -11.43 -13.79 45.61
CA GLY E 296 -12.57 -14.38 46.28
C GLY E 296 -12.97 -15.75 45.77
N TYR E 297 -12.97 -15.93 44.45
CA TYR E 297 -13.33 -17.22 43.86
C TYR E 297 -12.40 -18.33 44.34
N MET E 298 -11.09 -18.07 44.35
CA MET E 298 -10.12 -19.00 44.93
C MET E 298 -10.34 -19.21 46.42
N ARG E 299 -10.60 -18.12 47.16
CA ARG E 299 -10.76 -18.21 48.61
C ARG E 299 -11.91 -19.12 49.03
N ILE E 300 -13.07 -19.01 48.38
CA ILE E 300 -14.20 -19.83 48.81
C ILE E 300 -14.02 -21.31 48.49
N GLN E 301 -13.23 -21.64 47.45
CA GLN E 301 -12.97 -23.04 47.14
C GLN E 301 -12.06 -23.73 48.17
N GLN E 302 -11.37 -22.97 49.02
CA GLN E 302 -10.69 -23.58 50.16
C GLN E 302 -11.68 -24.11 51.19
N PHE E 303 -12.92 -23.65 51.14
CA PHE E 303 -14.00 -24.10 52.01
C PHE E 303 -15.02 -24.98 51.27
N ARG E 304 -14.61 -25.54 50.14
CA ARG E 304 -15.47 -26.44 49.35
C ARG E 304 -15.29 -27.88 49.83
N LYS E 305 -16.35 -28.43 50.41
CA LYS E 305 -16.36 -29.81 50.86
C LYS E 305 -16.66 -30.71 49.66
N ALA E 306 -15.87 -31.77 49.50
CA ALA E 306 -15.97 -32.75 48.43
C ALA E 306 -17.39 -32.99 47.92
N ASP E 307 -17.52 -33.02 46.59
CA ASP E 307 -18.79 -33.23 45.88
C ASP E 307 -19.75 -32.06 46.08
N GLY E 308 -19.21 -30.85 45.93
CA GLY E 308 -20.02 -29.65 45.81
C GLY E 308 -20.80 -29.15 47.01
N SER E 309 -20.16 -28.94 48.15
CA SER E 309 -20.87 -28.43 49.32
C SER E 309 -19.96 -27.47 50.09
N TYR E 310 -20.55 -26.39 50.59
CA TYR E 310 -19.82 -25.30 51.21
C TYR E 310 -20.21 -25.12 52.67
N ALA E 311 -19.24 -24.77 53.50
CA ALA E 311 -19.47 -24.58 54.92
C ALA E 311 -18.50 -23.53 55.45
N ALA E 312 -18.79 -23.04 56.67
CA ALA E 312 -17.92 -22.04 57.27
C ALA E 312 -16.50 -22.55 57.42
N TRP E 313 -16.35 -23.83 57.78
CA TRP E 313 -15.07 -24.52 57.73
C TRP E 313 -15.34 -25.93 57.22
N LEU E 314 -14.30 -26.60 56.76
CA LEU E 314 -14.49 -27.95 56.22
C LEU E 314 -15.03 -28.90 57.28
N SER E 315 -14.57 -28.77 58.53
CA SER E 315 -15.11 -29.57 59.62
C SER E 315 -16.59 -29.29 59.86
N ARG E 316 -16.97 -28.02 59.81
CA ARG E 316 -18.35 -27.61 60.00
C ARG E 316 -19.28 -28.19 58.95
N ASP E 317 -20.46 -28.63 59.38
CA ASP E 317 -21.47 -29.17 58.48
C ASP E 317 -21.93 -28.12 57.46
N SER E 318 -22.12 -28.58 56.21
CA SER E 318 -22.47 -27.71 55.10
C SER E 318 -23.86 -27.09 55.27
N SER E 319 -24.02 -25.89 54.74
CA SER E 319 -25.30 -25.20 54.71
C SER E 319 -25.83 -25.17 53.28
N THR E 320 -27.11 -25.54 53.12
CA THR E 320 -27.77 -25.49 51.81
C THR E 320 -27.88 -24.07 51.27
N TRP E 321 -28.28 -23.10 52.11
CA TRP E 321 -28.36 -21.72 51.66
C TRP E 321 -26.99 -21.16 51.27
N LEU E 322 -25.96 -21.40 52.09
CA LEU E 322 -24.63 -20.94 51.75
C LEU E 322 -24.13 -21.55 50.44
N THR E 323 -24.31 -22.87 50.28
CA THR E 323 -24.00 -23.54 49.02
C THR E 323 -24.75 -22.94 47.84
N ALA E 324 -26.04 -22.66 48.00
CA ALA E 324 -26.79 -21.92 46.97
C ALA E 324 -26.23 -20.52 46.72
N PHE E 325 -25.93 -19.78 47.79
CA PHE E 325 -25.38 -18.44 47.64
C PHE E 325 -24.03 -18.45 46.92
N VAL E 326 -23.15 -19.39 47.28
CA VAL E 326 -21.89 -19.57 46.57
C VAL E 326 -22.11 -19.92 45.10
N LEU E 327 -23.05 -20.82 44.80
CA LEU E 327 -23.36 -21.16 43.42
C LEU E 327 -23.82 -19.97 42.59
N LYS E 328 -24.69 -19.13 43.14
CA LYS E 328 -25.09 -17.90 42.45
C LYS E 328 -23.91 -16.97 42.18
N VAL E 329 -23.12 -16.67 43.22
CA VAL E 329 -21.99 -15.76 43.08
C VAL E 329 -20.94 -16.27 42.10
N LEU E 330 -20.53 -17.53 42.24
CA LEU E 330 -19.53 -18.10 41.33
C LEU E 330 -20.05 -18.25 39.90
N SER E 331 -21.30 -18.64 39.72
CA SER E 331 -21.87 -18.68 38.37
C SER E 331 -21.89 -17.30 37.71
N LEU E 332 -22.25 -16.26 38.45
CA LEU E 332 -22.10 -14.90 37.94
C LEU E 332 -20.63 -14.51 37.72
N ALA E 333 -19.77 -14.85 38.67
CA ALA E 333 -18.34 -14.57 38.54
C ALA E 333 -17.72 -15.29 37.34
N GLN E 334 -18.16 -16.51 37.07
CA GLN E 334 -17.67 -17.28 35.92
C GLN E 334 -17.67 -16.48 34.62
N GLU E 335 -18.63 -15.56 34.45
CA GLU E 335 -18.62 -14.69 33.27
C GLU E 335 -17.35 -13.84 33.20
N GLN E 336 -16.91 -13.29 34.33
CA GLN E 336 -15.70 -12.48 34.33
C GLN E 336 -14.44 -13.28 34.59
N VAL E 337 -14.50 -14.32 35.42
CA VAL E 337 -13.31 -15.02 35.87
C VAL E 337 -13.40 -16.47 35.43
N GLY E 338 -12.38 -16.92 34.70
CA GLY E 338 -12.31 -18.31 34.28
C GLY E 338 -12.22 -19.26 35.46
N GLY E 339 -12.47 -20.54 35.17
CA GLY E 339 -12.38 -21.56 36.19
C GLY E 339 -13.04 -22.85 35.73
N SER E 340 -13.36 -23.70 36.72
CA SER E 340 -13.99 -24.99 36.39
C SER E 340 -15.51 -24.87 36.41
N PRO E 341 -16.19 -25.26 35.34
CA PRO E 341 -17.66 -25.34 35.41
C PRO E 341 -18.13 -26.51 36.24
N GLU E 342 -17.42 -27.64 36.15
CA GLU E 342 -17.84 -28.90 36.75
C GLU E 342 -18.01 -28.82 38.26
N LYS E 343 -17.19 -28.02 38.94
CA LYS E 343 -17.41 -27.79 40.37
C LYS E 343 -18.78 -27.18 40.66
N LEU E 344 -19.23 -26.24 39.82
CA LEU E 344 -20.60 -25.74 39.95
C LEU E 344 -21.65 -26.78 39.54
N GLN E 345 -21.34 -27.61 38.55
CA GLN E 345 -22.23 -28.73 38.21
C GLN E 345 -22.38 -29.71 39.37
N GLU E 346 -21.28 -30.07 40.03
CA GLU E 346 -21.35 -30.85 41.26
C GLU E 346 -22.11 -30.11 42.37
N THR E 347 -21.86 -28.82 42.54
CA THR E 347 -22.58 -28.04 43.54
C THR E 347 -24.08 -28.00 43.31
N SER E 348 -24.51 -27.76 42.07
CA SER E 348 -25.93 -27.90 41.73
C SER E 348 -26.44 -29.32 41.91
N ASN E 349 -25.67 -30.32 41.49
CA ASN E 349 -26.04 -31.73 41.70
C ASN E 349 -26.24 -32.05 43.19
N TRP E 350 -25.33 -31.59 44.05
CA TRP E 350 -25.51 -31.74 45.49
C TRP E 350 -26.75 -31.04 46.00
N LEU E 351 -27.04 -29.83 45.49
CA LEU E 351 -28.26 -29.13 45.87
C LEU E 351 -29.53 -29.91 45.51
N LEU E 352 -29.53 -30.60 44.36
CA LEU E 352 -30.67 -31.43 44.00
C LEU E 352 -31.01 -32.48 45.06
N SER E 353 -30.02 -33.01 45.76
CA SER E 353 -30.28 -33.99 46.80
C SER E 353 -30.56 -33.35 48.15
N GLN E 354 -30.75 -32.04 48.19
CA GLN E 354 -31.30 -31.34 49.34
C GLN E 354 -32.76 -30.97 49.14
N GLN E 355 -33.35 -31.44 48.04
CA GLN E 355 -34.75 -31.24 47.73
C GLN E 355 -35.63 -32.35 48.29
N GLN E 356 -36.77 -31.97 48.85
CA GLN E 356 -37.73 -32.92 49.39
C GLN E 356 -38.61 -33.49 48.27
N ALA E 357 -39.48 -34.43 48.65
CA ALA E 357 -40.38 -35.07 47.68
C ALA E 357 -41.27 -34.06 46.98
N ASP E 358 -41.74 -33.04 47.69
CA ASP E 358 -42.64 -32.06 47.10
C ASP E 358 -41.92 -31.00 46.27
N GLY E 359 -40.61 -30.86 46.44
CA GLY E 359 -39.83 -29.86 45.72
C GLY E 359 -39.18 -28.84 46.62
N SER E 360 -39.57 -28.79 47.89
CA SER E 360 -38.98 -27.91 48.88
C SER E 360 -37.53 -28.30 49.14
N PHE E 361 -36.70 -27.30 49.43
CA PHE E 361 -35.32 -27.53 49.83
C PHE E 361 -35.18 -27.26 51.32
N GLN E 362 -34.34 -28.06 51.98
CA GLN E 362 -34.04 -27.91 53.39
C GLN E 362 -32.57 -27.62 53.60
N ASP E 363 -32.28 -26.95 54.71
CA ASP E 363 -30.90 -26.69 55.14
C ASP E 363 -30.64 -27.47 56.40
N PRO E 364 -29.78 -28.49 56.38
CA PRO E 364 -29.60 -29.34 57.56
C PRO E 364 -28.81 -28.68 58.67
N CYS E 365 -27.96 -27.70 58.36
CA CYS E 365 -27.16 -27.00 59.37
C CYS E 365 -26.94 -25.57 58.91
N PRO E 366 -27.99 -24.72 59.02
CA PRO E 366 -27.90 -23.32 58.56
C PRO E 366 -26.66 -22.54 58.98
N VAL E 367 -26.39 -21.48 58.21
CA VAL E 367 -25.25 -20.59 58.46
C VAL E 367 -25.24 -20.08 59.89
N LEU E 368 -24.02 -19.95 60.44
CA LEU E 368 -23.84 -19.47 61.81
C LEU E 368 -24.26 -18.01 61.96
N ASP E 369 -23.89 -17.16 61.01
CA ASP E 369 -24.29 -15.76 61.00
C ASP E 369 -25.51 -15.60 60.08
N ARG E 370 -26.67 -15.34 60.70
CA ARG E 370 -27.92 -15.15 59.96
C ARG E 370 -27.97 -13.79 59.27
N SER E 371 -27.07 -12.87 59.62
CA SER E 371 -26.97 -11.58 58.96
C SER E 371 -26.73 -11.71 57.45
N MET E 372 -26.06 -12.77 57.03
CA MET E 372 -25.92 -13.06 55.60
C MET E 372 -27.26 -13.17 54.89
N GLN E 373 -28.26 -13.77 55.54
CA GLN E 373 -29.48 -14.14 54.83
C GLN E 373 -30.46 -13.00 54.64
N GLY E 374 -30.33 -11.90 55.38
CA GLY E 374 -31.15 -10.74 55.11
C GLY E 374 -32.60 -10.87 55.50
N GLY E 375 -32.89 -11.62 56.56
CA GLY E 375 -34.24 -11.81 57.03
C GLY E 375 -34.96 -12.98 56.39
N LEU E 376 -34.20 -13.99 55.96
CA LEU E 376 -34.78 -15.26 55.52
C LEU E 376 -35.52 -15.95 56.66
N VAL E 377 -34.97 -15.88 57.87
CA VAL E 377 -35.60 -16.43 59.06
C VAL E 377 -36.96 -15.79 59.29
N GLY E 378 -38.00 -16.63 59.24
CA GLY E 378 -39.36 -16.18 59.47
C GLY E 378 -40.29 -17.35 59.26
N ASN E 379 -41.58 -17.06 59.14
CA ASN E 379 -42.53 -18.13 58.86
C ASN E 379 -42.43 -18.62 57.42
N ASP E 380 -41.90 -17.80 56.52
CA ASP E 380 -41.76 -18.13 55.10
C ASP E 380 -40.38 -18.66 54.75
N GLU E 381 -39.55 -18.96 55.76
CA GLU E 381 -38.16 -19.35 55.51
C GLU E 381 -38.04 -20.52 54.55
N THR E 382 -38.90 -21.55 54.71
CA THR E 382 -38.89 -22.68 53.79
C THR E 382 -39.19 -22.27 52.35
N VAL E 383 -40.19 -21.42 52.14
CA VAL E 383 -40.51 -20.96 50.80
C VAL E 383 -39.42 -20.05 50.24
N ALA E 384 -38.96 -19.10 51.06
CA ALA E 384 -37.90 -18.19 50.63
C ALA E 384 -36.59 -18.91 50.31
N LEU E 385 -36.19 -19.87 51.14
CA LEU E 385 -35.02 -20.70 50.83
C LEU E 385 -35.18 -21.47 49.51
N THR E 386 -36.35 -22.09 49.31
CA THR E 386 -36.61 -22.80 48.06
C THR E 386 -36.53 -21.89 46.84
N ALA E 387 -37.12 -20.69 46.92
CA ALA E 387 -36.96 -19.70 45.86
C ALA E 387 -35.50 -19.26 45.67
N PHE E 388 -34.79 -19.00 46.76
CA PHE E 388 -33.37 -18.63 46.66
C PHE E 388 -32.53 -19.71 46.00
N VAL E 389 -32.71 -20.98 46.39
CA VAL E 389 -32.04 -22.09 45.72
C VAL E 389 -32.42 -22.17 44.24
N THR E 390 -33.70 -21.96 43.93
CA THR E 390 -34.14 -21.95 42.53
C THR E 390 -33.42 -20.91 41.69
N ILE E 391 -33.29 -19.68 42.21
CA ILE E 391 -32.50 -18.65 41.52
C ILE E 391 -31.05 -19.08 41.32
N ALA E 392 -30.43 -19.60 42.38
CA ALA E 392 -29.06 -20.11 42.27
C ALA E 392 -28.91 -21.24 41.27
N LEU E 393 -29.83 -22.20 41.31
CA LEU E 393 -29.85 -23.27 40.30
C LEU E 393 -30.05 -22.76 38.88
N HIS E 394 -30.93 -21.77 38.69
CA HIS E 394 -31.11 -21.19 37.36
C HIS E 394 -29.83 -20.59 36.80
N HIS E 395 -29.10 -19.81 37.61
CA HIS E 395 -27.79 -19.33 37.17
C HIS E 395 -26.80 -20.46 36.90
N GLY E 396 -26.79 -21.47 37.78
CA GLY E 396 -25.95 -22.64 37.55
C GLY E 396 -26.28 -23.42 36.28
N LEU E 397 -27.57 -23.48 35.93
CA LEU E 397 -27.98 -24.18 34.71
C LEU E 397 -27.30 -23.60 33.46
N ALA E 398 -27.12 -22.29 33.40
CA ALA E 398 -26.38 -21.67 32.30
C ALA E 398 -24.94 -22.17 32.22
N VAL E 399 -24.30 -22.43 33.37
CA VAL E 399 -22.90 -22.86 33.39
C VAL E 399 -22.68 -24.17 32.65
N PHE E 400 -23.59 -25.13 32.82
CA PHE E 400 -23.52 -26.43 32.14
C PHE E 400 -23.03 -26.37 30.69
N GLN E 401 -22.11 -27.29 30.39
CA GLN E 401 -21.47 -27.40 29.08
C GLN E 401 -22.46 -27.69 27.97
N ASP E 402 -22.16 -27.12 26.79
CA ASP E 402 -22.97 -27.35 25.60
C ASP E 402 -22.97 -28.82 25.20
N GLU E 403 -21.82 -29.48 25.24
CA GLU E 403 -21.70 -30.91 24.99
C GLU E 403 -21.13 -31.60 26.21
N GLY E 404 -21.74 -32.73 26.59
CA GLY E 404 -21.43 -33.44 27.81
C GLY E 404 -22.11 -32.87 29.03
N ALA E 405 -22.45 -33.75 29.98
CA ALA E 405 -23.17 -33.42 31.21
C ALA E 405 -24.62 -33.02 30.91
N GLU E 406 -25.09 -33.32 29.71
CA GLU E 406 -26.49 -33.07 29.35
C GLU E 406 -27.50 -33.82 30.22
N PRO E 407 -27.28 -35.07 30.63
CA PRO E 407 -28.23 -35.69 31.56
C PRO E 407 -28.28 -35.03 32.93
N LEU E 408 -27.14 -34.61 33.46
CA LEU E 408 -27.15 -33.81 34.69
C LEU E 408 -27.87 -32.48 34.48
N LYS E 409 -27.62 -31.83 33.35
CA LYS E 409 -28.34 -30.61 32.98
C LYS E 409 -29.86 -30.84 32.90
N GLN E 410 -30.27 -31.94 32.26
CA GLN E 410 -31.69 -32.29 32.20
C GLN E 410 -32.28 -32.54 33.59
N ARG E 411 -31.55 -33.25 34.45
CA ARG E 411 -31.97 -33.46 35.82
C ARG E 411 -32.10 -32.18 36.63
N VAL E 412 -31.14 -31.25 36.47
CA VAL E 412 -31.24 -29.95 37.16
C VAL E 412 -32.48 -29.16 36.74
N GLU E 413 -32.74 -29.05 35.44
CA GLU E 413 -33.95 -28.34 35.01
C GLU E 413 -35.24 -29.07 35.39
N ALA E 414 -35.22 -30.41 35.41
CA ALA E 414 -36.33 -31.16 35.97
C ALA E 414 -36.55 -30.83 37.45
N SER E 415 -35.47 -30.74 38.22
CA SER E 415 -35.56 -30.24 39.60
C SER E 415 -36.10 -28.82 39.67
N ILE E 416 -35.68 -27.95 38.77
CA ILE E 416 -36.24 -26.60 38.67
C ILE E 416 -37.76 -26.63 38.48
N SER E 417 -38.24 -27.49 37.58
CA SER E 417 -39.68 -27.62 37.39
C SER E 417 -40.42 -28.07 38.65
N LYS E 418 -39.89 -29.07 39.35
CA LYS E 418 -40.51 -29.49 40.62
C LYS E 418 -40.47 -28.38 41.67
N ALA E 419 -39.34 -27.69 41.80
CA ALA E 419 -39.26 -26.54 42.70
C ALA E 419 -40.23 -25.43 42.32
N ASN E 420 -40.32 -25.11 41.03
CA ASN E 420 -41.29 -24.12 40.56
C ASN E 420 -42.73 -24.51 40.89
N SER E 421 -43.07 -25.80 40.77
CA SER E 421 -44.41 -26.25 41.14
C SER E 421 -44.71 -25.98 42.62
N PHE E 422 -43.77 -26.28 43.51
CA PHE E 422 -43.92 -25.92 44.92
C PHE E 422 -44.02 -24.40 45.12
N LEU E 423 -43.14 -23.63 44.46
CA LEU E 423 -43.19 -22.18 44.57
C LEU E 423 -44.51 -21.58 44.10
N GLY E 424 -45.02 -22.05 42.96
CA GLY E 424 -46.33 -21.59 42.49
C GLY E 424 -47.48 -21.93 43.41
N GLU E 425 -47.49 -23.15 43.95
CA GLU E 425 -48.50 -23.54 44.92
C GLU E 425 -48.47 -22.68 46.19
N LYS E 426 -47.26 -22.43 46.73
CA LYS E 426 -47.14 -21.54 47.88
C LYS E 426 -47.58 -20.11 47.58
N ALA E 427 -47.24 -19.57 46.40
CA ALA E 427 -47.79 -18.29 45.98
C ALA E 427 -49.31 -18.34 45.85
N SER E 428 -49.84 -19.40 45.24
CA SER E 428 -51.28 -19.58 45.12
C SER E 428 -51.97 -19.70 46.48
N ALA E 429 -51.36 -20.43 47.41
CA ALA E 429 -52.02 -20.79 48.66
C ALA E 429 -52.48 -19.56 49.45
N GLY E 430 -51.68 -18.51 49.51
CA GLY E 430 -52.11 -17.35 50.27
C GLY E 430 -51.08 -16.25 50.29
N LEU E 431 -51.16 -15.41 51.33
CA LEU E 431 -50.32 -14.22 51.46
C LEU E 431 -49.03 -14.56 52.19
N LEU E 432 -47.96 -14.73 51.42
CA LEU E 432 -46.62 -14.81 51.96
C LEU E 432 -46.17 -13.43 52.42
N GLY E 433 -45.05 -13.38 53.13
CA GLY E 433 -44.41 -12.11 53.40
C GLY E 433 -44.00 -11.40 52.13
N ALA E 434 -43.83 -10.08 52.24
CA ALA E 434 -43.53 -9.26 51.07
C ALA E 434 -42.24 -9.70 50.39
N HIS E 435 -41.18 -9.92 51.17
CA HIS E 435 -39.93 -10.43 50.60
C HIS E 435 -40.11 -11.83 50.02
N ALA E 436 -40.82 -12.71 50.74
CA ALA E 436 -41.10 -14.05 50.23
C ALA E 436 -41.90 -14.02 48.94
N ALA E 437 -42.91 -13.17 48.86
CA ALA E 437 -43.66 -12.99 47.61
C ALA E 437 -42.77 -12.48 46.48
N ALA E 438 -41.94 -11.47 46.76
CA ALA E 438 -41.06 -10.91 45.74
C ALA E 438 -40.07 -11.94 45.20
N ILE E 439 -39.40 -12.68 46.08
CA ILE E 439 -38.45 -13.69 45.63
C ILE E 439 -39.14 -14.84 44.90
N THR E 440 -40.31 -15.28 45.38
CA THR E 440 -41.05 -16.33 44.69
C THR E 440 -41.47 -15.91 43.28
N ALA E 441 -42.03 -14.71 43.14
CA ALA E 441 -42.39 -14.20 41.81
C ALA E 441 -41.19 -14.05 40.88
N TYR E 442 -40.08 -13.53 41.39
CA TYR E 442 -38.85 -13.39 40.59
C TYR E 442 -38.33 -14.75 40.09
N ALA E 443 -38.26 -15.73 40.98
CA ALA E 443 -37.80 -17.07 40.59
C ALA E 443 -38.66 -17.69 39.49
N LEU E 444 -39.98 -17.56 39.61
CA LEU E 444 -40.89 -18.06 38.57
C LEU E 444 -40.69 -17.36 37.23
N SER E 445 -40.56 -16.03 37.23
CA SER E 445 -40.26 -15.30 36.01
C SER E 445 -38.91 -15.68 35.41
N LEU E 446 -37.88 -15.88 36.23
CA LEU E 446 -36.60 -16.36 35.72
C LEU E 446 -36.74 -17.72 35.04
N THR E 447 -37.47 -18.64 35.65
CA THR E 447 -37.53 -20.02 35.19
C THR E 447 -38.64 -20.27 34.17
N LYS E 448 -39.29 -19.21 33.68
CA LYS E 448 -40.30 -19.32 32.63
C LYS E 448 -41.50 -20.14 33.12
N ALA E 449 -41.90 -19.86 34.35
CA ALA E 449 -42.99 -20.59 34.99
C ALA E 449 -44.29 -20.48 34.20
N PRO E 450 -45.14 -21.53 34.24
CA PRO E 450 -46.47 -21.48 33.62
C PRO E 450 -47.22 -20.19 33.89
N VAL E 451 -47.93 -19.70 32.87
CA VAL E 451 -48.64 -18.43 32.95
C VAL E 451 -49.64 -18.42 34.10
N ASP E 452 -50.31 -19.56 34.36
CA ASP E 452 -51.19 -19.65 35.53
C ASP E 452 -50.44 -19.36 36.82
N LEU E 453 -49.28 -20.00 37.02
CA LEU E 453 -48.47 -19.72 38.20
C LEU E 453 -47.87 -18.31 38.15
N LEU E 454 -47.29 -17.95 37.01
CA LEU E 454 -46.60 -16.67 36.89
C LEU E 454 -47.53 -15.48 37.09
N GLY E 455 -48.73 -15.51 36.50
CA GLY E 455 -49.67 -14.43 36.69
C GLY E 455 -50.15 -14.27 38.13
N VAL E 456 -50.47 -15.38 38.79
CA VAL E 456 -50.88 -15.32 40.20
C VAL E 456 -49.78 -14.76 41.09
N ALA E 457 -48.54 -15.21 40.88
CA ALA E 457 -47.41 -14.68 41.65
C ALA E 457 -47.23 -13.18 41.43
N HIS E 458 -47.30 -12.72 40.18
CA HIS E 458 -47.26 -11.29 39.90
C HIS E 458 -48.42 -10.54 40.55
N ASN E 459 -49.64 -11.03 40.36
CA ASN E 459 -50.81 -10.35 40.91
C ASN E 459 -50.81 -10.30 42.44
N ASN E 460 -50.45 -11.41 43.10
CA ASN E 460 -50.35 -11.40 44.55
C ASN E 460 -49.28 -10.45 45.08
N LEU E 461 -48.10 -10.45 44.47
CA LEU E 461 -47.04 -9.51 44.86
C LEU E 461 -47.46 -8.06 44.65
N MET E 462 -48.06 -7.76 43.49
CA MET E 462 -48.53 -6.41 43.19
C MET E 462 -49.51 -5.89 44.24
N ALA E 463 -50.34 -6.77 44.79
CA ALA E 463 -51.31 -6.36 45.81
C ALA E 463 -50.67 -5.96 47.14
N MET E 464 -49.41 -6.27 47.39
CA MET E 464 -48.77 -5.91 48.65
C MET E 464 -47.98 -4.61 48.59
N ALA E 465 -47.87 -3.98 47.41
CA ALA E 465 -47.14 -2.73 47.27
C ALA E 465 -47.73 -1.62 48.15
N GLN E 466 -46.84 -0.81 48.73
CA GLN E 466 -47.22 0.33 49.56
C GLN E 466 -46.56 1.60 49.00
N GLU E 467 -47.40 2.50 48.49
CA GLU E 467 -46.97 3.77 47.94
C GLU E 467 -46.38 4.71 48.99
N THR E 468 -45.41 5.52 48.56
CA THR E 468 -44.78 6.56 49.36
C THR E 468 -44.72 7.83 48.52
N GLY E 469 -44.44 8.95 49.21
CA GLY E 469 -44.49 10.29 48.64
C GLY E 469 -43.84 10.51 47.30
N ASP E 470 -44.49 11.32 46.46
CA ASP E 470 -43.99 11.72 45.14
C ASP E 470 -43.90 10.52 44.19
N ASN E 471 -44.97 9.71 44.19
CA ASN E 471 -45.10 8.46 43.43
C ASN E 471 -43.87 7.56 43.52
N LEU E 472 -43.47 7.26 44.74
CA LEU E 472 -42.52 6.20 45.04
C LEU E 472 -43.26 5.09 45.78
N TYR E 473 -42.65 3.91 45.86
CA TYR E 473 -43.30 2.83 46.59
C TYR E 473 -42.27 1.78 46.97
N TRP E 474 -42.64 0.94 47.93
CA TRP E 474 -41.85 -0.26 48.23
C TRP E 474 -42.72 -1.51 48.18
N GLN E 500 -32.49 4.57 57.94
CA GLN E 500 -33.68 4.78 57.13
C GLN E 500 -34.45 3.48 56.88
N ALA E 501 -34.78 3.20 55.63
CA ALA E 501 -35.55 2.00 55.32
C ALA E 501 -34.78 0.73 55.71
N PRO E 502 -35.43 -0.23 56.35
CA PRO E 502 -34.79 -1.52 56.64
C PRO E 502 -34.25 -2.22 55.40
N ALA E 503 -33.33 -3.15 55.66
CA ALA E 503 -32.78 -4.01 54.62
C ALA E 503 -33.87 -4.82 53.91
N LEU E 504 -34.86 -5.31 54.67
CA LEU E 504 -35.97 -6.07 54.08
C LEU E 504 -36.70 -5.28 53.00
N TRP E 505 -36.99 -4.01 53.25
CA TRP E 505 -37.67 -3.19 52.23
C TRP E 505 -36.81 -3.03 50.98
N ILE E 506 -35.52 -2.76 51.17
CA ILE E 506 -34.59 -2.60 50.04
C ILE E 506 -34.45 -3.89 49.23
N GLU E 507 -34.28 -5.02 49.92
CA GLU E 507 -34.23 -6.31 49.25
C GLU E 507 -35.54 -6.67 48.55
N THR E 508 -36.68 -6.46 49.21
CA THR E 508 -37.97 -6.75 48.61
C THR E 508 -38.23 -5.96 47.33
N THR E 509 -37.96 -4.65 47.37
CA THR E 509 -38.12 -3.82 46.18
C THR E 509 -37.23 -4.24 45.02
N ALA E 510 -35.97 -4.57 45.30
CA ALA E 510 -35.06 -5.02 44.24
C ALA E 510 -35.53 -6.32 43.58
N TYR E 511 -35.94 -7.31 44.37
CA TYR E 511 -36.56 -8.50 43.79
C TYR E 511 -37.85 -8.17 43.03
N ALA E 512 -38.69 -7.30 43.57
CA ALA E 512 -39.88 -6.85 42.85
C ALA E 512 -39.54 -6.14 41.55
N LEU E 513 -38.56 -5.23 41.58
CA LEU E 513 -38.11 -4.57 40.36
C LEU E 513 -37.53 -5.53 39.33
N LEU E 514 -36.69 -6.48 39.77
CA LEU E 514 -36.19 -7.50 38.86
C LEU E 514 -37.31 -8.33 38.23
N HIS E 515 -38.28 -8.76 39.03
CA HIS E 515 -39.46 -9.43 38.48
C HIS E 515 -40.23 -8.54 37.51
N LEU E 516 -40.45 -7.28 37.91
CA LEU E 516 -41.19 -6.34 37.06
C LEU E 516 -40.51 -6.11 35.72
N LEU E 517 -39.19 -5.91 35.72
CA LEU E 517 -38.46 -5.73 34.46
C LEU E 517 -38.57 -6.93 33.53
N LEU E 518 -38.45 -8.15 34.08
CA LEU E 518 -38.68 -9.34 33.28
C LEU E 518 -40.13 -9.44 32.81
N HIS E 519 -41.08 -9.19 33.71
CA HIS E 519 -42.49 -9.25 33.35
C HIS E 519 -42.88 -8.18 32.32
N GLU E 520 -42.44 -6.94 32.51
CA GLU E 520 -42.67 -5.90 31.51
C GLU E 520 -41.46 -4.99 31.40
N GLY E 521 -40.89 -4.92 30.21
CA GLY E 521 -39.71 -4.09 29.97
C GLY E 521 -40.02 -2.60 30.09
N LYS E 522 -39.27 -1.91 30.95
CA LYS E 522 -39.43 -0.48 31.21
C LYS E 522 -40.87 -0.17 31.62
N ALA E 523 -41.33 -0.89 32.63
CA ALA E 523 -42.68 -0.69 33.14
C ALA E 523 -42.86 0.71 33.70
N GLU E 524 -44.09 1.21 33.60
CA GLU E 524 -44.45 2.51 34.16
C GLU E 524 -44.22 2.57 35.66
N MET E 525 -44.41 1.43 36.34
CA MET E 525 -44.13 1.27 37.76
C MET E 525 -42.64 1.04 38.09
N ALA E 526 -41.83 0.68 37.09
CA ALA E 526 -40.40 0.48 37.34
C ALA E 526 -39.69 1.77 37.71
N ASP E 527 -39.98 2.87 37.03
CA ASP E 527 -39.40 4.15 37.39
C ASP E 527 -39.65 4.52 38.85
N GLN E 528 -40.88 4.31 39.32
CA GLN E 528 -41.23 4.60 40.71
C GLN E 528 -40.39 3.79 41.72
N ALA E 529 -40.26 2.49 41.47
CA ALA E 529 -39.41 1.64 42.33
C ALA E 529 -37.94 2.02 42.27
N SER E 530 -37.42 2.24 41.06
CA SER E 530 -36.01 2.65 40.91
C SER E 530 -35.70 3.97 41.59
N ALA E 531 -36.61 4.94 41.51
CA ALA E 531 -36.42 6.21 42.22
C ALA E 531 -36.29 6.01 43.73
N TRP E 532 -37.12 5.15 44.31
CA TRP E 532 -36.95 4.80 45.72
C TRP E 532 -35.65 4.06 46.00
N LEU E 533 -35.29 3.09 45.17
CA LEU E 533 -34.00 2.39 45.34
C LEU E 533 -32.80 3.32 45.21
N THR E 534 -32.79 4.20 44.22
CA THR E 534 -31.75 5.22 44.12
C THR E 534 -31.71 6.14 45.34
N ARG E 535 -32.88 6.57 45.83
CA ARG E 535 -32.94 7.34 47.07
C ARG E 535 -32.34 6.59 48.26
N GLN E 536 -32.63 5.29 48.38
CA GLN E 536 -31.95 4.45 49.36
C GLN E 536 -30.43 4.37 49.12
N GLY E 537 -30.01 4.23 47.86
CA GLY E 537 -28.59 4.17 47.55
C GLY E 537 -27.82 5.47 47.75
N SER E 538 -28.48 6.62 47.59
CA SER E 538 -27.81 7.90 47.75
C SER E 538 -27.43 8.22 49.19
N PHE E 539 -28.04 7.56 50.18
CA PHE E 539 -27.60 7.72 51.56
C PHE E 539 -26.14 7.29 51.75
N GLN E 540 -25.47 7.96 52.66
CA GLN E 540 -24.05 7.76 52.94
C GLN E 540 -23.75 6.32 53.34
N GLY E 541 -22.83 5.70 52.62
CA GLY E 541 -22.46 4.31 52.82
C GLY E 541 -23.28 3.31 52.04
N GLY E 542 -24.18 3.77 51.17
CA GLY E 542 -25.03 2.97 50.33
C GLY E 542 -25.91 1.98 51.08
N PHE E 543 -26.24 0.91 50.38
CA PHE E 543 -27.12 -0.15 50.89
C PHE E 543 -26.58 -0.78 52.17
N ARG E 544 -27.51 -1.03 53.11
CA ARG E 544 -27.16 -1.33 54.50
C ARG E 544 -26.36 -2.62 54.65
N SER E 545 -26.76 -3.69 53.96
CA SER E 545 -26.24 -5.00 54.28
C SER E 545 -26.17 -5.87 53.03
N THR E 546 -25.70 -7.10 53.22
CA THR E 546 -25.35 -8.05 52.16
C THR E 546 -26.39 -8.25 51.07
N GLN E 547 -27.52 -8.88 51.40
CA GLN E 547 -28.50 -9.25 50.38
C GLN E 547 -29.11 -8.04 49.70
N ASP E 548 -29.47 -7.02 50.48
CA ASP E 548 -30.00 -5.79 49.89
C ASP E 548 -28.99 -5.12 48.96
N THR E 549 -27.72 -5.07 49.36
CA THR E 549 -26.68 -4.54 48.49
C THR E 549 -26.55 -5.32 47.17
N VAL E 550 -26.49 -6.65 47.26
CA VAL E 550 -26.34 -7.47 46.06
C VAL E 550 -27.54 -7.33 45.11
N ILE E 551 -28.75 -7.47 45.63
CA ILE E 551 -29.92 -7.48 44.76
C ILE E 551 -30.31 -6.08 44.26
N ALA E 552 -30.19 -5.06 45.11
CA ALA E 552 -30.50 -3.70 44.66
C ALA E 552 -29.60 -3.23 43.52
N LEU E 553 -28.30 -3.53 43.59
CA LEU E 553 -27.41 -3.23 42.47
C LEU E 553 -27.80 -3.95 41.19
N ASP E 554 -28.10 -5.25 41.28
CA ASP E 554 -28.61 -5.96 40.11
C ASP E 554 -29.91 -5.39 39.59
N ALA E 555 -30.86 -5.10 40.48
CA ALA E 555 -32.13 -4.50 40.06
C ALA E 555 -31.96 -3.12 39.43
N LEU E 556 -31.23 -2.23 40.10
CA LEU E 556 -31.03 -0.88 39.57
C LEU E 556 -30.22 -0.85 38.27
N SER E 557 -29.17 -1.67 38.17
CA SER E 557 -28.47 -1.81 36.90
C SER E 557 -29.34 -2.37 35.79
N ALA E 558 -30.15 -3.38 36.09
CA ALA E 558 -31.11 -3.90 35.10
C ALA E 558 -32.12 -2.85 34.65
N TYR E 559 -32.64 -2.04 35.57
CA TYR E 559 -33.47 -0.91 35.19
C TYR E 559 -32.74 0.11 34.32
N TRP E 560 -31.49 0.42 34.65
CA TRP E 560 -30.74 1.40 33.86
C TRP E 560 -30.55 0.94 32.41
N ILE E 561 -30.23 -0.35 32.21
CA ILE E 561 -30.24 -0.91 30.86
C ILE E 561 -31.61 -0.75 30.20
N ALA E 562 -32.67 -1.15 30.91
CA ALA E 562 -34.02 -1.04 30.37
C ALA E 562 -34.42 0.41 30.10
N SER E 563 -34.17 1.30 31.05
CA SER E 563 -34.51 2.72 30.89
C SER E 563 -33.74 3.40 29.76
N HIS E 564 -32.49 3.02 29.55
CA HIS E 564 -31.69 3.61 28.48
C HIS E 564 -31.68 2.78 27.20
N THR E 565 -32.46 1.70 27.13
CA THR E 565 -32.63 1.00 25.85
C THR E 565 -34.07 1.11 25.40
N THR E 566 -34.58 2.34 25.27
CA THR E 566 -35.90 2.55 24.67
C THR E 566 -35.92 2.14 23.20
N GLU E 567 -34.92 2.55 22.43
CA GLU E 567 -34.58 1.99 21.11
C GLU E 567 -35.82 1.72 20.24
N GLU E 568 -36.64 2.74 20.06
CA GLU E 568 -37.90 2.61 19.34
C GLU E 568 -37.82 3.37 18.03
N ARG E 569 -37.90 2.64 16.92
CA ARG E 569 -37.69 3.21 15.59
C ARG E 569 -38.32 2.29 14.55
N GLY E 570 -38.51 2.85 13.35
CA GLY E 570 -39.02 2.09 12.22
C GLY E 570 -40.38 2.56 11.76
N LEU E 571 -40.48 2.89 10.47
CA LEU E 571 -41.77 3.19 9.83
C LEU E 571 -41.73 2.67 8.40
N ASN E 572 -42.70 1.83 8.04
CA ASN E 572 -42.71 1.15 6.75
C ASN E 572 -44.06 1.36 6.10
N VAL E 573 -44.06 1.99 4.92
CA VAL E 573 -45.28 2.41 4.22
C VAL E 573 -45.21 1.89 2.79
N THR E 574 -46.18 1.06 2.40
CA THR E 574 -46.24 0.48 1.06
C THR E 574 -47.52 0.93 0.38
N LEU E 575 -47.37 1.66 -0.74
CA LEU E 575 -48.49 2.22 -1.48
C LEU E 575 -48.67 1.45 -2.79
N SER E 576 -49.88 0.94 -3.01
CA SER E 576 -50.24 0.28 -4.26
C SER E 576 -51.38 1.06 -4.91
N SER E 577 -51.38 1.11 -6.24
CA SER E 577 -52.30 2.01 -6.92
C SER E 577 -52.74 1.43 -8.25
N THR E 578 -53.97 1.77 -8.64
CA THR E 578 -54.58 1.34 -9.89
C THR E 578 -55.01 2.58 -10.65
N GLY E 579 -54.57 2.71 -11.89
CA GLY E 579 -54.93 3.88 -12.67
C GLY E 579 -54.65 3.79 -14.16
N ARG E 580 -54.10 4.88 -14.70
CA ARG E 580 -53.82 4.98 -16.12
C ARG E 580 -52.90 3.85 -16.59
N ASN E 581 -51.89 3.51 -15.80
CA ASN E 581 -50.94 2.47 -16.14
C ASN E 581 -51.16 1.20 -15.34
N GLY E 582 -52.38 0.98 -14.87
CA GLY E 582 -52.80 -0.16 -14.08
C GLY E 582 -52.11 -0.29 -12.72
N PHE E 583 -52.09 -1.53 -12.24
CA PHE E 583 -51.53 -1.85 -10.93
C PHE E 583 -50.01 -1.61 -10.90
N LYS E 584 -49.57 -0.89 -9.88
CA LYS E 584 -48.15 -0.71 -9.60
C LYS E 584 -48.01 -0.31 -8.13
N SER E 585 -46.80 -0.44 -7.61
CA SER E 585 -46.58 -0.41 -6.16
C SER E 585 -45.32 0.37 -5.83
N HIS E 586 -45.42 1.25 -4.84
CA HIS E 586 -44.30 2.03 -4.33
C HIS E 586 -44.12 1.73 -2.85
N ALA E 587 -43.00 1.10 -2.49
CA ALA E 587 -42.70 0.77 -1.10
C ALA E 587 -41.54 1.62 -0.61
N LEU E 588 -41.71 2.21 0.57
CA LEU E 588 -40.68 3.07 1.17
C LEU E 588 -40.69 2.89 2.68
N GLN E 589 -39.52 2.94 3.29
CA GLN E 589 -39.37 2.73 4.72
C GLN E 589 -38.15 3.48 5.21
N LEU E 590 -38.21 3.95 6.46
CA LEU E 590 -37.13 4.71 7.08
C LEU E 590 -36.94 4.30 8.52
N ASN E 591 -35.76 4.62 9.07
CA ASN E 591 -35.35 4.18 10.39
C ASN E 591 -35.26 5.34 11.39
N ASN E 592 -36.03 6.40 11.15
CA ASN E 592 -36.06 7.61 11.98
C ASN E 592 -34.70 8.29 11.96
N ARG E 593 -34.04 8.52 13.10
CA ARG E 593 -32.74 9.17 13.14
C ARG E 593 -31.57 8.21 13.02
N GLN E 594 -31.82 6.91 12.87
CA GLN E 594 -30.73 5.96 12.67
C GLN E 594 -30.11 6.12 11.29
N ILE E 595 -30.84 6.66 10.34
CA ILE E 595 -30.33 7.00 9.01
C ILE E 595 -30.13 8.50 8.86
N ARG E 596 -30.20 9.24 9.98
CA ARG E 596 -29.90 10.67 10.09
C ARG E 596 -31.05 11.51 9.56
N GLY E 597 -31.27 11.51 8.24
CA GLY E 597 -32.41 12.22 7.68
C GLY E 597 -33.73 11.58 8.09
N LEU E 598 -34.61 12.38 8.69
CA LEU E 598 -35.82 11.89 9.36
C LEU E 598 -37.05 11.87 8.46
N GLU E 599 -36.92 12.27 7.20
CA GLU E 599 -38.07 12.45 6.31
C GLU E 599 -37.69 12.06 4.89
N GLU E 600 -38.63 11.41 4.18
CA GLU E 600 -38.37 10.89 2.84
C GLU E 600 -39.47 11.31 1.87
N GLU E 601 -39.09 11.61 0.63
CA GLU E 601 -40.00 11.93 -0.45
C GLU E 601 -39.76 11.01 -1.65
N LEU E 602 -40.84 10.50 -2.25
CA LEU E 602 -40.74 9.65 -3.42
C LEU E 602 -41.88 9.96 -4.39
N GLN E 603 -41.55 10.02 -5.68
CA GLN E 603 -42.54 10.31 -6.71
C GLN E 603 -43.59 9.22 -6.81
N PHE E 604 -44.86 9.63 -6.98
CA PHE E 604 -46.00 8.73 -7.08
C PHE E 604 -46.68 8.98 -8.42
N SER E 605 -46.67 7.97 -9.30
CA SER E 605 -46.82 8.18 -10.73
C SER E 605 -48.03 7.48 -11.34
N LEU E 606 -48.95 6.96 -10.52
CA LEU E 606 -50.08 6.22 -11.05
C LEU E 606 -51.33 7.07 -11.28
N GLY E 607 -52.29 7.00 -10.37
CA GLY E 607 -53.57 7.64 -10.60
C GLY E 607 -54.46 7.87 -9.39
N SER E 608 -55.75 7.58 -9.52
CA SER E 608 -56.77 8.03 -8.57
C SER E 608 -57.18 6.98 -7.54
N LYS E 609 -56.62 5.78 -7.59
CA LYS E 609 -56.93 4.75 -6.59
C LYS E 609 -55.63 4.43 -5.84
N ILE E 610 -55.58 4.81 -4.56
CA ILE E 610 -54.35 4.75 -3.77
C ILE E 610 -54.61 3.92 -2.52
N ASN E 611 -53.95 2.75 -2.41
CA ASN E 611 -54.11 1.84 -1.29
C ASN E 611 -52.77 1.76 -0.56
N VAL E 612 -52.78 2.06 0.74
CA VAL E 612 -51.55 2.20 1.53
C VAL E 612 -51.57 1.23 2.70
N LYS E 613 -50.68 0.24 2.66
CA LYS E 613 -50.49 -0.71 3.75
C LYS E 613 -49.43 -0.18 4.71
N VAL E 614 -49.80 0.00 5.98
CA VAL E 614 -48.93 0.63 6.98
C VAL E 614 -48.51 -0.41 8.02
N GLY E 615 -47.21 -0.46 8.31
CA GLY E 615 -46.65 -1.48 9.18
C GLY E 615 -45.51 -1.00 10.05
N GLY E 616 -45.40 0.32 10.24
CA GLY E 616 -44.34 0.91 11.04
C GLY E 616 -44.40 0.57 12.53
N ASN E 617 -43.42 1.13 13.25
CA ASN E 617 -43.30 0.97 14.70
C ASN E 617 -43.20 2.31 15.43
N SER E 618 -43.55 3.42 14.76
CA SER E 618 -43.40 4.73 15.39
C SER E 618 -44.37 5.72 14.77
N LYS E 619 -44.65 6.77 15.54
CA LYS E 619 -45.49 7.87 15.08
C LYS E 619 -44.89 8.55 13.84
N GLY E 620 -45.77 9.09 13.01
CA GLY E 620 -45.31 9.79 11.82
C GLY E 620 -46.42 10.56 11.15
N THR E 621 -46.17 10.94 9.91
CA THR E 621 -47.14 11.66 9.09
C THR E 621 -46.90 11.34 7.62
N LEU E 622 -47.97 11.10 6.89
CA LEU E 622 -47.91 10.75 5.47
C LEU E 622 -48.60 11.85 4.67
N LYS E 623 -47.88 12.43 3.72
CA LYS E 623 -48.35 13.58 2.94
C LYS E 623 -48.38 13.19 1.47
N VAL E 624 -49.57 13.26 0.87
CA VAL E 624 -49.75 12.98 -0.55
C VAL E 624 -49.88 14.30 -1.29
N LEU E 625 -48.89 14.62 -2.11
CA LEU E 625 -48.86 15.85 -2.89
C LEU E 625 -49.24 15.52 -4.33
N ARG E 626 -50.18 16.27 -4.89
CA ARG E 626 -50.53 16.14 -6.30
C ARG E 626 -50.53 17.50 -6.97
N THR E 627 -49.93 17.55 -8.16
CA THR E 627 -49.75 18.78 -8.93
C THR E 627 -50.24 18.53 -10.35
N TYR E 628 -51.17 19.37 -10.81
CA TYR E 628 -51.78 19.17 -12.12
C TYR E 628 -52.20 20.51 -12.70
N ASN E 629 -52.41 20.53 -14.01
CA ASN E 629 -52.86 21.73 -14.70
C ASN E 629 -54.34 21.99 -14.42
N VAL E 630 -54.63 23.20 -13.93
CA VAL E 630 -55.99 23.64 -13.64
C VAL E 630 -56.29 24.81 -14.57
N LEU E 631 -57.56 24.97 -14.93
CA LEU E 631 -57.92 26.10 -15.78
C LEU E 631 -57.64 27.42 -15.07
N ASP E 632 -57.10 28.37 -15.81
CA ASP E 632 -56.65 29.64 -15.28
C ASP E 632 -57.71 30.73 -15.42
N MET E 633 -57.49 31.82 -14.69
CA MET E 633 -58.27 33.04 -14.79
C MET E 633 -57.37 34.08 -15.43
N LYS E 634 -57.90 34.86 -16.37
CA LYS E 634 -57.20 36.07 -16.77
C LYS E 634 -56.99 37.05 -15.62
N ASN E 635 -55.75 37.12 -15.15
CA ASN E 635 -55.35 38.09 -14.14
C ASN E 635 -55.54 39.52 -14.64
N THR E 636 -55.81 40.43 -13.71
CA THR E 636 -55.95 41.85 -14.02
C THR E 636 -54.55 42.46 -14.14
N THR E 637 -54.01 42.43 -15.36
CA THR E 637 -52.70 43.00 -15.63
C THR E 637 -52.74 44.50 -15.40
N CYS E 638 -51.69 45.02 -14.75
CA CYS E 638 -51.61 46.44 -14.40
C CYS E 638 -52.65 46.79 -13.33
N GLN E 639 -52.76 45.90 -12.33
CA GLN E 639 -53.76 46.03 -11.28
C GLN E 639 -53.60 47.31 -10.47
N ASP E 640 -52.37 47.59 -10.01
CA ASP E 640 -52.15 48.77 -9.16
C ASP E 640 -51.50 49.93 -9.88
N LEU E 641 -50.70 49.67 -10.91
CA LEU E 641 -50.06 50.72 -11.68
C LEU E 641 -50.48 50.56 -13.14
N GLN E 642 -50.79 51.69 -13.78
CA GLN E 642 -51.18 51.70 -15.18
C GLN E 642 -50.37 52.71 -15.95
N ILE E 643 -49.91 52.32 -17.13
CA ILE E 643 -49.24 53.21 -18.06
C ILE E 643 -50.01 53.18 -19.37
N GLU E 644 -50.24 54.37 -19.93
CA GLU E 644 -50.90 54.51 -21.22
C GLU E 644 -50.07 55.43 -22.09
N VAL E 645 -50.00 55.11 -23.37
CA VAL E 645 -49.17 55.85 -24.31
C VAL E 645 -49.91 55.93 -25.64
N THR E 646 -49.97 57.13 -26.20
CA THR E 646 -50.60 57.39 -27.49
C THR E 646 -49.58 58.07 -28.39
N VAL E 647 -49.75 57.89 -29.70
CA VAL E 647 -48.74 58.32 -30.66
C VAL E 647 -49.45 58.82 -31.92
N LYS E 648 -48.93 59.91 -32.49
CA LYS E 648 -49.45 60.52 -33.70
C LYS E 648 -48.29 61.06 -34.52
N GLY E 649 -48.49 61.07 -35.83
CA GLY E 649 -47.51 61.52 -36.79
C GLY E 649 -47.35 60.51 -37.91
N HIS E 650 -46.58 60.94 -38.91
CA HIS E 650 -46.44 60.15 -40.14
C HIS E 650 -45.27 59.16 -40.04
N VAL E 651 -45.56 57.95 -39.58
CA VAL E 651 -44.60 56.86 -39.64
C VAL E 651 -44.45 56.39 -41.08
N GLU E 652 -43.21 56.31 -41.56
CA GLU E 652 -42.94 55.95 -42.95
C GLU E 652 -42.62 54.46 -43.04
N TYR E 653 -43.28 53.77 -43.97
CA TYR E 653 -43.15 52.32 -44.14
C TYR E 653 -42.71 52.01 -45.56
N THR E 654 -42.20 50.79 -45.75
CA THR E 654 -41.90 50.26 -47.08
C THR E 654 -42.91 49.21 -47.51
N MET E 655 -42.95 48.05 -46.85
CA MET E 655 -43.85 46.96 -47.21
C MET E 655 -45.06 46.92 -46.29
N GLU E 656 -46.21 47.31 -46.83
CA GLU E 656 -47.50 47.14 -46.17
C GLU E 656 -48.36 46.22 -47.02
N ALA E 657 -49.33 45.58 -46.37
CA ALA E 657 -50.16 44.59 -47.05
C ALA E 657 -51.19 45.23 -47.98
N SER F 11 -41.39 60.56 -40.96
CA SER F 11 -40.72 61.85 -40.76
C SER F 11 -40.64 62.19 -39.27
N ARG F 12 -41.55 63.04 -38.80
CA ARG F 12 -41.60 63.46 -37.41
C ARG F 12 -42.91 63.02 -36.76
N VAL F 13 -42.80 62.55 -35.51
CA VAL F 13 -43.88 61.90 -34.78
C VAL F 13 -43.92 62.51 -33.38
N HIS F 14 -45.09 62.44 -32.73
CA HIS F 14 -45.28 62.94 -31.37
C HIS F 14 -45.75 61.83 -30.46
N TYR F 15 -45.09 61.68 -29.31
CA TYR F 15 -45.42 60.70 -28.29
C TYR F 15 -46.05 61.36 -27.07
N THR F 16 -47.12 60.75 -26.55
CA THR F 16 -47.77 61.18 -25.33
C THR F 16 -47.87 59.99 -24.38
N VAL F 17 -47.21 60.08 -23.23
CA VAL F 17 -47.17 59.00 -22.24
C VAL F 17 -47.93 59.42 -21.00
N CYS F 18 -48.76 58.51 -20.48
CA CYS F 18 -49.60 58.79 -19.32
C CYS F 18 -49.44 57.69 -18.27
N ILE F 19 -49.14 58.09 -17.03
CA ILE F 19 -48.91 57.16 -15.92
C ILE F 19 -49.82 57.54 -14.75
N TRP F 20 -50.45 56.54 -14.15
CA TRP F 20 -51.25 56.77 -12.94
C TRP F 20 -51.34 55.46 -12.16
N ARG F 21 -51.75 55.57 -10.91
CA ARG F 21 -51.90 54.42 -10.02
C ARG F 21 -53.36 54.15 -9.67
N ASN F 22 -53.85 52.97 -10.07
CA ASN F 22 -55.15 52.50 -9.62
C ASN F 22 -55.09 51.95 -8.19
N GLY F 23 -53.91 51.48 -7.78
CA GLY F 23 -53.73 50.82 -6.50
C GLY F 23 -54.09 51.66 -5.29
N LYS F 24 -54.23 50.96 -4.16
CA LYS F 24 -54.47 51.58 -2.86
C LYS F 24 -53.84 50.70 -1.79
N VAL F 25 -53.31 51.36 -0.75
CA VAL F 25 -52.89 50.76 0.52
C VAL F 25 -51.52 50.10 0.37
N GLY F 26 -51.39 49.20 -0.60
CA GLY F 26 -50.19 48.40 -0.75
C GLY F 26 -49.14 48.91 -1.71
N LEU F 27 -49.38 50.01 -2.41
CA LEU F 27 -48.45 50.48 -3.43
C LEU F 27 -47.39 51.42 -2.85
N SER F 28 -47.69 52.73 -2.84
CA SER F 28 -46.90 53.77 -2.18
C SER F 28 -45.68 54.21 -3.01
N GLY F 29 -44.97 53.25 -3.58
CA GLY F 29 -43.74 53.57 -4.31
C GLY F 29 -43.96 54.55 -5.44
N MET F 30 -42.86 55.22 -5.81
CA MET F 30 -42.77 56.03 -7.01
C MET F 30 -42.62 55.14 -8.23
N ALA F 31 -42.67 55.76 -9.41
CA ALA F 31 -42.67 55.01 -10.66
C ALA F 31 -41.59 55.49 -11.61
N ILE F 32 -40.98 54.54 -12.31
CA ILE F 32 -40.03 54.79 -13.40
C ILE F 32 -40.63 54.18 -14.66
N ALA F 33 -40.68 54.95 -15.74
CA ALA F 33 -41.32 54.51 -16.98
C ALA F 33 -40.28 54.24 -18.05
N ASP F 34 -40.28 53.00 -18.55
CA ASP F 34 -39.44 52.58 -19.68
C ASP F 34 -40.36 52.52 -20.90
N VAL F 35 -40.16 53.45 -21.84
CA VAL F 35 -40.94 53.51 -23.07
C VAL F 35 -40.01 53.32 -24.25
N THR F 36 -40.36 52.39 -25.14
CA THR F 36 -39.57 52.03 -26.30
C THR F 36 -40.29 52.52 -27.54
N LEU F 37 -39.59 53.32 -28.35
CA LEU F 37 -40.18 53.88 -29.56
C LEU F 37 -40.21 52.83 -30.67
N LEU F 38 -40.99 53.14 -31.71
CA LEU F 38 -41.08 52.28 -32.89
C LEU F 38 -39.72 52.11 -33.55
N SER F 39 -39.59 51.03 -34.31
CA SER F 39 -38.34 50.64 -34.96
C SER F 39 -37.73 51.75 -35.80
N GLY F 40 -36.56 52.23 -35.38
CA GLY F 40 -35.86 53.28 -36.09
C GLY F 40 -36.25 54.69 -35.75
N PHE F 41 -36.78 54.93 -34.56
CA PHE F 41 -37.07 56.27 -34.08
C PHE F 41 -36.13 56.65 -32.94
N HIS F 42 -36.03 57.96 -32.70
CA HIS F 42 -35.33 58.48 -31.54
C HIS F 42 -36.09 59.71 -31.05
N ALA F 43 -36.07 59.92 -29.73
CA ALA F 43 -36.78 61.03 -29.13
C ALA F 43 -36.01 62.33 -29.27
N LEU F 44 -36.74 63.44 -29.19
CA LEU F 44 -36.16 64.77 -29.25
C LEU F 44 -35.70 65.20 -27.86
N ARG F 45 -34.39 65.42 -27.73
CA ARG F 45 -33.81 65.83 -26.45
C ARG F 45 -34.44 67.12 -25.92
N ALA F 46 -34.67 68.09 -26.81
CA ALA F 46 -35.20 69.39 -26.41
C ALA F 46 -36.53 69.28 -25.68
N ASP F 47 -37.47 68.50 -26.20
CA ASP F 47 -38.76 68.33 -25.53
C ASP F 47 -38.63 67.67 -24.17
N LEU F 48 -37.83 66.60 -24.07
CA LEU F 48 -37.65 65.93 -22.79
C LEU F 48 -37.03 66.83 -21.72
N GLU F 49 -35.97 67.55 -22.07
CA GLU F 49 -35.37 68.49 -21.11
C GLU F 49 -36.30 69.65 -20.76
N LYS F 50 -37.06 70.18 -21.73
CA LYS F 50 -38.08 71.17 -21.43
C LYS F 50 -39.12 70.66 -20.44
N LEU F 51 -39.59 69.43 -20.64
CA LEU F 51 -40.51 68.81 -19.66
C LEU F 51 -39.82 68.53 -18.33
N THR F 52 -38.51 68.28 -18.34
CA THR F 52 -37.75 68.07 -17.11
C THR F 52 -37.46 69.37 -16.36
N SER F 53 -37.46 70.51 -17.04
CA SER F 53 -37.20 71.80 -16.40
C SER F 53 -38.48 72.55 -16.05
N LEU F 54 -39.65 71.97 -16.30
CA LEU F 54 -40.92 72.58 -15.93
C LEU F 54 -41.01 72.85 -14.43
N SER F 55 -41.58 74.00 -14.09
CA SER F 55 -41.66 74.44 -12.70
C SER F 55 -42.43 73.44 -11.83
N ASP F 56 -43.56 72.94 -12.33
CA ASP F 56 -44.28 71.87 -11.65
C ASP F 56 -44.23 70.62 -12.51
N ARG F 57 -43.00 70.19 -12.81
CA ARG F 57 -42.76 69.05 -13.70
C ARG F 57 -43.35 67.76 -13.15
N TYR F 58 -43.80 66.91 -14.07
CA TYR F 58 -44.28 65.58 -13.73
C TYR F 58 -43.15 64.55 -13.72
N VAL F 59 -42.11 64.79 -14.53
CA VAL F 59 -40.93 63.94 -14.62
C VAL F 59 -39.73 64.74 -14.13
N SER F 60 -38.98 64.16 -13.19
CA SER F 60 -37.85 64.85 -12.57
C SER F 60 -36.49 64.43 -13.13
N HIS F 61 -36.43 63.37 -13.93
CA HIS F 61 -35.16 62.96 -14.53
C HIS F 61 -35.48 62.07 -15.73
N PHE F 62 -34.53 62.02 -16.68
CA PHE F 62 -34.76 61.26 -17.90
C PHE F 62 -33.44 60.83 -18.49
N GLU F 63 -33.53 59.88 -19.42
CA GLU F 63 -32.42 59.49 -20.28
C GLU F 63 -33.01 58.94 -21.57
N THR F 64 -32.28 59.14 -22.67
CA THR F 64 -32.77 58.71 -23.96
C THR F 64 -31.60 58.31 -24.84
N GLU F 65 -31.73 57.17 -25.51
CA GLU F 65 -30.80 56.73 -26.52
C GLU F 65 -31.58 55.80 -27.46
N GLY F 66 -31.21 55.82 -28.73
CA GLY F 66 -31.91 55.10 -29.76
C GLY F 66 -33.42 55.10 -29.59
N PRO F 67 -34.04 53.94 -29.81
CA PRO F 67 -35.49 53.81 -29.58
C PRO F 67 -35.93 53.75 -28.12
N HIS F 68 -35.15 54.25 -27.16
CA HIS F 68 -35.44 54.03 -25.75
C HIS F 68 -35.42 55.35 -24.98
N VAL F 69 -36.46 55.59 -24.19
CA VAL F 69 -36.57 56.75 -23.32
C VAL F 69 -36.89 56.28 -21.90
N LEU F 70 -36.15 56.80 -20.92
CA LEU F 70 -36.39 56.52 -19.51
C LEU F 70 -36.92 57.78 -18.83
N LEU F 71 -38.03 57.66 -18.10
CA LEU F 71 -38.62 58.81 -17.41
C LEU F 71 -38.93 58.44 -15.96
N TYR F 72 -38.39 59.23 -15.03
CA TYR F 72 -38.66 59.05 -13.60
C TYR F 72 -39.82 59.94 -13.18
N PHE F 73 -40.92 59.32 -12.74
CA PHE F 73 -42.08 60.04 -12.21
C PHE F 73 -41.97 60.13 -10.69
N ASP F 74 -41.58 61.31 -10.20
CA ASP F 74 -41.39 61.50 -8.77
C ASP F 74 -42.70 61.50 -8.00
N SER F 75 -43.80 61.84 -8.66
CA SER F 75 -45.13 61.80 -8.04
C SER F 75 -46.08 61.02 -8.93
N VAL F 76 -46.85 60.12 -8.33
CA VAL F 76 -47.77 59.28 -9.08
C VAL F 76 -49.20 59.52 -8.58
N PRO F 77 -50.06 60.13 -9.39
CA PRO F 77 -51.44 60.39 -8.97
C PRO F 77 -52.37 59.25 -9.34
N THR F 78 -53.60 59.34 -8.82
CA THR F 78 -54.61 58.30 -9.03
C THR F 78 -55.46 58.57 -10.26
N SER F 79 -55.13 59.61 -11.02
CA SER F 79 -55.77 59.92 -12.29
C SER F 79 -54.69 60.21 -13.32
N ARG F 80 -55.08 60.18 -14.58
CA ARG F 80 -54.10 60.35 -15.67
C ARG F 80 -53.30 61.63 -15.53
N GLU F 81 -52.00 61.51 -15.77
CA GLU F 81 -51.05 62.61 -15.80
C GLU F 81 -50.09 62.29 -16.94
N CYS F 82 -49.88 63.23 -17.86
CA CYS F 82 -49.27 62.89 -19.14
C CYS F 82 -48.14 63.85 -19.52
N VAL F 83 -47.14 63.31 -20.19
CA VAL F 83 -45.97 64.04 -20.67
C VAL F 83 -45.88 63.83 -22.17
N GLY F 84 -45.55 64.89 -22.91
CA GLY F 84 -45.46 64.82 -24.36
C GLY F 84 -44.10 65.21 -24.90
N PHE F 85 -43.64 64.48 -25.93
CA PHE F 85 -42.38 64.78 -26.59
C PHE F 85 -42.42 64.24 -28.02
N GLU F 86 -41.75 64.95 -28.93
CA GLU F 86 -41.63 64.52 -30.31
C GLU F 86 -40.57 63.42 -30.47
N ALA F 87 -40.71 62.65 -31.54
CA ALA F 87 -39.78 61.61 -31.93
C ALA F 87 -39.49 61.72 -33.42
N VAL F 88 -38.24 61.44 -33.81
CA VAL F 88 -37.77 61.63 -35.17
C VAL F 88 -37.35 60.28 -35.74
N GLN F 89 -37.74 60.02 -36.99
CA GLN F 89 -37.46 58.75 -37.64
C GLN F 89 -36.07 58.73 -38.29
N GLU F 90 -35.32 57.67 -38.03
CA GLU F 90 -34.00 57.47 -38.62
C GLU F 90 -34.06 56.65 -39.91
N VAL F 91 -34.94 55.65 -39.96
CA VAL F 91 -34.94 54.67 -41.04
C VAL F 91 -36.38 54.22 -41.29
N PRO F 92 -36.77 53.94 -42.54
CA PRO F 92 -38.10 53.39 -42.80
C PRO F 92 -38.41 52.16 -41.96
N VAL F 93 -39.65 52.09 -41.47
CA VAL F 93 -40.13 50.93 -40.74
C VAL F 93 -40.41 49.81 -41.73
N GLY F 94 -39.71 48.69 -41.58
CA GLY F 94 -39.75 47.63 -42.56
C GLY F 94 -40.89 46.65 -42.36
N LEU F 95 -41.47 46.63 -41.17
CA LEU F 95 -42.54 45.67 -40.87
C LEU F 95 -43.53 46.30 -39.90
N VAL F 96 -44.82 46.12 -40.21
CA VAL F 96 -45.91 46.64 -39.39
C VAL F 96 -45.97 45.86 -38.08
N GLN F 97 -45.71 46.55 -36.98
CA GLN F 97 -45.47 45.87 -35.71
C GLN F 97 -45.73 46.86 -34.57
N PRO F 98 -46.10 46.36 -33.39
CA PRO F 98 -46.26 47.25 -32.23
C PRO F 98 -44.98 47.42 -31.43
N ALA F 99 -45.07 48.14 -30.32
CA ALA F 99 -43.96 48.29 -29.39
C ALA F 99 -44.56 48.39 -27.99
N SER F 100 -43.68 48.37 -26.98
CA SER F 100 -44.12 48.25 -25.60
C SER F 100 -43.63 49.40 -24.74
N ALA F 101 -44.41 49.70 -23.70
CA ALA F 101 -44.08 50.65 -22.66
C ALA F 101 -44.18 49.95 -21.32
N THR F 102 -43.14 50.05 -20.50
CA THR F 102 -43.10 49.33 -19.23
C THR F 102 -42.86 50.29 -18.09
N LEU F 103 -43.70 50.22 -17.07
CA LEU F 103 -43.68 51.09 -15.90
C LEU F 103 -43.40 50.23 -14.67
N TYR F 104 -42.35 50.59 -13.92
CA TYR F 104 -41.94 49.82 -12.75
C TYR F 104 -42.12 50.66 -11.48
N ASP F 105 -42.56 49.98 -10.41
CA ASP F 105 -42.48 50.57 -9.07
C ASP F 105 -41.02 50.77 -8.68
N TYR F 106 -40.71 51.97 -8.19
CA TYR F 106 -39.34 52.33 -7.84
C TYR F 106 -38.76 51.41 -6.76
N TYR F 107 -39.59 50.98 -5.82
CA TYR F 107 -39.15 50.15 -4.70
C TYR F 107 -39.36 48.65 -4.91
N ASN F 108 -39.89 48.24 -6.05
CA ASN F 108 -40.04 46.81 -6.34
C ASN F 108 -40.28 46.64 -7.84
N PRO F 109 -39.23 46.49 -8.65
CA PRO F 109 -39.44 46.37 -10.10
C PRO F 109 -40.03 45.04 -10.55
N GLU F 110 -40.44 44.18 -9.60
CA GLU F 110 -41.22 43.01 -9.97
C GLU F 110 -42.71 43.33 -10.00
N ARG F 111 -43.10 44.47 -9.46
CA ARG F 111 -44.44 45.04 -9.58
C ARG F 111 -44.40 46.07 -10.69
N ARG F 112 -45.06 45.79 -11.81
CA ARG F 112 -44.84 46.57 -13.01
C ARG F 112 -46.04 46.42 -13.94
N CYS F 113 -46.14 47.35 -14.89
CA CYS F 113 -47.18 47.33 -15.90
C CYS F 113 -46.51 47.43 -17.27
N SER F 114 -46.67 46.41 -18.10
CA SER F 114 -46.07 46.38 -19.43
C SER F 114 -47.19 46.31 -20.46
N VAL F 115 -47.32 47.35 -21.27
CA VAL F 115 -48.48 47.54 -22.15
C VAL F 115 -48.00 47.66 -23.60
N PHE F 116 -48.59 46.86 -24.49
CA PHE F 116 -48.43 47.06 -25.92
C PHE F 116 -49.12 48.34 -26.40
N TYR F 117 -48.49 49.00 -27.37
CA TYR F 117 -49.12 50.09 -28.09
C TYR F 117 -48.73 49.95 -29.56
N GLY F 118 -49.52 50.57 -30.44
CA GLY F 118 -49.28 50.52 -31.85
C GLY F 118 -49.01 51.89 -32.47
N ALA F 119 -48.50 51.84 -33.70
CA ALA F 119 -48.36 53.03 -34.53
C ALA F 119 -49.73 53.68 -34.75
N PRO F 120 -49.76 55.02 -34.94
CA PRO F 120 -51.03 55.77 -34.97
C PRO F 120 -52.15 55.10 -35.76
N SER F 121 -51.83 54.58 -36.94
CA SER F 121 -52.82 54.00 -37.84
C SER F 121 -52.96 52.50 -37.67
N LYS F 122 -52.26 51.91 -36.71
CA LYS F 122 -52.21 50.46 -36.50
C LYS F 122 -52.77 50.14 -35.11
N SER F 123 -52.56 48.91 -34.66
CA SER F 123 -53.21 48.43 -33.43
C SER F 123 -52.21 47.68 -32.56
N ARG F 124 -52.60 47.49 -31.30
CA ARG F 124 -51.73 46.90 -30.30
C ARG F 124 -51.30 45.48 -30.66
N LEU F 125 -52.18 44.69 -31.27
CA LEU F 125 -51.94 43.26 -31.45
C LEU F 125 -51.91 42.86 -32.92
N LEU F 126 -50.98 41.97 -33.24
CA LEU F 126 -50.91 41.36 -34.55
C LEU F 126 -52.18 40.56 -34.86
N ALA F 127 -52.51 40.50 -36.14
CA ALA F 127 -53.75 39.87 -36.60
C ALA F 127 -53.78 38.38 -36.32
N THR F 128 -54.73 37.95 -35.49
CA THR F 128 -54.88 36.54 -35.15
C THR F 128 -56.36 36.23 -34.97
N LEU F 129 -56.74 35.02 -35.38
CA LEU F 129 -58.13 34.56 -35.38
C LEU F 129 -58.31 33.50 -34.30
N CYS F 130 -59.12 33.80 -33.30
CA CYS F 130 -59.38 32.88 -32.20
C CYS F 130 -60.82 32.39 -32.27
N SER F 131 -60.98 31.07 -32.25
CA SER F 131 -62.27 30.42 -32.13
C SER F 131 -62.06 29.08 -31.46
N ALA F 132 -63.05 28.66 -30.67
CA ALA F 132 -62.91 27.49 -29.78
C ALA F 132 -61.72 27.76 -28.86
N GLU F 133 -60.81 26.81 -28.67
CA GLU F 133 -59.65 26.96 -27.81
C GLU F 133 -58.33 26.99 -28.59
N VAL F 134 -58.39 27.18 -29.91
CA VAL F 134 -57.22 27.21 -30.76
C VAL F 134 -57.29 28.44 -31.66
N CYS F 135 -56.30 29.32 -31.55
CA CYS F 135 -56.18 30.49 -32.43
C CYS F 135 -55.25 30.22 -33.59
N GLN F 136 -55.56 30.89 -34.72
CA GLN F 136 -54.77 30.80 -35.95
C GLN F 136 -54.35 32.20 -36.39
N CYS F 137 -53.05 32.37 -36.59
CA CYS F 137 -52.51 33.65 -37.03
C CYS F 137 -52.95 34.02 -38.44
N ALA F 138 -53.25 35.29 -38.65
CA ALA F 138 -53.72 35.81 -39.93
C ALA F 138 -52.78 36.82 -40.58
N GLU F 139 -51.63 37.11 -39.96
CA GLU F 139 -50.66 38.04 -40.52
C GLU F 139 -50.11 37.58 -41.87
N GLY F 140 -49.79 38.58 -42.71
CA GLY F 140 -49.29 38.39 -44.06
C GLY F 140 -49.94 39.30 -45.11
N LYS F 141 -49.45 39.26 -46.34
CA LYS F 141 -50.03 40.03 -47.44
C LYS F 141 -51.38 39.47 -47.85
N CYS F 142 -52.44 40.12 -47.38
CA CYS F 142 -53.81 39.67 -47.60
C CYS F 142 -54.15 39.69 -49.10
N PRO F 143 -55.00 38.76 -49.55
CA PRO F 143 -55.01 38.37 -50.98
C PRO F 143 -55.76 39.32 -51.90
N ARG F 144 -55.14 39.54 -53.07
CA ARG F 144 -55.76 40.25 -54.19
C ARG F 144 -56.93 39.47 -54.78
N GLN F 145 -58.02 40.20 -55.06
CA GLN F 145 -59.15 39.63 -55.81
C GLN F 145 -58.74 39.44 -57.27
N ARG F 146 -58.84 38.20 -57.76
CA ARG F 146 -58.32 37.84 -59.09
C ARG F 146 -59.41 37.22 -59.96
N ARG F 147 -59.82 37.93 -61.01
CA ARG F 147 -60.69 37.38 -62.04
C ARG F 147 -59.95 37.43 -63.37
N ALA F 148 -59.50 36.27 -63.86
CA ALA F 148 -58.84 36.19 -65.15
C ALA F 148 -59.85 36.17 -66.30
N LEU F 149 -61.10 35.82 -66.00
CA LEU F 149 -62.16 35.72 -67.01
C LEU F 149 -62.35 37.01 -67.79
N GLU F 150 -62.27 38.15 -67.13
CA GLU F 150 -62.46 39.44 -67.79
C GLU F 150 -61.16 40.10 -68.22
N ARG F 151 -60.03 39.42 -68.09
CA ARG F 151 -58.73 39.98 -68.40
C ARG F 151 -58.05 39.18 -69.50
N GLY F 152 -56.90 39.69 -69.95
CA GLY F 152 -56.10 39.08 -70.99
C GLY F 152 -55.18 37.97 -70.52
N LEU F 153 -55.24 37.62 -69.24
CA LEU F 153 -54.43 36.56 -68.67
C LEU F 153 -55.12 35.20 -68.74
N GLN F 154 -56.33 35.15 -69.29
CA GLN F 154 -57.01 33.90 -69.56
C GLN F 154 -56.29 33.11 -70.64
N ASP F 155 -56.17 31.80 -70.43
CA ASP F 155 -55.44 30.95 -71.36
C ASP F 155 -55.92 29.52 -71.23
N GLU F 156 -55.53 28.70 -72.21
CA GLU F 156 -55.84 27.28 -72.25
C GLU F 156 -54.68 26.45 -71.69
N ASP F 157 -53.67 27.14 -71.14
CA ASP F 157 -52.49 26.47 -70.60
C ASP F 157 -52.85 25.45 -69.53
N GLY F 158 -53.83 25.76 -68.69
CA GLY F 158 -54.20 24.86 -67.62
C GLY F 158 -53.36 25.07 -66.38
N TYR F 159 -53.03 26.33 -66.09
CA TYR F 159 -52.20 26.70 -64.95
C TYR F 159 -52.92 26.53 -63.61
N ARG F 160 -54.24 26.36 -63.61
CA ARG F 160 -54.97 26.10 -62.37
C ARG F 160 -54.50 24.82 -61.70
N MET F 161 -54.37 23.73 -62.47
CA MET F 161 -53.85 22.49 -61.91
C MET F 161 -52.38 22.58 -61.53
N LYS F 162 -51.57 23.24 -62.36
CA LYS F 162 -50.18 23.49 -62.01
C LYS F 162 -50.04 24.30 -60.72
N PHE F 163 -50.87 25.33 -60.55
CA PHE F 163 -50.92 26.05 -59.28
C PHE F 163 -51.28 25.11 -58.13
N ALA F 164 -52.36 24.35 -58.28
CA ALA F 164 -52.80 23.44 -57.23
C ALA F 164 -51.78 22.33 -56.92
N CYS F 165 -51.26 21.67 -57.96
CA CYS F 165 -50.27 20.62 -57.76
C CYS F 165 -48.93 21.15 -57.23
N TYR F 166 -48.41 22.22 -57.83
CA TYR F 166 -47.03 22.61 -57.52
C TYR F 166 -46.95 23.68 -56.45
N TYR F 167 -46.91 24.94 -56.83
CA TYR F 167 -46.72 26.02 -55.88
C TYR F 167 -47.51 27.23 -56.33
N PRO F 168 -48.19 27.94 -55.40
CA PRO F 168 -48.45 27.59 -54.00
C PRO F 168 -49.30 26.33 -53.82
N ARG F 169 -48.82 25.37 -53.04
CA ARG F 169 -49.50 24.09 -52.88
C ARG F 169 -50.89 24.28 -52.30
N VAL F 170 -51.88 23.67 -52.94
CA VAL F 170 -53.28 23.76 -52.55
C VAL F 170 -53.63 22.54 -51.70
N GLU F 171 -54.27 22.78 -50.56
CA GLU F 171 -54.72 21.71 -49.67
C GLU F 171 -56.24 21.56 -49.70
N TYR F 172 -56.98 22.64 -49.48
CA TYR F 172 -58.43 22.62 -49.62
C TYR F 172 -58.80 23.27 -50.95
N GLY F 173 -59.74 22.65 -51.65
CA GLY F 173 -60.25 23.19 -52.90
C GLY F 173 -61.76 23.05 -52.97
N PHE F 174 -62.46 24.18 -52.88
CA PHE F 174 -63.91 24.19 -52.85
C PHE F 174 -64.44 25.21 -53.85
N GLN F 175 -65.70 25.02 -54.22
CA GLN F 175 -66.51 26.08 -54.79
C GLN F 175 -67.67 26.32 -53.84
N VAL F 176 -67.99 27.58 -53.61
CA VAL F 176 -68.80 27.97 -52.47
C VAL F 176 -69.75 29.10 -52.86
N LYS F 177 -70.99 29.01 -52.39
CA LYS F 177 -71.98 30.07 -52.57
C LYS F 177 -72.07 30.85 -51.27
N VAL F 178 -71.95 32.17 -51.37
CA VAL F 178 -71.95 33.03 -50.19
C VAL F 178 -73.38 33.31 -49.76
N LEU F 179 -73.67 33.04 -48.49
CA LEU F 179 -75.02 33.20 -47.95
C LEU F 179 -75.22 34.53 -47.23
N ARG F 180 -74.37 34.82 -46.24
CA ARG F 180 -74.49 36.05 -45.46
C ARG F 180 -73.11 36.64 -45.24
N GLU F 181 -73.10 37.94 -44.92
CA GLU F 181 -71.90 38.65 -44.51
C GLU F 181 -72.07 39.15 -43.09
N ASP F 182 -71.04 39.00 -42.28
CA ASP F 182 -71.09 39.44 -40.88
C ASP F 182 -69.70 39.90 -40.50
N SER F 183 -69.58 40.44 -39.28
CA SER F 183 -68.32 40.93 -38.76
C SER F 183 -67.95 40.17 -37.49
N ARG F 184 -66.71 39.67 -37.44
CA ARG F 184 -66.17 39.02 -36.26
C ARG F 184 -64.81 39.61 -35.97
N ALA F 185 -64.67 40.24 -34.81
CA ALA F 185 -63.44 40.91 -34.39
C ALA F 185 -62.90 41.83 -35.48
N ALA F 186 -61.66 41.61 -35.89
CA ALA F 186 -61.02 42.39 -36.94
C ALA F 186 -61.15 41.75 -38.31
N PHE F 187 -62.16 40.92 -38.52
CA PHE F 187 -62.35 40.19 -39.77
C PHE F 187 -63.75 40.42 -40.31
N ARG F 188 -63.88 40.54 -41.62
CA ARG F 188 -65.17 40.37 -42.27
C ARG F 188 -65.39 38.88 -42.49
N LEU F 189 -66.56 38.39 -42.14
CA LEU F 189 -66.84 36.96 -42.15
C LEU F 189 -67.91 36.65 -43.17
N PHE F 190 -67.66 35.63 -43.98
CA PHE F 190 -68.59 35.16 -45.00
C PHE F 190 -69.05 33.76 -44.60
N GLU F 191 -70.34 33.62 -44.34
CA GLU F 191 -70.92 32.31 -44.10
C GLU F 191 -71.41 31.75 -45.43
N THR F 192 -70.94 30.55 -45.76
CA THR F 192 -71.07 30.00 -47.10
C THR F 192 -71.60 28.58 -47.05
N LYS F 193 -72.09 28.12 -48.20
CA LYS F 193 -72.51 26.74 -48.37
C LYS F 193 -71.72 26.15 -49.53
N ILE F 194 -71.09 25.01 -49.28
CA ILE F 194 -70.23 24.38 -50.29
C ILE F 194 -71.10 23.83 -51.42
N THR F 195 -70.91 24.35 -52.63
CA THR F 195 -71.63 23.84 -53.78
C THR F 195 -71.01 22.54 -54.30
N GLN F 196 -69.70 22.40 -54.20
CA GLN F 196 -69.03 21.14 -54.54
C GLN F 196 -67.63 21.17 -53.94
N VAL F 197 -67.10 19.99 -53.63
CA VAL F 197 -65.78 19.81 -53.04
C VAL F 197 -64.85 19.21 -54.08
N LEU F 198 -63.68 19.81 -54.25
CA LEU F 198 -62.67 19.34 -55.19
C LEU F 198 -61.50 18.64 -54.51
N HIS F 199 -60.98 19.18 -53.42
CA HIS F 199 -59.88 18.53 -52.71
C HIS F 199 -59.87 19.00 -51.26
N PHE F 200 -59.23 18.20 -50.41
CA PHE F 200 -59.13 18.49 -48.99
C PHE F 200 -57.93 17.74 -48.43
N THR F 201 -57.40 18.24 -47.32
CA THR F 201 -56.33 17.52 -46.64
C THR F 201 -56.66 17.28 -45.17
N LYS F 202 -57.13 18.31 -44.47
CA LYS F 202 -57.49 18.21 -43.07
C LYS F 202 -58.98 17.98 -42.82
N ASP F 203 -59.81 17.85 -43.86
CA ASP F 203 -61.24 17.63 -43.65
C ASP F 203 -61.75 16.54 -44.61
N VAL F 204 -61.65 15.28 -44.15
CA VAL F 204 -62.14 14.16 -44.94
C VAL F 204 -63.65 14.21 -45.11
N LYS F 205 -64.35 14.79 -44.14
CA LYS F 205 -65.82 14.84 -44.13
C LYS F 205 -66.38 16.10 -44.82
N ALA F 206 -65.54 16.83 -45.55
CA ALA F 206 -66.02 17.94 -46.37
C ALA F 206 -66.90 17.45 -47.51
N ALA F 207 -68.07 18.08 -47.66
CA ALA F 207 -69.03 17.66 -48.69
C ALA F 207 -69.95 18.82 -49.03
N ALA F 208 -70.61 18.69 -50.18
CA ALA F 208 -71.55 19.69 -50.66
C ALA F 208 -72.74 19.87 -49.71
N ASN F 209 -73.25 21.11 -49.67
CA ASN F 209 -74.35 21.51 -48.79
C ASN F 209 -73.97 21.48 -47.32
N GLN F 210 -72.77 21.97 -47.00
CA GLN F 210 -72.30 22.11 -45.63
C GLN F 210 -72.04 23.58 -45.33
N MET F 211 -72.43 24.00 -44.13
CA MET F 211 -72.18 25.36 -43.66
C MET F 211 -70.71 25.54 -43.30
N ARG F 212 -70.12 26.63 -43.77
CA ARG F 212 -68.73 26.95 -43.50
C ARG F 212 -68.62 28.44 -43.24
N ASN F 213 -67.55 28.83 -42.54
CA ASN F 213 -67.25 30.23 -42.27
C ASN F 213 -65.92 30.61 -42.88
N PHE F 214 -65.92 31.64 -43.71
CA PHE F 214 -64.72 32.16 -44.37
C PHE F 214 -64.49 33.59 -43.92
N LEU F 215 -63.29 33.86 -43.42
CA LEU F 215 -62.95 35.16 -42.84
C LEU F 215 -61.80 35.79 -43.59
N VAL F 216 -61.78 37.12 -43.59
CA VAL F 216 -60.70 37.89 -44.19
C VAL F 216 -60.43 39.12 -43.34
N ARG F 217 -59.16 39.49 -43.25
CA ARG F 217 -58.71 40.65 -42.48
C ARG F 217 -59.47 41.91 -42.90
N ALA F 218 -60.14 42.54 -41.93
CA ALA F 218 -61.06 43.64 -42.23
C ALA F 218 -60.36 44.88 -42.75
N SER F 219 -59.06 45.03 -42.52
CA SER F 219 -58.31 46.12 -43.11
C SER F 219 -58.01 45.89 -44.59
N CYS F 220 -58.18 44.67 -45.07
CA CYS F 220 -57.93 44.33 -46.47
C CYS F 220 -59.09 44.75 -47.38
N ARG F 221 -58.75 44.92 -48.65
CA ARG F 221 -59.65 45.39 -49.69
C ARG F 221 -60.39 44.25 -50.40
N LEU F 222 -60.26 43.01 -49.91
CA LEU F 222 -60.94 41.89 -50.55
C LEU F 222 -62.45 42.01 -50.39
N ARG F 223 -63.17 41.75 -51.49
CA ARG F 223 -64.62 41.91 -51.54
C ARG F 223 -65.26 40.65 -52.09
N LEU F 224 -66.03 39.96 -51.25
CA LEU F 224 -66.91 38.88 -51.66
C LEU F 224 -68.37 39.29 -51.49
N GLU F 225 -69.20 38.95 -52.46
CA GLU F 225 -70.60 39.39 -52.47
C GLU F 225 -71.52 38.22 -52.22
N PRO F 226 -72.44 38.32 -51.26
CA PRO F 226 -73.43 37.26 -51.05
C PRO F 226 -74.22 36.95 -52.31
N GLY F 227 -74.55 35.67 -52.48
CA GLY F 227 -75.22 35.15 -53.66
C GLY F 227 -74.30 34.63 -54.75
N LYS F 228 -73.18 35.31 -54.96
CA LYS F 228 -72.18 34.87 -55.92
C LYS F 228 -71.53 33.56 -55.48
N GLU F 229 -71.06 32.80 -56.46
CA GLU F 229 -70.40 31.52 -56.25
C GLU F 229 -68.94 31.65 -56.61
N TYR F 230 -68.06 31.34 -55.66
CA TYR F 230 -66.62 31.58 -55.79
C TYR F 230 -65.84 30.28 -55.76
N LEU F 231 -64.73 30.28 -56.49
CA LEU F 231 -63.74 29.21 -56.43
C LEU F 231 -62.65 29.61 -55.42
N ILE F 232 -62.53 28.83 -54.34
CA ILE F 232 -61.68 29.19 -53.21
C ILE F 232 -60.79 28.01 -52.88
N MET F 233 -59.48 28.21 -52.96
CA MET F 233 -58.49 27.17 -52.69
C MET F 233 -57.38 27.74 -51.83
N GLY F 234 -56.75 26.89 -51.03
CA GLY F 234 -55.62 27.32 -50.23
C GLY F 234 -55.16 26.21 -49.30
N LEU F 235 -54.43 26.61 -48.26
CA LEU F 235 -53.94 25.69 -47.24
C LEU F 235 -54.96 25.59 -46.10
N ASP F 236 -55.16 24.36 -45.62
CA ASP F 236 -56.14 24.11 -44.58
C ASP F 236 -55.82 24.88 -43.30
N GLY F 237 -56.87 25.43 -42.69
CA GLY F 237 -56.78 26.21 -41.48
C GLY F 237 -56.39 25.38 -40.27
N ALA F 238 -56.51 26.02 -39.11
CA ALA F 238 -56.20 25.39 -37.82
C ALA F 238 -57.23 25.71 -36.74
N THR F 239 -58.04 26.75 -36.91
CA THR F 239 -59.13 27.06 -35.99
C THR F 239 -60.42 26.47 -36.55
N TYR F 240 -61.39 26.26 -35.66
CA TYR F 240 -62.56 25.44 -35.99
C TYR F 240 -63.84 26.26 -35.91
N ASP F 241 -64.77 25.95 -36.80
CA ASP F 241 -66.04 26.62 -36.89
C ASP F 241 -66.93 26.27 -35.69
N LEU F 242 -68.01 27.02 -35.56
CA LEU F 242 -68.94 26.86 -34.45
C LEU F 242 -69.55 25.46 -34.42
N GLU F 243 -69.77 24.87 -35.59
CA GLU F 243 -70.36 23.54 -35.67
C GLU F 243 -69.32 22.45 -35.71
N GLY F 244 -68.06 22.79 -35.50
CA GLY F 244 -66.98 21.84 -35.42
C GLY F 244 -66.30 21.60 -36.73
N HIS F 245 -66.85 22.13 -37.82
CA HIS F 245 -66.22 22.05 -39.11
C HIS F 245 -64.91 22.85 -39.08
N PRO F 246 -63.93 22.46 -39.86
CA PRO F 246 -62.78 23.35 -40.08
C PRO F 246 -63.20 24.73 -40.56
N GLN F 247 -62.66 25.76 -39.93
CA GLN F 247 -62.99 27.13 -40.28
C GLN F 247 -61.84 27.70 -41.11
N TYR F 248 -62.19 28.51 -42.10
CA TYR F 248 -61.24 28.86 -43.16
C TYR F 248 -60.92 30.35 -43.18
N LEU F 249 -59.67 30.63 -43.59
CA LEU F 249 -59.10 31.97 -43.65
C LEU F 249 -58.69 32.26 -45.08
N LEU F 250 -59.05 33.43 -45.59
CA LEU F 250 -58.65 33.87 -46.92
C LEU F 250 -57.32 34.60 -46.78
N ASP F 251 -56.24 33.89 -47.07
CA ASP F 251 -54.90 34.32 -46.69
C ASP F 251 -53.99 34.50 -47.92
N SER F 252 -52.73 34.81 -47.61
CA SER F 252 -51.67 34.95 -48.61
C SER F 252 -51.54 33.71 -49.49
N ASN F 253 -51.74 33.90 -50.78
CA ASN F 253 -51.68 32.87 -51.83
C ASN F 253 -52.89 31.94 -51.85
N SER F 254 -53.96 32.28 -51.13
CA SER F 254 -55.24 31.64 -51.41
C SER F 254 -55.72 32.04 -52.79
N TRP F 255 -56.32 31.08 -53.51
CA TRP F 255 -56.82 31.32 -54.85
C TRP F 255 -58.32 31.58 -54.77
N ILE F 256 -58.72 32.80 -55.12
CA ILE F 256 -60.11 33.24 -54.98
C ILE F 256 -60.53 33.82 -56.32
N GLU F 257 -61.56 33.23 -56.93
CA GLU F 257 -62.04 33.67 -58.23
C GLU F 257 -63.56 33.53 -58.30
N GLU F 258 -64.20 34.57 -58.84
CA GLU F 258 -65.63 34.51 -59.11
C GLU F 258 -65.88 33.54 -60.25
N MET F 259 -66.62 32.46 -59.96
CA MET F 259 -66.89 31.48 -61.00
C MET F 259 -67.79 32.07 -62.09
N PRO F 260 -67.60 31.67 -63.34
CA PRO F 260 -68.35 32.27 -64.46
C PRO F 260 -69.85 32.09 -64.30
N SER F 261 -70.56 33.21 -64.23
CA SER F 261 -71.97 33.11 -64.54
C SER F 261 -72.17 33.22 -66.05
N GLU F 262 -73.41 33.02 -66.47
CA GLU F 262 -73.73 33.03 -67.90
C GLU F 262 -73.26 34.31 -68.58
N ARG F 263 -73.43 35.46 -67.91
CA ARG F 263 -72.97 36.74 -68.45
C ARG F 263 -71.49 36.69 -68.85
N LEU F 264 -70.71 35.86 -68.16
CA LEU F 264 -69.26 35.82 -68.28
C LEU F 264 -68.77 34.61 -69.08
N CYS F 265 -69.66 33.93 -69.81
CA CYS F 265 -69.23 32.77 -70.59
C CYS F 265 -70.10 32.53 -71.82
N ARG F 266 -71.35 33.01 -71.82
CA ARG F 266 -72.21 32.87 -73.00
C ARG F 266 -71.66 33.65 -74.19
N SER F 267 -71.15 34.86 -73.95
CA SER F 267 -70.58 35.67 -75.02
C SER F 267 -69.34 35.03 -75.64
N THR F 268 -69.13 35.32 -76.93
CA THR F 268 -68.07 34.73 -77.75
C THR F 268 -66.67 35.18 -77.34
N ARG F 269 -66.54 36.34 -76.68
CA ARG F 269 -65.22 36.87 -76.33
C ARG F 269 -64.41 35.89 -75.49
N GLN F 270 -65.02 35.23 -74.52
CA GLN F 270 -64.31 34.27 -73.67
C GLN F 270 -64.87 32.87 -73.82
N ARG F 271 -65.72 32.62 -74.81
CA ARG F 271 -66.30 31.30 -75.02
C ARG F 271 -65.23 30.23 -75.18
N ALA F 272 -65.47 29.07 -74.56
CA ALA F 272 -64.60 27.90 -74.55
C ALA F 272 -63.42 28.06 -73.60
N ALA F 273 -62.77 29.23 -73.63
CA ALA F 273 -61.77 29.55 -72.62
C ALA F 273 -62.36 29.57 -71.22
N CYS F 274 -63.57 30.10 -71.07
CA CYS F 274 -64.30 30.00 -69.81
C CYS F 274 -64.78 28.58 -69.49
N ALA F 275 -64.91 27.71 -70.50
CA ALA F 275 -65.23 26.31 -70.25
C ALA F 275 -64.01 25.48 -69.89
N GLN F 276 -62.79 25.97 -70.14
CA GLN F 276 -61.59 25.30 -69.67
C GLN F 276 -61.53 25.22 -68.14
N LEU F 277 -62.05 26.24 -67.45
CA LEU F 277 -62.21 26.14 -66.00
C LEU F 277 -63.10 24.96 -65.60
N ASN F 278 -64.23 24.77 -66.30
CA ASN F 278 -65.07 23.62 -66.06
C ASN F 278 -64.36 22.30 -66.35
N ASP F 279 -63.60 22.25 -67.45
CA ASP F 279 -62.81 21.07 -67.76
C ASP F 279 -61.80 20.74 -66.67
N PHE F 280 -61.08 21.76 -66.18
CA PHE F 280 -60.26 21.61 -64.98
C PHE F 280 -61.07 21.18 -63.76
N LEU F 281 -62.20 21.85 -63.51
CA LEU F 281 -63.04 21.56 -62.35
C LEU F 281 -63.52 20.11 -62.30
N GLN F 282 -64.01 19.58 -63.41
CA GLN F 282 -64.38 18.17 -63.47
C GLN F 282 -63.18 17.23 -63.31
N GLU F 283 -62.09 17.51 -64.01
CA GLU F 283 -60.91 16.65 -63.95
C GLU F 283 -60.23 16.64 -62.59
N TYR F 284 -59.82 17.81 -62.09
CA TYR F 284 -59.08 17.89 -60.84
C TYR F 284 -59.86 17.37 -59.63
N GLY F 285 -61.15 17.69 -59.55
CA GLY F 285 -61.94 17.20 -58.43
C GLY F 285 -62.10 15.70 -58.38
N THR F 286 -62.11 15.03 -59.53
CA THR F 286 -62.29 13.58 -59.57
C THR F 286 -60.95 12.85 -59.52
N GLN F 287 -60.00 13.28 -60.36
CA GLN F 287 -58.71 12.62 -60.46
C GLN F 287 -57.78 12.99 -59.30
N GLY F 288 -57.89 14.18 -58.77
CA GLY F 288 -56.89 14.72 -57.87
C GLY F 288 -55.61 15.07 -58.59
N CYS F 289 -54.65 15.59 -57.82
CA CYS F 289 -53.35 15.92 -58.38
C CYS F 289 -52.60 14.69 -58.88
N GLN F 290 -52.61 13.61 -58.10
CA GLN F 290 -51.91 12.39 -58.49
C GLN F 290 -52.79 11.54 -59.41
N VAL F 291 -52.26 11.19 -60.57
CA VAL F 291 -52.98 10.39 -61.54
C VAL F 291 -52.90 8.91 -61.16
C1 NAG G . 23.12 -18.79 -12.01
C2 NAG G . 24.24 -18.64 -13.01
C3 NAG G . 24.48 -19.96 -13.73
C4 NAG G . 24.72 -21.08 -12.72
C5 NAG G . 23.63 -21.08 -11.64
C6 NAG G . 23.93 -22.02 -10.50
C7 NAG G . 24.62 -16.43 -14.02
C8 NAG G . 24.18 -15.46 -15.08
N2 NAG G . 23.96 -17.59 -13.98
O3 NAG G . 25.59 -19.85 -14.61
O4 NAG G . 24.74 -22.34 -13.36
O5 NAG G . 23.48 -19.78 -11.07
O6 NAG G . 25.15 -21.69 -9.84
O7 NAG G . 25.53 -16.16 -13.23
C1 NAG H . 53.63 -18.25 44.74
C2 NAG H . 54.45 -18.47 46.00
C3 NAG H . 55.83 -17.87 45.80
C4 NAG H . 56.47 -18.46 44.55
C5 NAG H . 55.52 -18.35 43.35
C6 NAG H . 56.03 -19.08 42.14
C7 NAG H . 53.14 -18.63 48.07
C8 NAG H . 52.53 -17.88 49.21
N2 NAG H . 53.79 -17.90 47.16
O3 NAG H . 56.63 -18.13 46.94
O4 NAG H . 57.69 -17.78 44.26
O5 NAG H . 54.24 -18.92 43.68
O6 NAG H . 56.61 -20.32 42.48
O7 NAG H . 53.05 -19.86 47.98
C1 NAG I . -24.27 16.49 11.08
C2 NAG I . -25.43 16.49 10.11
C3 NAG I . -26.49 17.46 10.59
C4 NAG I . -26.89 17.14 12.03
C5 NAG I . -25.65 17.05 12.92
C6 NAG I . -25.96 16.57 14.32
C7 NAG I . -24.62 15.93 7.86
C8 NAG I . -24.19 16.48 6.54
N2 NAG I . -24.98 16.84 8.78
O3 NAG I . -27.63 17.40 9.74
O4 NAG I . -27.75 18.16 12.54
O5 NAG I . -24.73 16.09 12.36
O6 NAG I . -24.78 16.41 15.10
O7 NAG I . -24.63 14.73 8.11
C1 NAG J . -21.79 58.03 -36.52
C2 NAG J . -21.26 59.20 -37.31
C3 NAG J . -21.10 60.40 -36.38
C4 NAG J . -22.43 60.69 -35.68
C5 NAG J . -23.00 59.41 -35.03
C6 NAG J . -24.40 59.60 -34.49
C7 NAG J . -19.55 59.50 -39.03
C8 NAG J . -18.22 59.04 -39.56
N2 NAG J . -20.00 58.87 -37.95
O3 NAG J . -20.70 61.53 -37.13
O4 NAG J . -22.24 61.69 -34.68
O5 NAG J . -23.05 58.35 -36.00
O6 NAG J . -25.26 60.15 -35.47
O7 NAG J . -20.17 60.40 -39.58
#